data_5X7Q
#
_entry.id   5X7Q
#
_cell.length_a   184.267
_cell.length_b   271.760
_cell.length_c   133.677
_cell.angle_alpha   90.00
_cell.angle_beta   90.00
_cell.angle_gamma   90.00
#
_symmetry.space_group_name_H-M   'C 2 2 21'
#
loop_
_entity.id
_entity.type
_entity.pdbx_description
1 polymer 'Glycoside hydrolase family 31 alpha-glucosidase'
2 branched alpha-D-glucopyranose-(1-4)-alpha-D-glucopyranose-(1-4)-alpha-D-glucopyranose-(1-4)-alpha-D-glucopyranose-(1-4)-alpha-D-glucopyranose
3 branched alpha-D-glucopyranose-(1-6)-alpha-D-glucopyranose
4 branched alpha-D-glucopyranose-(1-4)-alpha-D-glucopyranose-(1-4)-alpha-D-glucopyranose-(1-4)-alpha-D-glucopyranose
5 branched alpha-D-glucopyranose-(1-6)-alpha-D-glucopyranose-(1-4)-alpha-D-glucopyranose-(1-4)-beta-D-glucopyranose
6 branched alpha-D-glucopyranose-(1-4)-alpha-D-glucopyranose-(1-4)-alpha-D-glucopyranose
7 branched 4,6-dideoxy-4-{[(1S,4R,5S,6S)-4,5,6-trihydroxy-3-(hydroxymethyl)cyclohex-2-en-1-yl]amino}-alpha-D-glucopyranose-(1-4)-alpha-D-glucopyranose
8 non-polymer 'CALCIUM ION'
9 non-polymer beta-D-glucopyranose
10 non-polymer alpha-D-glucopyranose
11 non-polymer 'NICKEL (II) ION'
12 non-polymer 'MAGNESIUM ION'
13 non-polymer 'SULFATE ION'
14 non-polymer '2-(N-MORPHOLINO)-ETHANESULFONIC ACID'
15 non-polymer 1,2-ETHANEDIOL
16 water water
#
_entity_poly.entity_id   1
_entity_poly.type   'polypeptide(L)'
_entity_poly.pdbx_seq_one_letter_code
;HHHHHHSSGLVPRGSHMAGLGNVTGAVASGDSLTLTLDNGTSASDILELDVLSEELLRVDYRPSGAAPSPSTPMIDPDAS
WDAVGATIDTSGDPIVVTTPRMRIEIARTPARMTIKKADGTTLLWEPASGGVFEDGVRFQRGSTDNIYGIRSFNAQEDVG
GLLRNSSDHPAHAGQQGDAGGPFMWSTAGYGVLVDSDGGYPYTDTTGKLEFYYGGTPTEGRRYTKTNVEYYIMVGEPKEI
MASYAQVTGTAPMLPKWSLGFMNFEWGIDQDELEAHVDGYRARNIPIDAFALDYDWMDYGEDNYGEFRWNTDNFPDAATT
QLKEDMEAEGIRLIGIRKPRIITRDFANQRTQQYYDADSNGYFYPGHNEYTDYFIPVTVRSFDPYQQASRDWWWQHSIDA
FDKGIVGWWNDETDKVDSGSAQYWFGNFSTGFTSQAMYDGQRDYTNDGVRVWQTARSYYPGAQRYATTLWSGDIGTQFYK
GELFNWAPGMQEQPRIMLSSANLGQPKWGMDTGGFNSLGGASGPNPSPELYTRWMQFGAFTPVFRVHGNYNQQRQPWLYG
ATAEEASKAVMHTRYSLLPYMYAYEREASETGLGLIKPLLFDYPNDPQAADYTEAWMFGDWLLVSPVLGEAQHSKQIYLP
AGTWIDYHRGQTYSGGQTIHYPVNADTWTDVPLFVKQGAIIPNQQVLDYVDQQSVTTVNVDIFPSASETSFTYYEDDGSS
YDYESGSSFEQRLAAQDLSSSVRVEVGAGSGSYTPDVQHYVLKIHGRAGSAVTAGGSALTGYGDLQALQAASGSGWASGR
DIYGDVTYVKLPAASGSATVVEVSGSAPSAATHAIYEVEDASRSGATPTTRAGINTNHSGYSGSGFVDKLDVPGAAVTVY
ANAPVSGDYPVELRYANGSGSAKTLSVYVNAARVQQLSLADTGAWSQWGTQTTTLPLTAGQNIITYKYDSDAGDTGGVNL
DYIRVPFAPTQAEYAAESAKLWGGAGTSQDHWFYKGAAFVDNLTGVGAEASFDVYAPSAGTYNLSLRYANGTGSTKTLSA
IVNGGAASTVTLTSPGMNWNLWNEHTMTATLTAGRNTISFRRNSGNSGNVNLDRLAVSASAITTLASERNLLDNGDFERD
TTYNSNWTQWQPSGQPSAFGIDSGNALHPPEGPARRNQRAYFHSDNAYQQSIHQVVDVPVNNATYRLEAKVRMKNTTPTT
ARAEVQGHGGSPIYANISNDGVWKTIVIDNINVTSGSVDVGFYVDSPGYTTLHIDEVTLTRAP
;
_entity_poly.pdbx_strand_id   A,B
#
loop_
_chem_comp.id
_chem_comp.type
_chem_comp.name
_chem_comp.formula
AC1 D-saccharide 4,6-dideoxy-4-{[(1S,4R,5S,6S)-4,5,6-trihydroxy-3-(hydroxymethyl)cyclohex-2-en-1-yl]amino}-alpha-D-glucopyranose 'C13 H23 N O8'
BGC D-saccharide, beta linking beta-D-glucopyranose 'C6 H12 O6'
CA non-polymer 'CALCIUM ION' 'Ca 2'
EDO non-polymer 1,2-ETHANEDIOL 'C2 H6 O2'
GLC D-saccharide, alpha linking alpha-D-glucopyranose 'C6 H12 O6'
MES non-polymer '2-(N-MORPHOLINO)-ETHANESULFONIC ACID' 'C6 H13 N O4 S'
MG non-polymer 'MAGNESIUM ION' 'Mg 2'
NI non-polymer 'NICKEL (II) ION' 'Ni 2'
SO4 non-polymer 'SULFATE ION' 'O4 S -2'
#
# COMPACT_ATOMS: atom_id res chain seq x y z
N MET A 17 34.87 -25.54 8.07
CA MET A 17 34.42 -26.34 6.88
C MET A 17 35.14 -27.70 6.75
N ALA A 18 35.66 -28.24 7.87
CA ALA A 18 36.37 -29.51 7.87
C ALA A 18 35.46 -30.63 8.36
N GLY A 19 35.76 -31.85 7.93
CA GLY A 19 34.97 -33.02 8.30
C GLY A 19 35.31 -33.53 9.68
N LEU A 20 34.63 -34.61 10.07
CA LEU A 20 34.91 -35.27 11.33
C LEU A 20 36.29 -35.94 11.30
N GLY A 21 36.83 -36.18 12.49
CA GLY A 21 38.11 -36.87 12.64
C GLY A 21 37.91 -38.35 12.88
N ASN A 22 38.95 -38.99 13.38
CA ASN A 22 38.97 -40.45 13.48
C ASN A 22 38.05 -40.92 14.60
N VAL A 23 37.41 -42.06 14.38
CA VAL A 23 36.69 -42.76 15.44
C VAL A 23 37.76 -43.21 16.44
N THR A 24 37.59 -42.86 17.71
CA THR A 24 38.44 -43.36 18.80
C THR A 24 37.68 -44.24 19.79
N GLY A 25 36.35 -44.30 19.68
CA GLY A 25 35.52 -45.19 20.49
C GLY A 25 34.16 -45.42 19.85
N ALA A 26 33.63 -46.63 20.02
CA ALA A 26 32.34 -47.02 19.47
C ALA A 26 31.61 -47.91 20.45
N VAL A 27 30.45 -47.47 20.91
CA VAL A 27 29.68 -48.19 21.92
C VAL A 27 28.29 -48.50 21.37
N ALA A 28 28.06 -49.79 21.10
CA ALA A 28 26.76 -50.27 20.67
C ALA A 28 25.92 -50.57 21.88
N SER A 29 24.61 -50.37 21.76
CA SER A 29 23.66 -50.72 22.81
C SER A 29 22.25 -50.68 22.21
N GLY A 30 21.62 -51.84 22.11
CA GLY A 30 20.31 -51.96 21.47
C GLY A 30 20.36 -51.44 20.04
N ASP A 31 19.47 -50.51 19.74
CA ASP A 31 19.43 -49.86 18.42
C ASP A 31 20.26 -48.57 18.30
N SER A 32 21.10 -48.28 19.30
CA SER A 32 21.95 -47.09 19.28
C SER A 32 23.43 -47.43 19.13
N LEU A 33 24.14 -46.56 18.41
CA LEU A 33 25.58 -46.59 18.30
C LEU A 33 26.07 -45.20 18.68
N THR A 34 26.98 -45.11 19.65
CA THR A 34 27.58 -43.83 20.07
C THR A 34 29.06 -43.82 19.73
N LEU A 35 29.46 -42.88 18.86
CA LEU A 35 30.83 -42.76 18.42
C LEU A 35 31.50 -41.56 19.06
N THR A 36 32.74 -41.76 19.51
CA THR A 36 33.59 -40.70 20.01
C THR A 36 34.57 -40.43 18.89
N LEU A 37 34.75 -39.14 18.55
CA LEU A 37 35.60 -38.74 17.43
C LEU A 37 36.70 -37.77 17.87
N ASP A 38 37.90 -37.99 17.33
CA ASP A 38 39.05 -37.16 17.63
C ASP A 38 38.90 -35.78 17.00
N ASN A 39 39.06 -34.74 17.80
CA ASN A 39 39.13 -33.37 17.30
C ASN A 39 40.39 -32.63 17.77
N GLY A 40 41.38 -33.36 18.31
CA GLY A 40 42.60 -32.77 18.84
C GLY A 40 42.42 -32.00 20.15
N THR A 41 41.50 -32.43 21.00
CA THR A 41 41.30 -31.85 22.35
C THR A 41 40.87 -32.94 23.30
N SER A 42 40.82 -32.62 24.59
CA SER A 42 40.34 -33.56 25.62
C SER A 42 38.81 -33.74 25.63
N ALA A 43 38.08 -32.78 25.04
CA ALA A 43 36.63 -32.86 24.87
C ALA A 43 36.32 -33.28 23.43
N SER A 44 36.27 -34.59 23.24
CA SER A 44 36.06 -35.20 21.93
C SER A 44 34.63 -35.00 21.41
N ASP A 45 34.47 -35.05 20.10
CA ASP A 45 33.16 -34.98 19.47
C ASP A 45 32.39 -36.27 19.73
N ILE A 46 31.07 -36.16 19.72
CA ILE A 46 30.16 -37.28 19.87
C ILE A 46 29.22 -37.34 18.67
N LEU A 47 29.04 -38.52 18.11
CA LEU A 47 28.03 -38.78 17.09
C LEU A 47 27.12 -39.93 17.54
N GLU A 48 25.88 -39.62 17.90
CA GLU A 48 24.90 -40.64 18.30
C GLU A 48 24.01 -41.06 17.13
N LEU A 49 24.09 -42.33 16.73
CA LEU A 49 23.18 -42.92 15.75
C LEU A 49 22.10 -43.71 16.48
N ASP A 50 20.83 -43.49 16.13
CA ASP A 50 19.72 -44.30 16.63
C ASP A 50 18.89 -44.82 15.45
N VAL A 51 18.75 -46.15 15.37
CA VAL A 51 17.92 -46.80 14.36
C VAL A 51 16.50 -46.77 14.91
N LEU A 52 15.67 -45.91 14.32
CA LEU A 52 14.31 -45.71 14.80
C LEU A 52 13.33 -46.74 14.26
N SER A 53 13.50 -47.07 12.98
CA SER A 53 12.74 -48.11 12.30
C SER A 53 13.71 -48.81 11.37
N GLU A 54 13.26 -49.88 10.72
CA GLU A 54 14.05 -50.53 9.68
C GLU A 54 14.55 -49.62 8.55
N GLU A 55 13.88 -48.48 8.33
CA GLU A 55 14.21 -47.59 7.21
C GLU A 55 14.41 -46.10 7.59
N LEU A 56 14.67 -45.84 8.87
CA LEU A 56 14.80 -44.49 9.41
C LEU A 56 15.91 -44.46 10.47
N LEU A 57 16.94 -43.68 10.20
CA LEU A 57 18.08 -43.47 11.09
C LEU A 57 18.09 -42.04 11.60
N ARG A 58 18.22 -41.87 12.92
CA ARG A 58 18.50 -40.57 13.52
C ARG A 58 20.00 -40.43 13.77
N VAL A 59 20.54 -39.26 13.43
CA VAL A 59 21.95 -38.93 13.70
C VAL A 59 21.98 -37.62 14.48
N ASP A 60 22.73 -37.61 15.57
CA ASP A 60 22.91 -36.41 16.39
C ASP A 60 24.41 -36.16 16.57
N TYR A 61 24.92 -35.14 15.90
CA TYR A 61 26.31 -34.73 16.02
C TYR A 61 26.45 -33.66 17.10
N ARG A 62 27.26 -33.93 18.12
CA ARG A 62 27.45 -33.03 19.25
C ARG A 62 28.91 -32.58 19.34
N PRO A 63 29.22 -31.37 18.81
CA PRO A 63 30.59 -30.86 18.87
C PRO A 63 31.13 -30.83 20.31
N SER A 64 32.32 -31.40 20.50
CA SER A 64 32.97 -31.50 21.81
C SER A 64 32.15 -32.22 22.87
N GLY A 65 31.24 -33.09 22.43
CA GLY A 65 30.34 -33.81 23.32
C GLY A 65 29.42 -32.96 24.17
N ALA A 66 29.17 -31.71 23.80
CA ALA A 66 28.29 -30.85 24.56
C ALA A 66 26.86 -31.41 24.50
N ALA A 67 26.06 -31.10 25.52
CA ALA A 67 24.66 -31.50 25.55
C ALA A 67 23.95 -30.90 24.32
N PRO A 68 23.02 -31.67 23.72
CA PRO A 68 22.28 -31.11 22.58
C PRO A 68 21.35 -29.97 23.01
N SER A 69 21.12 -29.01 22.10
CA SER A 69 20.12 -27.98 22.31
C SER A 69 18.75 -28.61 22.18
N PRO A 70 17.68 -27.91 22.66
CA PRO A 70 16.34 -28.44 22.40
C PRO A 70 16.04 -28.50 20.90
N SER A 71 15.33 -29.56 20.52
CA SER A 71 14.84 -29.69 19.15
C SER A 71 13.83 -28.60 18.85
N THR A 72 13.78 -28.18 17.58
CA THR A 72 12.81 -27.16 17.16
C THR A 72 11.41 -27.76 17.15
N PRO A 73 10.37 -26.92 16.98
CA PRO A 73 9.04 -27.48 16.80
C PRO A 73 8.80 -28.30 15.53
N MET A 74 9.79 -28.46 14.65
CA MET A 74 9.71 -29.45 13.57
C MET A 74 9.42 -30.83 14.09
N ILE A 75 10.06 -31.20 15.20
CA ILE A 75 10.04 -32.57 15.68
C ILE A 75 8.78 -32.81 16.52
N ASP A 76 8.12 -33.93 16.27
CA ASP A 76 6.96 -34.34 17.07
C ASP A 76 7.50 -34.64 18.48
N PRO A 77 7.07 -33.88 19.51
CA PRO A 77 7.61 -34.17 20.85
C PRO A 77 7.15 -35.50 21.44
N ASP A 78 6.07 -36.08 20.89
CA ASP A 78 5.55 -37.36 21.35
C ASP A 78 5.92 -38.55 20.46
N ALA A 79 6.82 -38.36 19.49
CA ALA A 79 7.14 -39.43 18.56
C ALA A 79 7.72 -40.65 19.30
N SER A 80 7.34 -41.84 18.85
CA SER A 80 7.64 -43.08 19.55
C SER A 80 7.72 -44.24 18.54
N TRP A 81 8.81 -45.00 18.60
CA TRP A 81 9.00 -46.17 17.74
C TRP A 81 9.20 -47.46 18.54
N ASP A 82 8.75 -48.57 17.95
CA ASP A 82 9.05 -49.92 18.45
C ASP A 82 10.54 -50.20 18.27
N ALA A 83 11.07 -51.10 19.09
CA ALA A 83 12.43 -51.61 18.92
C ALA A 83 12.58 -52.25 17.54
N VAL A 84 13.72 -52.02 16.92
CA VAL A 84 14.00 -52.54 15.59
C VAL A 84 14.76 -53.87 15.64
N GLY A 85 15.68 -54.00 16.59
CA GLY A 85 16.60 -55.14 16.63
C GLY A 85 17.64 -55.09 15.52
N ALA A 86 18.22 -53.92 15.30
CA ALA A 86 19.27 -53.76 14.29
C ALA A 86 20.56 -54.45 14.73
N THR A 87 21.35 -54.87 13.74
CA THR A 87 22.66 -55.47 13.99
C THR A 87 23.69 -54.37 13.88
N ILE A 88 24.46 -54.18 14.94
CA ILE A 88 25.51 -53.18 14.99
C ILE A 88 26.83 -53.93 15.19
N ASP A 89 27.72 -53.83 14.20
CA ASP A 89 28.98 -54.56 14.17
C ASP A 89 30.14 -53.56 14.20
N THR A 90 30.69 -53.36 15.40
CA THR A 90 31.84 -52.47 15.59
C THR A 90 33.20 -53.19 15.57
N SER A 91 33.23 -54.46 15.15
CA SER A 91 34.44 -55.27 15.26
C SER A 91 35.52 -54.94 14.22
N GLY A 92 35.16 -54.27 13.12
CA GLY A 92 36.12 -53.95 12.05
C GLY A 92 36.03 -52.53 11.52
N ASP A 93 36.55 -52.34 10.30
CA ASP A 93 36.50 -51.06 9.60
C ASP A 93 35.98 -51.35 8.19
N PRO A 94 34.79 -50.83 7.83
CA PRO A 94 33.93 -49.92 8.57
C PRO A 94 33.11 -50.60 9.66
N ILE A 95 32.62 -49.79 10.60
CA ILE A 95 31.57 -50.18 11.53
C ILE A 95 30.29 -50.34 10.70
N VAL A 96 29.43 -51.29 11.03
CA VAL A 96 28.29 -51.64 10.16
C VAL A 96 27.00 -51.76 10.97
N VAL A 97 25.97 -51.01 10.56
CA VAL A 97 24.64 -51.13 11.14
C VAL A 97 23.72 -51.66 10.05
N THR A 98 23.00 -52.75 10.31
CA THR A 98 22.10 -53.34 9.31
C THR A 98 20.69 -53.54 9.84
N THR A 99 19.74 -53.36 8.93
CA THR A 99 18.36 -53.77 9.13
C THR A 99 18.01 -54.56 7.88
N PRO A 100 16.79 -55.11 7.82
CA PRO A 100 16.37 -55.72 6.56
C PRO A 100 16.25 -54.74 5.37
N ARG A 101 16.16 -53.43 5.63
CA ARG A 101 15.98 -52.42 4.56
C ARG A 101 17.19 -51.52 4.26
N MET A 102 18.14 -51.40 5.18
CA MET A 102 19.32 -50.55 4.95
C MET A 102 20.58 -51.07 5.62
N ARG A 103 21.70 -50.59 5.08
CA ARG A 103 23.02 -50.91 5.60
C ARG A 103 23.75 -49.57 5.77
N ILE A 104 24.06 -49.20 7.01
CA ILE A 104 24.81 -47.98 7.29
C ILE A 104 26.25 -48.39 7.60
N GLU A 105 27.21 -47.82 6.86
CA GLU A 105 28.64 -48.04 7.11
C GLU A 105 29.26 -46.75 7.61
N ILE A 106 30.06 -46.83 8.68
CA ILE A 106 30.89 -45.72 9.13
C ILE A 106 32.37 -46.13 9.08
N ALA A 107 33.11 -45.55 8.13
CA ALA A 107 34.56 -45.67 8.07
C ALA A 107 35.18 -45.00 9.30
N ARG A 108 36.28 -45.55 9.80
CA ARG A 108 36.86 -45.10 11.08
C ARG A 108 37.83 -43.94 10.95
N THR A 109 38.56 -43.87 9.84
CA THR A 109 39.71 -43.00 9.71
C THR A 109 39.75 -42.22 8.39
N PRO A 110 39.10 -41.05 8.33
CA PRO A 110 38.26 -40.39 9.33
C PRO A 110 36.81 -40.87 9.26
N ALA A 111 36.00 -40.46 10.23
CA ALA A 111 34.59 -40.88 10.34
C ALA A 111 33.80 -40.34 9.14
N ARG A 112 33.27 -41.25 8.32
CA ARG A 112 32.44 -40.91 7.16
C ARG A 112 31.37 -41.97 7.02
N MET A 113 30.11 -41.55 6.87
CA MET A 113 28.98 -42.46 6.73
C MET A 113 28.65 -42.74 5.27
N THR A 114 28.35 -44.00 4.97
CA THR A 114 27.79 -44.41 3.68
C THR A 114 26.48 -45.11 3.96
N ILE A 115 25.43 -44.73 3.21
CA ILE A 115 24.10 -45.31 3.38
C ILE A 115 23.82 -46.15 2.14
N LYS A 116 23.42 -47.39 2.38
CA LYS A 116 23.15 -48.35 1.33
C LYS A 116 21.82 -49.01 1.57
N LYS A 117 21.24 -49.55 0.51
CA LYS A 117 20.14 -50.50 0.68
C LYS A 117 20.69 -51.81 1.26
N ALA A 118 19.80 -52.62 1.82
CA ALA A 118 20.18 -53.94 2.36
C ALA A 118 20.94 -54.78 1.34
N ASP A 119 20.60 -54.64 0.06
CA ASP A 119 21.28 -55.37 -1.03
C ASP A 119 22.64 -54.78 -1.46
N GLY A 120 23.12 -53.74 -0.77
CA GLY A 120 24.45 -53.20 -1.00
C GLY A 120 24.51 -52.02 -1.96
N THR A 121 23.38 -51.66 -2.59
CA THR A 121 23.36 -50.50 -3.50
C THR A 121 23.63 -49.21 -2.71
N THR A 122 24.61 -48.45 -3.15
CA THR A 122 24.95 -47.19 -2.51
C THR A 122 23.91 -46.12 -2.87
N LEU A 123 23.36 -45.49 -1.84
CA LEU A 123 22.39 -44.40 -1.98
C LEU A 123 23.04 -43.02 -1.83
N LEU A 124 23.66 -42.77 -0.67
CA LEU A 124 24.44 -41.55 -0.47
C LEU A 124 25.54 -41.72 0.56
N TRP A 125 26.49 -40.80 0.56
CA TRP A 125 27.67 -40.92 1.41
C TRP A 125 28.28 -39.57 1.68
N GLU A 126 29.03 -39.51 2.77
CA GLU A 126 29.76 -38.29 3.10
C GLU A 126 31.08 -38.35 2.34
N PRO A 127 31.40 -37.30 1.57
CA PRO A 127 32.64 -37.33 0.81
C PRO A 127 33.88 -37.22 1.71
N ALA A 128 35.03 -37.61 1.17
CA ALA A 128 36.32 -37.49 1.86
C ALA A 128 36.51 -36.08 2.41
N SER A 129 36.23 -35.08 1.58
CA SER A 129 36.41 -33.67 1.92
C SER A 129 35.68 -33.22 3.18
N GLY A 130 34.57 -33.87 3.51
CA GLY A 130 33.82 -33.58 4.74
C GLY A 130 32.33 -33.87 4.62
N GLY A 131 31.76 -34.42 5.69
CA GLY A 131 30.33 -34.66 5.80
C GLY A 131 29.77 -33.74 6.87
N VAL A 132 29.14 -34.34 7.88
CA VAL A 132 28.58 -33.57 8.97
C VAL A 132 29.66 -32.71 9.65
N PHE A 133 29.25 -31.55 10.13
CA PHE A 133 30.12 -30.63 10.83
C PHE A 133 29.22 -29.69 11.65
N GLU A 134 29.84 -28.70 12.28
CA GLU A 134 29.15 -27.88 13.30
C GLU A 134 27.94 -27.06 12.74
N ASP A 135 27.96 -26.77 11.44
CA ASP A 135 26.93 -25.97 10.79
C ASP A 135 26.11 -26.73 9.73
N GLY A 136 26.14 -28.06 9.73
CA GLY A 136 25.29 -28.78 8.78
C GLY A 136 25.71 -30.16 8.34
N VAL A 137 25.11 -30.59 7.23
CA VAL A 137 25.33 -31.92 6.66
C VAL A 137 25.71 -31.79 5.20
N ARG A 138 26.54 -32.72 4.74
CA ARG A 138 27.06 -32.69 3.39
C ARG A 138 27.16 -34.10 2.87
N PHE A 139 26.43 -34.38 1.81
CA PHE A 139 26.39 -35.71 1.21
C PHE A 139 26.70 -35.60 -0.26
N GLN A 140 27.09 -36.75 -0.80
CA GLN A 140 27.25 -36.95 -2.23
C GLN A 140 26.32 -38.10 -2.61
N ARG A 141 25.77 -38.04 -3.81
CA ARG A 141 24.90 -39.09 -4.33
C ARG A 141 24.98 -39.15 -5.84
N GLY A 142 24.26 -40.08 -6.46
CA GLY A 142 24.24 -40.19 -7.91
C GLY A 142 23.87 -38.86 -8.53
N SER A 143 24.66 -38.41 -9.51
CA SER A 143 24.47 -37.11 -10.12
C SER A 143 23.16 -37.04 -10.92
N THR A 144 22.65 -38.18 -11.39
CA THR A 144 21.40 -38.21 -12.15
C THR A 144 20.16 -38.41 -11.27
N ASP A 145 20.32 -38.58 -9.96
CA ASP A 145 19.17 -38.74 -9.05
C ASP A 145 18.30 -37.49 -9.08
N ASN A 146 17.00 -37.70 -9.08
CA ASN A 146 16.05 -36.59 -9.01
C ASN A 146 15.74 -36.28 -7.56
N ILE A 147 15.89 -35.01 -7.20
CA ILE A 147 15.67 -34.52 -5.83
C ILE A 147 14.37 -33.75 -5.73
N TYR A 148 13.68 -33.87 -4.59
CA TYR A 148 12.40 -33.23 -4.32
C TYR A 148 12.40 -32.66 -2.91
N GLY A 149 11.41 -31.81 -2.63
CA GLY A 149 11.27 -31.14 -1.35
C GLY A 149 11.80 -29.72 -1.39
N ILE A 150 12.31 -29.27 -0.24
CA ILE A 150 12.98 -27.98 -0.02
C ILE A 150 12.03 -26.78 -0.04
N ARG A 151 11.27 -26.64 -1.11
CA ARG A 151 10.56 -25.39 -1.39
C ARG A 151 9.39 -25.61 -2.32
N SER A 152 8.45 -24.66 -2.28
CA SER A 152 7.38 -24.53 -3.26
C SER A 152 7.47 -23.12 -3.85
N PHE A 153 6.35 -22.57 -4.32
CA PHE A 153 6.32 -21.26 -4.94
C PHE A 153 5.16 -20.45 -4.43
N ASN A 154 5.37 -19.15 -4.26
CA ASN A 154 4.35 -18.27 -3.68
C ASN A 154 3.57 -17.54 -4.78
N ALA A 155 2.55 -16.80 -4.38
CA ALA A 155 1.67 -16.10 -5.31
C ALA A 155 2.27 -14.83 -5.94
N GLN A 156 3.57 -14.58 -5.74
CA GLN A 156 4.29 -13.48 -6.40
C GLN A 156 5.53 -13.96 -7.13
N GLU A 157 5.69 -15.27 -7.29
CA GLU A 157 6.90 -15.86 -7.85
C GLU A 157 6.62 -16.51 -9.18
N ASP A 158 7.66 -16.60 -10.00
CA ASP A 158 7.65 -17.53 -11.13
C ASP A 158 7.55 -18.92 -10.54
N VAL A 159 6.68 -19.73 -11.13
CA VAL A 159 6.39 -21.06 -10.62
C VAL A 159 7.15 -22.09 -11.44
N GLY A 160 8.13 -22.73 -10.81
CA GLY A 160 8.89 -23.82 -11.40
C GLY A 160 8.18 -25.16 -11.34
N GLY A 161 8.96 -26.24 -11.41
CA GLY A 161 8.43 -27.60 -11.40
C GLY A 161 8.61 -28.25 -10.03
N LEU A 162 8.72 -29.58 -10.03
CA LEU A 162 8.89 -30.38 -8.83
C LEU A 162 10.36 -30.66 -8.50
N LEU A 163 11.17 -30.78 -9.56
CA LEU A 163 12.58 -31.10 -9.45
C LEU A 163 13.37 -30.02 -8.72
N ARG A 164 14.30 -30.48 -7.89
CA ARG A 164 15.18 -29.63 -7.09
C ARG A 164 16.64 -30.06 -7.32
N ASN A 165 17.01 -30.23 -8.58
CA ASN A 165 18.33 -30.83 -8.94
C ASN A 165 19.48 -29.83 -8.92
N SER A 166 19.15 -28.53 -9.00
CA SER A 166 20.13 -27.45 -8.89
C SER A 166 19.58 -26.34 -8.02
N SER A 167 19.40 -26.61 -6.72
CA SER A 167 18.69 -25.71 -5.82
C SER A 167 19.59 -25.07 -4.78
N ASP A 168 19.48 -23.76 -4.61
CA ASP A 168 20.05 -23.04 -3.46
C ASP A 168 19.05 -22.15 -2.72
N HIS A 169 17.76 -22.31 -3.01
CA HIS A 169 16.71 -21.54 -2.35
C HIS A 169 16.72 -21.90 -0.85
N PRO A 170 16.55 -20.93 0.06
CA PRO A 170 16.49 -21.29 1.49
C PRO A 170 15.30 -22.15 1.87
N ALA A 171 15.44 -22.85 3.01
CA ALA A 171 14.34 -23.57 3.63
C ALA A 171 13.61 -22.60 4.54
N HIS A 172 12.36 -22.31 4.21
CA HIS A 172 11.54 -21.40 4.99
C HIS A 172 10.05 -21.68 4.78
N ALA A 173 9.23 -21.21 5.73
CA ALA A 173 7.78 -21.15 5.56
C ALA A 173 7.41 -20.22 4.41
N GLY A 174 8.10 -19.09 4.31
CA GLY A 174 7.85 -18.08 3.25
C GLY A 174 6.55 -17.34 3.46
N GLN A 175 5.99 -16.83 2.36
CA GLN A 175 4.73 -16.08 2.38
C GLN A 175 3.83 -16.43 1.20
N GLN A 176 2.58 -16.00 1.26
CA GLN A 176 1.68 -16.06 0.09
C GLN A 176 1.63 -17.42 -0.62
N GLY A 177 1.43 -18.47 0.17
CA GLY A 177 1.22 -19.82 -0.37
C GLY A 177 2.47 -20.68 -0.45
N ASP A 178 3.61 -20.12 -0.06
CA ASP A 178 4.86 -20.86 -0.07
C ASP A 178 4.85 -21.95 0.99
N ALA A 179 5.77 -22.87 0.81
CA ALA A 179 6.01 -23.94 1.75
C ALA A 179 7.47 -24.27 1.58
N GLY A 180 8.07 -24.79 2.63
CA GLY A 180 9.44 -25.22 2.55
C GLY A 180 9.92 -25.83 3.84
N GLY A 181 11.14 -26.34 3.80
CA GLY A 181 11.73 -26.94 4.99
C GLY A 181 13.01 -27.68 4.68
N PRO A 182 13.76 -28.06 5.72
CA PRO A 182 15.02 -28.80 5.51
C PRO A 182 14.78 -30.29 5.23
N PHE A 183 14.16 -30.56 4.08
CA PHE A 183 13.70 -31.89 3.73
C PHE A 183 14.01 -32.03 2.25
N MET A 184 14.98 -32.89 1.95
CA MET A 184 15.43 -33.14 0.59
C MET A 184 15.38 -34.65 0.41
N TRP A 185 14.67 -35.10 -0.62
CA TRP A 185 14.59 -36.54 -0.87
C TRP A 185 14.60 -36.86 -2.35
N SER A 186 14.87 -38.13 -2.65
CA SER A 186 14.99 -38.60 -4.02
C SER A 186 14.15 -39.83 -4.30
N THR A 187 13.64 -39.89 -5.54
CA THR A 187 13.06 -41.11 -6.08
C THR A 187 14.10 -42.23 -6.26
N ALA A 188 15.39 -41.92 -6.19
CA ALA A 188 16.46 -42.94 -6.16
C ALA A 188 16.56 -43.71 -4.83
N GLY A 189 15.74 -43.37 -3.83
CA GLY A 189 15.53 -44.24 -2.69
C GLY A 189 16.00 -43.77 -1.33
N TYR A 190 16.16 -42.45 -1.16
CA TYR A 190 16.62 -41.90 0.11
C TYR A 190 16.03 -40.52 0.38
N GLY A 191 16.02 -40.14 1.66
CA GLY A 191 15.65 -38.80 2.09
C GLY A 191 16.48 -38.32 3.25
N VAL A 192 16.60 -37.00 3.38
CA VAL A 192 17.35 -36.36 4.47
C VAL A 192 16.46 -35.27 5.05
N LEU A 193 16.27 -35.33 6.36
CA LEU A 193 15.56 -34.30 7.11
C LEU A 193 16.46 -33.76 8.22
N VAL A 194 16.64 -32.43 8.26
CA VAL A 194 17.44 -31.78 9.31
C VAL A 194 16.53 -30.94 10.19
N ASP A 195 16.64 -31.11 11.51
CA ASP A 195 15.95 -30.23 12.44
C ASP A 195 16.63 -28.87 12.43
N SER A 196 15.89 -27.83 12.07
CA SER A 196 16.45 -26.49 11.92
C SER A 196 15.35 -25.43 11.80
N ASP A 197 15.67 -24.23 12.27
CA ASP A 197 14.88 -23.04 12.08
C ASP A 197 15.47 -22.27 10.89
N GLY A 198 14.91 -22.56 9.72
CA GLY A 198 15.42 -22.04 8.47
C GLY A 198 16.75 -22.71 8.13
N GLY A 199 17.48 -22.10 7.21
CA GLY A 199 18.72 -22.66 6.69
C GLY A 199 18.74 -22.80 5.20
N TYR A 200 19.78 -23.47 4.71
CA TYR A 200 20.19 -23.33 3.29
C TYR A 200 20.50 -24.70 2.70
N PRO A 201 19.48 -25.35 2.09
CA PRO A 201 19.73 -26.59 1.39
C PRO A 201 20.49 -26.29 0.10
N TYR A 202 21.33 -27.22 -0.32
CA TYR A 202 22.08 -27.07 -1.56
C TYR A 202 22.15 -28.38 -2.32
N THR A 203 21.78 -28.33 -3.60
CA THR A 203 21.92 -29.45 -4.52
C THR A 203 22.55 -28.95 -5.80
N ASP A 204 23.28 -29.83 -6.48
CA ASP A 204 23.69 -29.57 -7.85
C ASP A 204 23.84 -30.88 -8.59
N THR A 205 23.97 -30.79 -9.90
CA THR A 205 24.03 -31.96 -10.76
C THR A 205 25.40 -32.64 -10.83
N THR A 206 26.37 -32.23 -10.01
CA THR A 206 27.54 -33.10 -9.73
C THR A 206 27.24 -34.13 -8.66
N GLY A 207 26.09 -34.00 -7.97
CA GLY A 207 25.65 -34.97 -7.00
C GLY A 207 25.65 -34.50 -5.55
N LYS A 208 25.83 -33.21 -5.31
CA LYS A 208 25.84 -32.69 -3.96
C LYS A 208 24.43 -32.65 -3.40
N LEU A 209 24.33 -32.97 -2.12
CA LEU A 209 23.11 -32.94 -1.35
C LEU A 209 23.52 -32.46 0.05
N GLU A 210 23.34 -31.17 0.30
CA GLU A 210 23.88 -30.49 1.48
C GLU A 210 22.83 -29.63 2.17
N PHE A 211 23.06 -29.37 3.45
CA PHE A 211 22.26 -28.43 4.22
C PHE A 211 23.10 -27.69 5.26
N TYR A 212 23.00 -26.36 5.24
CA TYR A 212 23.73 -25.46 6.15
C TYR A 212 22.78 -24.62 6.99
N TYR A 213 23.06 -24.55 8.28
CA TYR A 213 22.40 -23.58 9.14
C TYR A 213 22.58 -22.16 8.62
N GLY A 214 23.82 -21.83 8.29
CA GLY A 214 24.17 -20.52 7.74
C GLY A 214 23.86 -19.36 8.67
N GLY A 215 23.89 -18.16 8.10
CA GLY A 215 23.54 -16.96 8.85
C GLY A 215 22.04 -16.87 9.10
N THR A 216 21.67 -15.99 10.03
CA THR A 216 20.27 -15.70 10.32
C THR A 216 19.50 -15.43 9.03
N PRO A 217 18.45 -16.22 8.76
CA PRO A 217 17.73 -15.94 7.53
C PRO A 217 16.85 -14.69 7.64
N THR A 218 16.34 -14.24 6.50
CA THR A 218 15.44 -13.07 6.45
C THR A 218 14.31 -13.11 7.48
N GLU A 219 13.74 -14.30 7.67
CA GLU A 219 12.61 -14.50 8.60
C GLU A 219 12.98 -14.50 10.10
N GLY A 220 14.27 -14.35 10.40
CA GLY A 220 14.74 -14.46 11.77
C GLY A 220 15.01 -15.91 12.13
N ARG A 221 15.58 -16.10 13.31
CA ARG A 221 15.81 -17.44 13.84
C ARG A 221 15.66 -17.39 15.36
N ARG A 222 14.66 -18.06 15.89
CA ARG A 222 14.41 -18.05 17.31
C ARG A 222 14.78 -19.37 17.99
N TYR A 223 15.07 -20.41 17.21
CA TYR A 223 15.55 -21.68 17.75
C TYR A 223 16.94 -21.90 17.18
N THR A 224 17.96 -21.75 18.03
CA THR A 224 19.33 -22.02 17.64
C THR A 224 19.75 -23.36 18.23
N LYS A 225 20.61 -24.05 17.50
CA LYS A 225 21.07 -25.37 17.89
C LYS A 225 22.59 -25.49 17.72
N THR A 226 23.25 -26.00 18.77
CA THR A 226 24.69 -26.23 18.74
C THR A 226 25.02 -27.59 18.17
N ASN A 227 24.16 -28.57 18.44
CA ASN A 227 24.24 -29.87 17.79
C ASN A 227 23.62 -29.84 16.39
N VAL A 228 23.88 -30.90 15.63
CA VAL A 228 23.21 -31.16 14.34
C VAL A 228 22.45 -32.49 14.41
N GLU A 229 21.11 -32.37 14.48
CA GLU A 229 20.18 -33.48 14.55
C GLU A 229 19.57 -33.67 13.17
N TYR A 230 19.75 -34.85 12.61
CA TYR A 230 19.16 -35.16 11.30
C TYR A 230 18.69 -36.60 11.16
N TYR A 231 17.93 -36.85 10.09
CA TYR A 231 17.25 -38.14 9.85
C TYR A 231 17.50 -38.59 8.43
N ILE A 232 17.82 -39.87 8.27
CA ILE A 232 18.04 -40.47 6.97
C ILE A 232 16.95 -41.53 6.75
N MET A 233 16.20 -41.35 5.67
CA MET A 233 15.14 -42.28 5.27
C MET A 233 15.63 -43.09 4.11
N VAL A 234 15.26 -44.36 4.09
CA VAL A 234 15.50 -45.25 2.96
C VAL A 234 14.15 -45.80 2.49
N GLY A 235 13.93 -45.81 1.19
CA GLY A 235 12.73 -46.41 0.63
C GLY A 235 12.19 -45.68 -0.57
N GLU A 236 11.02 -46.14 -1.02
CA GLU A 236 10.27 -45.52 -2.10
C GLU A 236 9.57 -44.27 -1.57
N PRO A 237 9.09 -43.38 -2.46
CA PRO A 237 8.57 -42.09 -1.99
C PRO A 237 7.55 -42.18 -0.86
N LYS A 238 6.61 -43.12 -0.95
CA LYS A 238 5.58 -43.26 0.10
C LYS A 238 6.16 -43.64 1.45
N GLU A 239 7.23 -44.43 1.44
CA GLU A 239 7.91 -44.85 2.68
C GLU A 239 8.69 -43.68 3.27
N ILE A 240 9.38 -42.95 2.40
CA ILE A 240 10.06 -41.69 2.78
C ILE A 240 9.08 -40.71 3.43
N MET A 241 7.92 -40.51 2.80
CA MET A 241 6.92 -39.58 3.33
C MET A 241 6.33 -40.06 4.67
N ALA A 242 6.12 -41.37 4.80
CA ALA A 242 5.64 -41.93 6.08
C ALA A 242 6.66 -41.69 7.17
N SER A 243 7.94 -41.91 6.87
CA SER A 243 9.00 -41.66 7.83
C SER A 243 9.05 -40.18 8.23
N TYR A 244 8.90 -39.28 7.25
CA TYR A 244 8.82 -37.85 7.53
C TYR A 244 7.72 -37.55 8.53
N ALA A 245 6.56 -38.15 8.36
CA ALA A 245 5.44 -37.95 9.26
C ALA A 245 5.65 -38.60 10.63
N GLN A 246 6.38 -39.71 10.70
CA GLN A 246 6.74 -40.28 12.01
C GLN A 246 7.59 -39.27 12.82
N VAL A 247 8.55 -38.63 12.16
CA VAL A 247 9.46 -37.69 12.82
C VAL A 247 8.74 -36.39 13.18
N THR A 248 8.04 -35.78 12.21
CA THR A 248 7.47 -34.43 12.37
C THR A 248 5.99 -34.42 12.73
N GLY A 249 5.33 -35.55 12.58
CA GLY A 249 3.96 -35.73 13.06
C GLY A 249 3.00 -36.06 11.94
N THR A 250 2.00 -36.85 12.27
CA THR A 250 0.92 -37.13 11.32
C THR A 250 -0.12 -36.02 11.47
N ALA A 251 -1.08 -35.98 10.56
CA ALA A 251 -2.10 -34.96 10.57
C ALA A 251 -3.35 -35.46 11.30
N PRO A 252 -3.85 -34.73 12.31
CA PRO A 252 -5.15 -35.09 12.86
C PRO A 252 -6.25 -35.00 11.79
N MET A 253 -7.25 -35.86 11.91
CA MET A 253 -8.36 -35.88 10.95
C MET A 253 -9.16 -34.61 11.08
N LEU A 254 -9.43 -33.99 9.94
CA LEU A 254 -10.27 -32.82 9.86
C LEU A 254 -11.74 -33.27 9.96
N PRO A 255 -12.66 -32.35 10.25
CA PRO A 255 -14.06 -32.76 10.21
C PRO A 255 -14.45 -33.20 8.79
N LYS A 256 -15.38 -34.14 8.70
CA LYS A 256 -15.77 -34.70 7.41
C LYS A 256 -16.34 -33.62 6.50
N TRP A 257 -17.06 -32.64 7.05
CA TRP A 257 -17.59 -31.54 6.23
C TRP A 257 -16.52 -30.81 5.43
N SER A 258 -15.27 -30.89 5.88
CA SER A 258 -14.16 -30.22 5.21
C SER A 258 -13.74 -30.85 3.89
N LEU A 259 -14.27 -32.03 3.58
CA LEU A 259 -14.13 -32.61 2.22
C LEU A 259 -15.15 -32.04 1.23
N GLY A 260 -16.12 -31.30 1.73
CA GLY A 260 -17.14 -30.65 0.91
C GLY A 260 -16.64 -29.38 0.23
N PHE A 261 -17.51 -28.80 -0.59
CA PHE A 261 -17.22 -27.51 -1.21
C PHE A 261 -17.40 -26.40 -0.20
N MET A 262 -16.54 -25.39 -0.30
CA MET A 262 -16.59 -24.23 0.57
C MET A 262 -16.57 -22.95 -0.25
N ASN A 263 -17.44 -21.99 0.10
CA ASN A 263 -17.49 -20.67 -0.53
C ASN A 263 -16.86 -19.66 0.45
N PHE A 264 -15.64 -19.21 0.14
CA PHE A 264 -14.99 -18.12 0.89
C PHE A 264 -15.47 -16.81 0.29
N GLU A 265 -15.75 -15.81 1.14
CA GLU A 265 -16.21 -14.54 0.59
C GLU A 265 -15.84 -13.37 1.49
N TRP A 266 -15.44 -12.28 0.83
CA TRP A 266 -15.18 -10.99 1.44
C TRP A 266 -16.16 -9.98 0.82
N GLY A 267 -16.97 -9.36 1.68
CA GLY A 267 -18.10 -8.52 1.25
C GLY A 267 -19.36 -9.36 1.33
N ILE A 268 -19.88 -9.49 2.54
CA ILE A 268 -20.96 -10.43 2.81
C ILE A 268 -21.58 -10.07 4.16
N ASP A 269 -22.91 -10.07 4.22
CA ASP A 269 -23.65 -9.92 5.48
C ASP A 269 -24.66 -11.06 5.61
N GLN A 270 -25.48 -11.07 6.67
CA GLN A 270 -26.35 -12.23 6.93
C GLN A 270 -27.42 -12.43 5.87
N ASP A 271 -28.01 -11.36 5.36
CA ASP A 271 -29.00 -11.49 4.30
C ASP A 271 -28.40 -12.13 3.05
N GLU A 272 -27.20 -11.69 2.68
CA GLU A 272 -26.53 -12.18 1.47
C GLU A 272 -26.10 -13.64 1.61
N LEU A 273 -25.56 -13.99 2.78
CA LEU A 273 -25.22 -15.36 3.12
C LEU A 273 -26.43 -16.29 2.96
N GLU A 274 -27.56 -15.89 3.54
CA GLU A 274 -28.81 -16.67 3.45
C GLU A 274 -29.26 -16.88 2.01
N ALA A 275 -29.17 -15.82 1.21
CA ALA A 275 -29.48 -15.88 -0.21
C ALA A 275 -28.52 -16.81 -0.97
N HIS A 276 -27.22 -16.71 -0.69
CA HIS A 276 -26.23 -17.63 -1.31
C HIS A 276 -26.57 -19.08 -1.00
N VAL A 277 -26.75 -19.39 0.27
CA VAL A 277 -27.05 -20.77 0.69
C VAL A 277 -28.35 -21.29 0.03
N ASP A 278 -29.40 -20.49 0.00
CA ASP A 278 -30.62 -20.82 -0.70
C ASP A 278 -30.37 -21.13 -2.18
N GLY A 279 -29.51 -20.33 -2.81
CA GLY A 279 -29.13 -20.50 -4.22
C GLY A 279 -28.52 -21.84 -4.52
N TYR A 280 -27.57 -22.26 -3.67
CA TYR A 280 -26.96 -23.59 -3.78
C TYR A 280 -28.03 -24.69 -3.57
N ARG A 281 -28.79 -24.58 -2.47
CA ARG A 281 -29.74 -25.61 -2.08
C ARG A 281 -30.86 -25.77 -3.09
N ALA A 282 -31.37 -24.65 -3.63
CA ALA A 282 -32.43 -24.70 -4.65
C ALA A 282 -31.98 -25.45 -5.90
N ARG A 283 -30.68 -25.34 -6.22
CA ARG A 283 -30.10 -25.93 -7.42
C ARG A 283 -29.51 -27.33 -7.20
N ASN A 284 -29.59 -27.86 -5.98
CA ASN A 284 -28.91 -29.12 -5.61
C ASN A 284 -27.39 -29.08 -5.98
N ILE A 285 -26.77 -27.93 -5.75
CA ILE A 285 -25.32 -27.78 -5.88
C ILE A 285 -24.78 -27.98 -4.48
N PRO A 286 -24.04 -29.07 -4.25
CA PRO A 286 -23.65 -29.31 -2.86
C PRO A 286 -22.66 -28.27 -2.34
N ILE A 287 -22.71 -28.05 -1.03
CA ILE A 287 -21.83 -27.10 -0.34
C ILE A 287 -21.96 -27.35 1.17
N ASP A 288 -20.82 -27.37 1.85
CA ASP A 288 -20.77 -27.63 3.28
C ASP A 288 -20.39 -26.42 4.16
N ALA A 289 -19.73 -25.41 3.60
CA ALA A 289 -19.22 -24.31 4.42
C ALA A 289 -19.14 -22.99 3.69
N PHE A 290 -19.30 -21.92 4.45
CA PHE A 290 -19.02 -20.57 4.02
C PHE A 290 -17.91 -20.05 4.92
N ALA A 291 -16.94 -19.36 4.33
CA ALA A 291 -15.89 -18.69 5.09
C ALA A 291 -16.09 -17.20 4.95
N LEU A 292 -16.10 -16.54 6.09
CA LEU A 292 -16.39 -15.11 6.20
C LEU A 292 -15.09 -14.38 6.45
N ASP A 293 -14.86 -13.34 5.65
CA ASP A 293 -13.67 -12.48 5.75
C ASP A 293 -13.90 -11.42 6.87
N TYR A 294 -13.30 -10.22 6.77
CA TYR A 294 -13.44 -9.13 7.78
C TYR A 294 -14.87 -8.91 8.25
N ASP A 295 -15.81 -9.11 7.32
CA ASP A 295 -17.25 -8.93 7.57
C ASP A 295 -17.76 -9.56 8.85
N TRP A 296 -17.22 -10.71 9.25
CA TRP A 296 -17.77 -11.43 10.40
C TRP A 296 -17.45 -10.78 11.74
N MET A 297 -16.38 -10.00 11.82
CA MET A 297 -15.88 -9.52 13.11
C MET A 297 -15.84 -7.99 13.19
N ASP A 298 -15.82 -7.48 14.42
CA ASP A 298 -15.72 -6.04 14.67
C ASP A 298 -14.28 -5.57 14.66
N TYR A 299 -13.56 -5.89 13.59
CA TYR A 299 -12.17 -5.55 13.46
C TYR A 299 -12.10 -4.03 13.41
N GLY A 300 -11.21 -3.49 14.26
CA GLY A 300 -11.01 -2.04 14.37
C GLY A 300 -11.52 -1.47 15.69
N GLU A 301 -12.33 -2.25 16.41
CA GLU A 301 -12.98 -1.79 17.64
C GLU A 301 -12.29 -2.28 18.91
N ASP A 302 -12.56 -1.54 19.98
CA ASP A 302 -12.03 -1.80 21.30
C ASP A 302 -12.72 -3.06 21.86
N ASN A 303 -12.26 -3.52 23.01
CA ASN A 303 -12.82 -4.68 23.71
C ASN A 303 -12.76 -5.93 22.84
N TYR A 304 -11.58 -6.18 22.28
CA TYR A 304 -11.32 -7.38 21.50
C TYR A 304 -12.26 -7.54 20.28
N GLY A 305 -12.49 -6.44 19.57
CA GLY A 305 -13.34 -6.43 18.38
C GLY A 305 -12.93 -7.40 17.27
N GLU A 306 -11.63 -7.65 17.17
CA GLU A 306 -11.06 -8.60 16.21
C GLU A 306 -11.24 -10.08 16.63
N PHE A 307 -11.95 -10.33 17.72
CA PHE A 307 -12.42 -11.66 18.12
C PHE A 307 -13.94 -11.77 18.24
N ARG A 308 -14.65 -10.66 18.04
CA ARG A 308 -16.06 -10.52 18.38
C ARG A 308 -16.89 -10.52 17.09
N TRP A 309 -17.99 -11.26 17.08
CA TRP A 309 -18.93 -11.20 15.95
C TRP A 309 -19.44 -9.77 15.70
N ASN A 310 -19.47 -9.39 14.43
CA ASN A 310 -20.01 -8.11 13.96
C ASN A 310 -21.51 -8.31 13.78
N THR A 311 -22.28 -7.86 14.77
CA THR A 311 -23.73 -8.05 14.77
C THR A 311 -24.48 -7.02 13.92
N ASP A 312 -23.80 -6.02 13.37
CA ASP A 312 -24.38 -5.17 12.32
C ASP A 312 -24.48 -5.96 11.01
N ASN A 313 -23.43 -6.70 10.67
CA ASN A 313 -23.43 -7.57 9.50
C ASN A 313 -24.22 -8.88 9.75
N PHE A 314 -24.08 -9.44 10.96
CA PHE A 314 -24.68 -10.73 11.32
C PHE A 314 -25.46 -10.63 12.63
N PRO A 315 -26.66 -10.02 12.60
CA PRO A 315 -27.53 -9.82 13.79
C PRO A 315 -27.76 -11.07 14.62
N ASP A 316 -27.99 -12.20 13.94
CA ASP A 316 -28.29 -13.44 14.66
C ASP A 316 -27.09 -14.09 15.33
N ALA A 317 -25.87 -13.58 15.11
CA ALA A 317 -24.69 -13.98 15.91
C ALA A 317 -24.57 -13.24 17.26
N ALA A 318 -25.55 -12.41 17.60
CA ALA A 318 -25.72 -11.94 18.98
C ALA A 318 -25.84 -13.11 19.94
N THR A 319 -26.43 -14.21 19.48
CA THR A 319 -26.55 -15.45 20.25
C THR A 319 -26.00 -16.60 19.39
N THR A 320 -26.33 -17.84 19.77
CA THR A 320 -26.03 -19.02 18.96
C THR A 320 -27.02 -19.27 17.80
N GLN A 321 -27.96 -18.35 17.57
CA GLN A 321 -29.01 -18.55 16.58
C GLN A 321 -28.46 -18.70 15.14
N LEU A 322 -27.51 -17.85 14.76
CA LEU A 322 -26.95 -17.93 13.40
C LEU A 322 -26.28 -19.29 13.19
N LYS A 323 -25.44 -19.68 14.15
CA LYS A 323 -24.81 -21.00 14.11
C LYS A 323 -25.81 -22.11 13.91
N GLU A 324 -26.86 -22.12 14.72
CA GLU A 324 -27.85 -23.18 14.74
C GLU A 324 -28.71 -23.20 13.47
N ASP A 325 -29.13 -22.04 12.99
CA ASP A 325 -29.87 -21.97 11.75
C ASP A 325 -29.04 -22.43 10.53
N MET A 326 -27.76 -22.02 10.48
CA MET A 326 -26.89 -22.47 9.40
C MET A 326 -26.61 -23.99 9.48
N GLU A 327 -26.31 -24.49 10.67
CA GLU A 327 -26.19 -25.93 10.88
C GLU A 327 -27.40 -26.70 10.38
N ALA A 328 -28.61 -26.19 10.62
CA ALA A 328 -29.84 -26.81 10.12
C ALA A 328 -29.94 -26.83 8.59
N GLU A 329 -29.28 -25.88 7.92
CA GLU A 329 -29.19 -25.86 6.47
C GLU A 329 -27.94 -26.61 5.95
N GLY A 330 -27.21 -27.28 6.84
CA GLY A 330 -26.00 -28.00 6.48
C GLY A 330 -24.77 -27.14 6.19
N ILE A 331 -24.71 -25.96 6.81
CA ILE A 331 -23.61 -25.00 6.61
C ILE A 331 -22.82 -24.80 7.91
N ARG A 332 -21.53 -25.08 7.84
CA ARG A 332 -20.57 -24.69 8.87
C ARG A 332 -19.94 -23.38 8.48
N LEU A 333 -19.51 -22.61 9.48
CA LEU A 333 -18.94 -21.30 9.24
C LEU A 333 -17.46 -21.23 9.64
N ILE A 334 -16.69 -20.63 8.74
CA ILE A 334 -15.27 -20.41 8.91
C ILE A 334 -15.10 -18.90 8.99
N GLY A 335 -14.15 -18.47 9.81
CA GLY A 335 -13.89 -17.05 10.04
C GLY A 335 -12.42 -16.70 9.84
N ILE A 336 -12.16 -15.59 9.15
CA ILE A 336 -10.79 -15.15 8.97
C ILE A 336 -10.20 -14.62 10.29
N ARG A 337 -8.93 -14.92 10.51
CA ARG A 337 -8.16 -14.48 11.66
C ARG A 337 -6.85 -13.85 11.16
N LYS A 338 -6.47 -12.74 11.74
CA LYS A 338 -5.20 -12.08 11.46
C LYS A 338 -4.40 -12.15 12.77
N PRO A 339 -3.10 -12.52 12.71
CA PRO A 339 -2.29 -12.68 13.93
C PRO A 339 -1.80 -11.32 14.47
N ARG A 340 -2.75 -10.46 14.78
CA ARG A 340 -2.49 -9.11 15.24
C ARG A 340 -3.68 -8.58 15.98
N ILE A 341 -3.43 -7.54 16.77
CA ILE A 341 -4.49 -6.81 17.42
C ILE A 341 -4.45 -5.33 17.06
N ILE A 342 -5.63 -4.73 17.15
CA ILE A 342 -5.82 -3.32 16.94
C ILE A 342 -5.36 -2.65 18.24
N THR A 343 -4.38 -1.74 18.13
CA THR A 343 -3.86 -1.05 19.32
C THR A 343 -4.45 0.34 19.51
N ARG A 344 -5.17 0.84 18.49
CA ARG A 344 -5.89 2.11 18.52
C ARG A 344 -7.22 1.92 17.84
N ASP A 345 -8.32 2.28 18.49
CA ASP A 345 -9.64 2.11 17.85
C ASP A 345 -9.89 3.25 16.83
N PHE A 346 -11.05 3.24 16.18
CA PHE A 346 -11.40 4.29 15.20
C PHE A 346 -11.48 5.71 15.77
N ALA A 347 -11.57 5.84 17.09
CA ALA A 347 -11.45 7.11 17.81
C ALA A 347 -10.05 7.41 18.38
N ASN A 348 -9.02 6.69 17.93
CA ASN A 348 -7.63 6.88 18.38
C ASN A 348 -7.34 6.62 19.87
N GLN A 349 -8.17 5.78 20.51
CA GLN A 349 -7.98 5.41 21.92
C GLN A 349 -7.24 4.10 22.00
N ARG A 350 -6.29 3.99 22.93
CA ARG A 350 -5.64 2.71 23.23
C ARG A 350 -6.71 1.68 23.60
N THR A 351 -6.60 0.48 23.06
CA THR A 351 -7.61 -0.56 23.31
C THR A 351 -7.25 -1.43 24.49
N GLN A 352 -8.26 -2.13 25.02
CA GLN A 352 -8.05 -3.08 26.11
C GLN A 352 -7.10 -4.19 25.66
N GLN A 353 -7.28 -4.66 24.43
CA GLN A 353 -6.40 -5.71 23.92
C GLN A 353 -4.93 -5.27 23.83
N TYR A 354 -4.70 -4.01 23.48
CA TYR A 354 -3.36 -3.40 23.53
C TYR A 354 -2.75 -3.44 24.95
N TYR A 355 -3.51 -2.94 25.92
CA TYR A 355 -3.05 -2.93 27.31
C TYR A 355 -2.68 -4.33 27.78
N ASP A 356 -3.52 -5.31 27.45
CA ASP A 356 -3.30 -6.69 27.87
C ASP A 356 -2.08 -7.32 27.22
N ALA A 357 -1.98 -7.15 25.90
CA ALA A 357 -0.84 -7.64 25.14
C ALA A 357 0.45 -6.96 25.58
N ASP A 358 0.41 -5.63 25.70
CA ASP A 358 1.61 -4.86 26.01
C ASP A 358 2.13 -5.23 27.42
N SER A 359 1.23 -5.26 28.39
CA SER A 359 1.61 -5.58 29.78
C SER A 359 2.19 -6.99 29.95
N ASN A 360 1.73 -7.96 29.14
CA ASN A 360 2.19 -9.36 29.24
C ASN A 360 3.31 -9.76 28.27
N GLY A 361 3.70 -8.87 27.36
CA GLY A 361 4.77 -9.17 26.42
C GLY A 361 4.35 -10.10 25.28
N TYR A 362 3.13 -9.94 24.76
CA TYR A 362 2.57 -10.84 23.75
C TYR A 362 2.78 -10.37 22.30
N PHE A 363 3.49 -9.27 22.07
CA PHE A 363 3.75 -8.84 20.69
C PHE A 363 4.89 -9.61 20.07
N TYR A 364 4.83 -9.81 18.74
CA TYR A 364 5.91 -10.52 18.06
C TYR A 364 7.23 -9.72 18.20
N PRO A 365 8.34 -10.40 18.54
CA PRO A 365 9.58 -9.64 18.77
C PRO A 365 10.10 -8.98 17.48
N GLY A 366 10.51 -7.71 17.56
CA GLY A 366 10.89 -6.96 16.36
C GLY A 366 9.74 -6.31 15.58
N HIS A 367 8.49 -6.66 15.88
CA HIS A 367 7.35 -6.10 15.18
C HIS A 367 6.79 -4.96 16.05
N ASN A 368 6.94 -3.73 15.57
CA ASN A 368 6.31 -2.58 16.18
C ASN A 368 4.95 -2.33 15.56
N GLU A 369 4.18 -1.45 16.22
CA GLU A 369 2.92 -0.93 15.69
C GLU A 369 3.07 -0.42 14.29
N TYR A 370 2.05 -0.63 13.47
CA TYR A 370 2.05 -0.08 12.11
C TYR A 370 0.63 0.19 11.65
N THR A 371 0.50 0.87 10.50
CA THR A 371 -0.79 1.23 9.90
C THR A 371 -1.31 0.19 8.93
N ASP A 372 -2.53 -0.24 9.16
CA ASP A 372 -3.23 -1.15 8.28
C ASP A 372 -4.38 -0.35 7.68
N TYR A 373 -4.88 -0.85 6.56
CA TYR A 373 -6.10 -0.37 5.95
C TYR A 373 -6.90 -1.62 5.61
N PHE A 374 -8.20 -1.62 5.87
CA PHE A 374 -9.02 -2.80 5.54
C PHE A 374 -10.39 -2.52 4.90
N ILE A 375 -10.74 -1.24 4.69
CA ILE A 375 -12.00 -0.84 4.08
C ILE A 375 -11.70 -0.22 2.71
N PRO A 376 -11.84 -1.01 1.62
CA PRO A 376 -11.53 -0.43 0.31
C PRO A 376 -12.64 0.46 -0.23
N VAL A 377 -12.26 1.41 -1.08
CA VAL A 377 -13.19 2.17 -1.91
C VAL A 377 -12.70 2.13 -3.34
N THR A 378 -13.60 2.35 -4.30
CA THR A 378 -13.24 2.38 -5.71
C THR A 378 -13.32 3.81 -6.20
N VAL A 379 -12.26 4.24 -6.87
CA VAL A 379 -12.11 5.63 -7.26
C VAL A 379 -11.56 5.68 -8.66
N ARG A 380 -11.69 6.84 -9.28
CA ARG A 380 -11.14 7.06 -10.62
C ARG A 380 -10.83 8.53 -10.81
N SER A 381 -9.69 8.82 -11.43
CA SER A 381 -9.17 10.17 -11.63
C SER A 381 -10.02 11.00 -12.57
N PHE A 382 -10.20 12.29 -12.24
CA PHE A 382 -10.90 13.20 -13.12
C PHE A 382 -9.90 13.89 -14.04
N ASP A 383 -10.39 14.38 -15.17
CA ASP A 383 -9.58 15.11 -16.15
C ASP A 383 -9.80 16.63 -16.03
N PRO A 384 -8.85 17.35 -15.39
CA PRO A 384 -8.99 18.81 -15.31
C PRO A 384 -8.68 19.55 -16.62
N TYR A 385 -8.17 18.85 -17.63
CA TYR A 385 -7.80 19.49 -18.90
C TYR A 385 -9.00 20.01 -19.70
N GLN A 386 -10.19 19.46 -19.46
CA GLN A 386 -11.38 19.83 -20.24
C GLN A 386 -12.13 20.96 -19.56
N GLN A 387 -12.54 21.98 -20.32
CA GLN A 387 -13.35 23.09 -19.78
C GLN A 387 -14.64 22.62 -19.11
N ALA A 388 -15.36 21.71 -19.76
CA ALA A 388 -16.63 21.19 -19.23
C ALA A 388 -16.40 20.39 -17.94
N SER A 389 -15.25 19.71 -17.86
CA SER A 389 -14.88 18.99 -16.64
C SER A 389 -14.59 19.95 -15.48
N ARG A 390 -13.84 21.02 -15.78
CA ARG A 390 -13.57 22.08 -14.80
C ARG A 390 -14.85 22.76 -14.30
N ASP A 391 -15.77 23.07 -15.21
CA ASP A 391 -17.07 23.65 -14.82
C ASP A 391 -17.83 22.77 -13.85
N TRP A 392 -17.89 21.48 -14.15
CA TRP A 392 -18.57 20.48 -13.33
C TRP A 392 -17.93 20.37 -11.93
N TRP A 393 -16.60 20.32 -11.92
CA TRP A 393 -15.84 20.22 -10.69
C TRP A 393 -16.11 21.41 -9.77
N TRP A 394 -16.06 22.61 -10.35
CA TRP A 394 -16.39 23.81 -9.62
C TRP A 394 -17.84 23.81 -9.12
N GLN A 395 -18.80 23.48 -9.99
CA GLN A 395 -20.23 23.55 -9.61
C GLN A 395 -20.51 22.73 -8.38
N HIS A 396 -19.92 21.53 -8.32
CA HIS A 396 -20.10 20.66 -7.17
C HIS A 396 -19.31 21.07 -5.92
N SER A 397 -18.39 22.05 -6.07
CA SER A 397 -17.62 22.60 -4.93
C SER A 397 -18.28 23.81 -4.24
N ILE A 398 -19.30 24.41 -4.88
CA ILE A 398 -19.92 25.65 -4.40
C ILE A 398 -20.47 25.52 -3.00
N ASP A 399 -21.15 24.41 -2.70
CA ASP A 399 -21.76 24.24 -1.40
C ASP A 399 -20.71 24.23 -0.27
N ALA A 400 -19.59 23.56 -0.50
CA ALA A 400 -18.53 23.51 0.50
C ALA A 400 -17.90 24.88 0.70
N PHE A 401 -17.72 25.63 -0.40
CA PHE A 401 -17.22 27.01 -0.37
C PHE A 401 -18.14 27.93 0.45
N ASP A 402 -19.45 27.89 0.16
CA ASP A 402 -20.45 28.65 0.93
C ASP A 402 -20.39 28.34 2.43
N LYS A 403 -20.12 27.08 2.77
CA LYS A 403 -20.11 26.62 4.17
C LYS A 403 -18.72 26.59 4.85
N GLY A 404 -17.73 27.18 4.18
CA GLY A 404 -16.49 27.59 4.85
C GLY A 404 -15.15 27.19 4.25
N ILE A 405 -15.14 26.30 3.26
CA ILE A 405 -13.89 25.97 2.58
C ILE A 405 -13.54 27.10 1.61
N VAL A 406 -12.64 27.98 2.05
CA VAL A 406 -12.22 29.14 1.25
C VAL A 406 -10.79 29.04 0.71
N GLY A 407 -10.12 27.93 1.04
CA GLY A 407 -8.83 27.60 0.44
C GLY A 407 -8.82 26.14 0.02
N TRP A 408 -8.20 25.87 -1.12
CA TRP A 408 -8.25 24.57 -1.75
C TRP A 408 -6.87 23.87 -1.68
N TRP A 409 -6.80 22.82 -0.86
CA TRP A 409 -5.57 22.08 -0.68
C TRP A 409 -5.63 20.91 -1.66
N ASN A 410 -5.11 21.15 -2.87
CA ASN A 410 -5.27 20.22 -3.98
C ASN A 410 -4.13 19.20 -3.97
N ASP A 411 -4.43 18.03 -3.42
CA ASP A 411 -3.43 16.98 -3.25
C ASP A 411 -3.45 16.01 -4.43
N GLU A 412 -2.32 15.33 -4.66
CA GLU A 412 -2.26 14.17 -5.55
C GLU A 412 -2.72 14.49 -6.98
N THR A 413 -2.33 15.67 -7.46
CA THR A 413 -2.50 16.07 -8.86
C THR A 413 -1.27 15.67 -9.67
N ASP A 414 -0.53 14.67 -9.19
CA ASP A 414 0.77 14.30 -9.73
C ASP A 414 0.84 12.85 -10.16
N LYS A 415 0.55 11.93 -9.23
CA LYS A 415 0.74 10.51 -9.47
C LYS A 415 -0.11 9.69 -8.52
N VAL A 416 -0.74 8.66 -9.07
CA VAL A 416 -1.48 7.67 -8.31
C VAL A 416 -0.52 6.56 -7.89
N ASP A 417 -0.66 6.08 -6.66
CA ASP A 417 0.14 4.96 -6.16
C ASP A 417 -0.68 4.01 -5.28
N SER A 418 -1.31 3.02 -5.90
CA SER A 418 -2.21 2.10 -5.22
C SER A 418 -2.29 0.73 -5.92
N GLY A 419 -1.48 -0.22 -5.44
CA GLY A 419 -1.47 -1.59 -5.96
C GLY A 419 -0.96 -1.65 -7.39
N SER A 420 -1.73 -2.26 -8.29
CA SER A 420 -1.43 -2.19 -9.73
C SER A 420 -1.65 -0.79 -10.33
N ALA A 421 -2.37 0.10 -9.62
CA ALA A 421 -2.63 1.47 -10.11
C ALA A 421 -1.43 2.39 -9.85
N GLN A 422 -0.71 2.72 -10.92
CA GLN A 422 0.49 3.56 -10.86
C GLN A 422 0.45 4.70 -11.88
N TYR A 423 -0.69 5.35 -12.00
CA TYR A 423 -0.95 6.31 -13.07
C TYR A 423 -0.32 7.68 -12.85
N TRP A 424 0.22 8.28 -13.90
CA TRP A 424 0.70 9.68 -13.89
C TRP A 424 -0.35 10.65 -14.39
N PHE A 425 -0.45 11.80 -13.71
CA PHE A 425 -1.16 12.97 -14.23
C PHE A 425 -0.19 13.74 -15.11
N GLY A 426 -0.69 14.42 -16.13
CA GLY A 426 0.16 15.18 -17.04
C GLY A 426 0.70 16.47 -16.40
N ASN A 427 1.67 17.09 -17.04
CA ASN A 427 2.34 18.29 -16.53
C ASN A 427 1.45 19.50 -16.26
N PHE A 428 0.30 19.60 -16.95
CA PHE A 428 -0.62 20.72 -16.75
C PHE A 428 -1.73 20.42 -15.77
N SER A 429 -1.68 19.27 -15.10
CA SER A 429 -2.75 18.85 -14.19
C SER A 429 -2.90 19.77 -12.99
N THR A 430 -1.78 20.24 -12.43
CA THR A 430 -1.84 21.18 -11.30
C THR A 430 -2.39 22.53 -11.74
N GLY A 431 -1.91 23.05 -12.86
CA GLY A 431 -2.44 24.28 -13.42
C GLY A 431 -3.92 24.23 -13.74
N PHE A 432 -4.35 23.15 -14.37
CA PHE A 432 -5.76 23.02 -14.77
C PHE A 432 -6.67 22.77 -13.57
N THR A 433 -6.22 21.97 -12.61
CA THR A 433 -6.99 21.78 -11.36
C THR A 433 -7.15 23.10 -10.64
N SER A 434 -6.06 23.87 -10.60
CA SER A 434 -6.06 25.19 -10.00
C SER A 434 -7.00 26.14 -10.79
N GLN A 435 -6.93 26.07 -12.13
CA GLN A 435 -7.80 26.89 -13.00
C GLN A 435 -9.28 26.61 -12.72
N ALA A 436 -9.63 25.36 -12.49
CA ALA A 436 -11.03 25.03 -12.20
C ALA A 436 -11.57 25.81 -11.00
N MET A 437 -10.79 25.86 -9.93
CA MET A 437 -11.21 26.56 -8.71
C MET A 437 -11.11 28.08 -8.87
N TYR A 438 -10.09 28.52 -9.62
CA TYR A 438 -9.81 29.94 -9.82
C TYR A 438 -10.90 30.59 -10.67
N ASP A 439 -11.15 30.04 -11.85
CA ASP A 439 -12.18 30.59 -12.76
C ASP A 439 -13.53 30.50 -12.09
N GLY A 440 -13.83 29.34 -11.51
CA GLY A 440 -15.08 29.13 -10.82
C GLY A 440 -15.36 30.10 -9.70
N GLN A 441 -14.43 30.18 -8.76
CA GLN A 441 -14.60 31.07 -7.59
C GLN A 441 -14.70 32.55 -7.99
N ARG A 442 -13.88 32.98 -8.94
CA ARG A 442 -13.90 34.36 -9.41
C ARG A 442 -15.25 34.70 -10.07
N ASP A 443 -15.79 33.80 -10.88
CA ASP A 443 -17.10 33.99 -11.50
C ASP A 443 -18.21 34.00 -10.44
N TYR A 444 -18.23 32.99 -9.59
CA TYR A 444 -19.24 32.85 -8.54
C TYR A 444 -19.31 34.04 -7.59
N THR A 445 -18.17 34.59 -7.19
CA THR A 445 -18.13 35.70 -6.24
C THR A 445 -18.01 37.08 -6.90
N ASN A 446 -18.07 37.14 -8.24
CA ASN A 446 -17.92 38.40 -8.98
C ASN A 446 -16.60 39.06 -8.60
N ASP A 447 -15.52 38.28 -8.63
CA ASP A 447 -14.16 38.75 -8.29
C ASP A 447 -14.02 39.31 -6.86
N GLY A 448 -14.90 38.90 -5.97
CA GLY A 448 -15.01 39.46 -4.64
C GLY A 448 -14.27 38.72 -3.53
N VAL A 449 -13.87 37.47 -3.78
CA VAL A 449 -13.11 36.70 -2.80
C VAL A 449 -11.87 36.09 -3.47
N ARG A 450 -10.70 36.52 -3.01
CA ARG A 450 -9.45 36.01 -3.56
C ARG A 450 -9.30 34.51 -3.35
N VAL A 451 -8.72 33.88 -4.35
CA VAL A 451 -8.49 32.46 -4.40
C VAL A 451 -7.17 32.15 -3.67
N TRP A 452 -7.21 31.10 -2.85
CA TRP A 452 -6.00 30.52 -2.25
C TRP A 452 -6.01 29.00 -2.50
N GLN A 453 -4.90 28.49 -3.00
CA GLN A 453 -4.74 27.04 -3.21
C GLN A 453 -3.30 26.62 -2.89
N THR A 454 -3.10 25.33 -2.67
CA THR A 454 -1.76 24.75 -2.69
C THR A 454 -1.81 23.43 -3.44
N ALA A 455 -0.69 23.10 -4.09
CA ALA A 455 -0.54 21.82 -4.77
C ALA A 455 0.85 21.30 -4.44
N ARG A 456 1.12 20.01 -4.74
CA ARG A 456 2.46 19.47 -4.50
C ARG A 456 3.25 19.20 -5.77
N SER A 457 2.92 19.93 -6.84
CA SER A 457 3.77 20.01 -8.01
C SER A 457 3.61 21.38 -8.62
N TYR A 458 4.58 21.74 -9.46
CA TYR A 458 4.55 23.00 -10.19
C TYR A 458 5.14 22.80 -11.58
N TYR A 459 4.51 23.44 -12.57
CA TYR A 459 5.02 23.49 -13.94
C TYR A 459 4.70 24.90 -14.46
N PRO A 460 5.54 25.48 -15.36
CA PRO A 460 5.28 26.88 -15.71
C PRO A 460 3.87 27.14 -16.18
N GLY A 461 3.33 28.28 -15.75
CA GLY A 461 1.97 28.67 -16.08
C GLY A 461 0.97 28.42 -14.97
N ALA A 462 1.21 27.41 -14.12
CA ALA A 462 0.28 27.10 -13.02
C ALA A 462 0.02 28.28 -12.08
N GLN A 463 1.01 29.16 -11.94
CA GLN A 463 0.92 30.35 -11.07
C GLN A 463 -0.19 31.36 -11.43
N ARG A 464 -0.64 31.35 -12.69
CA ARG A 464 -1.74 32.21 -13.13
C ARG A 464 -3.06 31.94 -12.41
N TYR A 465 -3.20 30.75 -11.81
CA TYR A 465 -4.46 30.34 -11.19
C TYR A 465 -4.43 30.29 -9.66
N ALA A 466 -3.51 31.05 -9.06
CA ALA A 466 -3.44 31.30 -7.63
C ALA A 466 -3.22 30.04 -6.82
N THR A 467 -2.05 29.46 -6.99
CA THR A 467 -1.65 28.31 -6.21
C THR A 467 -0.23 28.44 -5.71
N THR A 468 -0.05 28.01 -4.47
CA THR A 468 1.24 27.82 -3.88
C THR A 468 1.69 26.38 -4.16
N LEU A 469 2.89 26.07 -3.67
CA LEU A 469 3.49 24.76 -3.77
C LEU A 469 3.94 24.32 -2.37
N TRP A 470 3.64 23.10 -1.96
CA TRP A 470 4.24 22.53 -0.73
C TRP A 470 5.09 21.30 -1.10
N SER A 471 6.07 20.99 -0.25
CA SER A 471 7.13 20.05 -0.61
C SER A 471 6.80 18.56 -0.42
N GLY A 472 5.54 18.25 -0.12
CA GLY A 472 5.06 16.89 -0.07
C GLY A 472 5.36 16.19 1.24
N ASP A 473 5.37 14.86 1.21
CA ASP A 473 5.40 14.02 2.43
C ASP A 473 6.84 13.85 2.97
N ILE A 474 7.44 14.95 3.35
CA ILE A 474 8.83 14.96 3.83
C ILE A 474 8.98 14.27 5.18
N GLY A 475 10.21 13.91 5.51
CA GLY A 475 10.48 13.13 6.72
C GLY A 475 10.61 13.95 7.98
N THR A 476 10.12 13.40 9.09
CA THR A 476 10.32 13.98 10.42
C THR A 476 11.72 13.57 10.88
N GLN A 477 12.71 14.34 10.44
CA GLN A 477 14.10 14.12 10.81
C GLN A 477 14.91 15.37 10.44
N PHE A 478 16.11 15.51 11.00
CA PHE A 478 16.96 16.67 10.71
C PHE A 478 17.47 16.68 9.26
N TYR A 479 17.81 15.51 8.72
CA TYR A 479 18.34 15.40 7.35
C TYR A 479 18.10 13.99 6.82
N LYS A 480 18.31 13.81 5.52
CA LYS A 480 18.00 12.53 4.87
C LYS A 480 18.98 11.51 5.39
N GLY A 481 18.48 10.41 5.96
CA GLY A 481 19.33 9.38 6.52
C GLY A 481 19.64 9.48 8.00
N GLU A 482 19.22 10.55 8.67
CA GLU A 482 19.38 10.65 10.11
C GLU A 482 18.68 9.48 10.79
N LEU A 483 17.38 9.33 10.49
CA LEU A 483 16.55 8.25 11.01
C LEU A 483 16.17 7.22 9.95
N PHE A 484 16.04 7.66 8.70
CA PHE A 484 15.73 6.76 7.60
C PHE A 484 16.07 7.47 6.30
N ASN A 485 16.32 6.68 5.25
CA ASN A 485 16.95 7.15 4.03
C ASN A 485 15.99 7.50 2.92
N TRP A 486 14.71 7.17 3.09
CA TRP A 486 13.75 7.21 1.98
C TRP A 486 12.98 8.53 1.82
N ALA A 487 13.21 9.51 2.71
CA ALA A 487 12.67 10.87 2.51
C ALA A 487 13.65 11.90 3.08
N PRO A 488 13.76 13.07 2.44
CA PRO A 488 14.57 14.13 3.03
C PRO A 488 13.90 14.70 4.27
N GLY A 489 14.70 15.38 5.08
CA GLY A 489 14.26 15.98 6.31
C GLY A 489 14.28 17.49 6.24
N MET A 490 14.46 18.10 7.41
CA MET A 490 14.42 19.56 7.53
C MET A 490 15.56 20.27 6.78
N GLN A 491 16.78 19.79 6.94
CA GLN A 491 17.97 20.48 6.36
C GLN A 491 17.96 20.58 4.84
N GLU A 492 17.26 19.67 4.17
CA GLU A 492 17.15 19.69 2.71
C GLU A 492 16.16 20.75 2.18
N GLN A 493 15.23 21.15 3.03
CA GLN A 493 14.13 21.98 2.58
C GLN A 493 14.49 23.36 2.01
N PRO A 494 15.52 24.05 2.55
CA PRO A 494 15.91 25.33 1.93
C PRO A 494 16.30 25.16 0.46
N ARG A 495 16.90 24.02 0.11
CA ARG A 495 17.34 23.73 -1.26
C ARG A 495 16.16 23.50 -2.21
N ILE A 496 15.09 22.89 -1.69
CA ILE A 496 13.85 22.67 -2.43
C ILE A 496 13.13 24.01 -2.64
N MET A 497 13.00 24.80 -1.55
CA MET A 497 12.38 26.10 -1.62
C MET A 497 13.06 27.01 -2.65
N LEU A 498 14.38 27.08 -2.57
CA LEU A 498 15.12 28.00 -3.44
C LEU A 498 15.16 27.50 -4.89
N SER A 499 15.20 26.18 -5.09
CA SER A 499 15.01 25.60 -6.44
C SER A 499 13.64 25.94 -7.03
N SER A 500 12.60 25.95 -6.19
CA SER A 500 11.28 26.39 -6.66
C SER A 500 11.28 27.86 -7.05
N ALA A 501 11.95 28.70 -6.26
CA ALA A 501 12.09 30.13 -6.57
C ALA A 501 12.80 30.34 -7.91
N ASN A 502 13.81 29.52 -8.17
CA ASN A 502 14.55 29.58 -9.44
C ASN A 502 13.72 29.13 -10.64
N LEU A 503 12.60 28.45 -10.39
CA LEU A 503 11.61 28.09 -11.42
C LEU A 503 10.41 29.05 -11.52
N GLY A 504 10.44 30.15 -10.77
CA GLY A 504 9.36 31.16 -10.80
C GLY A 504 8.16 30.84 -9.94
N GLN A 505 8.33 29.92 -8.98
CA GLN A 505 7.32 29.59 -8.00
C GLN A 505 7.87 29.90 -6.59
N PRO A 506 7.91 31.19 -6.21
CA PRO A 506 8.39 31.52 -4.89
C PRO A 506 7.35 31.36 -3.78
N LYS A 507 6.10 31.04 -4.13
CA LYS A 507 5.06 30.85 -3.13
C LYS A 507 5.08 29.41 -2.64
N TRP A 508 5.99 29.14 -1.71
CA TRP A 508 6.38 27.80 -1.32
C TRP A 508 6.20 27.55 0.18
N GLY A 509 5.81 26.33 0.51
CA GLY A 509 5.81 25.86 1.89
C GLY A 509 6.20 24.41 2.07
N MET A 510 6.25 23.99 3.32
CA MET A 510 6.64 22.65 3.69
C MET A 510 5.84 22.23 4.90
N ASP A 511 5.77 20.92 5.15
CA ASP A 511 5.15 20.38 6.34
C ASP A 511 6.12 20.59 7.50
N THR A 512 5.99 21.72 8.20
CA THR A 512 6.83 22.00 9.36
C THR A 512 6.51 20.98 10.44
N GLY A 513 7.56 20.31 10.91
CA GLY A 513 7.45 19.14 11.76
C GLY A 513 7.64 17.81 11.06
N GLY A 514 7.48 17.79 9.74
CA GLY A 514 7.55 16.56 8.97
C GLY A 514 6.26 15.75 8.96
N PHE A 515 6.11 14.98 7.89
CA PHE A 515 4.97 14.11 7.69
C PHE A 515 5.30 12.65 7.98
N ASN A 516 6.41 12.14 7.47
CA ASN A 516 6.69 10.70 7.53
C ASN A 516 7.69 10.38 8.64
N SER A 517 7.44 9.25 9.29
CA SER A 517 8.36 8.64 10.25
C SER A 517 8.41 7.12 10.00
N LEU A 518 9.44 6.48 10.53
CA LEU A 518 9.47 5.02 10.64
C LEU A 518 8.21 4.55 11.37
N GLY A 519 7.48 3.63 10.74
CA GLY A 519 6.23 3.10 11.27
C GLY A 519 4.96 3.83 10.85
N GLY A 520 5.06 4.73 9.88
CA GLY A 520 3.88 5.47 9.40
C GLY A 520 3.37 6.44 10.46
N ALA A 521 2.06 6.62 10.48
CA ALA A 521 1.41 7.60 11.36
C ALA A 521 1.66 7.31 12.84
N SER A 522 1.86 6.03 13.18
CA SER A 522 2.16 5.66 14.57
C SER A 522 3.63 5.93 14.98
N GLY A 523 4.51 6.21 14.01
CA GLY A 523 5.89 6.60 14.26
C GLY A 523 6.02 7.97 14.92
N PRO A 524 7.24 8.32 15.37
CA PRO A 524 7.41 9.46 16.27
C PRO A 524 7.18 10.82 15.64
N ASN A 525 6.68 11.72 16.47
CA ASN A 525 6.64 13.15 16.18
C ASN A 525 8.07 13.70 16.21
N PRO A 526 8.26 14.95 15.74
CA PRO A 526 9.57 15.55 15.88
C PRO A 526 9.95 15.72 17.35
N SER A 527 11.23 15.61 17.67
CA SER A 527 11.71 16.01 19.00
C SER A 527 11.38 17.50 19.23
N PRO A 528 11.30 17.92 20.50
CA PRO A 528 11.09 19.36 20.73
C PRO A 528 12.12 20.25 20.01
N GLU A 529 13.36 19.79 19.96
CA GLU A 529 14.41 20.51 19.25
C GLU A 529 14.13 20.64 17.75
N LEU A 530 13.81 19.52 17.11
CA LEU A 530 13.51 19.50 15.69
C LEU A 530 12.31 20.38 15.43
N TYR A 531 11.26 20.24 16.25
CA TYR A 531 10.06 21.05 16.11
C TYR A 531 10.34 22.54 16.23
N THR A 532 11.10 22.93 17.25
CA THR A 532 11.39 24.35 17.50
C THR A 532 12.18 24.98 16.35
N ARG A 533 13.27 24.31 15.99
CA ARG A 533 14.09 24.78 14.86
C ARG A 533 13.29 24.85 13.55
N TRP A 534 12.41 23.87 13.33
CA TRP A 534 11.60 23.86 12.11
C TRP A 534 10.61 25.04 12.08
N MET A 535 10.03 25.38 13.23
CA MET A 535 9.12 26.53 13.34
C MET A 535 9.84 27.87 13.10
N GLN A 536 11.06 27.99 13.62
CA GLN A 536 11.86 29.20 13.41
C GLN A 536 12.20 29.37 11.93
N PHE A 537 12.51 28.24 11.30
CA PHE A 537 12.76 28.17 9.86
C PHE A 537 11.48 28.54 9.08
N GLY A 538 10.38 27.82 9.35
CA GLY A 538 9.13 28.06 8.64
C GLY A 538 8.59 29.48 8.72
N ALA A 539 8.81 30.15 9.85
CA ALA A 539 8.38 31.55 10.04
C ALA A 539 9.03 32.51 9.05
N PHE A 540 10.15 32.11 8.44
CA PHE A 540 10.82 32.89 7.42
C PHE A 540 10.75 32.26 6.03
N THR A 541 9.63 31.57 5.78
CA THR A 541 9.32 31.02 4.46
C THR A 541 7.94 31.55 4.03
N PRO A 542 7.62 31.44 2.74
CA PRO A 542 6.40 32.09 2.27
C PRO A 542 5.06 31.54 2.81
N VAL A 543 4.89 30.21 2.78
CA VAL A 543 3.64 29.58 3.22
C VAL A 543 3.94 28.86 4.52
N PHE A 544 3.58 29.50 5.63
CA PHE A 544 4.00 29.05 6.96
C PHE A 544 2.94 28.15 7.56
N ARG A 545 3.26 26.86 7.62
CA ARG A 545 2.27 25.84 7.99
C ARG A 545 2.89 24.62 8.63
N VAL A 546 2.26 24.12 9.68
CA VAL A 546 2.57 22.80 10.21
C VAL A 546 1.65 21.77 9.59
N HIS A 547 2.14 20.53 9.52
CA HIS A 547 1.32 19.38 9.10
C HIS A 547 1.97 18.13 9.68
N GLY A 548 1.19 17.07 9.81
CA GLY A 548 1.69 15.78 10.24
C GLY A 548 0.80 14.69 9.69
N ASN A 549 1.21 13.45 9.93
CA ASN A 549 0.50 12.27 9.48
C ASN A 549 -0.79 12.07 10.30
N TYR A 550 -1.53 11.03 9.95
CA TYR A 550 -2.85 10.75 10.52
C TYR A 550 -2.83 10.71 12.03
N ASN A 551 -3.68 11.51 12.66
CA ASN A 551 -3.79 11.60 14.12
C ASN A 551 -2.52 12.07 14.84
N GLN A 552 -1.61 12.73 14.09
CA GLN A 552 -0.47 13.39 14.72
C GLN A 552 -0.87 14.82 15.01
N GLN A 553 -0.28 15.39 16.06
CA GLN A 553 -0.54 16.78 16.47
C GLN A 553 0.72 17.64 16.34
N ARG A 554 0.50 18.88 15.92
CA ARG A 554 1.59 19.82 15.65
C ARG A 554 1.42 21.17 16.36
N GLN A 555 0.54 21.23 17.37
CA GLN A 555 0.40 22.45 18.19
C GLN A 555 1.64 22.66 19.07
N PRO A 556 2.16 23.90 19.10
CA PRO A 556 3.48 24.14 19.75
C PRO A 556 3.56 23.82 21.24
N TRP A 557 2.47 23.99 21.96
CA TRP A 557 2.45 23.72 23.41
C TRP A 557 2.66 22.25 23.80
N LEU A 558 2.40 21.33 22.87
CA LEU A 558 2.61 19.90 23.12
C LEU A 558 4.09 19.50 23.20
N TYR A 559 4.99 20.36 22.72
CA TYR A 559 6.40 20.04 22.65
C TYR A 559 7.25 20.64 23.80
N GLY A 560 6.60 21.12 24.85
CA GLY A 560 7.28 21.68 26.01
C GLY A 560 7.43 23.18 25.92
N ALA A 561 7.86 23.80 27.02
CA ALA A 561 7.81 25.26 27.15
C ALA A 561 8.79 25.98 26.22
N THR A 562 9.94 25.37 25.92
CA THR A 562 10.85 26.01 24.98
C THR A 562 10.23 26.07 23.59
N ALA A 563 9.76 24.93 23.08
CA ALA A 563 9.09 24.92 21.77
C ALA A 563 7.92 25.89 21.72
N GLU A 564 7.13 25.89 22.78
CA GLU A 564 5.97 26.78 22.83
C GLU A 564 6.41 28.24 22.77
N GLU A 565 7.31 28.63 23.67
CA GLU A 565 7.72 30.05 23.78
C GLU A 565 8.57 30.52 22.60
N ALA A 566 9.47 29.66 22.14
CA ALA A 566 10.30 30.02 20.96
C ALA A 566 9.48 30.11 19.67
N SER A 567 8.52 29.20 19.52
CA SER A 567 7.60 29.25 18.38
C SER A 567 6.73 30.52 18.43
N LYS A 568 6.17 30.80 19.60
CA LYS A 568 5.40 32.03 19.82
C LYS A 568 6.21 33.26 19.48
N ALA A 569 7.45 33.31 19.97
CA ALA A 569 8.32 34.47 19.76
C ALA A 569 8.59 34.71 18.29
N VAL A 570 8.97 33.66 17.54
CA VAL A 570 9.24 33.86 16.13
C VAL A 570 7.97 34.20 15.33
N MET A 571 6.83 33.67 15.77
CA MET A 571 5.55 34.01 15.14
C MET A 571 5.19 35.48 15.34
N HIS A 572 5.51 36.02 16.50
CA HIS A 572 5.37 37.46 16.74
C HIS A 572 6.24 38.32 15.82
N THR A 573 7.47 37.87 15.55
CA THR A 573 8.32 38.57 14.60
C THR A 573 7.65 38.56 13.22
N ARG A 574 7.20 37.40 12.77
CA ARG A 574 6.57 37.31 11.45
C ARG A 574 5.35 38.21 11.33
N TYR A 575 4.48 38.17 12.31
CA TYR A 575 3.26 38.99 12.26
C TYR A 575 3.55 40.49 12.40
N SER A 576 4.54 40.88 13.19
CA SER A 576 4.99 42.30 13.20
C SER A 576 5.41 42.76 11.81
N LEU A 577 5.93 41.85 11.00
CA LEU A 577 6.36 42.15 9.63
C LEU A 577 5.27 42.04 8.55
N LEU A 578 4.00 41.91 8.92
CA LEU A 578 2.91 41.87 7.91
C LEU A 578 2.95 42.96 6.84
N PRO A 579 3.15 44.24 7.23
CA PRO A 579 3.21 45.28 6.18
C PRO A 579 4.42 45.14 5.24
N TYR A 580 5.55 44.70 5.78
CA TYR A 580 6.74 44.40 4.97
C TYR A 580 6.47 43.27 3.98
N MET A 581 5.96 42.15 4.51
CA MET A 581 5.69 40.94 3.72
C MET A 581 4.67 41.22 2.61
N TYR A 582 3.67 42.03 2.91
CA TYR A 582 2.52 42.15 2.00
C TYR A 582 2.88 42.86 0.70
N ALA A 583 3.84 43.78 0.79
CA ALA A 583 4.40 44.41 -0.40
C ALA A 583 4.96 43.39 -1.38
N TYR A 584 5.51 42.30 -0.87
CA TYR A 584 6.04 41.23 -1.74
C TYR A 584 4.91 40.39 -2.38
N GLU A 585 3.79 40.24 -1.70
CA GLU A 585 2.61 39.63 -2.30
C GLU A 585 2.12 40.46 -3.52
N ARG A 586 2.10 41.77 -3.35
CA ARG A 586 1.80 42.69 -4.44
C ARG A 586 2.83 42.55 -5.57
N GLU A 587 4.11 42.52 -5.22
CA GLU A 587 5.20 42.42 -6.20
C GLU A 587 5.07 41.17 -7.07
N ALA A 588 4.67 40.05 -6.47
CA ALA A 588 4.45 38.81 -7.23
C ALA A 588 3.35 38.97 -8.31
N SER A 589 2.36 39.85 -8.08
CA SER A 589 1.35 40.13 -9.11
C SER A 589 1.85 40.98 -10.27
N GLU A 590 3.01 41.62 -10.13
CA GLU A 590 3.57 42.50 -11.14
C GLU A 590 4.77 41.88 -11.84
N THR A 591 5.64 41.21 -11.10
CA THR A 591 6.84 40.58 -11.67
C THR A 591 6.99 39.08 -11.40
N GLY A 592 6.10 38.49 -10.60
CA GLY A 592 6.28 37.11 -10.16
C GLY A 592 7.29 36.90 -9.04
N LEU A 593 8.09 37.90 -8.70
CA LEU A 593 9.08 37.78 -7.61
C LEU A 593 8.34 37.85 -6.30
N GLY A 594 8.72 37.01 -5.34
CA GLY A 594 7.97 36.87 -4.10
C GLY A 594 8.73 37.25 -2.85
N LEU A 595 8.37 36.59 -1.76
CA LEU A 595 8.84 36.95 -0.44
C LEU A 595 10.23 36.44 -0.12
N ILE A 596 10.63 35.35 -0.75
CA ILE A 596 11.98 34.81 -0.57
C ILE A 596 12.71 34.79 -1.91
N LYS A 597 14.04 34.81 -1.81
CA LYS A 597 14.90 34.64 -2.97
C LYS A 597 16.26 34.18 -2.50
N PRO A 598 16.97 33.43 -3.37
CA PRO A 598 18.31 33.05 -3.00
C PRO A 598 19.27 34.24 -3.14
N LEU A 599 20.40 34.19 -2.44
CA LEU A 599 21.38 35.28 -2.47
C LEU A 599 21.86 35.59 -3.90
N LEU A 600 21.92 34.56 -4.74
CA LEU A 600 22.38 34.72 -6.14
C LEU A 600 21.53 35.68 -6.97
N PHE A 601 20.26 35.87 -6.61
CA PHE A 601 19.41 36.90 -7.26
C PHE A 601 20.03 38.30 -7.12
N ASP A 602 20.49 38.60 -5.91
CA ASP A 602 21.11 39.89 -5.60
C ASP A 602 22.62 39.91 -5.91
N TYR A 603 23.28 38.75 -5.92
CA TYR A 603 24.73 38.67 -6.10
C TYR A 603 25.08 37.70 -7.24
N PRO A 604 24.67 38.04 -8.47
CA PRO A 604 24.91 37.15 -9.60
C PRO A 604 26.38 36.85 -9.88
N ASN A 605 27.28 37.76 -9.50
CA ASN A 605 28.72 37.62 -9.76
C ASN A 605 29.53 37.06 -8.60
N ASP A 606 28.89 36.75 -7.48
CA ASP A 606 29.60 36.26 -6.29
C ASP A 606 29.66 34.72 -6.29
N PRO A 607 30.88 34.15 -6.41
CA PRO A 607 30.96 32.68 -6.43
C PRO A 607 30.47 32.00 -5.14
N GLN A 608 30.59 32.68 -4.00
CA GLN A 608 30.14 32.09 -2.73
C GLN A 608 28.61 32.13 -2.58
N ALA A 609 27.93 32.90 -3.44
CA ALA A 609 26.48 32.89 -3.54
C ALA A 609 25.91 31.91 -4.57
N ALA A 610 26.79 31.32 -5.40
CA ALA A 610 26.35 30.57 -6.58
C ALA A 610 25.46 29.38 -6.26
N ASP A 611 25.81 28.64 -5.21
CA ASP A 611 25.05 27.49 -4.73
C ASP A 611 24.62 27.63 -3.25
N TYR A 612 24.52 28.86 -2.77
CA TYR A 612 24.32 29.07 -1.34
C TYR A 612 22.85 28.95 -0.94
N THR A 613 22.58 28.05 0.00
CA THR A 613 21.21 27.76 0.44
C THR A 613 20.97 27.77 1.95
N GLU A 614 22.04 27.87 2.76
CA GLU A 614 21.88 27.88 4.23
C GLU A 614 21.35 29.20 4.78
N ALA A 615 21.39 30.25 3.95
CA ALA A 615 20.74 31.51 4.22
C ALA A 615 20.04 31.98 2.96
N TRP A 616 19.06 32.85 3.13
CA TRP A 616 18.34 33.44 2.00
C TRP A 616 17.78 34.80 2.39
N MET A 617 17.29 35.55 1.41
CA MET A 617 16.66 36.84 1.65
C MET A 617 15.18 36.66 1.92
N PHE A 618 14.70 37.36 2.95
CA PHE A 618 13.30 37.42 3.32
C PHE A 618 12.90 38.87 3.03
N GLY A 619 12.19 39.06 1.91
CA GLY A 619 12.09 40.38 1.28
C GLY A 619 13.44 40.87 0.79
N ASP A 620 13.57 42.18 0.54
CA ASP A 620 14.83 42.74 0.02
C ASP A 620 15.88 43.02 1.09
N TRP A 621 15.47 43.10 2.36
CA TRP A 621 16.23 43.78 3.40
C TRP A 621 16.64 42.94 4.60
N LEU A 622 16.26 41.67 4.62
CA LEU A 622 16.60 40.77 5.70
C LEU A 622 17.25 39.48 5.16
N LEU A 623 18.41 39.14 5.70
CA LEU A 623 19.07 37.86 5.42
C LEU A 623 18.85 36.98 6.63
N VAL A 624 18.28 35.80 6.41
CA VAL A 624 18.00 34.87 7.51
C VAL A 624 18.78 33.58 7.31
N SER A 625 19.29 33.02 8.40
CA SER A 625 20.02 31.76 8.35
C SER A 625 19.61 30.94 9.59
N PRO A 626 18.46 30.24 9.52
CA PRO A 626 17.98 29.48 10.69
C PRO A 626 18.96 28.41 11.15
N VAL A 627 18.96 28.14 12.46
CA VAL A 627 19.73 27.07 13.03
C VAL A 627 19.01 25.76 12.74
N LEU A 628 19.60 24.94 11.87
CA LEU A 628 19.00 23.68 11.44
C LEU A 628 19.74 22.44 11.94
N GLY A 629 20.89 22.61 12.63
CA GLY A 629 21.66 21.48 13.13
C GLY A 629 21.24 21.03 14.53
N GLU A 630 21.18 19.73 14.73
CA GLU A 630 20.94 19.18 16.06
C GLU A 630 22.11 19.56 16.98
N ALA A 631 21.82 19.98 18.20
CA ALA A 631 22.85 20.35 19.19
C ALA A 631 23.88 21.37 18.67
N GLN A 632 23.43 22.29 17.82
CA GLN A 632 24.34 23.20 17.17
C GLN A 632 24.68 24.37 18.11
N HIS A 633 25.97 24.58 18.34
CA HIS A 633 26.48 25.63 19.25
C HIS A 633 26.95 26.90 18.58
N SER A 634 27.14 26.85 17.26
CA SER A 634 27.57 28.01 16.50
C SER A 634 27.31 27.73 15.04
N LYS A 635 27.30 28.79 14.25
CA LYS A 635 27.04 28.70 12.82
C LYS A 635 28.07 29.48 12.04
N GLN A 636 28.45 28.98 10.86
CA GLN A 636 29.27 29.75 9.94
C GLN A 636 28.29 30.34 8.92
N ILE A 637 28.22 31.66 8.84
CA ILE A 637 27.23 32.34 8.01
C ILE A 637 27.95 33.22 7.01
N TYR A 638 27.74 32.92 5.73
CA TYR A 638 28.23 33.77 4.65
C TYR A 638 27.36 35.02 4.51
N LEU A 639 27.98 36.19 4.67
CA LEU A 639 27.33 37.47 4.41
C LEU A 639 27.95 38.07 3.15
N PRO A 640 27.14 38.31 2.10
CA PRO A 640 27.67 38.89 0.87
C PRO A 640 27.92 40.39 1.00
N ALA A 641 28.29 41.05 -0.10
CA ALA A 641 28.76 42.43 -0.06
C ALA A 641 27.75 43.36 0.57
N GLY A 642 28.26 44.24 1.42
CA GLY A 642 27.46 45.27 2.07
C GLY A 642 27.83 45.38 3.53
N THR A 643 26.96 46.02 4.28
CA THR A 643 27.09 46.08 5.73
C THR A 643 25.82 45.46 6.32
N TRP A 644 26.00 44.62 7.32
CA TRP A 644 24.91 43.82 7.90
C TRP A 644 24.82 44.11 9.40
N ILE A 645 23.60 44.26 9.90
CA ILE A 645 23.34 44.56 11.29
C ILE A 645 22.55 43.38 11.89
N ASP A 646 23.06 42.81 12.96
CA ASP A 646 22.38 41.72 13.65
C ASP A 646 21.04 42.23 14.20
N TYR A 647 19.94 41.69 13.67
CA TYR A 647 18.57 42.07 14.05
C TYR A 647 18.29 41.97 15.55
N HIS A 648 18.80 40.93 16.18
CA HIS A 648 18.51 40.66 17.60
C HIS A 648 19.58 41.15 18.56
N ARG A 649 20.84 41.25 18.11
CA ARG A 649 21.97 41.56 19.01
C ARG A 649 22.58 42.94 18.80
N GLY A 650 22.31 43.56 17.65
CA GLY A 650 22.70 44.94 17.42
C GLY A 650 24.04 45.21 16.74
N GLN A 651 24.98 44.28 16.78
CA GLN A 651 26.34 44.54 16.23
C GLN A 651 26.34 44.56 14.70
N THR A 652 27.33 45.22 14.13
CA THR A 652 27.45 45.30 12.66
C THR A 652 28.55 44.36 12.17
N TYR A 653 28.40 43.95 10.92
CA TYR A 653 29.37 43.08 10.25
C TYR A 653 29.61 43.64 8.87
N SER A 654 30.87 43.67 8.45
CA SER A 654 31.16 43.98 7.06
C SER A 654 30.90 42.72 6.23
N GLY A 655 30.37 42.94 5.03
CA GLY A 655 30.03 41.87 4.11
C GLY A 655 31.24 41.26 3.41
N GLY A 656 30.98 40.25 2.61
CA GLY A 656 32.00 39.54 1.85
C GLY A 656 32.85 38.63 2.70
N GLN A 657 32.25 38.01 3.72
CA GLN A 657 33.00 37.12 4.60
C GLN A 657 32.07 36.13 5.25
N THR A 658 32.64 35.02 5.71
CA THR A 658 31.91 34.05 6.52
C THR A 658 32.18 34.39 7.97
N ILE A 659 31.12 34.63 8.73
CA ILE A 659 31.24 35.00 10.14
C ILE A 659 31.01 33.77 10.99
N HIS A 660 31.64 33.76 12.16
CA HIS A 660 31.34 32.77 13.18
C HIS A 660 30.25 33.36 14.08
N TYR A 661 29.16 32.61 14.25
CA TYR A 661 27.98 33.11 14.94
C TYR A 661 27.61 32.20 16.11
N PRO A 662 27.94 32.62 17.35
CA PRO A 662 27.57 31.82 18.52
C PRO A 662 26.06 31.69 18.66
N VAL A 663 25.57 30.49 18.96
CA VAL A 663 24.17 30.31 19.34
C VAL A 663 24.04 29.52 20.64
N ASN A 664 22.98 29.82 21.36
CA ASN A 664 22.72 29.18 22.64
C ASN A 664 21.90 27.90 22.42
N ALA A 665 22.60 26.76 22.47
CA ALA A 665 21.97 25.46 22.28
C ALA A 665 21.11 25.07 23.49
N ASP A 666 21.32 25.73 24.62
CA ASP A 666 20.48 25.50 25.80
C ASP A 666 19.08 26.13 25.73
N THR A 667 18.96 27.34 25.19
CA THR A 667 17.69 28.06 25.18
C THR A 667 16.88 27.92 23.88
N TRP A 668 17.57 27.68 22.75
CA TRP A 668 16.94 27.65 21.41
C TRP A 668 16.24 28.95 21.02
N THR A 669 16.70 30.07 21.56
CA THR A 669 16.04 31.36 21.34
C THR A 669 16.52 32.12 20.10
N ASP A 670 17.65 31.70 19.54
CA ASP A 670 18.27 32.38 18.39
C ASP A 670 17.70 31.99 17.03
N VAL A 671 17.37 33.00 16.25
CA VAL A 671 17.10 32.88 14.84
C VAL A 671 18.02 33.91 14.18
N PRO A 672 19.17 33.46 13.62
CA PRO A 672 20.15 34.40 13.04
C PRO A 672 19.53 35.16 11.89
N LEU A 673 19.51 36.49 12.03
CA LEU A 673 18.73 37.37 11.17
C LEU A 673 19.48 38.70 11.08
N PHE A 674 19.71 39.14 9.85
CA PHE A 674 20.61 40.27 9.58
C PHE A 674 19.95 41.29 8.68
N VAL A 675 20.02 42.55 9.09
CA VAL A 675 19.43 43.65 8.36
C VAL A 675 20.47 44.10 7.35
N LYS A 676 20.06 44.21 6.09
CA LYS A 676 20.95 44.71 5.03
C LYS A 676 20.94 46.24 5.12
N GLN A 677 22.13 46.84 5.26
CA GLN A 677 22.22 48.31 5.35
C GLN A 677 21.59 48.88 4.10
N GLY A 678 20.77 49.93 4.27
CA GLY A 678 19.82 50.41 3.25
C GLY A 678 18.37 50.07 3.57
N ALA A 679 18.16 49.16 4.52
CA ALA A 679 16.84 48.61 4.83
C ALA A 679 15.84 49.68 5.21
N ILE A 680 14.64 49.53 4.66
CA ILE A 680 13.46 50.29 5.04
C ILE A 680 12.38 49.23 5.30
N ILE A 681 12.02 49.03 6.57
CA ILE A 681 11.20 47.89 6.99
C ILE A 681 9.97 48.36 7.77
N PRO A 682 8.82 48.45 7.07
CA PRO A 682 7.57 48.74 7.76
C PRO A 682 7.19 47.58 8.67
N ASN A 683 6.69 47.88 9.85
CA ASN A 683 6.28 46.87 10.79
C ASN A 683 5.19 47.43 11.71
N GLN A 684 4.52 46.54 12.43
CA GLN A 684 3.35 46.93 13.20
C GLN A 684 3.25 46.08 14.44
N GLN A 685 2.32 46.49 15.30
CA GLN A 685 1.91 45.71 16.47
C GLN A 685 1.50 44.28 16.07
N VAL A 686 1.73 43.33 16.96
CA VAL A 686 1.41 41.94 16.68
C VAL A 686 -0.08 41.71 16.86
N LEU A 687 -0.73 41.20 15.81
CA LEU A 687 -2.13 40.77 15.88
C LEU A 687 -2.22 39.26 15.96
N ASP A 688 -3.30 38.73 16.53
CA ASP A 688 -3.60 37.29 16.54
C ASP A 688 -3.89 36.72 15.16
N TYR A 689 -4.45 37.56 14.29
CA TYR A 689 -4.70 37.22 12.90
C TYR A 689 -4.76 38.50 12.08
N VAL A 690 -4.69 38.39 10.76
CA VAL A 690 -4.30 39.54 9.94
C VAL A 690 -5.24 40.76 9.98
N ASP A 691 -6.54 40.53 10.17
CA ASP A 691 -7.53 41.64 10.18
C ASP A 691 -8.25 41.72 11.53
N GLN A 692 -7.52 41.44 12.60
CA GLN A 692 -8.07 41.48 13.93
C GLN A 692 -8.48 42.91 14.31
N GLN A 693 -7.72 43.88 13.85
CA GLN A 693 -8.12 45.29 13.96
C GLN A 693 -7.41 46.14 12.94
N SER A 694 -7.87 47.37 12.83
CA SER A 694 -7.22 48.39 12.01
C SER A 694 -5.94 48.81 12.69
N VAL A 695 -4.88 48.91 11.88
CA VAL A 695 -3.59 49.39 12.31
C VAL A 695 -3.46 50.80 11.77
N THR A 696 -3.48 51.78 12.67
CA THR A 696 -3.44 53.21 12.32
C THR A 696 -2.04 53.82 12.39
N THR A 697 -1.13 53.20 13.16
CA THR A 697 0.28 53.58 13.16
C THR A 697 1.15 52.44 12.62
N VAL A 698 1.94 52.75 11.60
CA VAL A 698 2.92 51.82 11.02
C VAL A 698 4.31 52.32 11.33
N ASN A 699 5.10 51.49 12.00
CA ASN A 699 6.51 51.79 12.23
C ASN A 699 7.29 51.53 10.94
N VAL A 700 8.32 52.33 10.69
CA VAL A 700 9.20 52.12 9.56
C VAL A 700 10.63 52.17 10.07
N ASP A 701 11.29 51.01 10.18
CA ASP A 701 12.66 50.99 10.65
C ASP A 701 13.60 51.21 9.49
N ILE A 702 14.47 52.19 9.61
CA ILE A 702 15.35 52.62 8.53
C ILE A 702 16.79 52.56 8.97
N PHE A 703 17.62 51.87 8.19
CA PHE A 703 19.04 51.71 8.44
C PHE A 703 19.73 52.32 7.22
N PRO A 704 20.03 53.64 7.28
CA PRO A 704 20.36 54.32 6.05
C PRO A 704 21.72 53.91 5.49
N SER A 705 21.78 53.90 4.17
CA SER A 705 22.98 53.63 3.40
C SER A 705 23.36 54.92 2.68
N ALA A 706 24.63 55.02 2.29
CA ALA A 706 25.12 56.17 1.52
C ALA A 706 24.46 56.31 0.13
N SER A 707 23.95 55.20 -0.40
CA SER A 707 23.17 55.26 -1.63
C SER A 707 21.70 55.26 -1.26
N GLU A 708 20.91 55.93 -2.09
CA GLU A 708 19.47 56.00 -1.84
C GLU A 708 18.87 54.60 -1.96
N THR A 709 17.99 54.27 -1.02
CA THR A 709 17.19 53.06 -1.10
C THR A 709 15.75 53.44 -0.91
N SER A 710 14.85 52.54 -1.29
CA SER A 710 13.43 52.76 -1.16
C SER A 710 12.64 51.47 -0.92
N PHE A 711 11.44 51.66 -0.39
CA PHE A 711 10.46 50.61 -0.20
C PHE A 711 9.12 51.24 -0.42
N THR A 712 8.27 50.62 -1.24
CA THR A 712 6.93 51.13 -1.47
C THR A 712 5.90 50.42 -0.58
N TYR A 713 5.43 51.16 0.41
CA TYR A 713 4.40 50.69 1.31
C TYR A 713 3.11 50.50 0.53
N TYR A 714 2.37 49.45 0.86
CA TYR A 714 1.21 49.01 0.08
C TYR A 714 0.07 48.55 0.98
N GLU A 715 -1.13 49.02 0.68
CA GLU A 715 -2.38 48.54 1.31
C GLU A 715 -3.44 48.32 0.25
N ASP A 716 -4.31 47.36 0.51
CA ASP A 716 -5.58 47.19 -0.22
C ASP A 716 -6.54 46.47 0.71
N ASP A 717 -7.69 45.99 0.22
CA ASP A 717 -8.65 45.31 1.11
C ASP A 717 -8.22 43.90 1.60
N GLY A 718 -7.14 43.35 1.07
CA GLY A 718 -6.66 42.04 1.52
C GLY A 718 -7.51 40.83 1.14
N SER A 719 -8.54 41.03 0.32
CA SER A 719 -9.71 40.15 0.22
C SER A 719 -10.29 39.92 -1.18
N SER A 720 -10.26 40.94 -2.05
CA SER A 720 -10.90 40.90 -3.35
C SER A 720 -9.90 41.16 -4.43
N TYR A 721 -10.34 41.07 -5.68
CA TYR A 721 -9.51 41.50 -6.80
C TYR A 721 -9.74 42.97 -7.20
N ASP A 722 -10.28 43.80 -6.30
CA ASP A 722 -10.46 45.24 -6.57
C ASP A 722 -9.15 45.94 -6.93
N TYR A 723 -8.03 45.44 -6.39
CA TYR A 723 -6.72 45.98 -6.69
C TYR A 723 -6.41 45.98 -8.18
N GLU A 724 -6.96 45.01 -8.93
CA GLU A 724 -6.72 44.91 -10.37
C GLU A 724 -7.17 46.12 -11.20
N SER A 725 -8.17 46.86 -10.70
CA SER A 725 -8.65 48.05 -11.38
C SER A 725 -8.35 49.35 -10.60
N GLY A 726 -7.28 49.33 -9.80
CA GLY A 726 -6.72 50.51 -9.18
C GLY A 726 -7.04 50.72 -7.71
N SER A 727 -7.87 49.85 -7.12
CA SER A 727 -8.30 50.03 -5.73
C SER A 727 -7.28 49.51 -4.73
N SER A 728 -6.17 50.25 -4.66
CA SER A 728 -5.12 50.01 -3.69
C SER A 728 -4.51 51.35 -3.31
N PHE A 729 -3.56 51.31 -2.39
CA PHE A 729 -2.88 52.49 -1.90
C PHE A 729 -1.41 52.18 -1.82
N GLU A 730 -0.60 53.12 -2.31
CA GLU A 730 0.83 53.05 -2.04
C GLU A 730 1.52 54.39 -1.78
N GLN A 731 2.63 54.29 -1.07
CA GLN A 731 3.48 55.42 -0.74
C GLN A 731 4.91 54.94 -0.75
N ARG A 732 5.70 55.55 -1.63
CA ARG A 732 7.09 55.27 -1.77
C ARG A 732 7.91 55.94 -0.67
N LEU A 733 8.60 55.13 0.13
CA LEU A 733 9.49 55.58 1.19
C LEU A 733 10.92 55.44 0.70
N ALA A 734 11.75 56.47 0.91
CA ALA A 734 13.12 56.43 0.44
C ALA A 734 14.04 57.08 1.46
N ALA A 735 15.30 56.62 1.49
CA ALA A 735 16.24 57.07 2.50
C ALA A 735 17.66 57.12 1.98
N GLN A 736 18.42 58.04 2.54
CA GLN A 736 19.84 58.17 2.23
C GLN A 736 20.61 58.80 3.38
N ASP A 737 21.76 58.21 3.68
CA ASP A 737 22.69 58.74 4.63
C ASP A 737 23.60 59.72 3.90
N LEU A 738 23.66 60.96 4.37
CA LEU A 738 24.45 62.03 3.71
C LEU A 738 25.67 62.34 4.56
N SER A 739 26.47 63.33 4.16
CA SER A 739 27.72 63.62 4.87
C SER A 739 27.53 63.89 6.35
N SER A 740 26.50 64.64 6.72
CA SER A 740 26.22 64.89 8.14
C SER A 740 24.72 65.03 8.45
N SER A 741 23.91 64.31 7.68
CA SER A 741 22.50 64.16 7.97
C SER A 741 21.95 62.88 7.32
N VAL A 742 20.71 62.57 7.67
CA VAL A 742 19.94 61.53 7.00
C VAL A 742 18.69 62.16 6.43
N ARG A 743 18.41 61.86 5.16
CA ARG A 743 17.21 62.30 4.49
C ARG A 743 16.29 61.12 4.25
N VAL A 744 15.02 61.30 4.60
CA VAL A 744 13.97 60.32 4.35
C VAL A 744 12.82 61.01 3.65
N GLU A 745 12.42 60.47 2.50
CA GLU A 745 11.23 60.96 1.78
C GLU A 745 10.05 60.00 1.95
N VAL A 746 8.90 60.53 2.34
CA VAL A 746 7.63 59.83 2.31
C VAL A 746 6.89 60.41 1.12
N GLY A 747 6.87 59.67 0.01
CA GLY A 747 6.22 60.14 -1.20
C GLY A 747 4.74 60.35 -1.02
N ALA A 748 4.15 61.03 -2.00
CA ALA A 748 2.70 61.24 -2.06
C ALA A 748 1.93 59.94 -2.13
N GLY A 749 0.77 59.90 -1.50
CA GLY A 749 -0.15 58.77 -1.60
C GLY A 749 -0.63 58.62 -3.02
N SER A 750 -0.89 57.38 -3.41
CA SER A 750 -1.20 57.02 -4.79
C SER A 750 -2.25 55.90 -4.75
N GLY A 751 -3.31 56.04 -5.56
CA GLY A 751 -4.36 55.03 -5.68
C GLY A 751 -5.63 55.37 -4.93
N SER A 752 -6.69 54.61 -5.21
CA SER A 752 -8.04 54.96 -4.74
C SER A 752 -8.49 54.31 -3.45
N TYR A 753 -7.75 53.32 -2.95
CA TYR A 753 -8.11 52.69 -1.68
C TYR A 753 -7.75 53.63 -0.53
N THR A 754 -8.70 53.86 0.38
CA THR A 754 -8.43 54.63 1.59
C THR A 754 -7.78 53.70 2.60
N PRO A 755 -6.49 53.94 2.93
CA PRO A 755 -5.80 53.01 3.81
C PRO A 755 -6.18 53.22 5.26
N ASP A 756 -5.95 52.22 6.10
CA ASP A 756 -6.12 52.37 7.53
C ASP A 756 -5.01 53.20 8.16
N VAL A 757 -3.80 53.20 7.57
CA VAL A 757 -2.68 53.88 8.22
C VAL A 757 -2.91 55.41 8.25
N GLN A 758 -2.79 55.97 9.45
CA GLN A 758 -2.92 57.41 9.69
C GLN A 758 -1.59 58.11 9.93
N HIS A 759 -0.64 57.42 10.59
CA HIS A 759 0.69 57.96 10.84
C HIS A 759 1.78 56.90 10.60
N TYR A 760 2.94 57.35 10.14
CA TYR A 760 4.17 56.57 10.21
C TYR A 760 4.98 57.06 11.39
N VAL A 761 5.60 56.13 12.11
CA VAL A 761 6.68 56.45 13.04
C VAL A 761 7.98 55.93 12.42
N LEU A 762 8.78 56.86 11.89
CA LEU A 762 10.07 56.53 11.30
C LEU A 762 11.03 56.30 12.46
N LYS A 763 11.77 55.19 12.43
CA LYS A 763 12.80 54.92 13.41
C LYS A 763 14.10 54.87 12.63
N ILE A 764 14.81 55.98 12.64
CA ILE A 764 15.97 56.17 11.80
C ILE A 764 17.18 55.83 12.66
N HIS A 765 17.80 54.70 12.35
CA HIS A 765 18.90 54.16 13.17
C HIS A 765 20.22 54.75 12.74
N GLY A 766 21.12 54.93 13.71
CA GLY A 766 22.49 55.36 13.46
C GLY A 766 22.78 56.83 13.76
N ARG A 767 21.75 57.62 14.05
CA ARG A 767 21.94 59.02 14.40
C ARG A 767 20.85 59.43 15.38
N ALA A 768 21.24 60.11 16.45
CA ALA A 768 20.29 60.75 17.37
C ALA A 768 20.40 62.25 17.11
N GLY A 769 19.50 62.76 16.31
CA GLY A 769 19.60 64.14 15.83
C GLY A 769 19.41 65.20 16.91
N SER A 770 19.88 66.40 16.61
CA SER A 770 19.53 67.60 17.38
C SER A 770 18.41 68.40 16.70
N ALA A 771 18.11 68.08 15.44
CA ALA A 771 17.03 68.72 14.72
C ALA A 771 16.47 67.82 13.61
N VAL A 772 15.17 67.94 13.36
CA VAL A 772 14.51 67.25 12.26
C VAL A 772 13.67 68.25 11.50
N THR A 773 13.97 68.42 10.22
CA THR A 773 13.36 69.48 9.41
C THR A 773 12.61 68.92 8.23
N ALA A 774 11.64 69.71 7.75
CA ALA A 774 10.80 69.34 6.62
C ALA A 774 10.14 70.59 6.02
N GLY A 775 10.51 70.94 4.80
CA GLY A 775 9.82 72.00 4.04
C GLY A 775 9.99 73.40 4.62
N GLY A 776 11.19 73.68 5.14
CA GLY A 776 11.47 74.95 5.81
C GLY A 776 11.07 75.01 7.28
N SER A 777 10.57 73.91 7.85
CA SER A 777 10.10 73.87 9.23
C SER A 777 10.86 72.85 10.05
N ALA A 778 11.38 73.27 11.20
CA ALA A 778 11.91 72.37 12.20
C ALA A 778 10.75 71.79 12.97
N LEU A 779 10.71 70.45 13.05
CA LEU A 779 9.63 69.76 13.74
C LEU A 779 9.78 69.90 15.24
N THR A 780 8.63 69.83 15.92
CA THR A 780 8.59 69.91 17.37
C THR A 780 9.24 68.69 17.98
N GLY A 781 10.16 68.93 18.92
CA GLY A 781 10.85 67.86 19.65
C GLY A 781 10.07 67.43 20.88
N TYR A 782 9.99 66.12 21.10
CA TYR A 782 9.37 65.55 22.29
C TYR A 782 10.39 64.77 23.08
N GLY A 783 10.08 64.55 24.36
CA GLY A 783 11.05 64.03 25.33
C GLY A 783 11.50 62.60 25.11
N ASP A 784 10.66 61.80 24.49
CA ASP A 784 10.93 60.39 24.23
C ASP A 784 9.88 59.84 23.28
N LEU A 785 10.04 58.57 22.88
CA LEU A 785 9.11 57.92 21.97
C LEU A 785 7.66 57.96 22.49
N GLN A 786 7.46 57.64 23.76
CA GLN A 786 6.12 57.66 24.35
C GLN A 786 5.43 59.02 24.21
N ALA A 787 6.13 60.10 24.57
CA ALA A 787 5.59 61.46 24.42
C ALA A 787 5.30 61.80 22.96
N LEU A 788 6.16 61.35 22.05
CA LEU A 788 5.92 61.53 20.63
C LEU A 788 4.66 60.77 20.18
N GLN A 789 4.50 59.54 20.62
CA GLN A 789 3.36 58.71 20.22
C GLN A 789 2.02 59.30 20.72
N ALA A 790 2.03 59.90 21.90
CA ALA A 790 0.84 60.53 22.49
C ALA A 790 0.46 61.88 21.85
N ALA A 791 1.42 62.54 21.20
CA ALA A 791 1.16 63.81 20.52
C ALA A 791 0.26 63.62 19.31
N SER A 792 -0.69 64.55 19.11
CA SER A 792 -1.35 64.67 17.82
C SER A 792 -0.44 65.53 16.96
N GLY A 793 -0.45 65.30 15.65
CA GLY A 793 0.41 66.06 14.74
C GLY A 793 1.87 65.65 14.86
N SER A 794 2.67 66.17 13.92
CA SER A 794 4.01 65.68 13.69
C SER A 794 5.02 66.06 14.77
N GLY A 795 6.09 65.30 14.83
CA GLY A 795 7.15 65.58 15.78
C GLY A 795 8.28 64.60 15.66
N TRP A 796 9.26 64.78 16.52
CA TRP A 796 10.40 63.88 16.60
C TRP A 796 10.83 63.68 18.04
N ALA A 797 11.66 62.66 18.23
CA ALA A 797 12.28 62.36 19.49
C ALA A 797 13.53 61.54 19.19
N SER A 798 14.32 61.23 20.20
CA SER A 798 15.51 60.45 19.97
C SER A 798 15.72 59.55 21.14
N GLY A 799 16.66 58.63 20.99
CA GLY A 799 16.90 57.66 22.02
C GLY A 799 18.01 56.72 21.65
N ARG A 800 18.05 55.62 22.40
CA ARG A 800 18.98 54.53 22.20
C ARG A 800 18.19 53.22 22.12
N ASP A 801 18.62 52.33 21.24
CA ASP A 801 18.08 50.96 21.18
C ASP A 801 19.26 49.98 21.01
N ILE A 802 18.96 48.70 20.82
CA ILE A 802 20.01 47.66 20.64
C ILE A 802 21.02 48.02 19.53
N TYR A 803 20.58 48.73 18.48
CA TYR A 803 21.48 49.09 17.36
C TYR A 803 22.33 50.32 17.66
N GLY A 804 21.94 51.10 18.67
CA GLY A 804 22.64 52.32 19.03
C GLY A 804 21.72 53.55 18.98
N ASP A 805 22.22 54.64 18.41
CA ASP A 805 21.49 55.90 18.39
C ASP A 805 20.30 55.79 17.45
N VAL A 806 19.18 56.39 17.82
CA VAL A 806 18.01 56.36 16.96
C VAL A 806 17.24 57.69 17.05
N THR A 807 16.66 58.10 15.93
CA THR A 807 15.79 59.27 15.85
C THR A 807 14.42 58.80 15.41
N TYR A 808 13.40 59.18 16.17
CA TYR A 808 12.00 58.88 15.88
C TYR A 808 11.34 60.08 15.24
N VAL A 809 10.53 59.86 14.19
CA VAL A 809 9.81 60.94 13.52
C VAL A 809 8.40 60.44 13.23
N LYS A 810 7.41 61.12 13.83
CA LYS A 810 6.01 60.84 13.56
C LYS A 810 5.44 61.81 12.51
N LEU A 811 4.86 61.25 11.45
CA LEU A 811 4.34 62.01 10.30
C LEU A 811 2.98 61.46 9.91
N PRO A 812 2.12 62.29 9.30
CA PRO A 812 0.89 61.76 8.70
C PRO A 812 1.16 60.91 7.46
N ALA A 813 0.46 59.79 7.37
CA ALA A 813 0.46 58.95 6.17
C ALA A 813 -0.61 59.43 5.22
N ALA A 814 -0.50 58.99 3.97
CA ALA A 814 -1.49 59.22 2.91
C ALA A 814 -1.73 60.69 2.57
N SER A 815 -0.71 61.53 2.72
CA SER A 815 -0.76 62.90 2.21
C SER A 815 -0.74 62.89 0.68
N GLY A 816 -1.39 63.89 0.09
CA GLY A 816 -1.36 64.13 -1.35
C GLY A 816 -0.03 64.64 -1.88
N SER A 817 0.88 65.06 -1.00
CA SER A 817 2.21 65.50 -1.42
C SER A 817 3.33 64.83 -0.63
N ALA A 818 4.50 64.81 -1.24
CA ALA A 818 5.70 64.24 -0.64
C ALA A 818 6.19 65.06 0.54
N THR A 819 6.73 64.37 1.54
CA THR A 819 7.33 64.98 2.72
C THR A 819 8.77 64.52 2.70
N VAL A 820 9.71 65.45 2.78
CA VAL A 820 11.12 65.13 2.88
C VAL A 820 11.55 65.59 4.26
N VAL A 821 12.06 64.65 5.04
CA VAL A 821 12.48 64.88 6.40
C VAL A 821 13.98 64.75 6.43
N GLU A 822 14.65 65.61 7.20
CA GLU A 822 16.09 65.57 7.33
C GLU A 822 16.48 65.61 8.80
N VAL A 823 17.23 64.60 9.24
CA VAL A 823 17.72 64.51 10.60
C VAL A 823 19.16 64.95 10.59
N SER A 824 19.49 66.01 11.33
CA SER A 824 20.85 66.52 11.42
C SER A 824 21.32 66.62 12.86
N GLY A 825 22.62 66.82 13.01
CA GLY A 825 23.25 66.89 14.34
C GLY A 825 23.38 65.54 15.00
N SER A 826 24.08 65.52 16.13
CA SER A 826 24.26 64.31 16.92
C SER A 826 24.22 64.66 18.39
N ALA A 827 23.19 64.20 19.09
CA ALA A 827 23.03 64.40 20.52
C ALA A 827 22.59 63.07 21.17
N PRO A 828 23.55 62.16 21.39
CA PRO A 828 23.19 60.80 21.88
C PRO A 828 22.49 60.81 23.23
N SER A 829 21.56 59.87 23.40
CA SER A 829 20.82 59.73 24.67
C SER A 829 21.76 59.25 25.77
N ALA A 830 21.54 59.72 26.98
CA ALA A 830 22.24 59.22 28.16
C ALA A 830 21.52 58.01 28.79
N ALA A 831 20.35 57.63 28.27
CA ALA A 831 19.58 56.48 28.80
C ALA A 831 20.45 55.23 29.01
N THR A 832 20.30 54.59 30.17
CA THR A 832 21.00 53.35 30.50
C THR A 832 20.11 52.11 30.34
N HIS A 833 18.79 52.29 30.20
CA HIS A 833 17.83 51.19 30.06
C HIS A 833 16.87 51.43 28.90
N ALA A 834 16.41 50.32 28.32
CA ALA A 834 15.26 50.29 27.42
C ALA A 834 14.03 50.14 28.29
N ILE A 835 12.94 50.83 27.93
CA ILE A 835 11.65 50.66 28.63
C ILE A 835 10.67 49.89 27.76
N TYR A 836 10.07 48.84 28.34
CA TYR A 836 9.03 48.07 27.69
C TYR A 836 7.72 48.24 28.44
N GLU A 837 6.76 48.97 27.86
CA GLU A 837 5.44 49.11 28.50
C GLU A 837 4.68 47.79 28.32
N VAL A 838 4.31 47.15 29.42
CA VAL A 838 3.73 45.80 29.34
C VAL A 838 2.34 45.74 28.73
N GLU A 839 1.62 46.87 28.72
CA GLU A 839 0.35 46.95 27.97
C GLU A 839 0.54 46.79 26.45
N ASP A 840 1.75 47.05 25.95
CA ASP A 840 2.11 46.75 24.55
C ASP A 840 2.62 45.32 24.33
N ALA A 841 2.77 44.53 25.39
CA ALA A 841 3.41 43.22 25.32
C ALA A 841 2.36 42.10 25.13
N SER A 842 2.79 40.85 25.18
CA SER A 842 1.94 39.70 24.86
C SER A 842 1.21 39.20 26.10
N ARG A 843 -0.13 39.28 26.07
CA ARG A 843 -0.97 38.89 27.21
C ARG A 843 -1.60 37.54 26.95
N SER A 844 -1.45 36.62 27.92
CA SER A 844 -1.99 35.28 27.79
C SER A 844 -2.68 34.79 29.07
N GLY A 845 -3.30 33.64 28.96
CA GLY A 845 -3.91 32.98 30.11
C GLY A 845 -4.34 31.58 29.77
N ALA A 846 -5.07 30.96 30.71
CA ALA A 846 -5.53 29.58 30.56
C ALA A 846 -6.60 29.41 29.47
N THR A 847 -7.44 30.41 29.24
CA THR A 847 -8.46 30.34 28.21
C THR A 847 -8.50 31.69 27.49
N PRO A 848 -9.17 31.77 26.32
CA PRO A 848 -9.22 33.03 25.59
C PRO A 848 -9.86 34.22 26.34
N THR A 849 -10.74 33.95 27.29
CA THR A 849 -11.42 35.01 28.06
C THR A 849 -10.80 35.22 29.45
N THR A 850 -9.70 34.55 29.75
CA THR A 850 -9.00 34.74 31.03
C THR A 850 -7.49 35.13 30.85
N ARG A 851 -7.19 35.77 29.74
CA ARG A 851 -5.87 36.35 29.51
C ARG A 851 -5.69 37.58 30.37
N ALA A 852 -4.44 37.90 30.69
CA ALA A 852 -4.12 39.19 31.28
C ALA A 852 -4.71 40.33 30.44
N GLY A 853 -5.07 41.42 31.12
CA GLY A 853 -5.78 42.54 30.50
C GLY A 853 -5.01 43.83 30.49
N ILE A 854 -5.53 44.78 29.73
CA ILE A 854 -5.03 46.16 29.68
C ILE A 854 -6.05 47.05 30.40
N ASN A 855 -5.56 48.03 31.16
CA ASN A 855 -6.46 48.96 31.84
C ASN A 855 -5.81 50.33 32.10
N THR A 856 -6.68 51.29 32.43
CA THR A 856 -6.30 52.67 32.75
C THR A 856 -7.05 53.21 33.98
N ASN A 857 -7.67 52.34 34.76
CA ASN A 857 -8.60 52.74 35.82
C ASN A 857 -7.93 52.98 37.19
N HIS A 858 -6.62 53.15 37.21
CA HIS A 858 -5.90 53.67 38.38
C HIS A 858 -4.85 54.60 37.84
N SER A 859 -4.59 55.71 38.53
CA SER A 859 -3.69 56.74 38.01
C SER A 859 -2.23 56.43 38.33
N GLY A 860 -1.32 57.14 37.69
CA GLY A 860 0.11 57.07 37.98
C GLY A 860 0.94 56.15 37.08
N TYR A 861 0.32 55.59 36.06
CA TYR A 861 0.98 54.65 35.16
C TYR A 861 1.74 55.41 34.08
N SER A 862 2.85 54.82 33.65
CA SER A 862 3.58 55.23 32.42
C SER A 862 2.91 54.70 31.14
N GLY A 863 3.16 55.38 30.02
CA GLY A 863 2.60 55.00 28.73
C GLY A 863 1.08 55.13 28.69
N SER A 864 0.44 54.26 27.92
CA SER A 864 -0.99 54.33 27.68
C SER A 864 -1.80 53.53 28.68
N GLY A 865 -1.14 52.81 29.58
CA GLY A 865 -1.87 52.02 30.58
C GLY A 865 -1.00 51.07 31.39
N PHE A 866 -1.64 50.02 31.91
CA PHE A 866 -0.95 48.96 32.63
C PHE A 866 -1.65 47.63 32.41
N VAL A 867 -1.05 46.56 32.89
CA VAL A 867 -1.62 45.24 32.74
C VAL A 867 -2.25 44.80 34.06
N ASP A 868 -3.52 44.40 33.98
CA ASP A 868 -4.26 43.82 35.11
C ASP A 868 -4.79 42.44 34.73
N LYS A 869 -5.77 41.91 35.47
CA LYS A 869 -6.25 40.54 35.33
C LYS A 869 -5.10 39.53 35.44
N LEU A 870 -4.16 39.80 36.36
CA LEU A 870 -3.15 38.84 36.77
C LEU A 870 -3.61 38.15 38.04
N ASP A 871 -4.92 37.92 38.11
CA ASP A 871 -5.58 37.36 39.29
C ASP A 871 -6.51 36.17 38.96
N VAL A 872 -6.34 35.58 37.78
CA VAL A 872 -6.89 34.27 37.44
C VAL A 872 -5.68 33.39 37.11
N PRO A 873 -5.57 32.20 37.76
CA PRO A 873 -4.46 31.29 37.52
C PRO A 873 -4.10 31.14 36.04
N GLY A 874 -2.80 31.26 35.75
CA GLY A 874 -2.29 31.15 34.39
C GLY A 874 -2.15 32.45 33.64
N ALA A 875 -2.73 33.55 34.13
CA ALA A 875 -2.59 34.85 33.46
C ALA A 875 -1.12 35.25 33.40
N ALA A 876 -0.70 35.81 32.28
CA ALA A 876 0.70 36.18 32.12
C ALA A 876 0.89 37.29 31.12
N VAL A 877 2.03 37.95 31.22
CA VAL A 877 2.47 38.91 30.22
C VAL A 877 3.95 38.59 29.89
N THR A 878 4.26 38.65 28.61
CA THR A 878 5.53 38.25 28.06
C THR A 878 6.11 39.39 27.23
N VAL A 879 7.33 39.80 27.57
CA VAL A 879 8.06 40.84 26.86
C VAL A 879 9.20 40.19 26.08
N TYR A 880 9.37 40.59 24.81
CA TYR A 880 10.54 40.17 24.00
C TYR A 880 11.60 41.26 24.05
N ALA A 881 12.70 40.98 24.77
CA ALA A 881 13.73 41.96 25.02
C ALA A 881 15.05 41.48 24.46
N ASN A 882 15.65 42.30 23.61
CA ASN A 882 16.96 41.99 23.03
C ASN A 882 18.11 42.38 23.96
N ALA A 883 19.16 41.55 23.97
CA ALA A 883 20.42 41.82 24.70
C ALA A 883 21.61 41.68 23.73
N PRO A 884 22.64 42.53 23.86
CA PRO A 884 23.76 42.46 22.93
C PRO A 884 24.68 41.25 23.14
N VAL A 885 24.77 40.82 24.41
CA VAL A 885 25.60 39.69 24.82
C VAL A 885 24.86 38.99 25.94
N SER A 886 25.29 37.77 26.23
CA SER A 886 24.73 36.99 27.32
C SER A 886 25.29 37.52 28.64
N GLY A 887 24.49 37.42 29.70
CA GLY A 887 24.99 37.75 31.03
C GLY A 887 23.90 38.17 32.00
N ASP A 888 24.34 38.84 33.07
CA ASP A 888 23.45 39.33 34.13
C ASP A 888 22.88 40.69 33.83
N TYR A 889 21.55 40.78 33.77
CA TYR A 889 20.88 42.04 33.54
C TYR A 889 19.89 42.30 34.68
N PRO A 890 20.17 43.29 35.55
CA PRO A 890 19.17 43.65 36.57
C PRO A 890 17.98 44.35 35.94
N VAL A 891 16.84 43.68 35.92
CA VAL A 891 15.67 44.15 35.22
C VAL A 891 14.65 44.65 36.23
N GLU A 892 14.20 45.88 36.02
CA GLU A 892 13.31 46.57 36.94
C GLU A 892 11.88 46.35 36.49
N LEU A 893 11.03 45.93 37.42
CA LEU A 893 9.60 45.75 37.17
C LEU A 893 8.84 46.84 37.94
N ARG A 894 8.08 47.67 37.24
CA ARG A 894 7.22 48.65 37.89
C ARG A 894 5.83 48.03 38.05
N TYR A 895 5.30 48.09 39.28
CA TYR A 895 4.05 47.43 39.61
C TYR A 895 3.26 48.20 40.67
N ALA A 896 1.98 47.84 40.83
CA ALA A 896 1.15 48.35 41.93
C ALA A 896 0.56 47.18 42.67
N ASN A 897 0.43 47.33 44.00
CA ASN A 897 -0.16 46.32 44.86
C ASN A 897 -0.92 47.03 45.98
N GLY A 898 -2.19 47.29 45.72
CA GLY A 898 -3.10 47.85 46.73
C GLY A 898 -3.90 46.78 47.46
N SER A 899 -3.36 45.57 47.61
CA SER A 899 -4.11 44.47 48.21
C SER A 899 -4.05 44.46 49.75
N GLY A 900 -3.10 45.19 50.33
CA GLY A 900 -2.87 45.19 51.77
C GLY A 900 -1.70 44.35 52.23
N SER A 901 -1.21 43.43 51.37
CA SER A 901 -0.08 42.57 51.74
C SER A 901 0.70 42.15 50.48
N ALA A 902 1.82 41.48 50.70
CA ALA A 902 2.71 41.08 49.60
C ALA A 902 2.02 40.07 48.71
N LYS A 903 2.32 40.12 47.41
CA LYS A 903 1.78 39.18 46.44
C LYS A 903 2.94 38.63 45.63
N THR A 904 2.78 37.39 45.14
CA THR A 904 3.82 36.73 44.34
C THR A 904 3.45 36.49 42.89
N LEU A 905 4.46 36.62 42.03
CA LEU A 905 4.38 36.26 40.63
C LEU A 905 5.69 35.55 40.26
N SER A 906 5.60 34.63 39.30
CA SER A 906 6.79 33.97 38.76
C SER A 906 7.39 34.84 37.66
N VAL A 907 8.72 34.91 37.63
CA VAL A 907 9.42 35.46 36.46
C VAL A 907 10.14 34.29 35.76
N TYR A 908 9.77 34.10 34.49
CA TYR A 908 10.37 33.11 33.63
C TYR A 908 11.23 33.83 32.61
N VAL A 909 12.41 33.28 32.33
CA VAL A 909 13.28 33.77 31.27
C VAL A 909 13.65 32.59 30.35
N ASN A 910 13.34 32.74 29.06
CA ASN A 910 13.59 31.71 28.06
C ASN A 910 13.10 30.34 28.51
N ALA A 911 11.87 30.34 29.03
CA ALA A 911 11.14 29.15 29.47
C ALA A 911 11.65 28.48 30.75
N ALA A 912 12.59 29.11 31.46
CA ALA A 912 13.03 28.63 32.76
C ALA A 912 12.47 29.53 33.88
N ARG A 913 11.93 28.91 34.93
CA ARG A 913 11.50 29.69 36.12
C ARG A 913 12.71 30.19 36.90
N VAL A 914 12.96 31.50 36.83
CA VAL A 914 14.14 32.13 37.44
C VAL A 914 13.91 32.47 38.92
N GLN A 915 12.75 33.05 39.23
CA GLN A 915 12.48 33.43 40.63
C GLN A 915 10.99 33.58 40.86
N GLN A 916 10.57 33.34 42.09
CA GLN A 916 9.27 33.86 42.53
C GLN A 916 9.50 35.26 43.09
N LEU A 917 8.85 36.26 42.52
CA LEU A 917 8.98 37.63 43.00
C LEU A 917 8.00 37.87 44.13
N SER A 918 8.49 38.43 45.24
CA SER A 918 7.63 38.89 46.32
C SER A 918 7.48 40.39 46.19
N LEU A 919 6.28 40.82 45.78
CA LEU A 919 6.01 42.20 45.46
C LEU A 919 5.21 42.84 46.61
N ALA A 920 5.82 43.81 47.29
CA ALA A 920 5.24 44.40 48.52
C ALA A 920 4.06 45.29 48.19
N ASP A 921 3.16 45.41 49.16
CA ASP A 921 2.07 46.37 49.07
C ASP A 921 2.67 47.75 48.80
N THR A 922 2.06 48.50 47.88
CA THR A 922 2.48 49.85 47.52
C THR A 922 1.58 50.96 48.12
N GLY A 923 0.66 50.58 49.01
CA GLY A 923 -0.19 51.52 49.74
C GLY A 923 -1.53 51.84 49.08
N ALA A 924 -1.66 51.54 47.79
CA ALA A 924 -2.86 51.83 47.00
C ALA A 924 -2.64 51.37 45.55
N TRP A 925 -3.74 51.18 44.83
CA TRP A 925 -3.70 50.78 43.43
C TRP A 925 -3.17 51.86 42.49
N SER A 926 -3.25 53.12 42.93
CA SER A 926 -2.72 54.25 42.18
C SER A 926 -1.29 54.62 42.63
N GLN A 927 -0.72 53.88 43.57
CA GLN A 927 0.68 54.03 43.97
C GLN A 927 1.54 52.85 43.47
N TRP A 928 2.68 53.20 42.89
CA TRP A 928 3.52 52.27 42.14
C TRP A 928 4.88 52.14 42.79
N GLY A 929 5.45 50.95 42.73
CA GLY A 929 6.78 50.65 43.25
C GLY A 929 7.57 49.89 42.19
N THR A 930 8.80 49.55 42.51
CA THR A 930 9.69 48.84 41.59
C THR A 930 10.38 47.74 42.32
N GLN A 931 10.58 46.64 41.63
CA GLN A 931 11.35 45.51 42.09
C GLN A 931 12.36 45.20 40.97
N THR A 932 13.64 45.11 41.35
CA THR A 932 14.70 44.81 40.41
C THR A 932 15.23 43.42 40.71
N THR A 933 15.36 42.61 39.65
CA THR A 933 15.79 41.23 39.76
C THR A 933 16.84 40.97 38.68
N THR A 934 17.93 40.34 39.06
CA THR A 934 18.99 39.99 38.10
C THR A 934 18.57 38.80 37.26
N LEU A 935 18.43 39.00 35.95
CA LEU A 935 17.96 37.95 35.06
C LEU A 935 19.10 37.45 34.20
N PRO A 936 19.18 36.12 34.00
CA PRO A 936 20.19 35.56 33.11
C PRO A 936 19.71 35.64 31.67
N LEU A 937 20.14 36.68 30.96
CA LEU A 937 19.74 36.82 29.57
C LEU A 937 20.83 36.25 28.64
N THR A 938 20.39 35.85 27.44
CA THR A 938 21.28 35.31 26.40
C THR A 938 21.40 36.34 25.28
N ALA A 939 22.49 36.28 24.52
CA ALA A 939 22.69 37.21 23.44
C ALA A 939 21.54 37.05 22.43
N GLY A 940 20.94 38.18 22.07
CA GLY A 940 19.84 38.22 21.11
C GLY A 940 18.52 38.32 21.87
N GLN A 941 17.51 37.64 21.33
CA GLN A 941 16.16 37.77 21.85
C GLN A 941 16.05 36.99 23.14
N ASN A 942 15.33 37.59 24.07
CA ASN A 942 15.00 36.94 25.35
C ASN A 942 13.51 37.02 25.57
N ILE A 943 12.97 35.97 26.21
CA ILE A 943 11.54 35.86 26.45
C ILE A 943 11.37 36.00 27.96
N ILE A 944 10.83 37.14 28.40
CA ILE A 944 10.71 37.47 29.82
C ILE A 944 9.22 37.49 30.14
N THR A 945 8.80 36.57 31.00
CA THR A 945 7.38 36.39 31.31
C THR A 945 7.11 36.54 32.80
N TYR A 946 6.12 37.36 33.11
CA TYR A 946 5.60 37.53 34.46
C TYR A 946 4.24 36.84 34.48
N LYS A 947 4.10 35.85 35.36
CA LYS A 947 2.97 34.91 35.34
C LYS A 947 2.43 34.60 36.73
N TYR A 948 1.11 34.51 36.82
CA TYR A 948 0.43 33.95 38.00
C TYR A 948 0.41 32.44 37.84
N ASP A 949 1.42 31.80 38.41
CA ASP A 949 1.58 30.36 38.31
C ASP A 949 1.09 29.74 39.61
N SER A 950 -0.22 29.52 39.70
CA SER A 950 -0.81 28.99 40.95
C SER A 950 -0.23 27.63 41.33
N ASP A 951 0.12 26.81 40.33
CA ASP A 951 0.76 25.51 40.60
C ASP A 951 2.22 25.58 41.07
N ALA A 952 2.81 26.77 41.12
CA ALA A 952 4.09 27.00 41.81
C ALA A 952 3.91 27.76 43.13
N GLY A 953 2.66 28.00 43.54
CA GLY A 953 2.36 28.70 44.80
C GLY A 953 2.26 30.20 44.69
N ASP A 954 2.29 30.76 43.48
CA ASP A 954 2.12 32.19 43.31
C ASP A 954 0.69 32.58 43.72
N THR A 955 0.53 33.80 44.23
CA THR A 955 -0.80 34.37 44.53
C THR A 955 -1.39 35.13 43.37
N GLY A 956 -0.53 35.73 42.54
CA GLY A 956 -0.99 36.70 41.56
C GLY A 956 -1.50 37.96 42.24
N GLY A 957 -2.26 38.76 41.51
CA GLY A 957 -3.02 39.87 42.10
C GLY A 957 -2.29 41.19 42.21
N VAL A 958 -1.48 41.52 41.20
CA VAL A 958 -0.84 42.83 41.08
C VAL A 958 -1.07 43.39 39.67
N ASN A 959 -0.79 44.68 39.50
CA ASN A 959 -0.84 45.35 38.20
C ASN A 959 0.61 45.68 37.82
N LEU A 960 0.92 45.56 36.54
CA LEU A 960 2.29 45.76 36.05
C LEU A 960 2.28 46.86 35.03
N ASP A 961 3.25 47.76 35.14
CA ASP A 961 3.25 48.97 34.32
C ASP A 961 4.28 48.89 33.19
N TYR A 962 5.50 48.54 33.54
CA TYR A 962 6.57 48.32 32.56
C TYR A 962 7.73 47.56 33.16
N ILE A 963 8.67 47.16 32.30
CA ILE A 963 9.99 46.75 32.76
C ILE A 963 11.05 47.61 32.09
N ARG A 964 12.19 47.72 32.76
CA ARG A 964 13.34 48.43 32.24
C ARG A 964 14.52 47.49 32.22
N VAL A 965 15.13 47.36 31.04
CA VAL A 965 16.20 46.41 30.79
C VAL A 965 17.45 47.20 30.43
N PRO A 966 18.54 47.02 31.19
CA PRO A 966 19.75 47.78 30.92
C PRO A 966 20.33 47.43 29.55
N PHE A 967 20.88 48.43 28.85
CA PHE A 967 21.55 48.19 27.56
C PHE A 967 22.81 47.35 27.70
N ALA A 968 23.40 47.35 28.89
CA ALA A 968 24.61 46.57 29.16
C ALA A 968 24.43 45.75 30.41
N PRO A 969 25.02 44.53 30.43
CA PRO A 969 24.94 43.72 31.64
C PRO A 969 25.93 44.18 32.70
N THR A 970 25.75 43.71 33.93
CA THR A 970 26.71 43.96 34.99
C THR A 970 27.95 43.11 34.78
N GLN A 971 27.75 41.91 34.22
CA GLN A 971 28.84 41.05 33.79
C GLN A 971 28.33 40.16 32.66
N ALA A 972 29.21 39.86 31.72
CA ALA A 972 28.88 39.11 30.51
C ALA A 972 29.44 37.70 30.61
N GLU A 973 28.86 36.79 29.84
CA GLU A 973 29.36 35.42 29.74
C GLU A 973 29.35 34.98 28.28
N TYR A 974 30.30 34.11 27.96
CA TYR A 974 30.47 33.58 26.62
C TYR A 974 30.72 32.10 26.80
N ALA A 975 29.90 31.27 26.19
CA ALA A 975 30.07 29.82 26.28
C ALA A 975 31.25 29.35 25.42
N ALA A 976 32.13 28.55 26.02
CA ALA A 976 33.24 27.94 25.29
C ALA A 976 32.77 27.10 24.09
N GLU A 977 31.72 26.32 24.30
CA GLU A 977 31.17 25.44 23.26
C GLU A 977 30.67 26.21 22.02
N SER A 978 30.28 27.47 22.20
CA SER A 978 29.87 28.36 21.10
C SER A 978 30.97 29.24 20.51
N ALA A 979 32.18 29.14 21.06
CA ALA A 979 33.34 29.88 20.55
C ALA A 979 33.85 29.24 19.25
N LYS A 980 34.76 29.94 18.58
CA LYS A 980 35.37 29.42 17.35
C LYS A 980 36.46 28.44 17.76
N LEU A 981 36.24 27.15 17.45
CA LEU A 981 37.14 26.07 17.81
C LEU A 981 38.04 25.73 16.62
N TRP A 982 39.30 25.43 16.90
CA TRP A 982 40.28 25.11 15.86
C TRP A 982 41.34 24.18 16.43
N GLY A 983 42.08 23.53 15.53
CA GLY A 983 43.22 22.71 15.93
C GLY A 983 42.88 21.43 16.66
N GLY A 984 41.65 20.95 16.46
CA GLY A 984 41.18 19.72 17.09
C GLY A 984 40.28 19.94 18.31
N ALA A 985 40.20 21.17 18.82
CA ALA A 985 39.25 21.49 19.90
C ALA A 985 37.85 21.14 19.43
N GLY A 986 37.11 20.48 20.32
CA GLY A 986 35.73 20.03 20.05
C GLY A 986 34.85 20.25 21.28
N THR A 987 33.58 19.91 21.13
CA THR A 987 32.61 20.04 22.22
C THR A 987 32.28 18.64 22.75
N SER A 988 31.88 18.55 24.01
CA SER A 988 31.58 17.28 24.63
C SER A 988 30.62 17.45 25.81
N GLN A 989 29.91 16.37 26.13
CA GLN A 989 29.12 16.24 27.35
C GLN A 989 29.60 15.08 28.22
N ASP A 990 30.82 14.57 28.00
CA ASP A 990 31.24 13.31 28.66
C ASP A 990 31.92 13.47 30.03
N HIS A 991 31.72 14.63 30.67
CA HIS A 991 32.06 14.82 32.08
C HIS A 991 30.91 15.59 32.72
N TRP A 992 30.88 15.62 34.05
CA TRP A 992 29.77 16.20 34.81
C TRP A 992 30.05 17.66 35.18
N PHE A 993 28.98 18.40 35.49
CA PHE A 993 29.03 19.72 36.13
C PHE A 993 29.50 20.87 35.24
N TYR A 994 29.46 20.69 33.92
CA TYR A 994 29.60 21.81 32.99
C TYR A 994 28.35 22.70 33.02
N LYS A 995 28.54 23.95 32.60
CA LYS A 995 27.45 24.92 32.43
C LYS A 995 27.00 24.94 30.97
N GLY A 996 25.75 25.29 30.75
CA GLY A 996 25.19 25.32 29.41
C GLY A 996 25.06 23.94 28.82
N ALA A 997 25.06 23.86 27.49
CA ALA A 997 24.74 22.61 26.82
C ALA A 997 25.95 21.66 26.69
N ALA A 998 27.15 22.20 26.87
CA ALA A 998 28.38 21.42 26.68
C ALA A 998 29.60 22.11 27.29
N PHE A 999 30.78 21.56 26.99
CA PHE A 999 32.05 22.20 27.25
C PHE A 999 33.02 21.89 26.10
N VAL A 1000 34.19 22.54 26.12
CA VAL A 1000 35.23 22.32 25.11
C VAL A 1000 36.33 21.36 25.64
N ASP A 1001 36.68 20.35 24.85
CA ASP A 1001 37.74 19.40 25.18
C ASP A 1001 38.74 19.27 24.02
N ASN A 1002 39.63 18.27 24.10
CA ASN A 1002 40.59 17.98 23.02
C ASN A 1002 41.46 19.21 22.70
N LEU A 1003 41.94 19.89 23.76
CA LEU A 1003 42.97 20.92 23.61
C LEU A 1003 44.35 20.26 23.77
N THR A 1004 44.63 19.31 22.88
CA THR A 1004 45.73 18.38 23.01
C THR A 1004 46.85 18.71 22.02
N GLY A 1005 46.49 18.95 20.77
CA GLY A 1005 47.49 19.29 19.76
C GLY A 1005 47.90 20.74 19.82
N VAL A 1006 49.16 21.01 19.50
CA VAL A 1006 49.61 22.39 19.38
C VAL A 1006 48.77 23.06 18.30
N GLY A 1007 48.28 24.26 18.60
CA GLY A 1007 47.36 24.97 17.71
C GLY A 1007 45.89 24.83 18.12
N ALA A 1008 45.57 23.88 19.01
CA ALA A 1008 44.19 23.74 19.47
C ALA A 1008 43.78 25.00 20.21
N GLU A 1009 42.60 25.55 19.89
CA GLU A 1009 42.15 26.77 20.52
C GLU A 1009 40.64 26.97 20.51
N ALA A 1010 40.21 27.82 21.43
CA ALA A 1010 38.85 28.32 21.49
C ALA A 1010 38.99 29.82 21.48
N SER A 1011 38.40 30.47 20.48
CA SER A 1011 38.49 31.91 20.33
C SER A 1011 37.12 32.57 20.57
N PHE A 1012 37.08 33.43 21.58
CA PHE A 1012 35.87 34.13 21.98
C PHE A 1012 35.80 35.49 21.33
N ASP A 1013 34.60 35.87 20.90
CA ASP A 1013 34.34 37.23 20.45
C ASP A 1013 33.68 38.03 21.61
N VAL A 1014 34.48 38.91 22.23
CA VAL A 1014 34.06 39.64 23.44
C VAL A 1014 33.81 41.08 23.10
N TYR A 1015 32.67 41.61 23.55
CA TYR A 1015 32.25 42.98 23.27
C TYR A 1015 32.48 43.87 24.48
N ALA A 1016 33.06 45.05 24.25
CA ALA A 1016 33.26 46.04 25.33
C ALA A 1016 32.63 47.39 24.95
N PRO A 1017 32.02 48.08 25.93
CA PRO A 1017 31.47 49.41 25.63
C PRO A 1017 32.55 50.49 25.48
N SER A 1018 33.70 50.32 26.15
CA SER A 1018 34.78 51.31 26.07
C SER A 1018 36.16 50.66 26.21
N ALA A 1019 37.16 51.33 25.65
CA ALA A 1019 38.54 50.87 25.77
C ALA A 1019 38.96 50.90 27.24
N GLY A 1020 39.67 49.88 27.69
CA GLY A 1020 40.06 49.79 29.10
C GLY A 1020 40.48 48.40 29.54
N THR A 1021 40.67 48.25 30.85
CA THR A 1021 41.05 46.98 31.48
C THR A 1021 39.81 46.27 32.02
N TYR A 1022 39.63 45.00 31.65
CA TYR A 1022 38.46 44.23 32.08
C TYR A 1022 38.93 42.99 32.81
N ASN A 1023 38.12 42.54 33.75
CA ASN A 1023 38.37 41.27 34.43
C ASN A 1023 37.81 40.11 33.62
N LEU A 1024 38.58 39.03 33.56
CA LEU A 1024 38.17 37.79 32.92
C LEU A 1024 38.13 36.72 33.95
N SER A 1025 37.14 35.83 33.84
CA SER A 1025 37.13 34.60 34.61
C SER A 1025 36.80 33.43 33.69
N LEU A 1026 37.75 32.50 33.60
CA LEU A 1026 37.67 31.36 32.68
C LEU A 1026 37.42 30.09 33.47
N ARG A 1027 36.26 29.49 33.25
CA ARG A 1027 35.91 28.24 33.94
C ARG A 1027 36.50 27.05 33.20
N TYR A 1028 37.28 26.23 33.90
CA TYR A 1028 38.04 25.16 33.28
C TYR A 1028 38.11 23.93 34.20
N ALA A 1029 38.39 22.78 33.61
CA ALA A 1029 38.67 21.55 34.34
C ALA A 1029 40.07 21.10 33.97
N ASN A 1030 40.75 20.56 34.96
CA ASN A 1030 42.07 19.95 34.79
C ASN A 1030 42.14 18.76 35.74
N GLY A 1031 41.84 17.59 35.20
CA GLY A 1031 41.88 16.33 35.96
C GLY A 1031 43.10 15.46 35.67
N THR A 1032 44.18 16.09 35.21
CA THR A 1032 45.43 15.37 34.93
C THR A 1032 46.21 15.05 36.20
N GLY A 1033 45.97 15.81 37.27
CA GLY A 1033 46.69 15.69 38.52
C GLY A 1033 47.77 16.75 38.68
N SER A 1034 48.10 17.46 37.61
CA SER A 1034 49.16 18.49 37.66
C SER A 1034 48.81 19.74 36.87
N THR A 1035 49.50 20.82 37.20
CA THR A 1035 49.35 22.11 36.53
C THR A 1035 49.60 22.00 35.03
N LYS A 1036 48.76 22.68 34.25
CA LYS A 1036 48.85 22.71 32.80
C LYS A 1036 48.78 24.15 32.36
N THR A 1037 49.13 24.41 31.10
CA THR A 1037 49.21 25.77 30.61
C THR A 1037 48.54 25.91 29.27
N LEU A 1038 47.98 27.10 29.04
CA LEU A 1038 47.61 27.56 27.71
C LEU A 1038 48.18 28.97 27.54
N SER A 1039 47.97 29.54 26.37
CA SER A 1039 48.28 30.93 26.11
C SER A 1039 47.01 31.70 25.86
N ALA A 1040 46.98 32.94 26.32
CA ALA A 1040 45.90 33.86 26.06
C ALA A 1040 46.38 34.85 25.00
N ILE A 1041 45.57 35.04 23.97
CA ILE A 1041 45.87 35.98 22.89
C ILE A 1041 44.69 36.93 22.71
N VAL A 1042 44.92 38.20 23.03
CA VAL A 1042 43.91 39.23 22.99
C VAL A 1042 44.16 40.10 21.77
N ASN A 1043 43.16 40.19 20.89
CA ASN A 1043 43.22 40.98 19.64
C ASN A 1043 44.49 40.71 18.78
N GLY A 1044 44.92 39.45 18.74
CA GLY A 1044 46.11 39.05 18.01
C GLY A 1044 47.43 39.54 18.59
N GLY A 1045 47.41 39.99 19.84
CA GLY A 1045 48.59 40.52 20.48
C GLY A 1045 49.51 39.42 20.96
N ALA A 1046 50.55 39.83 21.69
CA ALA A 1046 51.54 38.91 22.24
C ALA A 1046 50.87 37.91 23.19
N ALA A 1047 51.24 36.64 23.06
CA ALA A 1047 50.70 35.58 23.91
C ALA A 1047 51.09 35.83 25.36
N SER A 1048 50.18 35.54 26.28
CA SER A 1048 50.51 35.50 27.72
C SER A 1048 50.16 34.11 28.25
N THR A 1049 50.92 33.65 29.24
CA THR A 1049 50.72 32.31 29.80
C THR A 1049 49.54 32.28 30.76
N VAL A 1050 48.75 31.23 30.63
CA VAL A 1050 47.59 30.95 31.47
C VAL A 1050 47.93 29.65 32.17
N THR A 1051 48.20 29.73 33.47
CA THR A 1051 48.63 28.58 34.25
C THR A 1051 47.43 28.05 35.04
N LEU A 1052 47.14 26.76 34.84
CA LEU A 1052 45.87 26.17 35.28
C LEU A 1052 46.14 24.97 36.18
N THR A 1053 46.02 25.18 37.50
CA THR A 1053 46.26 24.10 38.47
C THR A 1053 45.15 23.07 38.39
N SER A 1054 45.48 21.87 38.87
CA SER A 1054 44.57 20.74 38.95
C SER A 1054 44.11 20.57 40.39
N PRO A 1055 42.79 20.47 40.63
CA PRO A 1055 42.32 20.15 41.99
C PRO A 1055 42.44 18.66 42.32
N GLY A 1056 42.85 17.85 41.34
CA GLY A 1056 43.09 16.42 41.54
C GLY A 1056 42.73 15.67 40.29
N MET A 1057 42.71 14.36 40.40
CA MET A 1057 42.48 13.48 39.26
C MET A 1057 40.99 13.25 39.06
N ASN A 1058 40.25 14.29 38.70
CA ASN A 1058 38.78 14.18 38.56
C ASN A 1058 38.32 15.27 37.61
N TRP A 1059 37.79 14.84 36.47
CA TRP A 1059 37.37 15.76 35.40
C TRP A 1059 35.97 16.39 35.63
N ASN A 1060 35.31 16.01 36.73
CA ASN A 1060 34.03 16.61 37.13
C ASN A 1060 34.18 17.82 38.05
N LEU A 1061 35.42 18.27 38.31
CA LEU A 1061 35.70 19.45 39.11
C LEU A 1061 36.08 20.61 38.23
N TRP A 1062 35.43 21.74 38.44
CA TRP A 1062 35.65 22.93 37.62
C TRP A 1062 36.18 24.03 38.53
N ASN A 1063 37.06 24.88 37.99
CA ASN A 1063 37.63 26.02 38.70
C ASN A 1063 37.56 27.25 37.82
N GLU A 1064 37.77 28.40 38.44
CA GLU A 1064 37.87 29.67 37.76
C GLU A 1064 39.34 30.08 37.69
N HIS A 1065 39.77 30.49 36.51
CA HIS A 1065 41.05 31.17 36.33
C HIS A 1065 40.72 32.64 36.09
N THR A 1066 41.21 33.50 36.99
CA THR A 1066 40.98 34.94 36.88
C THR A 1066 42.20 35.63 36.26
N MET A 1067 41.95 36.69 35.51
CA MET A 1067 43.01 37.47 34.86
C MET A 1067 42.41 38.76 34.37
N THR A 1068 43.24 39.66 33.86
CA THR A 1068 42.75 40.87 33.23
C THR A 1068 43.19 40.93 31.79
N ALA A 1069 42.52 41.79 31.03
CA ALA A 1069 42.85 42.01 29.63
C ALA A 1069 42.51 43.43 29.25
N THR A 1070 43.31 43.99 28.35
CA THR A 1070 43.06 45.29 27.77
C THR A 1070 42.28 45.11 26.48
N LEU A 1071 41.09 45.71 26.43
CA LEU A 1071 40.16 45.57 25.32
C LEU A 1071 39.89 46.94 24.70
N THR A 1072 39.49 46.91 23.43
CA THR A 1072 39.04 48.10 22.73
C THR A 1072 37.52 48.14 22.71
N ALA A 1073 36.96 49.32 22.43
CA ALA A 1073 35.52 49.47 22.27
C ALA A 1073 35.03 48.60 21.11
N GLY A 1074 33.96 47.83 21.35
CA GLY A 1074 33.39 46.97 20.32
C GLY A 1074 33.89 45.54 20.43
N ARG A 1075 34.06 44.90 19.27
CA ARG A 1075 34.39 43.47 19.19
C ARG A 1075 35.87 43.27 19.52
N ASN A 1076 36.15 42.32 20.40
CA ASN A 1076 37.51 41.90 20.71
C ASN A 1076 37.61 40.40 20.50
N THR A 1077 38.80 39.91 20.16
CA THR A 1077 39.03 38.48 20.15
C THR A 1077 39.90 38.12 21.33
N ILE A 1078 39.49 37.09 22.07
CA ILE A 1078 40.27 36.54 23.18
C ILE A 1078 40.36 35.03 22.95
N SER A 1079 41.56 34.53 22.64
CA SER A 1079 41.80 33.11 22.35
C SER A 1079 42.58 32.45 23.42
N PHE A 1080 42.21 31.21 23.70
CA PHE A 1080 42.95 30.36 24.59
C PHE A 1080 43.41 29.19 23.75
N ARG A 1081 44.73 29.05 23.65
CA ARG A 1081 45.39 28.17 22.68
C ARG A 1081 46.55 27.41 23.32
N ARG A 1082 46.74 26.16 22.90
CA ARG A 1082 47.96 25.44 23.21
C ARG A 1082 49.03 25.86 22.20
N ASN A 1083 49.86 26.85 22.58
CA ASN A 1083 51.08 27.18 21.81
C ASN A 1083 52.14 26.10 22.07
N SER A 1084 53.22 26.07 21.28
CA SER A 1084 54.19 24.94 21.37
C SER A 1084 54.85 24.81 22.74
N GLY A 1085 55.06 25.92 23.43
CA GLY A 1085 55.54 25.87 24.81
C GLY A 1085 54.55 25.36 25.86
N ASN A 1086 53.26 25.32 25.53
CA ASN A 1086 52.20 24.97 26.50
C ASN A 1086 51.91 23.47 26.53
N SER A 1087 51.39 23.00 27.66
CA SER A 1087 51.04 21.60 27.85
C SER A 1087 49.61 21.27 27.43
N GLY A 1088 48.68 22.24 27.45
CA GLY A 1088 47.29 21.99 27.08
C GLY A 1088 46.60 20.98 28.00
N ASN A 1089 45.75 20.14 27.41
CA ASN A 1089 45.08 19.03 28.12
C ASN A 1089 44.22 19.50 29.29
N VAL A 1090 43.44 20.54 29.01
CA VAL A 1090 42.40 21.05 29.92
C VAL A 1090 41.10 21.16 29.13
N ASN A 1091 40.00 21.26 29.86
CA ASN A 1091 38.69 21.50 29.27
C ASN A 1091 38.25 22.90 29.66
N LEU A 1092 37.57 23.59 28.73
CA LEU A 1092 37.09 24.95 28.95
C LEU A 1092 35.56 25.00 28.85
N ASP A 1093 34.93 25.80 29.71
CA ASP A 1093 33.47 25.83 29.79
C ASP A 1093 32.85 27.17 29.45
N ARG A 1094 33.43 28.25 29.97
CA ARG A 1094 32.80 29.58 29.92
C ARG A 1094 33.81 30.68 30.24
N LEU A 1095 33.71 31.77 29.50
CA LEU A 1095 34.45 33.00 29.80
C LEU A 1095 33.49 34.07 30.33
N ALA A 1096 33.74 34.54 31.55
CA ALA A 1096 33.00 35.66 32.14
C ALA A 1096 33.85 36.91 32.03
N VAL A 1097 33.19 38.04 31.78
CA VAL A 1097 33.86 39.32 31.55
C VAL A 1097 33.12 40.43 32.29
N SER A 1098 33.85 41.23 33.09
CA SER A 1098 33.29 42.39 33.79
C SER A 1098 34.31 43.53 34.00
N ALA A 1099 33.80 44.75 34.07
CA ALA A 1099 34.59 45.90 34.52
C ALA A 1099 34.81 45.86 36.04
N SER A 1100 33.94 45.17 36.78
CA SER A 1100 34.09 44.97 38.24
C SER A 1100 34.57 43.56 38.50
N ALA A 1101 34.72 43.22 39.79
CA ALA A 1101 35.03 41.85 40.17
C ALA A 1101 33.87 40.93 39.76
N ILE A 1102 34.22 39.75 39.28
CA ILE A 1102 33.23 38.80 38.77
C ILE A 1102 32.68 38.00 39.94
N THR A 1103 31.36 37.90 40.02
CA THR A 1103 30.66 37.06 41.00
C THR A 1103 29.83 36.02 40.26
N THR A 1104 29.22 35.11 41.00
CA THR A 1104 28.41 34.03 40.42
C THR A 1104 27.37 34.61 39.47
N LEU A 1105 27.31 34.04 38.27
CA LEU A 1105 26.37 34.46 37.24
C LEU A 1105 24.96 33.96 37.59
N ALA A 1106 23.94 34.71 37.19
CA ALA A 1106 22.55 34.28 37.39
C ALA A 1106 22.23 32.96 36.68
N SER A 1107 22.94 32.66 35.59
CA SER A 1107 22.75 31.39 34.85
C SER A 1107 23.44 30.18 35.46
N GLU A 1108 24.24 30.36 36.51
CA GLU A 1108 25.09 29.30 37.04
C GLU A 1108 24.81 28.99 38.51
N ARG A 1109 23.60 29.29 38.99
CA ARG A 1109 23.25 29.05 40.39
C ARG A 1109 23.01 27.57 40.73
N ASN A 1110 22.61 26.76 39.75
CA ASN A 1110 22.23 25.36 39.98
C ASN A 1110 23.43 24.51 40.38
N LEU A 1111 23.34 23.83 41.53
CA LEU A 1111 24.39 22.95 42.01
C LEU A 1111 24.32 21.52 41.52
N LEU A 1112 23.17 21.12 40.95
CA LEU A 1112 23.02 19.75 40.46
C LEU A 1112 23.69 19.59 39.08
N ASP A 1113 24.14 18.37 38.79
CA ASP A 1113 24.54 17.95 37.46
C ASP A 1113 23.31 17.39 36.73
N ASN A 1114 23.13 17.82 35.47
CA ASN A 1114 22.09 17.29 34.60
C ASN A 1114 20.70 17.31 35.27
N GLY A 1115 20.43 18.42 35.97
CA GLY A 1115 19.19 18.63 36.67
C GLY A 1115 18.02 18.73 35.72
N ASP A 1116 18.29 19.18 34.48
CA ASP A 1116 17.28 19.29 33.42
C ASP A 1116 17.19 18.07 32.48
N PHE A 1117 17.97 17.02 32.76
CA PHE A 1117 18.04 15.78 31.99
C PHE A 1117 18.30 16.02 30.49
N GLU A 1118 18.98 17.12 30.17
CA GLU A 1118 19.20 17.50 28.76
C GLU A 1118 20.36 16.80 28.11
N ARG A 1119 21.22 16.17 28.91
CA ARG A 1119 22.41 15.50 28.40
C ARG A 1119 21.99 14.34 27.48
N ASP A 1120 22.73 14.19 26.39
CA ASP A 1120 22.58 13.04 25.49
C ASP A 1120 22.69 11.78 26.37
N THR A 1121 21.70 10.90 26.28
CA THR A 1121 21.62 9.74 27.19
C THR A 1121 22.66 8.64 26.97
N THR A 1122 23.46 8.77 25.90
CA THR A 1122 24.72 8.05 25.76
C THR A 1122 25.68 8.33 26.92
N TYR A 1123 25.63 9.53 27.48
CA TYR A 1123 26.52 9.91 28.59
C TYR A 1123 25.78 9.92 29.93
N ASN A 1124 26.45 9.47 30.98
CA ASN A 1124 25.86 9.42 32.31
C ASN A 1124 25.98 10.76 33.04
N SER A 1125 25.48 10.78 34.28
CA SER A 1125 25.44 11.98 35.09
C SER A 1125 25.57 11.61 36.57
N ASN A 1126 25.55 12.62 37.44
CA ASN A 1126 25.60 12.42 38.88
C ASN A 1126 24.30 11.84 39.46
N TRP A 1127 23.24 11.73 38.65
CA TRP A 1127 22.04 10.96 39.06
C TRP A 1127 22.30 9.46 39.21
N THR A 1128 21.79 8.88 40.30
CA THR A 1128 21.76 7.42 40.49
C THR A 1128 20.31 6.99 40.61
N GLN A 1129 20.07 5.69 40.44
CA GLN A 1129 18.72 5.13 40.50
C GLN A 1129 18.65 3.93 41.43
N TRP A 1130 17.45 3.68 41.94
CA TRP A 1130 17.20 2.48 42.73
C TRP A 1130 15.82 1.93 42.39
N GLN A 1131 15.75 0.60 42.39
CA GLN A 1131 14.49 -0.13 42.39
C GLN A 1131 14.68 -1.39 43.26
N PRO A 1132 13.57 -2.00 43.71
CA PRO A 1132 13.69 -3.25 44.49
C PRO A 1132 14.43 -4.35 43.72
N SER A 1133 15.25 -5.12 44.43
CA SER A 1133 15.99 -6.23 43.82
C SER A 1133 15.02 -7.17 43.09
N GLY A 1134 15.32 -7.47 41.83
CA GLY A 1134 14.48 -8.31 40.99
C GLY A 1134 13.50 -7.59 40.09
N GLN A 1135 13.29 -6.29 40.31
CA GLN A 1135 12.37 -5.51 39.49
C GLN A 1135 13.14 -4.82 38.35
N PRO A 1136 12.59 -4.83 37.11
CA PRO A 1136 13.18 -3.99 36.07
C PRO A 1136 13.09 -2.49 36.41
N SER A 1137 14.09 -1.72 36.00
CA SER A 1137 14.05 -0.26 36.14
C SER A 1137 12.80 0.30 35.46
N ALA A 1138 12.11 1.21 36.15
CA ALA A 1138 10.98 1.94 35.59
C ALA A 1138 11.40 3.34 35.07
N PHE A 1139 12.68 3.67 35.19
CA PHE A 1139 13.21 5.01 34.96
C PHE A 1139 13.92 5.10 33.60
N GLY A 1140 13.68 6.18 32.88
CA GLY A 1140 14.51 6.55 31.73
C GLY A 1140 14.47 8.04 31.50
N ILE A 1141 15.14 8.47 30.44
CA ILE A 1141 15.14 9.88 30.01
C ILE A 1141 14.91 9.90 28.52
N ASP A 1142 13.88 10.61 28.09
CA ASP A 1142 13.68 10.88 26.65
C ASP A 1142 12.79 12.10 26.46
N SER A 1143 12.38 12.37 25.21
CA SER A 1143 11.62 13.55 24.86
C SER A 1143 10.09 13.42 24.92
N GLY A 1144 9.57 12.20 24.93
CA GLY A 1144 8.12 11.99 24.86
C GLY A 1144 7.49 12.22 23.52
N ASN A 1145 8.33 12.35 22.47
CA ASN A 1145 7.83 12.64 21.11
C ASN A 1145 7.32 11.39 20.40
N ALA A 1146 7.67 10.20 20.87
CA ALA A 1146 7.15 8.93 20.30
C ALA A 1146 5.67 8.70 20.63
N LEU A 1147 5.13 9.47 21.57
CA LEU A 1147 3.75 9.33 22.02
C LEU A 1147 2.81 10.19 21.21
N HIS A 1148 1.57 9.72 21.07
CA HIS A 1148 0.51 10.45 20.39
C HIS A 1148 -0.70 10.63 21.30
N PRO A 1149 -0.97 11.87 21.76
CA PRO A 1149 -0.18 13.11 21.57
C PRO A 1149 1.14 13.07 22.37
N PRO A 1150 2.10 13.96 22.03
CA PRO A 1150 3.35 13.97 22.82
C PRO A 1150 3.13 14.30 24.30
N GLU A 1151 3.96 13.71 25.15
CA GLU A 1151 4.06 14.08 26.54
C GLU A 1151 5.44 14.67 26.71
N GLY A 1152 5.56 15.95 26.40
CA GLY A 1152 6.85 16.62 26.24
C GLY A 1152 7.59 16.94 27.53
N PRO A 1153 8.77 17.57 27.41
CA PRO A 1153 9.52 18.02 28.58
C PRO A 1153 8.92 19.32 29.12
N ALA A 1154 9.33 19.73 30.31
CA ALA A 1154 8.92 21.05 30.83
C ALA A 1154 9.71 22.15 30.12
N ARG A 1155 10.98 21.88 29.86
CA ARG A 1155 11.84 22.81 29.11
C ARG A 1155 12.81 22.04 28.23
N ARG A 1156 13.12 22.64 27.10
CA ARG A 1156 14.10 22.13 26.15
C ARG A 1156 13.68 20.77 25.58
N ASN A 1157 14.54 19.75 25.62
CA ASN A 1157 14.34 18.55 24.79
C ASN A 1157 13.92 17.31 25.53
N GLN A 1158 14.33 17.16 26.80
CA GLN A 1158 14.19 15.89 27.50
C GLN A 1158 13.67 16.03 28.94
N ARG A 1159 13.13 14.94 29.45
CA ARG A 1159 12.72 14.86 30.86
C ARG A 1159 12.83 13.43 31.33
N ALA A 1160 13.07 13.26 32.61
CA ALA A 1160 13.07 11.96 33.20
C ALA A 1160 11.63 11.43 33.26
N TYR A 1161 11.49 10.11 33.19
CA TYR A 1161 10.19 9.46 33.42
C TYR A 1161 10.35 8.27 34.35
N PHE A 1162 9.33 8.03 35.16
CA PHE A 1162 9.13 6.74 35.81
C PHE A 1162 7.87 6.18 35.17
N HIS A 1163 7.94 4.94 34.68
CA HIS A 1163 6.75 4.25 34.18
C HIS A 1163 6.98 2.77 34.15
N SER A 1164 5.97 2.02 34.59
CA SER A 1164 5.87 0.59 34.31
C SER A 1164 4.41 0.21 34.17
N ASP A 1165 4.15 -0.81 33.35
CA ASP A 1165 2.80 -1.34 33.10
C ASP A 1165 2.31 -2.16 34.30
N ASN A 1166 3.24 -2.62 35.13
CA ASN A 1166 2.95 -3.45 36.28
C ASN A 1166 3.45 -2.73 37.55
N ALA A 1167 3.08 -3.26 38.72
CA ALA A 1167 3.39 -2.61 40.00
C ALA A 1167 4.89 -2.35 40.12
N TYR A 1168 5.26 -1.22 40.72
CA TYR A 1168 6.68 -0.84 40.80
C TYR A 1168 7.00 0.17 41.88
N GLN A 1169 8.25 0.10 42.35
CA GLN A 1169 8.88 1.15 43.12
C GLN A 1169 10.11 1.61 42.34
N GLN A 1170 10.41 2.90 42.42
CA GLN A 1170 11.53 3.46 41.67
C GLN A 1170 11.92 4.79 42.29
N SER A 1171 13.23 5.05 42.32
CA SER A 1171 13.74 6.36 42.69
C SER A 1171 14.92 6.74 41.84
N ILE A 1172 15.18 8.04 41.78
CA ILE A 1172 16.48 8.55 41.39
C ILE A 1172 16.95 9.48 42.48
N HIS A 1173 18.27 9.59 42.62
CA HIS A 1173 18.89 10.40 43.65
C HIS A 1173 20.13 11.05 43.09
N GLN A 1174 20.47 12.22 43.62
CA GLN A 1174 21.75 12.85 43.34
C GLN A 1174 22.29 13.52 44.63
N VAL A 1175 23.53 13.20 44.99
CA VAL A 1175 24.22 13.84 46.11
C VAL A 1175 25.26 14.82 45.61
N VAL A 1176 25.21 16.06 46.11
CA VAL A 1176 26.22 17.07 45.82
C VAL A 1176 26.77 17.65 47.11
N ASP A 1177 28.07 17.93 47.13
CA ASP A 1177 28.69 18.70 48.21
C ASP A 1177 28.41 20.15 47.93
N VAL A 1178 27.96 20.87 48.95
CA VAL A 1178 27.59 22.29 48.78
C VAL A 1178 28.81 23.19 48.86
N PRO A 1179 28.74 24.40 48.28
CA PRO A 1179 29.89 25.31 48.33
C PRO A 1179 30.14 25.91 49.71
N VAL A 1180 29.06 26.24 50.42
CA VAL A 1180 29.11 26.83 51.75
C VAL A 1180 28.28 25.95 52.70
N ASN A 1181 28.96 25.29 53.64
CA ASN A 1181 28.27 24.52 54.69
C ASN A 1181 27.69 25.48 55.73
N ASN A 1182 26.81 24.97 56.58
CA ASN A 1182 26.14 25.78 57.61
C ASN A 1182 25.45 26.98 56.97
N ALA A 1183 24.58 26.66 56.00
CA ALA A 1183 23.86 27.65 55.20
C ALA A 1183 22.58 27.02 54.58
N THR A 1184 21.74 27.87 54.01
CA THR A 1184 20.40 27.48 53.55
C THR A 1184 20.31 27.26 52.04
N TYR A 1185 19.69 26.15 51.65
CA TYR A 1185 19.52 25.77 50.24
C TYR A 1185 18.05 25.46 49.93
N ARG A 1186 17.77 25.30 48.63
CA ARG A 1186 16.40 25.24 48.13
C ARG A 1186 16.34 24.33 46.91
N LEU A 1187 15.45 23.34 46.95
CA LEU A 1187 15.19 22.46 45.83
C LEU A 1187 13.93 22.91 45.11
N GLU A 1188 14.04 23.05 43.78
CA GLU A 1188 12.88 23.31 42.91
C GLU A 1188 12.90 22.30 41.74
N ALA A 1189 11.72 21.92 41.28
CA ALA A 1189 11.59 21.00 40.12
C ALA A 1189 10.23 21.14 39.47
N LYS A 1190 10.17 20.78 38.19
CA LYS A 1190 8.91 20.62 37.50
C LYS A 1190 8.57 19.14 37.58
N VAL A 1191 7.32 18.83 37.93
CA VAL A 1191 6.83 17.46 37.99
C VAL A 1191 5.44 17.34 37.38
N ARG A 1192 5.20 16.23 36.70
CA ARG A 1192 3.93 15.92 36.05
C ARG A 1192 3.61 14.46 36.30
N MET A 1193 2.38 14.20 36.73
CA MET A 1193 1.95 12.84 36.95
C MET A 1193 0.67 12.59 36.18
N LYS A 1194 0.55 11.40 35.64
CA LYS A 1194 -0.67 10.99 34.95
C LYS A 1194 -0.90 9.49 35.08
N ASN A 1195 -2.09 9.07 34.63
CA ASN A 1195 -2.52 7.68 34.64
C ASN A 1195 -2.80 7.24 36.10
N THR A 1196 -2.36 6.07 36.53
CA THR A 1196 -2.85 5.49 37.80
C THR A 1196 -2.24 6.18 39.02
N THR A 1197 -3.11 6.50 39.99
CA THR A 1197 -2.70 7.11 41.28
C THR A 1197 -1.77 6.16 42.03
N PRO A 1198 -0.54 6.62 42.34
CA PRO A 1198 0.36 5.78 43.13
C PRO A 1198 0.10 5.89 44.63
N THR A 1199 0.62 4.94 45.38
CA THR A 1199 0.55 4.99 46.87
C THR A 1199 1.41 6.13 47.40
N THR A 1200 2.61 6.24 46.83
CA THR A 1200 3.56 7.32 47.17
C THR A 1200 4.16 7.88 45.89
N ALA A 1201 4.27 9.20 45.85
CA ALA A 1201 5.03 9.90 44.81
C ALA A 1201 5.50 11.22 45.42
N ARG A 1202 6.81 11.41 45.47
CA ARG A 1202 7.36 12.57 46.16
C ARG A 1202 8.78 12.94 45.76
N ALA A 1203 9.09 14.23 45.90
CA ALA A 1203 10.47 14.71 46.00
C ALA A 1203 10.97 14.49 47.43
N GLU A 1204 12.28 14.25 47.57
CA GLU A 1204 12.93 13.97 48.86
C GLU A 1204 14.26 14.73 48.99
N VAL A 1205 14.47 15.37 50.15
CA VAL A 1205 15.75 16.01 50.50
C VAL A 1205 16.18 15.36 51.80
N GLN A 1206 17.40 14.82 51.82
CA GLN A 1206 17.93 14.13 53.00
C GLN A 1206 19.47 14.18 53.01
N GLY A 1207 20.08 13.73 54.10
CA GLY A 1207 21.55 13.69 54.24
C GLY A 1207 22.21 15.04 54.47
N HIS A 1208 21.39 16.05 54.75
CA HIS A 1208 21.81 17.43 54.86
C HIS A 1208 22.17 17.86 56.29
N GLY A 1209 22.00 16.95 57.26
CA GLY A 1209 22.16 17.28 58.69
C GLY A 1209 20.88 17.12 59.50
N GLY A 1210 19.73 17.37 58.88
CA GLY A 1210 18.41 17.18 59.52
C GLY A 1210 17.73 15.90 59.07
N SER A 1211 16.50 15.68 59.51
CA SER A 1211 15.74 14.51 59.08
C SER A 1211 15.15 14.77 57.68
N PRO A 1212 14.86 13.70 56.92
CA PRO A 1212 14.31 13.83 55.56
C PRO A 1212 13.16 14.82 55.43
N ILE A 1213 13.12 15.57 54.32
CA ILE A 1213 12.01 16.47 54.03
C ILE A 1213 11.33 15.93 52.77
N TYR A 1214 10.00 15.87 52.80
CA TYR A 1214 9.21 15.34 51.68
C TYR A 1214 8.29 16.37 51.09
N ALA A 1215 8.07 16.24 49.78
CA ALA A 1215 7.09 17.05 49.07
C ALA A 1215 6.33 16.12 48.12
N ASN A 1216 5.04 15.92 48.38
CA ASN A 1216 4.26 14.96 47.61
C ASN A 1216 3.88 15.52 46.24
N ILE A 1217 3.67 14.61 45.29
CA ILE A 1217 3.30 14.94 43.91
C ILE A 1217 1.94 14.33 43.69
N SER A 1218 0.96 15.09 43.20
CA SER A 1218 -0.39 14.52 43.04
C SER A 1218 -0.77 14.42 41.58
N ASN A 1219 -1.61 13.41 41.32
CA ASN A 1219 -1.88 12.93 39.97
C ASN A 1219 -2.81 13.91 39.25
N ASP A 1220 -2.26 14.63 38.26
CA ASP A 1220 -3.03 15.64 37.52
C ASP A 1220 -3.00 15.52 36.00
N GLY A 1221 -1.82 15.32 35.42
CA GLY A 1221 -1.61 15.37 33.95
C GLY A 1221 -0.88 16.62 33.48
N VAL A 1222 -0.63 17.54 34.41
CA VAL A 1222 -0.09 18.86 34.08
C VAL A 1222 1.23 19.09 34.80
N TRP A 1223 2.08 19.92 34.23
CA TRP A 1223 3.36 20.26 34.87
C TRP A 1223 3.10 21.18 36.06
N LYS A 1224 3.60 20.79 37.23
CA LYS A 1224 3.53 21.61 38.45
C LYS A 1224 4.93 21.83 38.97
N THR A 1225 5.13 22.90 39.73
CA THR A 1225 6.43 23.16 40.34
C THR A 1225 6.36 22.65 41.78
N ILE A 1226 7.39 21.94 42.19
CA ILE A 1226 7.54 21.47 43.54
C ILE A 1226 8.75 22.21 44.11
N VAL A 1227 8.62 22.69 45.36
CA VAL A 1227 9.69 23.43 46.04
C VAL A 1227 9.87 22.89 47.45
N ILE A 1228 11.12 22.64 47.82
CA ILE A 1228 11.49 22.36 49.21
C ILE A 1228 12.48 23.46 49.58
N ASP A 1229 12.00 24.42 50.35
CA ASP A 1229 12.80 25.57 50.78
C ASP A 1229 13.40 25.29 52.16
N ASN A 1230 14.25 26.22 52.61
CA ASN A 1230 14.80 26.21 53.97
C ASN A 1230 15.51 24.93 54.30
N ILE A 1231 16.34 24.44 53.37
CA ILE A 1231 17.15 23.26 53.65
C ILE A 1231 18.39 23.79 54.38
N ASN A 1232 18.48 23.49 55.68
CA ASN A 1232 19.61 23.95 56.51
C ASN A 1232 20.64 22.85 56.43
N VAL A 1233 21.70 23.10 55.65
CA VAL A 1233 22.74 22.09 55.40
C VAL A 1233 23.86 22.29 56.40
N THR A 1234 24.13 21.25 57.19
CA THR A 1234 25.23 21.22 58.16
C THR A 1234 26.18 20.05 57.92
N SER A 1235 25.79 19.07 57.09
CA SER A 1235 26.65 17.94 56.76
C SER A 1235 27.65 18.24 55.65
N GLY A 1236 27.54 19.41 55.01
CA GLY A 1236 28.34 19.72 53.83
C GLY A 1236 27.82 19.13 52.51
N SER A 1237 26.74 18.34 52.54
CA SER A 1237 26.18 17.77 51.31
C SER A 1237 24.67 17.55 51.43
N VAL A 1238 24.01 17.40 50.27
CA VAL A 1238 22.57 17.20 50.18
C VAL A 1238 22.30 16.10 49.17
N ASP A 1239 21.36 15.21 49.51
CA ASP A 1239 20.81 14.21 48.61
C ASP A 1239 19.43 14.71 48.21
N VAL A 1240 19.22 14.95 46.91
CA VAL A 1240 17.90 15.30 46.38
C VAL A 1240 17.41 14.10 45.58
N GLY A 1241 16.11 13.86 45.58
CA GLY A 1241 15.58 12.68 44.96
C GLY A 1241 14.11 12.71 44.68
N PHE A 1242 13.68 11.69 43.94
CA PHE A 1242 12.29 11.50 43.56
C PHE A 1242 11.98 10.01 43.68
N TYR A 1243 10.84 9.68 44.29
CA TYR A 1243 10.45 8.29 44.59
C TYR A 1243 8.98 8.06 44.28
N VAL A 1244 8.69 6.92 43.65
CA VAL A 1244 7.31 6.50 43.38
C VAL A 1244 7.08 5.07 43.87
N ASP A 1245 5.97 4.85 44.58
CA ASP A 1245 5.44 3.51 44.89
C ASP A 1245 4.08 3.36 44.20
N SER A 1246 4.01 2.54 43.15
CA SER A 1246 2.81 2.43 42.30
C SER A 1246 2.28 1.00 42.23
N PRO A 1247 0.95 0.84 42.21
CA PRO A 1247 0.36 -0.47 41.91
C PRO A 1247 0.43 -0.84 40.42
N GLY A 1248 0.77 0.12 39.55
CA GLY A 1248 1.03 -0.14 38.15
C GLY A 1248 0.46 0.97 37.29
N TYR A 1249 1.16 1.29 36.21
CA TYR A 1249 0.72 2.26 35.23
C TYR A 1249 0.64 3.72 35.75
N THR A 1250 1.41 4.04 36.79
CA THR A 1250 1.68 5.43 37.16
C THR A 1250 2.83 5.96 36.30
N THR A 1251 2.60 7.11 35.68
CA THR A 1251 3.63 7.83 34.95
C THR A 1251 4.00 9.09 35.72
N LEU A 1252 5.27 9.22 36.11
CA LEU A 1252 5.80 10.48 36.65
C LEU A 1252 6.83 11.05 35.67
N HIS A 1253 6.70 12.33 35.36
CA HIS A 1253 7.77 13.06 34.66
C HIS A 1253 8.40 14.07 35.58
N ILE A 1254 9.71 14.20 35.47
CA ILE A 1254 10.51 15.08 36.30
C ILE A 1254 11.42 15.87 35.36
N ASP A 1255 11.51 17.18 35.58
CA ASP A 1255 12.35 18.04 34.76
C ASP A 1255 12.78 19.29 35.52
N GLU A 1256 13.80 19.97 35.01
CA GLU A 1256 14.22 21.28 35.50
C GLU A 1256 14.49 21.29 37.01
N VAL A 1257 15.22 20.29 37.49
CA VAL A 1257 15.51 20.18 38.91
C VAL A 1257 16.69 21.12 39.22
N THR A 1258 16.52 21.97 40.24
CA THR A 1258 17.59 22.90 40.65
C THR A 1258 17.77 22.84 42.15
N LEU A 1259 19.02 22.82 42.58
CA LEU A 1259 19.38 23.06 43.98
C LEU A 1259 20.24 24.33 44.00
N THR A 1260 19.73 25.35 44.69
CA THR A 1260 20.40 26.64 44.78
C THR A 1260 20.52 27.11 46.23
N ARG A 1261 21.48 28.00 46.42
CA ARG A 1261 21.68 28.73 47.67
C ARG A 1261 20.48 29.65 47.80
N ALA A 1262 19.79 29.62 48.95
CA ALA A 1262 18.59 30.43 49.13
C ALA A 1262 18.77 31.39 50.31
N PRO A 1263 18.47 32.70 50.10
CA PRO A 1263 18.59 33.71 51.16
C PRO A 1263 18.21 33.22 52.57
N MET B 17 21.49 15.87 -35.58
CA MET B 17 20.25 16.26 -36.32
C MET B 17 20.47 17.67 -36.89
N ALA B 18 20.14 17.87 -38.16
CA ALA B 18 20.65 19.01 -38.93
C ALA B 18 20.22 20.41 -38.42
N GLY B 19 21.17 21.34 -38.46
CA GLY B 19 20.90 22.74 -38.17
C GLY B 19 20.24 23.38 -39.37
N LEU B 20 19.85 24.64 -39.22
CA LEU B 20 19.18 25.34 -40.30
C LEU B 20 20.12 25.56 -41.49
N GLY B 21 19.51 25.69 -42.68
CA GLY B 21 20.25 26.02 -43.89
C GLY B 21 20.37 27.53 -44.05
N ASN B 22 20.72 27.95 -45.27
CA ASN B 22 21.01 29.35 -45.54
C ASN B 22 19.74 30.20 -45.53
N VAL B 23 19.92 31.48 -45.20
CA VAL B 23 18.86 32.48 -45.31
C VAL B 23 18.68 32.84 -46.79
N THR B 24 17.45 32.73 -47.29
CA THR B 24 17.09 33.14 -48.65
C THR B 24 16.08 34.29 -48.68
N GLY B 25 15.68 34.76 -47.51
CA GLY B 25 14.66 35.81 -47.40
C GLY B 25 14.65 36.35 -45.98
N ALA B 26 14.48 37.67 -45.85
CA ALA B 26 14.47 38.37 -44.56
C ALA B 26 13.56 39.58 -44.66
N VAL B 27 12.39 39.49 -44.03
CA VAL B 27 11.41 40.57 -44.04
C VAL B 27 11.23 41.16 -42.64
N ALA B 28 11.62 42.42 -42.49
CA ALA B 28 11.48 43.16 -41.23
C ALA B 28 10.18 43.95 -41.27
N SER B 29 9.51 44.06 -40.13
CA SER B 29 8.27 44.80 -40.03
C SER B 29 7.99 45.11 -38.57
N GLY B 30 8.22 46.36 -38.16
CA GLY B 30 8.05 46.78 -36.78
C GLY B 30 9.08 46.06 -35.92
N ASP B 31 8.60 45.35 -34.91
CA ASP B 31 9.48 44.57 -34.02
C ASP B 31 9.66 43.10 -34.44
N SER B 32 9.11 42.72 -35.61
CA SER B 32 9.22 41.34 -36.09
C SER B 32 10.13 41.19 -37.31
N LEU B 33 10.89 40.11 -37.31
CA LEU B 33 11.72 39.70 -38.43
C LEU B 33 11.29 38.28 -38.80
N THR B 34 10.91 38.07 -40.06
CA THR B 34 10.55 36.75 -40.55
C THR B 34 11.60 36.30 -41.55
N LEU B 35 12.29 35.19 -41.24
CA LEU B 35 13.32 34.62 -42.10
C LEU B 35 12.81 33.37 -42.82
N THR B 36 13.22 33.22 -44.08
CA THR B 36 12.99 32.01 -44.87
C THR B 36 14.35 31.34 -45.03
N LEU B 37 14.40 30.02 -44.76
CA LEU B 37 15.65 29.25 -44.83
C LEU B 37 15.56 28.10 -45.82
N ASP B 38 16.63 27.90 -46.58
CA ASP B 38 16.72 26.79 -47.52
C ASP B 38 16.77 25.45 -46.76
N ASN B 39 15.98 24.48 -47.22
CA ASN B 39 16.04 23.10 -46.74
C ASN B 39 16.16 22.08 -47.89
N GLY B 40 16.44 22.57 -49.11
CA GLY B 40 16.55 21.72 -50.29
C GLY B 40 15.24 21.40 -50.99
N THR B 41 14.12 21.87 -50.43
CA THR B 41 12.77 21.54 -50.93
C THR B 41 12.00 22.82 -51.24
N SER B 42 10.87 22.66 -51.91
CA SER B 42 10.02 23.79 -52.29
C SER B 42 9.31 24.47 -51.11
N ALA B 43 9.19 23.75 -50.00
CA ALA B 43 8.63 24.28 -48.75
C ALA B 43 9.77 24.68 -47.81
N SER B 44 10.16 25.94 -47.90
CA SER B 44 11.24 26.48 -47.08
C SER B 44 10.84 26.58 -45.60
N ASP B 45 11.83 26.50 -44.71
CA ASP B 45 11.62 26.72 -43.27
C ASP B 45 11.37 28.20 -43.02
N ILE B 46 10.58 28.48 -41.98
CA ILE B 46 10.30 29.85 -41.55
C ILE B 46 10.80 30.01 -40.10
N LEU B 47 11.50 31.10 -39.83
CA LEU B 47 11.93 31.44 -38.47
C LEU B 47 11.44 32.86 -38.19
N GLU B 48 10.48 32.98 -37.26
CA GLU B 48 9.90 34.27 -36.88
C GLU B 48 10.46 34.77 -35.55
N LEU B 49 11.16 35.91 -35.60
CA LEU B 49 11.64 36.59 -34.40
C LEU B 49 10.72 37.76 -34.10
N ASP B 50 10.44 37.96 -32.80
CA ASP B 50 9.58 39.05 -32.33
C ASP B 50 10.19 39.62 -31.07
N VAL B 51 10.57 40.91 -31.14
CA VAL B 51 11.15 41.60 -29.99
C VAL B 51 9.98 42.04 -29.11
N LEU B 52 9.78 41.35 -27.98
CA LEU B 52 8.61 41.59 -27.13
C LEU B 52 8.84 42.77 -26.19
N SER B 53 10.03 42.82 -25.60
CA SER B 53 10.47 43.96 -24.79
C SER B 53 11.92 44.22 -25.18
N GLU B 54 12.52 45.23 -24.56
CA GLU B 54 13.91 45.52 -24.80
C GLU B 54 14.83 44.36 -24.47
N GLU B 55 14.40 43.48 -23.56
CA GLU B 55 15.23 42.34 -23.11
C GLU B 55 14.57 40.95 -23.25
N LEU B 56 13.55 40.85 -24.11
CA LEU B 56 12.83 39.60 -24.34
C LEU B 56 12.54 39.39 -25.84
N LEU B 57 13.09 38.30 -26.38
CA LEU B 57 12.91 37.90 -27.77
C LEU B 57 12.10 36.60 -27.81
N ARG B 58 11.04 36.56 -28.62
CA ARG B 58 10.30 35.33 -28.95
C ARG B 58 10.79 34.83 -30.31
N VAL B 59 11.10 33.53 -30.37
CA VAL B 59 11.53 32.86 -31.60
C VAL B 59 10.55 31.71 -31.88
N ASP B 60 10.04 31.64 -33.12
CA ASP B 60 9.13 30.57 -33.53
C ASP B 60 9.67 29.96 -34.81
N TYR B 61 10.18 28.74 -34.68
CA TYR B 61 10.67 27.97 -35.80
C TYR B 61 9.56 27.06 -36.33
N ARG B 62 9.23 27.24 -37.60
CA ARG B 62 8.21 26.46 -38.28
C ARG B 62 8.86 25.62 -39.37
N PRO B 63 9.06 24.30 -39.13
CA PRO B 63 9.61 23.42 -40.16
C PRO B 63 8.78 23.44 -41.44
N SER B 64 9.44 23.62 -42.58
CA SER B 64 8.78 23.70 -43.90
C SER B 64 7.66 24.73 -44.01
N GLY B 65 7.68 25.74 -43.14
CA GLY B 65 6.66 26.78 -43.13
C GLY B 65 5.27 26.37 -42.71
N ALA B 66 5.13 25.20 -42.09
CA ALA B 66 3.82 24.72 -41.64
C ALA B 66 3.28 25.66 -40.57
N ALA B 67 1.96 25.74 -40.45
CA ALA B 67 1.33 26.58 -39.43
C ALA B 67 1.77 26.09 -38.05
N PRO B 68 1.93 27.03 -37.09
CA PRO B 68 2.33 26.59 -35.75
C PRO B 68 1.20 25.87 -35.05
N SER B 69 1.57 24.96 -34.15
CA SER B 69 0.59 24.28 -33.31
C SER B 69 0.11 25.26 -32.23
N PRO B 70 -0.99 24.93 -31.54
CA PRO B 70 -1.37 25.79 -30.43
C PRO B 70 -0.31 25.75 -29.33
N SER B 71 -0.08 26.88 -28.67
CA SER B 71 0.88 26.96 -27.57
C SER B 71 0.32 26.17 -26.38
N THR B 72 1.20 25.57 -25.58
CA THR B 72 0.75 24.85 -24.39
C THR B 72 0.23 25.85 -23.36
N PRO B 73 -0.42 25.37 -22.30
CA PRO B 73 -0.81 26.23 -21.17
C PRO B 73 0.34 26.87 -20.37
N MET B 74 1.59 26.57 -20.68
CA MET B 74 2.71 27.37 -20.14
C MET B 74 2.54 28.86 -20.41
N ILE B 75 2.10 29.20 -21.61
CA ILE B 75 2.06 30.56 -22.12
C ILE B 75 0.82 31.25 -21.62
N ASP B 76 0.99 32.46 -21.09
CA ASP B 76 -0.15 33.28 -20.68
C ASP B 76 -0.90 33.70 -21.96
N PRO B 77 -2.15 33.22 -22.15
CA PRO B 77 -2.88 33.58 -23.38
C PRO B 77 -3.28 35.07 -23.49
N ASP B 78 -3.24 35.81 -22.38
CA ASP B 78 -3.56 37.23 -22.36
C ASP B 78 -2.31 38.14 -22.38
N ALA B 79 -1.12 37.58 -22.58
CA ALA B 79 0.10 38.38 -22.50
C ALA B 79 0.12 39.41 -23.64
N SER B 80 0.50 40.64 -23.32
CA SER B 80 0.74 41.64 -24.37
C SER B 80 1.80 42.61 -23.93
N TRP B 81 2.59 43.06 -24.91
CA TRP B 81 3.72 43.95 -24.67
C TRP B 81 3.54 45.23 -25.50
N ASP B 82 4.05 46.34 -24.97
CA ASP B 82 4.13 47.60 -25.71
C ASP B 82 5.16 47.49 -26.82
N ALA B 83 5.01 48.30 -27.85
CA ALA B 83 6.00 48.37 -28.92
C ALA B 83 7.37 48.71 -28.34
N VAL B 84 8.41 48.09 -28.88
CA VAL B 84 9.79 48.32 -28.46
C VAL B 84 10.51 49.31 -29.37
N GLY B 85 10.15 49.30 -30.66
CA GLY B 85 10.89 50.06 -31.65
C GLY B 85 12.34 49.61 -31.76
N ALA B 86 12.54 48.29 -31.87
CA ALA B 86 13.87 47.72 -32.10
C ALA B 86 14.39 48.11 -33.49
N THR B 87 15.69 48.02 -33.69
CA THR B 87 16.32 48.29 -34.98
C THR B 87 16.62 46.97 -35.65
N ILE B 88 16.11 46.79 -36.87
CA ILE B 88 16.30 45.55 -37.61
C ILE B 88 17.06 45.89 -38.89
N ASP B 89 18.33 45.49 -38.94
CA ASP B 89 19.23 45.75 -40.07
C ASP B 89 19.46 44.44 -40.84
N THR B 90 18.72 44.27 -41.93
CA THR B 90 18.85 43.13 -42.84
C THR B 90 19.85 43.37 -43.99
N SER B 91 20.51 44.54 -44.01
CA SER B 91 21.28 44.97 -45.18
C SER B 91 22.57 44.20 -45.43
N GLY B 92 23.06 43.43 -44.46
CA GLY B 92 24.29 42.64 -44.64
C GLY B 92 24.30 41.31 -43.90
N ASP B 93 25.49 40.77 -43.72
CA ASP B 93 25.73 39.52 -43.03
C ASP B 93 26.68 39.81 -41.84
N PRO B 94 26.22 39.62 -40.59
CA PRO B 94 24.93 39.08 -40.15
C PRO B 94 23.78 40.08 -40.23
N ILE B 95 22.56 39.54 -40.18
CA ILE B 95 21.37 40.33 -39.91
C ILE B 95 21.45 40.74 -38.43
N VAL B 96 21.05 41.97 -38.11
CA VAL B 96 21.23 42.51 -36.77
C VAL B 96 19.94 43.11 -36.24
N VAL B 97 19.56 42.66 -35.03
CA VAL B 97 18.43 43.21 -34.28
C VAL B 97 18.99 43.82 -32.99
N THR B 98 18.69 45.09 -32.73
CA THR B 98 19.20 45.79 -31.54
C THR B 98 18.10 46.52 -30.76
N THR B 99 18.25 46.49 -29.44
CA THR B 99 17.48 47.30 -28.51
C THR B 99 18.51 47.94 -27.60
N PRO B 100 18.08 48.87 -26.73
CA PRO B 100 19.03 49.39 -25.74
C PRO B 100 19.67 48.32 -24.83
N ARG B 101 19.01 47.17 -24.66
CA ARG B 101 19.51 46.10 -23.77
C ARG B 101 20.18 44.90 -24.44
N MET B 102 19.90 44.61 -25.71
CA MET B 102 20.48 43.43 -26.36
C MET B 102 20.76 43.57 -27.85
N ARG B 103 21.68 42.75 -28.34
CA ARG B 103 22.06 42.69 -29.75
C ARG B 103 21.95 41.25 -30.23
N ILE B 104 21.02 41.00 -31.14
CA ILE B 104 20.82 39.69 -31.77
C ILE B 104 21.43 39.73 -33.16
N GLU B 105 22.35 38.82 -33.44
CA GLU B 105 22.94 38.64 -34.76
C GLU B 105 22.46 37.31 -35.34
N ILE B 106 21.98 37.31 -36.59
CA ILE B 106 21.72 36.08 -37.32
C ILE B 106 22.64 36.04 -38.54
N ALA B 107 23.64 35.16 -38.48
CA ALA B 107 24.50 34.90 -39.64
C ALA B 107 23.67 34.26 -40.75
N ARG B 108 23.94 34.65 -41.99
CA ARG B 108 23.10 34.26 -43.13
C ARG B 108 23.35 32.85 -43.65
N THR B 109 24.60 32.37 -43.58
CA THR B 109 24.98 31.16 -44.30
C THR B 109 25.95 30.24 -43.51
N PRO B 110 25.42 29.23 -42.79
CA PRO B 110 24.00 28.92 -42.52
C PRO B 110 23.38 29.82 -41.44
N ALA B 111 22.06 29.75 -41.31
CA ALA B 111 21.32 30.53 -40.30
C ALA B 111 21.70 30.08 -38.87
N ARG B 112 22.34 30.98 -38.13
CA ARG B 112 22.81 30.74 -36.75
C ARG B 112 22.69 32.04 -35.94
N MET B 113 22.04 31.96 -34.77
CA MET B 113 21.81 33.13 -33.91
C MET B 113 22.90 33.29 -32.85
N THR B 114 23.32 34.54 -32.63
CA THR B 114 24.21 34.91 -31.53
C THR B 114 23.52 36.00 -30.72
N ILE B 115 23.42 35.79 -29.41
CA ILE B 115 22.78 36.77 -28.53
C ILE B 115 23.88 37.44 -27.72
N LYS B 116 23.85 38.77 -27.73
CA LYS B 116 24.86 39.60 -27.06
C LYS B 116 24.15 40.65 -26.24
N LYS B 117 24.83 41.16 -25.23
CA LYS B 117 24.38 42.37 -24.53
C LYS B 117 24.48 43.53 -25.51
N ALA B 118 23.79 44.62 -25.20
CA ALA B 118 23.93 45.85 -25.99
C ALA B 118 25.39 46.31 -26.14
N ASP B 119 26.21 46.12 -25.11
CA ASP B 119 27.64 46.44 -25.20
C ASP B 119 28.50 45.46 -26.04
N GLY B 120 27.91 44.41 -26.61
CA GLY B 120 28.61 43.47 -27.47
C GLY B 120 29.16 42.21 -26.82
N THR B 121 29.00 42.08 -25.49
CA THR B 121 29.42 40.86 -24.79
C THR B 121 28.56 39.69 -25.26
N THR B 122 29.21 38.63 -25.73
CA THR B 122 28.50 37.45 -26.21
C THR B 122 27.96 36.64 -25.02
N LEU B 123 26.66 36.32 -25.05
CA LEU B 123 25.99 35.58 -23.98
C LEU B 123 25.81 34.11 -24.33
N LEU B 124 25.13 33.86 -25.45
CA LEU B 124 24.96 32.50 -25.97
C LEU B 124 24.78 32.50 -27.48
N TRP B 125 25.07 31.36 -28.10
CA TRP B 125 25.03 31.26 -29.56
C TRP B 125 24.73 29.84 -30.03
N GLU B 126 24.14 29.73 -31.23
CA GLU B 126 23.91 28.43 -31.86
C GLU B 126 25.22 28.03 -32.54
N PRO B 127 25.79 26.86 -32.19
CA PRO B 127 27.07 26.49 -32.78
C PRO B 127 26.95 26.10 -34.26
N ALA B 128 28.08 26.12 -34.98
CA ALA B 128 28.15 25.69 -36.40
C ALA B 128 27.47 24.35 -36.59
N SER B 129 27.73 23.44 -35.65
CA SER B 129 27.12 22.13 -35.55
C SER B 129 25.59 22.11 -35.71
N GLY B 130 24.90 23.16 -35.28
CA GLY B 130 23.45 23.27 -35.46
C GLY B 130 22.76 23.79 -34.21
N GLY B 131 21.78 24.66 -34.42
CA GLY B 131 21.03 25.29 -33.34
C GLY B 131 19.63 24.71 -33.31
N VAL B 132 18.65 25.59 -33.50
CA VAL B 132 17.25 25.17 -33.52
C VAL B 132 17.02 24.17 -34.67
N PHE B 133 16.11 23.24 -34.41
CA PHE B 133 15.72 22.22 -35.38
C PHE B 133 14.35 21.69 -34.94
N GLU B 134 13.78 20.77 -35.70
CA GLU B 134 12.37 20.37 -35.47
C GLU B 134 12.03 19.77 -34.08
N ASP B 135 13.03 19.29 -33.33
CA ASP B 135 12.81 18.68 -32.02
C ASP B 135 13.40 19.46 -30.84
N GLY B 136 13.89 20.68 -31.07
CA GLY B 136 14.37 21.48 -29.95
C GLY B 136 15.30 22.62 -30.27
N VAL B 137 16.00 23.11 -29.24
CA VAL B 137 16.93 24.21 -29.33
C VAL B 137 18.31 23.78 -28.81
N ARG B 138 19.36 24.29 -29.44
CA ARG B 138 20.72 23.97 -29.04
C ARG B 138 21.56 25.22 -29.03
N PHE B 139 22.04 25.58 -27.84
CA PHE B 139 22.94 26.71 -27.67
C PHE B 139 24.25 26.28 -27.06
N GLN B 140 25.24 27.13 -27.26
CA GLN B 140 26.55 27.03 -26.63
C GLN B 140 26.76 28.36 -25.88
N ARG B 141 27.44 28.28 -24.76
CA ARG B 141 27.68 29.45 -23.89
C ARG B 141 28.96 29.24 -23.09
N GLY B 142 29.36 30.25 -22.32
CA GLY B 142 30.56 30.16 -21.48
C GLY B 142 30.56 28.91 -20.64
N SER B 143 31.64 28.14 -20.70
CA SER B 143 31.70 26.84 -20.00
C SER B 143 31.59 26.94 -18.46
N THR B 144 31.94 28.10 -17.90
CA THR B 144 31.92 28.31 -16.46
C THR B 144 30.69 29.11 -15.98
N ASP B 145 29.75 29.38 -16.89
CA ASP B 145 28.48 30.01 -16.51
C ASP B 145 27.73 29.06 -15.56
N ASN B 146 27.08 29.64 -14.56
CA ASN B 146 26.24 28.87 -13.64
C ASN B 146 24.82 28.87 -14.16
N ILE B 147 24.27 27.67 -14.31
CA ILE B 147 22.91 27.49 -14.84
C ILE B 147 21.97 27.11 -13.70
N TYR B 148 20.75 27.62 -13.81
CA TYR B 148 19.68 27.45 -12.83
C TYR B 148 18.37 27.12 -13.52
N GLY B 149 17.40 26.66 -12.73
CA GLY B 149 16.09 26.28 -13.23
C GLY B 149 15.97 24.77 -13.46
N ILE B 150 15.19 24.40 -14.48
CA ILE B 150 14.99 23.01 -14.92
C ILE B 150 14.17 22.13 -13.96
N ARG B 151 14.64 21.99 -12.73
CA ARG B 151 14.11 21.02 -11.81
C ARG B 151 14.28 21.43 -10.37
N SER B 152 13.49 20.80 -9.50
CA SER B 152 13.68 20.84 -8.07
C SER B 152 13.79 19.38 -7.59
N PHE B 153 13.48 19.11 -6.32
CA PHE B 153 13.61 17.76 -5.75
C PHE B 153 12.35 17.42 -4.95
N ASN B 154 11.96 16.15 -5.00
CA ASN B 154 10.71 15.69 -4.39
C ASN B 154 10.98 15.04 -3.04
N ALA B 155 9.90 14.68 -2.33
CA ALA B 155 9.99 14.12 -0.98
C ALA B 155 10.49 12.65 -0.92
N GLN B 156 10.89 12.08 -2.05
CA GLN B 156 11.44 10.72 -2.14
C GLN B 156 12.82 10.70 -2.79
N GLU B 157 13.43 11.86 -3.02
CA GLU B 157 14.69 11.97 -3.78
C GLU B 157 15.80 12.47 -2.89
N ASP B 158 17.03 12.17 -3.31
CA ASP B 158 18.22 12.86 -2.81
C ASP B 158 18.09 14.30 -3.27
N VAL B 159 18.39 15.24 -2.37
CA VAL B 159 18.20 16.65 -2.64
C VAL B 159 19.55 17.29 -2.95
N GLY B 160 19.69 17.73 -4.20
CA GLY B 160 20.90 18.45 -4.64
C GLY B 160 20.88 19.93 -4.28
N GLY B 161 21.66 20.70 -5.04
CA GLY B 161 21.79 22.14 -4.83
C GLY B 161 20.96 22.92 -5.82
N LEU B 162 21.35 24.17 -6.05
CA LEU B 162 20.66 25.04 -6.99
C LEU B 162 21.23 24.93 -8.40
N LEU B 163 22.53 24.67 -8.47
CA LEU B 163 23.26 24.62 -9.75
C LEU B 163 22.78 23.51 -10.70
N ARG B 164 22.75 23.85 -11.98
CA ARG B 164 22.25 22.93 -13.01
C ARG B 164 23.29 22.85 -14.15
N ASN B 165 24.55 22.69 -13.77
CA ASN B 165 25.69 22.81 -14.68
C ASN B 165 25.99 21.51 -15.46
N SER B 166 25.51 20.38 -14.96
CA SER B 166 25.63 19.07 -15.61
C SER B 166 24.32 18.31 -15.50
N SER B 167 23.28 18.84 -16.15
CA SER B 167 21.91 18.36 -15.94
C SER B 167 21.36 17.64 -17.17
N ASP B 168 20.83 16.44 -16.96
CA ASP B 168 20.00 15.76 -17.97
C ASP B 168 18.60 15.35 -17.45
N HIS B 169 18.24 15.78 -16.24
CA HIS B 169 16.91 15.50 -15.66
C HIS B 169 15.84 16.07 -16.59
N PRO B 170 14.74 15.34 -16.84
CA PRO B 170 13.66 15.91 -17.64
C PRO B 170 12.98 17.11 -16.99
N ALA B 171 12.30 17.90 -17.82
CA ALA B 171 11.46 19.01 -17.40
C ALA B 171 10.05 18.46 -17.17
N HIS B 172 9.63 18.41 -15.91
CA HIS B 172 8.30 17.92 -15.56
C HIS B 172 7.77 18.55 -14.27
N ALA B 173 6.46 18.43 -14.07
CA ALA B 173 5.85 18.81 -12.79
C ALA B 173 6.31 17.84 -11.70
N GLY B 174 6.49 16.57 -12.08
CA GLY B 174 6.89 15.54 -11.14
C GLY B 174 5.81 15.23 -10.11
N GLN B 175 6.24 14.71 -8.97
CA GLN B 175 5.34 14.38 -7.90
C GLN B 175 5.95 14.75 -6.58
N GLN B 176 5.11 14.77 -5.53
CA GLN B 176 5.57 14.79 -4.15
C GLN B 176 6.50 15.99 -3.85
N GLY B 177 6.07 17.16 -4.30
CA GLY B 177 6.73 18.41 -3.99
C GLY B 177 7.68 18.88 -5.08
N ASP B 178 7.85 18.09 -6.14
CA ASP B 178 8.77 18.45 -7.22
C ASP B 178 8.27 19.67 -8.00
N ALA B 179 9.16 20.26 -8.78
CA ALA B 179 8.85 21.36 -9.67
C ALA B 179 9.83 21.29 -10.82
N GLY B 180 9.41 21.73 -11.98
CA GLY B 180 10.32 21.73 -13.12
C GLY B 180 9.71 22.42 -14.30
N GLY B 181 10.51 22.60 -15.32
CA GLY B 181 10.00 23.19 -16.53
C GLY B 181 11.10 23.45 -17.52
N PRO B 182 10.71 23.76 -18.77
CA PRO B 182 11.72 24.00 -19.80
C PRO B 182 12.27 25.42 -19.72
N PHE B 183 12.93 25.70 -18.60
CA PHE B 183 13.38 27.04 -18.23
C PHE B 183 14.78 26.87 -17.69
N MET B 184 15.74 27.46 -18.39
CA MET B 184 17.14 27.33 -18.02
C MET B 184 17.76 28.71 -18.18
N TRP B 185 18.35 29.19 -17.10
CA TRP B 185 18.89 30.56 -17.08
C TRP B 185 20.17 30.63 -16.27
N SER B 186 20.88 31.74 -16.44
CA SER B 186 22.21 31.92 -15.84
C SER B 186 22.36 33.29 -15.23
N THR B 187 23.12 33.33 -14.15
CA THR B 187 23.63 34.57 -13.57
C THR B 187 24.64 35.29 -14.48
N ALA B 188 25.13 34.59 -15.51
CA ALA B 188 25.94 35.23 -16.57
C ALA B 188 25.16 36.17 -17.50
N GLY B 189 23.83 36.23 -17.36
CA GLY B 189 23.03 37.30 -17.95
C GLY B 189 21.98 36.93 -18.99
N TYR B 190 21.56 35.67 -19.04
CA TYR B 190 20.59 35.22 -20.04
C TYR B 190 19.68 34.08 -19.52
N GLY B 191 18.52 33.92 -20.16
CA GLY B 191 17.63 32.80 -19.92
C GLY B 191 17.02 32.27 -21.20
N VAL B 192 16.65 31.00 -21.19
CA VAL B 192 15.93 30.34 -22.29
C VAL B 192 14.69 29.63 -21.75
N LEU B 193 13.54 29.93 -22.36
CA LEU B 193 12.28 29.31 -22.02
C LEU B 193 11.71 28.74 -23.31
N VAL B 194 11.42 27.44 -23.31
CA VAL B 194 10.82 26.77 -24.46
C VAL B 194 9.40 26.36 -24.10
N ASP B 195 8.43 26.69 -24.95
CA ASP B 195 7.07 26.21 -24.73
C ASP B 195 7.00 24.72 -25.08
N SER B 196 6.68 23.89 -24.09
CA SER B 196 6.69 22.45 -24.27
C SER B 196 5.91 21.73 -23.17
N ASP B 197 5.42 20.53 -23.52
CA ASP B 197 4.73 19.66 -22.58
C ASP B 197 5.74 18.57 -22.22
N GLY B 198 6.49 18.83 -21.15
CA GLY B 198 7.60 17.97 -20.76
C GLY B 198 8.75 18.13 -21.75
N GLY B 199 9.69 17.21 -21.68
CA GLY B 199 10.88 17.28 -22.52
C GLY B 199 12.14 17.22 -21.70
N TYR B 200 13.26 17.49 -22.36
CA TYR B 200 14.58 17.09 -21.90
C TYR B 200 15.61 18.22 -22.03
N PRO B 201 15.74 19.06 -20.98
CA PRO B 201 16.81 20.03 -20.96
C PRO B 201 18.14 19.31 -20.80
N TYR B 202 19.19 19.85 -21.39
CA TYR B 202 20.53 19.28 -21.27
C TYR B 202 21.58 20.37 -21.11
N THR B 203 22.43 20.21 -20.09
CA THR B 203 23.59 21.08 -19.89
C THR B 203 24.82 20.27 -19.58
N ASP B 204 25.98 20.83 -19.90
CA ASP B 204 27.25 20.28 -19.45
C ASP B 204 28.32 21.35 -19.35
N THR B 205 29.43 20.99 -18.73
CA THR B 205 30.50 21.95 -18.47
C THR B 205 31.40 22.27 -19.68
N THR B 206 31.16 21.65 -20.83
CA THR B 206 31.73 22.17 -22.10
C THR B 206 30.98 23.41 -22.61
N GLY B 207 29.83 23.73 -22.02
CA GLY B 207 29.07 24.93 -22.35
C GLY B 207 27.75 24.73 -23.09
N LYS B 208 27.27 23.50 -23.17
CA LYS B 208 26.00 23.21 -23.84
C LYS B 208 24.81 23.70 -23.02
N LEU B 209 23.82 24.26 -23.71
CA LEU B 209 22.55 24.72 -23.15
C LEU B 209 21.49 24.32 -24.19
N GLU B 210 20.87 23.17 -23.97
CA GLU B 210 20.01 22.55 -24.99
C GLU B 210 18.68 22.13 -24.40
N PHE B 211 17.67 22.00 -25.27
CA PHE B 211 16.39 21.41 -24.86
C PHE B 211 15.76 20.63 -26.01
N TYR B 212 15.32 19.41 -25.69
CA TYR B 212 14.74 18.48 -26.65
C TYR B 212 13.32 18.09 -26.25
N TYR B 213 12.41 18.07 -27.22
CA TYR B 213 11.09 17.50 -27.01
C TYR B 213 11.20 16.02 -26.66
N GLY B 214 12.00 15.30 -27.47
CA GLY B 214 12.29 13.89 -27.25
C GLY B 214 11.07 13.00 -27.32
N GLY B 215 11.22 11.78 -26.82
CA GLY B 215 10.13 10.81 -26.76
C GLY B 215 9.10 11.19 -25.71
N THR B 216 7.95 10.55 -25.78
CA THR B 216 6.84 10.76 -24.86
C THR B 216 7.35 10.54 -23.45
N PRO B 217 7.21 11.54 -22.56
CA PRO B 217 7.78 11.32 -21.22
C PRO B 217 6.90 10.42 -20.36
N THR B 218 7.41 10.05 -19.19
CA THR B 218 6.70 9.19 -18.23
C THR B 218 5.29 9.68 -17.91
N GLU B 219 5.15 10.99 -17.74
CA GLU B 219 3.89 11.63 -17.39
C GLU B 219 2.89 11.77 -18.56
N GLY B 220 3.28 11.37 -19.76
CA GLY B 220 2.45 11.56 -20.94
C GLY B 220 2.72 12.91 -21.58
N ARG B 221 2.08 13.13 -22.72
CA ARG B 221 2.16 14.38 -23.45
C ARG B 221 0.85 14.57 -24.19
N ARG B 222 0.06 15.55 -23.76
CA ARG B 222 -1.21 15.83 -24.39
C ARG B 222 -1.18 17.07 -25.30
N TYR B 223 -0.13 17.90 -25.22
CA TYR B 223 0.07 19.01 -26.15
C TYR B 223 1.33 18.74 -26.98
N THR B 224 1.15 18.36 -28.25
CA THR B 224 2.28 18.15 -29.13
C THR B 224 2.38 19.35 -30.05
N LYS B 225 3.60 19.67 -30.48
CA LYS B 225 3.85 20.84 -31.29
C LYS B 225 4.80 20.52 -32.42
N THR B 226 4.45 20.98 -33.63
CA THR B 226 5.32 20.81 -34.80
C THR B 226 6.33 21.94 -34.90
N ASN B 227 5.90 23.16 -34.58
CA ASN B 227 6.83 24.30 -34.44
C ASN B 227 7.64 24.20 -33.12
N VAL B 228 8.66 25.04 -33.02
CA VAL B 228 9.44 25.20 -31.79
C VAL B 228 9.40 26.66 -31.37
N GLU B 229 8.66 26.92 -30.29
CA GLU B 229 8.43 28.28 -29.77
C GLU B 229 9.30 28.46 -28.53
N TYR B 230 10.16 29.48 -28.53
CA TYR B 230 11.01 29.74 -27.37
C TYR B 230 11.30 31.20 -27.17
N TYR B 231 11.79 31.51 -25.98
CA TYR B 231 12.00 32.87 -25.55
C TYR B 231 13.44 33.01 -25.03
N ILE B 232 14.11 34.08 -25.46
CA ILE B 232 15.44 34.43 -24.95
C ILE B 232 15.31 35.70 -24.10
N MET B 233 15.79 35.60 -22.85
CA MET B 233 15.80 36.68 -21.88
C MET B 233 17.22 37.17 -21.70
N VAL B 234 17.39 38.49 -21.61
CA VAL B 234 18.69 39.09 -21.31
C VAL B 234 18.52 39.97 -20.07
N GLY B 235 19.42 39.83 -19.12
CA GLY B 235 19.41 40.66 -17.92
C GLY B 235 19.96 39.95 -16.70
N GLU B 236 19.86 40.63 -15.57
CA GLU B 236 20.25 40.08 -14.27
C GLU B 236 19.12 39.16 -13.81
N PRO B 237 19.36 38.36 -12.76
CA PRO B 237 18.34 37.35 -12.39
C PRO B 237 16.91 37.87 -12.21
N LYS B 238 16.75 39.00 -11.50
CA LYS B 238 15.40 39.58 -11.31
C LYS B 238 14.72 39.98 -12.60
N GLU B 239 15.50 40.41 -13.58
CA GLU B 239 14.99 40.79 -14.90
C GLU B 239 14.58 39.54 -15.69
N ILE B 240 15.40 38.49 -15.63
CA ILE B 240 15.06 37.20 -16.25
C ILE B 240 13.76 36.66 -15.69
N MET B 241 13.65 36.68 -14.37
CA MET B 241 12.47 36.20 -13.68
C MET B 241 11.23 37.03 -14.03
N ALA B 242 11.37 38.35 -14.11
CA ALA B 242 10.26 39.22 -14.51
C ALA B 242 9.78 38.88 -15.93
N SER B 243 10.72 38.65 -16.84
CA SER B 243 10.40 38.27 -18.23
C SER B 243 9.75 36.88 -18.32
N TYR B 244 10.24 35.92 -17.54
CA TYR B 244 9.53 34.64 -17.36
C TYR B 244 8.05 34.85 -16.97
N ALA B 245 7.79 35.74 -16.02
CA ALA B 245 6.42 36.01 -15.54
C ALA B 245 5.61 36.74 -16.60
N GLN B 246 6.25 37.57 -17.41
CA GLN B 246 5.54 38.18 -18.56
C GLN B 246 5.02 37.11 -19.53
N VAL B 247 5.87 36.15 -19.87
CA VAL B 247 5.52 35.09 -20.84
C VAL B 247 4.51 34.10 -20.25
N THR B 248 4.79 33.58 -19.04
CA THR B 248 3.96 32.53 -18.42
C THR B 248 2.93 33.02 -17.41
N GLY B 249 3.01 34.30 -17.05
CA GLY B 249 2.00 34.94 -16.21
C GLY B 249 2.49 35.26 -14.81
N THR B 250 1.97 36.37 -14.28
CA THR B 250 2.23 36.78 -12.91
C THR B 250 1.24 36.07 -12.00
N ALA B 251 1.46 36.15 -10.70
CA ALA B 251 0.64 35.45 -9.73
C ALA B 251 -0.43 36.40 -9.20
N PRO B 252 -1.70 36.01 -9.22
CA PRO B 252 -2.73 36.76 -8.53
C PRO B 252 -2.43 36.85 -7.05
N MET B 253 -2.78 37.99 -6.45
CA MET B 253 -2.58 38.19 -5.04
C MET B 253 -3.46 37.24 -4.23
N LEU B 254 -2.87 36.61 -3.23
CA LEU B 254 -3.58 35.70 -2.36
C LEU B 254 -4.25 36.52 -1.28
N PRO B 255 -5.22 35.92 -0.56
CA PRO B 255 -5.79 36.67 0.55
C PRO B 255 -4.69 37.02 1.56
N LYS B 256 -4.82 38.16 2.23
CA LYS B 256 -3.80 38.60 3.17
C LYS B 256 -3.67 37.63 4.33
N TRP B 257 -4.76 36.94 4.71
CA TRP B 257 -4.70 35.92 5.78
C TRP B 257 -3.70 34.80 5.49
N SER B 258 -3.42 34.56 4.21
CA SER B 258 -2.49 33.50 3.82
C SER B 258 -0.99 33.81 4.09
N LEU B 259 -0.68 35.03 4.55
CA LEU B 259 0.64 35.33 5.14
C LEU B 259 0.74 34.89 6.61
N GLY B 260 -0.39 34.54 7.20
CA GLY B 260 -0.42 34.06 8.56
C GLY B 260 0.00 32.62 8.70
N PHE B 261 0.13 32.21 9.95
CA PHE B 261 0.35 30.83 10.30
C PHE B 261 -0.91 29.98 10.05
N MET B 262 -0.68 28.76 9.56
CA MET B 262 -1.71 27.79 9.24
C MET B 262 -1.39 26.45 9.89
N ASN B 263 -2.38 25.83 10.52
CA ASN B 263 -2.26 24.49 11.11
C ASN B 263 -3.03 23.51 10.19
N PHE B 264 -2.29 22.66 9.47
CA PHE B 264 -2.90 21.59 8.67
C PHE B 264 -3.01 20.39 9.57
N GLU B 265 -4.09 19.61 9.42
CA GLU B 265 -4.28 18.47 10.32
C GLU B 265 -5.20 17.41 9.72
N TRP B 266 -4.77 16.16 9.90
CA TRP B 266 -5.50 14.97 9.51
C TRP B 266 -5.79 14.24 10.82
N GLY B 267 -7.06 13.99 11.08
CA GLY B 267 -7.53 13.50 12.39
C GLY B 267 -8.00 14.65 13.27
N ILE B 268 -9.21 15.12 12.98
CA ILE B 268 -9.73 16.35 13.59
C ILE B 268 -11.24 16.38 13.37
N ASP B 269 -11.98 16.81 14.38
CA ASP B 269 -13.44 17.04 14.25
C ASP B 269 -13.72 18.42 14.82
N GLN B 270 -14.98 18.82 14.89
CA GLN B 270 -15.29 20.18 15.35
C GLN B 270 -14.84 20.49 16.77
N ASP B 271 -15.10 19.60 17.72
CA ASP B 271 -14.70 19.83 19.12
C ASP B 271 -13.19 20.06 19.23
N GLU B 272 -12.41 19.26 18.50
CA GLU B 272 -10.96 19.37 18.57
C GLU B 272 -10.47 20.66 17.91
N LEU B 273 -11.02 20.99 16.74
CA LEU B 273 -10.70 22.25 16.06
C LEU B 273 -10.95 23.46 16.98
N GLU B 274 -12.11 23.47 17.63
CA GLU B 274 -12.44 24.55 18.58
C GLU B 274 -11.45 24.64 19.75
N ALA B 275 -11.08 23.48 20.29
CA ALA B 275 -10.07 23.36 21.35
C ALA B 275 -8.68 23.82 20.87
N HIS B 276 -8.29 23.47 19.65
CA HIS B 276 -7.01 23.95 19.09
C HIS B 276 -6.99 25.48 18.97
N VAL B 277 -8.04 26.04 18.39
CA VAL B 277 -8.12 27.47 18.16
C VAL B 277 -8.07 28.19 19.50
N ASP B 278 -8.83 27.68 20.48
CA ASP B 278 -8.78 28.25 21.83
C ASP B 278 -7.39 28.24 22.43
N GLY B 279 -6.67 27.13 22.26
CA GLY B 279 -5.29 27.00 22.75
C GLY B 279 -4.33 28.03 22.16
N TYR B 280 -4.44 28.30 20.86
CA TYR B 280 -3.66 29.36 20.20
C TYR B 280 -4.06 30.75 20.75
N ARG B 281 -5.35 31.05 20.75
CA ARG B 281 -5.85 32.37 21.19
C ARG B 281 -5.54 32.64 22.67
N ALA B 282 -5.66 31.63 23.52
CA ALA B 282 -5.37 31.82 24.94
C ALA B 282 -3.92 32.22 25.20
N ARG B 283 -3.02 31.66 24.38
CA ARG B 283 -1.57 31.87 24.51
C ARG B 283 -1.05 33.07 23.67
N ASN B 284 -1.95 33.77 22.94
CA ASN B 284 -1.52 34.86 22.01
C ASN B 284 -0.46 34.36 21.02
N ILE B 285 -0.65 33.12 20.54
CA ILE B 285 0.13 32.56 19.44
C ILE B 285 -0.69 32.81 18.17
N PRO B 286 -0.19 33.67 17.27
CA PRO B 286 -1.04 34.03 16.13
C PRO B 286 -1.29 32.85 15.20
N ILE B 287 -2.46 32.85 14.59
CA ILE B 287 -2.86 31.83 13.63
C ILE B 287 -4.08 32.36 12.85
N ASP B 288 -4.05 32.16 11.53
CA ASP B 288 -5.09 32.62 10.63
C ASP B 288 -5.94 31.53 10.00
N ALA B 289 -5.45 30.29 9.96
CA ALA B 289 -6.09 29.24 9.18
C ALA B 289 -5.85 27.86 9.74
N PHE B 290 -6.90 27.03 9.65
CA PHE B 290 -6.81 25.60 9.80
C PHE B 290 -7.14 24.95 8.48
N ALA B 291 -6.34 23.94 8.13
CA ALA B 291 -6.60 23.12 6.96
C ALA B 291 -7.04 21.76 7.44
N LEU B 292 -8.15 21.28 6.89
CA LEU B 292 -8.75 20.02 7.25
C LEU B 292 -8.52 18.98 6.16
N ASP B 293 -8.10 17.79 6.57
CA ASP B 293 -7.82 16.67 5.68
C ASP B 293 -9.15 15.94 5.36
N TYR B 294 -9.10 14.64 5.02
CA TYR B 294 -10.28 13.83 4.72
C TYR B 294 -11.45 14.08 5.67
N ASP B 295 -11.12 14.35 6.93
CA ASP B 295 -12.08 14.62 8.01
C ASP B 295 -13.22 15.56 7.64
N TRP B 296 -12.95 16.57 6.81
CA TRP B 296 -13.96 17.60 6.53
C TRP B 296 -15.08 17.14 5.61
N MET B 297 -14.85 16.08 4.82
CA MET B 297 -15.79 15.69 3.75
C MET B 297 -16.31 14.25 3.89
N ASP B 298 -17.46 13.98 3.28
CA ASP B 298 -18.04 12.62 3.24
C ASP B 298 -17.42 11.78 2.12
N TYR B 299 -16.09 11.75 2.06
CA TYR B 299 -15.36 10.98 1.05
C TYR B 299 -15.73 9.52 1.25
N GLY B 300 -16.04 8.84 0.15
CA GLY B 300 -16.53 7.45 0.18
C GLY B 300 -18.03 7.29 -0.06
N GLU B 301 -18.79 8.38 0.03
CA GLU B 301 -20.25 8.32 -0.06
C GLU B 301 -20.79 8.75 -1.41
N ASP B 302 -22.02 8.32 -1.67
CA ASP B 302 -22.76 8.66 -2.87
C ASP B 302 -23.16 10.15 -2.81
N ASN B 303 -23.71 10.66 -3.92
CA ASN B 303 -24.19 12.02 -4.03
C ASN B 303 -23.08 13.03 -3.75
N TYR B 304 -21.97 12.86 -4.47
CA TYR B 304 -20.85 13.77 -4.40
C TYR B 304 -20.31 13.98 -2.98
N GLY B 305 -20.22 12.89 -2.22
CA GLY B 305 -19.69 12.92 -0.86
C GLY B 305 -18.29 13.52 -0.73
N GLU B 306 -17.47 13.32 -1.77
CA GLU B 306 -16.11 13.89 -1.82
C GLU B 306 -16.06 15.40 -2.11
N PHE B 307 -17.22 16.04 -2.23
CA PHE B 307 -17.38 17.50 -2.29
C PHE B 307 -18.15 18.10 -1.11
N ARG B 308 -18.70 17.26 -0.24
CA ARG B 308 -19.74 17.68 0.73
C ARG B 308 -19.17 17.65 2.14
N TRP B 309 -19.51 18.65 2.96
CA TRP B 309 -19.11 18.63 4.38
C TRP B 309 -19.59 17.39 5.15
N ASN B 310 -18.70 16.85 5.96
CA ASN B 310 -18.96 15.71 6.85
C ASN B 310 -19.52 16.28 8.15
N THR B 311 -20.84 16.18 8.30
CA THR B 311 -21.52 16.76 9.46
C THR B 311 -21.51 15.87 10.67
N ASP B 312 -20.98 14.66 10.55
CA ASP B 312 -20.68 13.85 11.72
C ASP B 312 -19.44 14.39 12.42
N ASN B 313 -18.41 14.74 11.66
CA ASN B 313 -17.23 15.43 12.20
C ASN B 313 -17.49 16.90 12.49
N PHE B 314 -18.25 17.57 11.64
CA PHE B 314 -18.44 19.02 11.76
C PHE B 314 -19.93 19.37 11.72
N PRO B 315 -20.66 19.11 12.83
CA PRO B 315 -22.12 19.34 12.85
C PRO B 315 -22.54 20.72 12.38
N ASP B 316 -21.82 21.76 12.76
CA ASP B 316 -22.23 23.14 12.38
C ASP B 316 -21.99 23.51 10.92
N ALA B 317 -21.31 22.64 10.16
CA ALA B 317 -21.20 22.81 8.70
C ALA B 317 -22.44 22.29 7.94
N ALA B 318 -23.50 21.90 8.65
CA ALA B 318 -24.83 21.73 8.03
C ALA B 318 -25.31 23.03 7.39
N THR B 319 -24.94 24.16 8.00
CA THR B 319 -25.27 25.52 7.51
C THR B 319 -23.99 26.35 7.36
N THR B 320 -24.12 27.66 7.22
CA THR B 320 -22.96 28.57 7.29
C THR B 320 -22.46 28.86 8.71
N GLN B 321 -23.03 28.21 9.73
CA GLN B 321 -22.66 28.49 11.12
C GLN B 321 -21.18 28.28 11.44
N LEU B 322 -20.64 27.12 11.08
CA LEU B 322 -19.21 26.85 11.37
C LEU B 322 -18.34 27.90 10.72
N LYS B 323 -18.61 28.20 9.46
CA LYS B 323 -17.83 29.20 8.75
C LYS B 323 -17.82 30.53 9.53
N GLU B 324 -19.00 30.95 9.98
CA GLU B 324 -19.19 32.26 10.62
C GLU B 324 -18.63 32.31 12.03
N ASP B 325 -18.78 31.26 12.82
CA ASP B 325 -18.19 31.20 14.16
C ASP B 325 -16.65 31.20 14.11
N MET B 326 -16.09 30.44 13.16
CA MET B 326 -14.63 30.41 12.95
C MET B 326 -14.11 31.76 12.43
N GLU B 327 -14.79 32.35 11.45
CA GLU B 327 -14.49 33.72 10.99
C GLU B 327 -14.51 34.73 12.14
N ALA B 328 -15.47 34.60 13.05
CA ALA B 328 -15.54 35.46 14.25
C ALA B 328 -14.29 35.32 15.13
N GLU B 329 -13.67 34.14 15.12
CA GLU B 329 -12.45 33.89 15.89
C GLU B 329 -11.17 34.17 15.08
N GLY B 330 -11.31 34.69 13.86
CA GLY B 330 -10.17 34.98 12.97
C GLY B 330 -9.57 33.75 12.29
N ILE B 331 -10.39 32.72 12.05
CA ILE B 331 -9.95 31.47 11.44
C ILE B 331 -10.65 31.25 10.10
N ARG B 332 -9.82 31.09 9.06
CA ARG B 332 -10.28 30.67 7.75
C ARG B 332 -10.05 29.19 7.64
N LEU B 333 -10.88 28.52 6.84
CA LEU B 333 -10.79 27.07 6.69
C LEU B 333 -10.36 26.67 5.27
N ILE B 334 -9.39 25.77 5.22
CA ILE B 334 -8.88 25.16 3.99
C ILE B 334 -9.30 23.69 4.01
N GLY B 335 -9.68 23.15 2.86
CA GLY B 335 -10.11 21.74 2.77
C GLY B 335 -9.32 20.98 1.74
N ILE B 336 -8.95 19.74 2.05
CA ILE B 336 -8.18 18.91 1.10
C ILE B 336 -9.11 18.42 -0.02
N ARG B 337 -8.55 18.38 -1.23
CA ARG B 337 -9.25 17.93 -2.42
C ARG B 337 -8.35 16.90 -3.11
N LYS B 338 -8.96 15.85 -3.63
CA LYS B 338 -8.29 14.82 -4.42
C LYS B 338 -8.91 14.86 -5.81
N PRO B 339 -8.10 14.82 -6.89
CA PRO B 339 -8.64 14.91 -8.26
C PRO B 339 -9.20 13.55 -8.73
N ARG B 340 -10.17 13.04 -8.00
CA ARG B 340 -10.78 11.75 -8.30
C ARG B 340 -12.14 11.70 -7.68
N ILE B 341 -12.98 10.79 -8.17
CA ILE B 341 -14.27 10.55 -7.55
C ILE B 341 -14.42 9.11 -7.15
N ILE B 342 -15.27 8.91 -6.14
CA ILE B 342 -15.63 7.59 -5.70
C ILE B 342 -16.66 7.08 -6.72
N THR B 343 -16.34 5.94 -7.35
CA THR B 343 -17.23 5.33 -8.34
C THR B 343 -18.08 4.19 -7.81
N ARG B 344 -17.81 3.76 -6.57
CA ARG B 344 -18.58 2.77 -5.84
C ARG B 344 -18.51 3.13 -4.38
N ASP B 345 -19.66 3.32 -3.76
CA ASP B 345 -19.70 3.74 -2.37
C ASP B 345 -19.40 2.57 -1.42
N PHE B 346 -19.51 2.81 -0.12
CA PHE B 346 -19.22 1.78 0.89
C PHE B 346 -20.10 0.52 0.73
N ALA B 347 -21.34 0.70 0.29
CA ALA B 347 -22.27 -0.42 0.04
C ALA B 347 -22.14 -1.08 -1.37
N ASN B 348 -21.06 -0.79 -2.09
CA ASN B 348 -20.80 -1.32 -3.45
C ASN B 348 -21.75 -0.85 -4.56
N GLN B 349 -22.43 0.28 -4.35
CA GLN B 349 -23.34 0.82 -5.36
C GLN B 349 -22.64 1.86 -6.20
N ARG B 350 -22.92 1.86 -7.51
CA ARG B 350 -22.42 2.90 -8.39
C ARG B 350 -22.93 4.24 -7.89
N THR B 351 -22.12 5.29 -7.96
CA THR B 351 -22.48 6.58 -7.37
C THR B 351 -23.01 7.50 -8.43
N GLN B 352 -23.77 8.50 -8.02
CA GLN B 352 -24.24 9.52 -8.97
C GLN B 352 -23.08 10.20 -9.67
N GLN B 353 -22.03 10.53 -8.90
CA GLN B 353 -20.85 11.18 -9.49
C GLN B 353 -20.17 10.30 -10.56
N TYR B 354 -20.14 8.99 -10.37
CA TYR B 354 -19.72 8.05 -11.43
C TYR B 354 -20.54 8.18 -12.73
N TYR B 355 -21.86 8.13 -12.60
CA TYR B 355 -22.74 8.22 -13.79
C TYR B 355 -22.54 9.52 -14.56
N ASP B 356 -22.42 10.63 -13.82
CA ASP B 356 -22.26 11.95 -14.44
C ASP B 356 -20.90 12.08 -15.14
N ALA B 357 -19.84 11.65 -14.46
CA ALA B 357 -18.49 11.69 -15.04
C ALA B 357 -18.37 10.75 -16.23
N ASP B 358 -18.89 9.54 -16.09
CA ASP B 358 -18.80 8.53 -17.15
C ASP B 358 -19.55 8.96 -18.42
N SER B 359 -20.78 9.42 -18.25
CA SER B 359 -21.60 9.83 -19.40
C SER B 359 -21.03 11.08 -20.10
N ASN B 360 -20.36 11.96 -19.35
CA ASN B 360 -19.76 13.18 -19.94
C ASN B 360 -18.29 13.04 -20.36
N GLY B 361 -17.65 11.90 -20.07
CA GLY B 361 -16.25 11.71 -20.44
C GLY B 361 -15.23 12.48 -19.59
N TYR B 362 -15.52 12.65 -18.30
CA TYR B 362 -14.68 13.45 -17.42
C TYR B 362 -13.50 12.73 -16.71
N PHE B 363 -13.27 11.45 -17.01
CA PHE B 363 -12.17 10.73 -16.35
C PHE B 363 -10.88 11.03 -17.05
N TYR B 364 -9.77 10.98 -16.30
CA TYR B 364 -8.46 11.26 -16.88
C TYR B 364 -8.13 10.18 -17.92
N PRO B 365 -7.69 10.58 -19.15
CA PRO B 365 -7.44 9.57 -20.20
C PRO B 365 -6.35 8.58 -19.79
N GLY B 366 -6.60 7.29 -19.99
CA GLY B 366 -5.67 6.24 -19.54
C GLY B 366 -5.82 5.80 -18.07
N HIS B 367 -6.57 6.55 -17.25
CA HIS B 367 -6.75 6.17 -15.84
C HIS B 367 -8.06 5.39 -15.70
N ASN B 368 -7.95 4.08 -15.50
CA ASN B 368 -9.10 3.25 -15.16
C ASN B 368 -9.38 3.34 -13.67
N GLU B 369 -10.58 2.93 -13.26
CA GLU B 369 -10.88 2.94 -11.84
C GLU B 369 -10.02 1.91 -11.13
N TYR B 370 -9.83 2.13 -9.84
CA TYR B 370 -8.93 1.30 -9.07
C TYR B 370 -9.37 1.33 -7.63
N THR B 371 -9.01 0.27 -6.91
CA THR B 371 -9.39 0.12 -5.53
C THR B 371 -8.33 0.81 -4.69
N ASP B 372 -8.77 1.64 -3.76
CA ASP B 372 -7.89 2.38 -2.85
C ASP B 372 -8.41 2.26 -1.41
N TYR B 373 -7.60 2.69 -0.44
CA TYR B 373 -7.99 2.73 0.97
C TYR B 373 -7.74 4.11 1.51
N PHE B 374 -8.52 4.54 2.50
CA PHE B 374 -8.25 5.83 3.17
C PHE B 374 -8.44 5.92 4.69
N ILE B 375 -9.01 4.88 5.32
CA ILE B 375 -9.28 4.86 6.76
C ILE B 375 -8.20 4.02 7.46
N PRO B 376 -7.19 4.67 8.08
CA PRO B 376 -6.13 3.88 8.74
C PRO B 376 -6.56 3.27 10.07
N VAL B 377 -5.99 2.11 10.40
CA VAL B 377 -6.07 1.54 11.75
C VAL B 377 -4.66 1.19 12.19
N THR B 378 -4.42 1.21 13.50
CA THR B 378 -3.10 0.90 14.05
C THR B 378 -3.18 -0.50 14.60
N VAL B 379 -2.21 -1.33 14.24
CA VAL B 379 -2.19 -2.74 14.63
C VAL B 379 -0.79 -3.17 15.02
N ARG B 380 -0.70 -4.30 15.70
CA ARG B 380 0.59 -4.88 16.03
C ARG B 380 0.53 -6.39 16.15
N SER B 381 1.53 -7.06 15.57
CA SER B 381 1.59 -8.51 15.49
C SER B 381 1.63 -9.18 16.86
N PHE B 382 0.90 -10.29 17.04
CA PHE B 382 1.01 -11.11 18.26
C PHE B 382 2.08 -12.17 18.07
N ASP B 383 2.61 -12.65 19.19
CA ASP B 383 3.63 -13.69 19.21
C ASP B 383 2.99 -15.05 19.59
N PRO B 384 2.80 -15.96 18.61
CA PRO B 384 2.24 -17.27 18.89
C PRO B 384 3.25 -18.25 19.50
N TYR B 385 4.53 -17.90 19.54
CA TYR B 385 5.56 -18.80 20.07
C TYR B 385 5.46 -19.06 21.57
N GLN B 386 4.79 -18.17 22.31
CA GLN B 386 4.71 -18.26 23.78
C GLN B 386 3.43 -18.96 24.22
N GLN B 387 3.56 -19.95 25.09
CA GLN B 387 2.39 -20.67 25.59
C GLN B 387 1.33 -19.71 26.16
N ALA B 388 1.76 -18.74 26.96
CA ALA B 388 0.81 -17.84 27.65
C ALA B 388 0.04 -16.99 26.63
N SER B 389 0.74 -16.61 25.57
CA SER B 389 0.16 -15.86 24.45
C SER B 389 -0.88 -16.70 23.70
N ARG B 390 -0.55 -17.96 23.43
CA ARG B 390 -1.51 -18.90 22.82
C ARG B 390 -2.75 -19.10 23.70
N ASP B 391 -2.56 -19.27 25.01
CA ASP B 391 -3.68 -19.40 25.95
C ASP B 391 -4.62 -18.17 25.89
N TRP B 392 -4.01 -17.00 25.87
CA TRP B 392 -4.73 -15.73 25.76
C TRP B 392 -5.49 -15.62 24.43
N TRP B 393 -4.80 -15.94 23.34
CA TRP B 393 -5.41 -15.89 22.00
C TRP B 393 -6.64 -16.82 21.91
N TRP B 394 -6.49 -18.06 22.39
CA TRP B 394 -7.63 -19.00 22.40
C TRP B 394 -8.76 -18.52 23.31
N GLN B 395 -8.42 -18.10 24.52
CA GLN B 395 -9.44 -17.63 25.49
C GLN B 395 -10.37 -16.59 24.86
N HIS B 396 -9.79 -15.64 24.15
CA HIS B 396 -10.59 -14.59 23.52
C HIS B 396 -11.34 -15.05 22.26
N SER B 397 -11.05 -16.26 21.78
CA SER B 397 -11.72 -16.83 20.61
C SER B 397 -12.95 -17.69 20.97
N ILE B 398 -13.12 -18.02 22.25
CA ILE B 398 -14.16 -18.97 22.66
C ILE B 398 -15.54 -18.48 22.28
N ASP B 399 -15.81 -17.20 22.53
CA ASP B 399 -17.15 -16.67 22.24
C ASP B 399 -17.50 -16.80 20.76
N ALA B 400 -16.55 -16.45 19.88
CA ALA B 400 -16.73 -16.56 18.43
C ALA B 400 -17.03 -18.01 18.03
N PHE B 401 -16.34 -18.96 18.66
CA PHE B 401 -16.49 -20.40 18.43
C PHE B 401 -17.89 -20.90 18.84
N ASP B 402 -18.30 -20.55 20.06
CA ASP B 402 -19.66 -20.84 20.56
C ASP B 402 -20.75 -20.32 19.62
N LYS B 403 -20.52 -19.15 19.04
CA LYS B 403 -21.52 -18.53 18.17
C LYS B 403 -21.35 -18.83 16.66
N GLY B 404 -20.46 -19.77 16.33
CA GLY B 404 -20.48 -20.47 15.04
C GLY B 404 -19.21 -20.51 14.22
N ILE B 405 -18.15 -19.80 14.61
CA ILE B 405 -16.86 -19.93 13.90
C ILE B 405 -16.21 -21.24 14.33
N VAL B 406 -16.33 -22.28 13.49
CA VAL B 406 -15.80 -23.61 13.81
C VAL B 406 -14.62 -23.99 12.90
N GLY B 407 -14.21 -23.06 12.05
CA GLY B 407 -13.01 -23.22 11.23
C GLY B 407 -12.22 -21.92 11.25
N TRP B 408 -10.90 -22.04 11.36
CA TRP B 408 -10.01 -20.90 11.56
C TRP B 408 -9.19 -20.64 10.31
N TRP B 409 -9.55 -19.58 9.62
CA TRP B 409 -8.85 -19.17 8.41
C TRP B 409 -7.75 -18.19 8.84
N ASN B 410 -6.57 -18.73 9.15
CA ASN B 410 -5.46 -17.95 9.71
C ASN B 410 -4.63 -17.34 8.60
N ASP B 411 -4.92 -16.08 8.30
CA ASP B 411 -4.24 -15.35 7.24
C ASP B 411 -3.03 -14.60 7.80
N GLU B 412 -2.08 -14.28 6.93
CA GLU B 412 -1.00 -13.34 7.23
C GLU B 412 -0.14 -13.74 8.44
N THR B 413 0.12 -15.05 8.58
CA THR B 413 1.06 -15.56 9.59
C THR B 413 2.47 -15.65 9.00
N ASP B 414 2.73 -14.86 7.96
CA ASP B 414 3.91 -15.00 7.12
C ASP B 414 4.73 -13.72 7.07
N LYS B 415 4.10 -12.62 6.66
CA LYS B 415 4.80 -11.38 6.47
C LYS B 415 3.83 -10.20 6.46
N VAL B 416 4.29 -9.11 7.06
CA VAL B 416 3.59 -7.85 7.08
C VAL B 416 4.15 -7.03 5.91
N ASP B 417 3.27 -6.28 5.25
CA ASP B 417 3.67 -5.43 4.13
C ASP B 417 2.79 -4.18 4.12
N SER B 418 3.23 -3.16 4.85
CA SER B 418 2.48 -1.90 4.99
C SER B 418 3.40 -0.71 5.13
N GLY B 419 3.57 0.04 4.03
CA GLY B 419 4.44 1.21 4.00
C GLY B 419 5.86 0.84 4.38
N SER B 420 6.41 1.51 5.39
CA SER B 420 7.71 1.17 5.92
C SER B 420 7.72 -0.15 6.72
N ALA B 421 6.54 -0.63 7.15
CA ALA B 421 6.44 -1.86 7.94
C ALA B 421 6.49 -3.12 7.06
N GLN B 422 7.62 -3.84 7.13
CA GLN B 422 7.91 -5.02 6.28
C GLN B 422 8.36 -6.24 7.11
N TYR B 423 7.66 -6.50 8.21
CA TYR B 423 8.06 -7.51 9.20
C TYR B 423 7.78 -8.95 8.79
N TRP B 424 8.76 -9.81 8.96
CA TRP B 424 8.59 -11.23 8.75
C TRP B 424 8.18 -11.92 10.04
N PHE B 425 7.26 -12.88 9.93
CA PHE B 425 7.01 -13.86 10.97
C PHE B 425 8.00 -15.01 10.78
N GLY B 426 8.37 -15.66 11.89
CA GLY B 426 9.32 -16.78 11.84
C GLY B 426 8.71 -18.06 11.29
N ASN B 427 9.57 -19.04 11.01
CA ASN B 427 9.15 -20.28 10.36
C ASN B 427 8.12 -21.12 11.13
N PHE B 428 8.07 -20.95 12.45
CA PHE B 428 7.12 -21.68 13.29
C PHE B 428 5.85 -20.91 13.60
N SER B 429 5.65 -19.78 12.94
CA SER B 429 4.51 -18.92 13.21
C SER B 429 3.20 -19.57 12.82
N THR B 430 3.18 -20.26 11.69
CA THR B 430 1.97 -20.97 11.25
C THR B 430 1.65 -22.13 12.18
N GLY B 431 2.65 -22.96 12.46
CA GLY B 431 2.47 -24.06 13.39
C GLY B 431 1.96 -23.61 14.75
N PHE B 432 2.57 -22.56 15.31
CA PHE B 432 2.19 -22.06 16.63
C PHE B 432 0.84 -21.35 16.64
N THR B 433 0.50 -20.61 15.59
CA THR B 433 -0.83 -20.03 15.49
C THR B 433 -1.86 -21.17 15.46
N SER B 434 -1.56 -22.17 14.65
CA SER B 434 -2.39 -23.37 14.52
C SER B 434 -2.54 -24.11 15.86
N GLN B 435 -1.41 -24.22 16.58
CA GLN B 435 -1.40 -24.84 17.90
C GLN B 435 -2.29 -24.13 18.90
N ALA B 436 -2.32 -22.79 18.88
CA ALA B 436 -3.17 -22.04 19.81
C ALA B 436 -4.63 -22.48 19.70
N MET B 437 -5.12 -22.61 18.47
CA MET B 437 -6.50 -22.98 18.22
C MET B 437 -6.74 -24.45 18.46
N TYR B 438 -5.77 -25.29 18.06
CA TYR B 438 -5.86 -26.72 18.20
C TYR B 438 -5.90 -27.18 19.66
N ASP B 439 -4.89 -26.78 20.42
CA ASP B 439 -4.81 -27.08 21.87
C ASP B 439 -6.01 -26.50 22.60
N GLY B 440 -6.36 -25.26 22.27
CA GLY B 440 -7.46 -24.58 22.92
C GLY B 440 -8.81 -25.25 22.65
N GLN B 441 -9.11 -25.46 21.37
CA GLN B 441 -10.38 -26.06 21.00
C GLN B 441 -10.50 -27.51 21.52
N ARG B 442 -9.40 -28.27 21.52
CA ARG B 442 -9.45 -29.63 22.03
C ARG B 442 -9.70 -29.68 23.55
N ASP B 443 -9.02 -28.78 24.27
CA ASP B 443 -9.25 -28.64 25.71
C ASP B 443 -10.68 -28.22 25.97
N TYR B 444 -11.13 -27.15 25.32
CA TYR B 444 -12.44 -26.58 25.57
C TYR B 444 -13.60 -27.52 25.27
N THR B 445 -13.52 -28.31 24.20
CA THR B 445 -14.62 -29.20 23.83
C THR B 445 -14.39 -30.63 24.32
N ASN B 446 -13.36 -30.86 25.15
CA ASN B 446 -13.00 -32.21 25.64
C ASN B 446 -12.81 -33.19 24.48
N ASP B 447 -12.02 -32.79 23.49
CA ASP B 447 -11.76 -33.58 22.29
C ASP B 447 -13.02 -33.96 21.47
N GLY B 448 -14.10 -33.20 21.65
CA GLY B 448 -15.40 -33.52 21.06
C GLY B 448 -15.63 -32.87 19.70
N VAL B 449 -14.87 -31.84 19.35
CA VAL B 449 -15.09 -31.14 18.06
C VAL B 449 -13.75 -31.02 17.36
N ARG B 450 -13.64 -31.69 16.22
CA ARG B 450 -12.43 -31.66 15.40
C ARG B 450 -12.14 -30.24 14.93
N VAL B 451 -10.85 -29.95 14.88
CA VAL B 451 -10.33 -28.66 14.50
C VAL B 451 -10.15 -28.63 12.98
N TRP B 452 -10.53 -27.52 12.36
CA TRP B 452 -10.20 -27.23 10.96
C TRP B 452 -9.58 -25.86 10.87
N GLN B 453 -8.46 -25.76 10.17
CA GLN B 453 -7.80 -24.48 9.93
C GLN B 453 -7.20 -24.44 8.52
N THR B 454 -6.93 -23.22 8.04
CA THR B 454 -6.05 -23.05 6.89
C THR B 454 -5.09 -21.89 7.14
N ALA B 455 -3.91 -21.99 6.52
CA ALA B 455 -2.89 -20.96 6.55
C ALA B 455 -2.28 -20.84 5.17
N ARG B 456 -1.58 -19.74 4.91
CA ARG B 456 -0.90 -19.56 3.61
C ARG B 456 0.62 -19.71 3.66
N SER B 457 1.11 -20.47 4.65
CA SER B 457 2.47 -20.97 4.62
C SER B 457 2.52 -22.32 5.33
N TYR B 458 3.59 -23.05 5.10
CA TYR B 458 3.82 -24.33 5.72
C TYR B 458 5.33 -24.53 5.99
N TYR B 459 5.63 -25.07 7.17
CA TYR B 459 6.96 -25.50 7.56
C TYR B 459 6.78 -26.84 8.32
N PRO B 460 7.78 -27.74 8.26
CA PRO B 460 7.58 -29.05 8.87
C PRO B 460 7.13 -29.00 10.32
N GLY B 461 6.14 -29.82 10.67
CA GLY B 461 5.60 -29.86 12.01
C GLY B 461 4.29 -29.15 12.19
N ALA B 462 3.97 -28.20 11.31
CA ALA B 462 2.74 -27.44 11.44
C ALA B 462 1.49 -28.32 11.29
N GLN B 463 1.63 -29.42 10.54
CA GLN B 463 0.55 -30.38 10.31
C GLN B 463 0.02 -31.05 11.57
N ARG B 464 0.81 -31.06 12.66
CA ARG B 464 0.37 -31.61 13.94
C ARG B 464 -0.82 -30.88 14.56
N TYR B 465 -1.10 -29.65 14.09
CA TYR B 465 -2.10 -28.80 14.72
C TYR B 465 -3.33 -28.59 13.85
N ALA B 466 -3.55 -29.52 12.90
CA ALA B 466 -4.74 -29.53 12.06
C ALA B 466 -4.90 -28.26 11.25
N THR B 467 -3.96 -28.04 10.33
CA THR B 467 -4.08 -26.94 9.37
C THR B 467 -3.82 -27.42 7.94
N THR B 468 -4.59 -26.84 7.01
CA THR B 468 -4.37 -26.99 5.60
C THR B 468 -3.52 -25.81 5.13
N LEU B 469 -3.25 -25.78 3.83
CA LEU B 469 -2.47 -24.74 3.21
C LEU B 469 -3.23 -24.25 1.99
N TRP B 470 -3.38 -22.95 1.81
CA TRP B 470 -3.90 -22.40 0.56
C TRP B 470 -2.82 -21.53 -0.12
N SER B 471 -2.94 -21.38 -1.45
CA SER B 471 -1.85 -20.84 -2.28
C SER B 471 -1.76 -19.30 -2.36
N GLY B 472 -2.53 -18.61 -1.53
CA GLY B 472 -2.45 -17.16 -1.42
C GLY B 472 -3.18 -16.40 -2.52
N ASP B 473 -2.77 -15.15 -2.74
CA ASP B 473 -3.51 -14.18 -3.55
C ASP B 473 -3.19 -14.33 -5.04
N ILE B 474 -3.55 -15.48 -5.58
CA ILE B 474 -3.22 -15.83 -6.95
C ILE B 474 -4.06 -15.02 -7.94
N GLY B 475 -3.61 -15.00 -9.18
CA GLY B 475 -4.25 -14.19 -10.22
C GLY B 475 -5.46 -14.83 -10.88
N THR B 476 -6.47 -14.01 -11.18
CA THR B 476 -7.58 -14.40 -12.01
C THR B 476 -7.14 -14.32 -13.48
N GLN B 477 -6.49 -15.40 -13.92
CA GLN B 477 -6.01 -15.55 -15.28
C GLN B 477 -5.65 -17.01 -15.52
N PHE B 478 -5.52 -17.40 -16.78
CA PHE B 478 -5.18 -18.78 -17.13
C PHE B 478 -3.75 -19.15 -16.73
N TYR B 479 -2.84 -18.20 -16.87
CA TYR B 479 -1.43 -18.45 -16.59
C TYR B 479 -0.73 -17.13 -16.32
N LYS B 480 0.44 -17.23 -15.72
CA LYS B 480 1.22 -16.05 -15.35
C LYS B 480 1.61 -15.30 -16.62
N GLY B 481 1.26 -14.04 -16.70
CA GLY B 481 1.54 -13.23 -17.87
C GLY B 481 0.43 -13.18 -18.90
N GLU B 482 -0.64 -13.95 -18.72
CA GLU B 482 -1.76 -13.87 -19.65
C GLU B 482 -2.36 -12.45 -19.64
N LEU B 483 -2.78 -12.00 -18.46
CA LEU B 483 -3.30 -10.65 -18.28
C LEU B 483 -2.31 -9.78 -17.54
N PHE B 484 -1.55 -10.35 -16.62
CA PHE B 484 -0.51 -9.62 -15.89
C PHE B 484 0.55 -10.56 -15.36
N ASN B 485 1.75 -10.03 -15.16
CA ASN B 485 2.96 -10.82 -14.89
C ASN B 485 3.25 -11.02 -13.41
N TRP B 486 2.57 -10.29 -12.54
CA TRP B 486 2.97 -10.19 -11.12
C TRP B 486 2.32 -11.23 -10.17
N ALA B 487 1.43 -12.08 -10.70
CA ALA B 487 0.93 -13.23 -9.93
C ALA B 487 0.68 -14.40 -10.87
N PRO B 488 0.87 -15.64 -10.38
CA PRO B 488 0.55 -16.82 -11.19
C PRO B 488 -0.97 -16.95 -11.36
N GLY B 489 -1.39 -17.76 -12.33
CA GLY B 489 -2.78 -18.04 -12.59
C GLY B 489 -3.14 -19.48 -12.31
N MET B 490 -4.14 -19.99 -13.03
CA MET B 490 -4.65 -21.33 -12.79
C MET B 490 -3.66 -22.43 -13.18
N GLN B 491 -3.05 -22.30 -14.35
CA GLN B 491 -2.17 -23.35 -14.88
C GLN B 491 -0.95 -23.64 -14.02
N GLU B 492 -0.50 -22.67 -13.22
CA GLU B 492 0.65 -22.88 -12.31
C GLU B 492 0.25 -23.67 -11.06
N GLN B 493 -1.03 -23.65 -10.69
CA GLN B 493 -1.46 -24.19 -9.39
C GLN B 493 -1.18 -25.67 -9.14
N PRO B 494 -1.33 -26.56 -10.15
CA PRO B 494 -0.94 -27.97 -9.91
C PRO B 494 0.52 -28.15 -9.47
N ARG B 495 1.43 -27.29 -9.95
CA ARG B 495 2.85 -27.39 -9.59
C ARG B 495 3.08 -26.98 -8.13
N ILE B 496 2.29 -26.00 -7.69
CA ILE B 496 2.30 -25.54 -6.30
C ILE B 496 1.72 -26.60 -5.36
N MET B 497 0.57 -27.17 -5.74
CA MET B 497 -0.08 -28.25 -4.99
C MET B 497 0.84 -29.45 -4.81
N LEU B 498 1.43 -29.87 -5.91
CA LEU B 498 2.28 -31.04 -5.92
C LEU B 498 3.64 -30.79 -5.23
N SER B 499 4.15 -29.56 -5.28
CA SER B 499 5.32 -29.15 -4.47
C SER B 499 5.02 -29.22 -2.98
N SER B 500 3.80 -28.86 -2.59
CA SER B 500 3.39 -28.93 -1.20
C SER B 500 3.31 -30.39 -0.75
N ALA B 501 2.76 -31.24 -1.61
CA ALA B 501 2.70 -32.68 -1.35
C ALA B 501 4.07 -33.30 -1.13
N ASN B 502 5.06 -32.82 -1.89
CA ASN B 502 6.44 -33.28 -1.77
C ASN B 502 7.13 -32.81 -0.48
N LEU B 503 6.55 -31.82 0.20
CA LEU B 503 7.00 -31.34 1.50
C LEU B 503 6.17 -31.92 2.67
N GLY B 504 5.31 -32.88 2.38
CA GLY B 504 4.46 -33.49 3.40
C GLY B 504 3.22 -32.72 3.83
N GLN B 505 2.78 -31.76 3.01
CA GLN B 505 1.55 -31.03 3.25
C GLN B 505 0.65 -31.22 2.03
N PRO B 506 -0.03 -32.39 1.96
CA PRO B 506 -0.96 -32.64 0.88
C PRO B 506 -2.37 -32.08 1.12
N LYS B 507 -2.63 -31.42 2.25
CA LYS B 507 -3.96 -30.83 2.51
C LYS B 507 -3.94 -29.39 2.01
N TRP B 508 -4.09 -29.28 0.69
CA TRP B 508 -3.79 -28.07 -0.05
C TRP B 508 -5.04 -27.60 -0.78
N GLY B 509 -5.19 -26.28 -0.85
CA GLY B 509 -6.21 -25.64 -1.68
C GLY B 509 -5.75 -24.35 -2.33
N MET B 510 -6.66 -23.77 -3.10
CA MET B 510 -6.41 -22.54 -3.88
C MET B 510 -7.69 -21.72 -3.97
N ASP B 511 -7.55 -20.42 -4.24
CA ASP B 511 -8.69 -19.56 -4.50
C ASP B 511 -9.20 -19.85 -5.91
N THR B 512 -10.11 -20.82 -6.03
CA THR B 512 -10.71 -21.15 -7.33
C THR B 512 -11.48 -19.90 -7.86
N GLY B 513 -11.18 -19.50 -9.09
CA GLY B 513 -11.60 -18.20 -9.62
C GLY B 513 -10.53 -17.14 -9.57
N GLY B 514 -9.56 -17.29 -8.67
CA GLY B 514 -8.48 -16.31 -8.51
C GLY B 514 -8.88 -15.15 -7.60
N PHE B 515 -7.86 -14.52 -7.04
CA PHE B 515 -8.05 -13.41 -6.11
C PHE B 515 -7.80 -12.04 -6.75
N ASN B 516 -6.68 -11.94 -7.47
CA ASN B 516 -6.17 -10.67 -7.93
C ASN B 516 -6.47 -10.46 -9.40
N SER B 517 -6.77 -9.21 -9.73
CA SER B 517 -6.99 -8.76 -11.10
C SER B 517 -6.35 -7.40 -11.29
N LEU B 518 -6.17 -6.97 -12.54
CA LEU B 518 -5.80 -5.58 -12.82
C LEU B 518 -6.84 -4.62 -12.27
N GLY B 519 -6.38 -3.63 -11.51
CA GLY B 519 -7.23 -2.67 -10.83
C GLY B 519 -7.68 -3.08 -9.44
N GLY B 520 -7.19 -4.22 -8.95
CA GLY B 520 -7.57 -4.74 -7.65
C GLY B 520 -8.99 -5.28 -7.64
N ALA B 521 -9.69 -5.09 -6.52
CA ALA B 521 -11.02 -5.66 -6.32
C ALA B 521 -12.02 -5.25 -7.41
N SER B 522 -11.87 -4.04 -7.94
CA SER B 522 -12.74 -3.53 -9.03
C SER B 522 -12.41 -4.13 -10.41
N GLY B 523 -11.29 -4.86 -10.51
CA GLY B 523 -10.94 -5.59 -11.70
C GLY B 523 -11.82 -6.79 -12.03
N PRO B 524 -11.63 -7.37 -13.21
CA PRO B 524 -12.57 -8.36 -13.73
C PRO B 524 -12.56 -9.68 -13.00
N ASN B 525 -13.75 -10.26 -12.87
CA ASN B 525 -13.94 -11.64 -12.50
C ASN B 525 -13.37 -12.60 -13.56
N PRO B 526 -13.21 -13.88 -13.19
CA PRO B 526 -12.82 -14.83 -14.19
C PRO B 526 -13.89 -14.91 -15.29
N SER B 527 -13.47 -15.11 -16.53
CA SER B 527 -14.40 -15.49 -17.59
C SER B 527 -15.18 -16.77 -17.20
N PRO B 528 -16.38 -16.97 -17.76
CA PRO B 528 -17.06 -18.24 -17.58
C PRO B 528 -16.20 -19.45 -17.89
N GLU B 529 -15.38 -19.39 -18.93
CA GLU B 529 -14.48 -20.49 -19.26
C GLU B 529 -13.45 -20.73 -18.15
N LEU B 530 -12.78 -19.66 -17.71
CA LEU B 530 -11.77 -19.78 -16.66
C LEU B 530 -12.42 -20.33 -15.39
N TYR B 531 -13.57 -19.78 -15.04
CA TYR B 531 -14.30 -20.20 -13.84
C TYR B 531 -14.67 -21.67 -13.91
N THR B 532 -15.22 -22.11 -15.05
CA THR B 532 -15.69 -23.49 -15.20
C THR B 532 -14.55 -24.49 -15.11
N ARG B 533 -13.50 -24.25 -15.89
CA ARG B 533 -12.31 -25.11 -15.83
C ARG B 533 -11.65 -25.10 -14.45
N TRP B 534 -11.66 -23.95 -13.79
CA TRP B 534 -11.05 -23.85 -12.46
C TRP B 534 -11.85 -24.67 -11.44
N MET B 535 -13.18 -24.64 -11.56
CA MET B 535 -14.05 -25.48 -10.71
C MET B 535 -13.85 -26.96 -10.92
N GLN B 536 -13.71 -27.37 -12.19
CA GLN B 536 -13.44 -28.77 -12.51
C GLN B 536 -12.10 -29.23 -11.92
N PHE B 537 -11.11 -28.35 -12.01
CA PHE B 537 -9.80 -28.57 -11.44
C PHE B 537 -9.92 -28.67 -9.91
N GLY B 538 -10.54 -27.68 -9.29
CA GLY B 538 -10.68 -27.61 -7.84
C GLY B 538 -11.35 -28.83 -7.21
N ALA B 539 -12.32 -29.40 -7.93
CA ALA B 539 -13.07 -30.54 -7.43
C ALA B 539 -12.21 -31.80 -7.24
N PHE B 540 -11.06 -31.85 -7.94
CA PHE B 540 -10.09 -32.93 -7.78
C PHE B 540 -8.82 -32.52 -7.01
N THR B 541 -8.97 -31.54 -6.12
CA THR B 541 -7.93 -31.10 -5.20
C THR B 541 -8.44 -31.25 -3.76
N PRO B 542 -7.53 -31.25 -2.78
CA PRO B 542 -7.97 -31.62 -1.41
C PRO B 542 -8.92 -30.64 -0.68
N VAL B 543 -8.63 -29.34 -0.72
CA VAL B 543 -9.45 -28.32 -0.07
C VAL B 543 -10.13 -27.53 -1.17
N PHE B 544 -11.38 -27.87 -1.44
CA PHE B 544 -12.14 -27.38 -2.57
C PHE B 544 -12.90 -26.12 -2.16
N ARG B 545 -12.44 -24.97 -2.64
CA ARG B 545 -12.97 -23.68 -2.21
C ARG B 545 -12.86 -22.62 -3.28
N VAL B 546 -13.90 -21.80 -3.42
CA VAL B 546 -13.82 -20.60 -4.20
C VAL B 546 -13.50 -19.45 -3.24
N HIS B 547 -12.83 -18.44 -3.78
CA HIS B 547 -12.60 -17.16 -3.10
C HIS B 547 -12.38 -16.12 -4.19
N GLY B 548 -12.53 -14.86 -3.80
CA GLY B 548 -12.20 -13.72 -4.64
C GLY B 548 -11.97 -12.48 -3.78
N ASN B 549 -11.69 -11.37 -4.45
CA ASN B 549 -11.35 -10.10 -3.81
C ASN B 549 -12.62 -9.44 -3.23
N TYR B 550 -12.41 -8.30 -2.59
CA TYR B 550 -13.46 -7.59 -1.87
C TYR B 550 -14.66 -7.33 -2.78
N ASN B 551 -15.83 -7.76 -2.33
CA ASN B 551 -17.10 -7.63 -3.05
C ASN B 551 -17.18 -8.34 -4.42
N GLN B 552 -16.29 -9.29 -4.67
CA GLN B 552 -16.38 -10.17 -5.83
C GLN B 552 -17.20 -11.39 -5.43
N GLN B 553 -17.88 -11.97 -6.42
CA GLN B 553 -18.77 -13.10 -6.19
C GLN B 553 -18.29 -14.30 -6.97
N ARG B 554 -18.43 -15.46 -6.36
CA ARG B 554 -17.94 -16.72 -6.93
C ARG B 554 -19.01 -17.82 -7.00
N GLN B 555 -20.28 -17.45 -6.90
CA GLN B 555 -21.35 -18.46 -7.01
C GLN B 555 -21.46 -18.89 -8.48
N PRO B 556 -21.56 -20.21 -8.73
CA PRO B 556 -21.45 -20.66 -10.11
C PRO B 556 -22.56 -20.21 -11.06
N TRP B 557 -23.75 -19.95 -10.54
CA TRP B 557 -24.87 -19.48 -11.39
C TRP B 557 -24.68 -18.09 -12.01
N LEU B 558 -23.76 -17.30 -11.45
CA LEU B 558 -23.46 -15.97 -12.00
C LEU B 558 -22.67 -16.01 -13.31
N TYR B 559 -22.07 -17.16 -13.63
CA TYR B 559 -21.19 -17.28 -14.78
C TYR B 559 -21.88 -17.94 -16.00
N GLY B 560 -23.21 -18.06 -15.96
CA GLY B 560 -23.99 -18.62 -17.07
C GLY B 560 -24.23 -20.10 -16.90
N ALA B 561 -25.08 -20.65 -17.77
CA ALA B 561 -25.59 -22.01 -17.58
C ALA B 561 -24.52 -23.08 -17.75
N THR B 562 -23.51 -22.89 -18.59
CA THR B 562 -22.46 -23.91 -18.71
C THR B 562 -21.66 -23.97 -17.42
N ALA B 563 -21.23 -22.81 -16.94
CA ALA B 563 -20.50 -22.74 -15.67
C ALA B 563 -21.33 -23.32 -14.54
N GLU B 564 -22.61 -22.95 -14.48
CA GLU B 564 -23.52 -23.51 -13.47
C GLU B 564 -23.68 -25.04 -13.55
N GLU B 565 -23.99 -25.54 -14.74
CA GLU B 565 -24.27 -26.97 -14.91
C GLU B 565 -22.99 -27.82 -14.83
N ALA B 566 -21.91 -27.36 -15.44
CA ALA B 566 -20.63 -28.09 -15.38
C ALA B 566 -20.03 -28.10 -13.97
N SER B 567 -20.13 -26.97 -13.27
CA SER B 567 -19.72 -26.92 -11.86
C SER B 567 -20.54 -27.88 -11.03
N LYS B 568 -21.86 -27.82 -11.18
CA LYS B 568 -22.75 -28.72 -10.45
C LYS B 568 -22.41 -30.19 -10.70
N ALA B 569 -22.20 -30.54 -11.97
CA ALA B 569 -21.87 -31.90 -12.37
C ALA B 569 -20.61 -32.45 -11.70
N VAL B 570 -19.52 -31.68 -11.76
CA VAL B 570 -18.26 -32.17 -11.18
C VAL B 570 -18.37 -32.23 -9.65
N MET B 571 -19.13 -31.32 -9.08
CA MET B 571 -19.42 -31.32 -7.62
C MET B 571 -20.17 -32.58 -7.22
N HIS B 572 -21.12 -33.00 -8.06
CA HIS B 572 -21.80 -34.28 -7.83
C HIS B 572 -20.81 -35.44 -7.89
N THR B 573 -19.85 -35.40 -8.82
CA THR B 573 -18.83 -36.47 -8.85
C THR B 573 -18.05 -36.51 -7.52
N ARG B 574 -17.55 -35.34 -7.09
CA ARG B 574 -16.77 -35.25 -5.83
C ARG B 574 -17.54 -35.80 -4.64
N TYR B 575 -18.78 -35.33 -4.48
CA TYR B 575 -19.60 -35.74 -3.35
C TYR B 575 -19.99 -37.23 -3.42
N SER B 576 -20.17 -37.78 -4.61
CA SER B 576 -20.35 -39.24 -4.75
C SER B 576 -19.14 -40.02 -4.24
N LEU B 577 -17.94 -39.43 -4.37
CA LEU B 577 -16.70 -40.05 -3.89
C LEU B 577 -16.36 -39.81 -2.42
N LEU B 578 -17.28 -39.28 -1.64
CA LEU B 578 -17.01 -39.03 -0.21
C LEU B 578 -16.38 -40.22 0.55
N PRO B 579 -16.94 -41.43 0.42
CA PRO B 579 -16.32 -42.55 1.16
C PRO B 579 -14.92 -42.99 0.66
N TYR B 580 -14.67 -42.86 -0.64
CA TYR B 580 -13.33 -43.00 -1.21
C TYR B 580 -12.37 -41.96 -0.60
N MET B 581 -12.76 -40.69 -0.67
CA MET B 581 -11.96 -39.57 -0.16
C MET B 581 -11.66 -39.69 1.33
N TYR B 582 -12.70 -40.03 2.10
CA TYR B 582 -12.59 -40.03 3.55
C TYR B 582 -11.55 -41.05 4.05
N ALA B 583 -11.38 -42.14 3.31
CA ALA B 583 -10.34 -43.11 3.66
C ALA B 583 -8.96 -42.47 3.61
N TYR B 584 -8.74 -41.54 2.67
CA TYR B 584 -7.45 -40.83 2.59
C TYR B 584 -7.26 -39.78 3.68
N GLU B 585 -8.34 -39.25 4.19
CA GLU B 585 -8.29 -38.38 5.36
C GLU B 585 -7.79 -39.20 6.55
N ARG B 586 -8.29 -40.42 6.70
CA ARG B 586 -7.81 -41.33 7.72
C ARG B 586 -6.35 -41.72 7.49
N GLU B 587 -5.97 -42.00 6.25
CA GLU B 587 -4.57 -42.31 5.94
C GLU B 587 -3.60 -41.21 6.41
N ALA B 588 -3.98 -39.94 6.25
CA ALA B 588 -3.11 -38.82 6.65
C ALA B 588 -2.86 -38.76 8.16
N SER B 589 -3.79 -39.30 8.97
CA SER B 589 -3.54 -39.47 10.41
C SER B 589 -2.59 -40.63 10.76
N GLU B 590 -2.32 -41.52 9.81
CA GLU B 590 -1.45 -42.67 10.03
C GLU B 590 -0.06 -42.52 9.39
N THR B 591 0.00 -42.00 8.17
CA THR B 591 1.26 -41.84 7.45
C THR B 591 1.54 -40.45 6.92
N GLY B 592 0.59 -39.51 7.08
CA GLY B 592 0.72 -38.19 6.48
C GLY B 592 0.36 -38.10 5.01
N LEU B 593 0.22 -39.24 4.33
CA LEU B 593 -0.15 -39.27 2.90
C LEU B 593 -1.63 -38.92 2.76
N GLY B 594 -1.96 -38.10 1.76
CA GLY B 594 -3.28 -37.52 1.67
C GLY B 594 -4.04 -37.95 0.44
N LEU B 595 -4.88 -37.05 -0.05
CA LEU B 595 -5.83 -37.34 -1.11
C LEU B 595 -5.22 -37.18 -2.49
N ILE B 596 -4.17 -36.40 -2.60
CA ILE B 596 -3.47 -36.25 -3.89
C ILE B 596 -2.02 -36.63 -3.76
N LYS B 597 -1.43 -36.99 -4.91
CA LYS B 597 -0.01 -37.26 -4.97
C LYS B 597 0.44 -37.14 -6.42
N PRO B 598 1.70 -36.72 -6.65
CA PRO B 598 2.17 -36.73 -8.03
C PRO B 598 2.39 -38.16 -8.51
N LEU B 599 2.46 -38.33 -9.83
CA LEU B 599 2.66 -39.64 -10.43
C LEU B 599 4.00 -40.30 -9.99
N LEU B 600 5.00 -39.46 -9.72
CA LEU B 600 6.33 -39.96 -9.32
C LEU B 600 6.33 -40.71 -7.97
N PHE B 601 5.32 -40.48 -7.12
CA PHE B 601 5.15 -41.34 -5.91
C PHE B 601 4.90 -42.80 -6.28
N ASP B 602 4.11 -43.03 -7.33
CA ASP B 602 3.78 -44.38 -7.79
C ASP B 602 4.81 -44.90 -8.78
N TYR B 603 5.45 -44.00 -9.54
CA TYR B 603 6.41 -44.37 -10.58
C TYR B 603 7.74 -43.64 -10.37
N PRO B 604 8.47 -43.98 -9.28
CA PRO B 604 9.71 -43.28 -8.95
C PRO B 604 10.82 -43.35 -10.00
N ASN B 605 10.82 -44.39 -10.84
CA ASN B 605 11.84 -44.54 -11.89
C ASN B 605 11.43 -44.13 -13.30
N ASP B 606 10.21 -43.65 -13.47
CA ASP B 606 9.75 -43.24 -14.80
C ASP B 606 10.19 -41.81 -15.10
N PRO B 607 11.08 -41.61 -16.10
CA PRO B 607 11.51 -40.24 -16.43
C PRO B 607 10.36 -39.32 -16.90
N GLN B 608 9.34 -39.91 -17.54
CA GLN B 608 8.14 -39.14 -17.93
C GLN B 608 7.32 -38.64 -16.74
N ALA B 609 7.44 -39.29 -15.58
CA ALA B 609 6.77 -38.85 -14.34
C ALA B 609 7.60 -37.90 -13.47
N ALA B 610 8.89 -37.78 -13.75
CA ALA B 610 9.83 -37.15 -12.83
C ALA B 610 9.52 -35.67 -12.51
N ASP B 611 9.03 -34.92 -13.51
CA ASP B 611 8.60 -33.54 -13.33
C ASP B 611 7.15 -33.30 -13.79
N TYR B 612 6.32 -34.34 -13.75
CA TYR B 612 5.01 -34.28 -14.37
C TYR B 612 3.97 -33.75 -13.39
N THR B 613 3.30 -32.68 -13.82
CA THR B 613 2.30 -32.00 -13.01
C THR B 613 0.97 -31.75 -13.74
N GLU B 614 0.84 -32.03 -15.04
CA GLU B 614 -0.44 -31.80 -15.75
C GLU B 614 -1.52 -32.84 -15.44
N ALA B 615 -1.11 -33.96 -14.84
CA ALA B 615 -2.03 -34.92 -14.25
C ALA B 615 -1.51 -35.31 -12.88
N TRP B 616 -2.40 -35.79 -12.02
CA TRP B 616 -2.00 -36.32 -10.72
C TRP B 616 -2.98 -37.37 -10.28
N MET B 617 -2.66 -38.07 -9.18
CA MET B 617 -3.54 -39.10 -8.62
C MET B 617 -4.46 -38.47 -7.60
N PHE B 618 -5.73 -38.82 -7.66
CA PHE B 618 -6.75 -38.41 -6.71
C PHE B 618 -7.10 -39.71 -6.00
N GLY B 619 -6.59 -39.86 -4.77
CA GLY B 619 -6.49 -41.16 -4.11
C GLY B 619 -5.56 -42.10 -4.89
N ASP B 620 -5.64 -43.39 -4.63
CA ASP B 620 -4.75 -44.38 -5.27
C ASP B 620 -5.20 -44.78 -6.68
N TRP B 621 -6.50 -44.63 -6.99
CA TRP B 621 -7.08 -45.36 -8.11
C TRP B 621 -7.62 -44.51 -9.26
N LEU B 622 -7.52 -43.18 -9.14
CA LEU B 622 -7.96 -42.26 -10.19
C LEU B 622 -6.82 -41.32 -10.61
N LEU B 623 -6.59 -41.23 -11.92
CA LEU B 623 -5.66 -40.25 -12.47
C LEU B 623 -6.52 -39.18 -13.14
N VAL B 624 -6.28 -37.93 -12.77
CA VAL B 624 -7.08 -36.79 -13.29
C VAL B 624 -6.14 -35.83 -14.02
N SER B 625 -6.64 -35.27 -15.12
CA SER B 625 -5.90 -34.28 -15.88
C SER B 625 -6.88 -33.21 -16.39
N PRO B 626 -7.22 -32.25 -15.52
CA PRO B 626 -8.20 -31.22 -15.88
C PRO B 626 -7.77 -30.41 -17.11
N VAL B 627 -8.76 -30.00 -17.91
CA VAL B 627 -8.53 -29.10 -19.02
C VAL B 627 -8.31 -27.70 -18.43
N LEU B 628 -7.09 -27.19 -18.57
CA LEU B 628 -6.70 -25.87 -18.08
C LEU B 628 -6.39 -24.86 -19.16
N GLY B 629 -6.43 -25.24 -20.44
CA GLY B 629 -6.09 -24.32 -21.52
C GLY B 629 -7.33 -23.61 -22.04
N GLU B 630 -7.19 -22.33 -22.33
CA GLU B 630 -8.24 -21.59 -23.02
C GLU B 630 -8.48 -22.16 -24.42
N ALA B 631 -9.75 -22.40 -24.76
CA ALA B 631 -10.14 -22.86 -26.09
C ALA B 631 -9.48 -24.19 -26.48
N GLN B 632 -9.26 -25.05 -25.49
CA GLN B 632 -8.54 -26.29 -25.71
C GLN B 632 -9.48 -27.33 -26.34
N HIS B 633 -9.09 -27.85 -27.49
CA HIS B 633 -9.89 -28.84 -28.24
C HIS B 633 -9.41 -30.26 -28.03
N SER B 634 -8.22 -30.41 -27.47
CA SER B 634 -7.67 -31.72 -27.17
C SER B 634 -6.50 -31.55 -26.22
N LYS B 635 -6.14 -32.65 -25.57
CA LYS B 635 -5.13 -32.67 -24.54
C LYS B 635 -4.18 -33.82 -24.81
N GLN B 636 -2.92 -33.62 -24.48
CA GLN B 636 -1.92 -34.67 -24.51
C GLN B 636 -1.75 -35.08 -23.05
N ILE B 637 -1.96 -36.36 -22.75
CA ILE B 637 -1.99 -36.83 -21.37
C ILE B 637 -1.08 -38.06 -21.24
N TYR B 638 -0.08 -37.96 -20.36
CA TYR B 638 0.80 -39.09 -20.07
C TYR B 638 0.14 -40.05 -19.11
N LEU B 639 -0.02 -41.29 -19.56
CA LEU B 639 -0.52 -42.36 -18.71
C LEU B 639 0.68 -43.25 -18.41
N PRO B 640 1.02 -43.40 -17.12
CA PRO B 640 2.13 -44.30 -16.80
C PRO B 640 1.74 -45.78 -16.95
N ALA B 641 2.68 -46.67 -16.67
CA ALA B 641 2.49 -48.08 -17.03
C ALA B 641 1.27 -48.70 -16.33
N GLY B 642 0.58 -49.57 -17.06
CA GLY B 642 -0.65 -50.24 -16.59
C GLY B 642 -1.78 -50.04 -17.58
N THR B 643 -2.97 -50.50 -17.21
CA THR B 643 -4.15 -50.34 -18.03
C THR B 643 -5.02 -49.29 -17.39
N TRP B 644 -5.55 -48.37 -18.20
CA TRP B 644 -6.34 -47.25 -17.72
C TRP B 644 -7.68 -47.25 -18.41
N ILE B 645 -8.74 -47.00 -17.65
CA ILE B 645 -10.10 -46.97 -18.17
C ILE B 645 -10.63 -45.55 -18.07
N ASP B 646 -11.13 -45.02 -19.18
CA ASP B 646 -11.70 -43.67 -19.17
C ASP B 646 -12.95 -43.72 -18.30
N TYR B 647 -12.94 -42.94 -17.23
CA TYR B 647 -14.03 -42.92 -16.23
C TYR B 647 -15.38 -42.51 -16.81
N HIS B 648 -15.37 -41.58 -17.75
CA HIS B 648 -16.62 -41.08 -18.34
C HIS B 648 -16.98 -41.70 -19.71
N ARG B 649 -16.00 -42.15 -20.47
CA ARG B 649 -16.25 -42.64 -21.84
C ARG B 649 -16.14 -44.15 -22.02
N GLY B 650 -15.44 -44.82 -21.11
CA GLY B 650 -15.44 -46.26 -21.05
C GLY B 650 -14.32 -47.00 -21.73
N GLN B 651 -13.60 -46.36 -22.65
CA GLN B 651 -12.57 -47.07 -23.39
C GLN B 651 -11.34 -47.26 -22.53
N THR B 652 -10.57 -48.28 -22.87
CA THR B 652 -9.32 -48.57 -22.19
C THR B 652 -8.14 -48.06 -22.98
N TYR B 653 -7.03 -47.80 -22.27
CA TYR B 653 -5.77 -47.35 -22.85
C TYR B 653 -4.66 -48.14 -22.18
N SER B 654 -3.66 -48.53 -22.97
CA SER B 654 -2.45 -49.11 -22.40
C SER B 654 -1.58 -47.94 -21.96
N GLY B 655 -0.93 -48.10 -20.82
CA GLY B 655 -0.09 -47.05 -20.24
C GLY B 655 1.30 -46.99 -20.84
N GLY B 656 2.12 -46.14 -20.27
CA GLY B 656 3.46 -45.91 -20.76
C GLY B 656 3.49 -45.09 -22.03
N GLN B 657 2.48 -44.26 -22.25
CA GLN B 657 2.42 -43.43 -23.47
C GLN B 657 1.67 -42.14 -23.21
N THR B 658 1.90 -41.15 -24.06
CA THR B 658 1.16 -39.91 -24.00
C THR B 658 0.03 -40.05 -25.00
N ILE B 659 -1.20 -40.00 -24.52
CA ILE B 659 -2.38 -40.19 -25.39
C ILE B 659 -2.89 -38.86 -25.94
N HIS B 660 -3.52 -38.91 -27.10
CA HIS B 660 -4.30 -37.77 -27.61
C HIS B 660 -5.73 -37.92 -27.10
N TYR B 661 -6.24 -36.88 -26.44
CA TYR B 661 -7.53 -36.95 -25.78
C TYR B 661 -8.44 -35.83 -26.28
N PRO B 662 -9.44 -36.16 -27.12
CA PRO B 662 -10.29 -35.08 -27.62
C PRO B 662 -11.20 -34.52 -26.55
N VAL B 663 -11.40 -33.21 -26.54
CA VAL B 663 -12.38 -32.59 -25.64
C VAL B 663 -13.27 -31.62 -26.40
N ASN B 664 -14.48 -31.49 -25.89
CA ASN B 664 -15.48 -30.65 -26.54
C ASN B 664 -15.37 -29.22 -25.96
N ALA B 665 -14.73 -28.34 -26.71
CA ALA B 665 -14.57 -26.94 -26.31
C ALA B 665 -15.88 -26.15 -26.33
N ASP B 666 -16.90 -26.68 -27.01
CA ASP B 666 -18.21 -26.04 -27.04
C ASP B 666 -18.99 -26.27 -25.74
N THR B 667 -18.92 -27.48 -25.18
CA THR B 667 -19.75 -27.79 -24.01
C THR B 667 -19.06 -27.59 -22.65
N TRP B 668 -17.72 -27.65 -22.62
CA TRP B 668 -16.95 -27.67 -21.35
C TRP B 668 -17.35 -28.76 -20.34
N THR B 669 -17.88 -29.87 -20.84
CA THR B 669 -18.38 -30.94 -19.97
C THR B 669 -17.30 -31.97 -19.61
N ASP B 670 -16.15 -31.93 -20.26
CA ASP B 670 -15.11 -32.95 -20.03
C ASP B 670 -14.20 -32.62 -18.84
N VAL B 671 -14.02 -33.61 -17.96
CA VAL B 671 -12.95 -33.62 -16.96
C VAL B 671 -12.19 -34.94 -17.17
N PRO B 672 -11.04 -34.88 -17.86
CA PRO B 672 -10.35 -36.11 -18.22
C PRO B 672 -9.94 -36.88 -16.96
N LEU B 673 -10.56 -38.04 -16.76
CA LEU B 673 -10.43 -38.84 -15.53
C LEU B 673 -10.29 -40.30 -15.93
N PHE B 674 -9.29 -40.97 -15.34
CA PHE B 674 -8.95 -42.34 -15.71
C PHE B 674 -8.84 -43.23 -14.50
N VAL B 675 -9.47 -44.40 -14.60
CA VAL B 675 -9.46 -45.40 -13.58
C VAL B 675 -8.23 -46.30 -13.77
N LYS B 676 -7.44 -46.45 -12.72
CA LYS B 676 -6.26 -47.32 -12.72
C LYS B 676 -6.76 -48.76 -12.56
N GLN B 677 -6.40 -49.66 -13.47
CA GLN B 677 -6.87 -51.06 -13.34
C GLN B 677 -6.41 -51.65 -12.00
N GLY B 678 -7.31 -52.41 -11.36
CA GLY B 678 -7.15 -52.80 -9.96
C GLY B 678 -7.98 -51.95 -9.01
N ALA B 679 -8.58 -50.87 -9.52
CA ALA B 679 -9.31 -49.91 -8.70
C ALA B 679 -10.44 -50.55 -7.93
N ILE B 680 -10.57 -50.13 -6.68
CA ILE B 680 -11.68 -50.44 -5.80
C ILE B 680 -12.13 -49.11 -5.22
N ILE B 681 -13.29 -48.61 -5.66
CA ILE B 681 -13.69 -47.23 -5.40
C ILE B 681 -15.06 -47.18 -4.71
N PRO B 682 -15.07 -47.05 -3.39
CA PRO B 682 -16.35 -46.84 -2.71
C PRO B 682 -17.01 -45.51 -3.10
N ASN B 683 -18.31 -45.52 -3.30
CA ASN B 683 -19.03 -44.30 -3.63
C ASN B 683 -20.48 -44.38 -3.18
N GLN B 684 -21.15 -43.23 -3.17
CA GLN B 684 -22.50 -43.14 -2.65
C GLN B 684 -23.35 -42.15 -3.40
N GLN B 685 -24.64 -42.16 -3.08
CA GLN B 685 -25.59 -41.13 -3.52
C GLN B 685 -25.06 -39.74 -3.19
N VAL B 686 -25.40 -38.77 -4.05
CA VAL B 686 -24.97 -37.39 -3.86
C VAL B 686 -25.84 -36.75 -2.79
N LEU B 687 -25.19 -36.15 -1.80
CA LEU B 687 -25.85 -35.39 -0.75
C LEU B 687 -25.53 -33.92 -0.94
N ASP B 688 -26.40 -33.04 -0.43
CA ASP B 688 -26.15 -31.60 -0.47
C ASP B 688 -25.01 -31.16 0.46
N TYR B 689 -24.79 -31.95 1.52
CA TYR B 689 -23.75 -31.71 2.51
C TYR B 689 -23.50 -33.04 3.23
N VAL B 690 -22.36 -33.15 3.89
CA VAL B 690 -21.80 -34.47 4.19
C VAL B 690 -22.61 -35.34 5.15
N ASP B 691 -23.41 -34.71 6.01
CA ASP B 691 -24.21 -35.46 6.98
C ASP B 691 -25.70 -35.17 6.83
N GLN B 692 -26.13 -34.92 5.59
CA GLN B 692 -27.53 -34.62 5.32
C GLN B 692 -28.43 -35.79 5.67
N GLN B 693 -27.96 -37.00 5.43
CA GLN B 693 -28.65 -38.19 5.87
C GLN B 693 -27.68 -39.33 6.06
N SER B 694 -28.16 -40.36 6.73
CA SER B 694 -27.42 -41.58 6.93
C SER B 694 -27.37 -42.36 5.61
N VAL B 695 -26.19 -42.83 5.23
CA VAL B 695 -26.04 -43.55 3.97
C VAL B 695 -25.92 -45.03 4.33
N THR B 696 -26.92 -45.80 3.91
CA THR B 696 -27.04 -47.22 4.27
C THR B 696 -26.58 -48.17 3.17
N THR B 697 -26.54 -47.71 1.92
CA THR B 697 -25.92 -48.47 0.84
C THR B 697 -24.72 -47.70 0.29
N VAL B 698 -23.57 -48.38 0.24
CA VAL B 698 -22.35 -47.86 -0.36
C VAL B 698 -22.02 -48.72 -1.58
N ASN B 699 -21.89 -48.09 -2.74
CA ASN B 699 -21.44 -48.79 -3.94
C ASN B 699 -19.95 -48.97 -3.90
N VAL B 700 -19.45 -50.06 -4.46
CA VAL B 700 -18.02 -50.30 -4.59
C VAL B 700 -17.73 -50.69 -6.04
N ASP B 701 -17.20 -49.75 -6.81
CA ASP B 701 -16.86 -50.03 -8.21
C ASP B 701 -15.49 -50.70 -8.26
N ILE B 702 -15.46 -51.88 -8.88
CA ILE B 702 -14.27 -52.73 -8.91
C ILE B 702 -13.84 -53.03 -10.35
N PHE B 703 -12.57 -52.74 -10.65
CA PHE B 703 -12.00 -52.94 -11.96
C PHE B 703 -10.83 -53.91 -11.76
N PRO B 704 -11.13 -55.22 -11.77
CA PRO B 704 -10.16 -56.25 -11.33
C PRO B 704 -8.88 -56.27 -12.17
N SER B 705 -7.77 -56.46 -11.49
CA SER B 705 -6.47 -56.65 -12.11
C SER B 705 -6.05 -58.10 -11.87
N ALA B 706 -5.09 -58.60 -12.66
CA ALA B 706 -4.51 -59.93 -12.43
C ALA B 706 -3.79 -60.05 -11.09
N SER B 707 -3.33 -58.94 -10.50
CA SER B 707 -2.76 -58.96 -9.14
C SER B 707 -3.84 -58.58 -8.17
N GLU B 708 -3.81 -59.15 -6.97
CA GLU B 708 -4.75 -58.74 -5.93
C GLU B 708 -4.55 -57.26 -5.60
N THR B 709 -5.65 -56.52 -5.48
CA THR B 709 -5.66 -55.16 -4.99
C THR B 709 -6.64 -55.06 -3.84
N SER B 710 -6.52 -54.02 -3.03
CA SER B 710 -7.43 -53.85 -1.89
C SER B 710 -7.62 -52.38 -1.53
N PHE B 711 -8.73 -52.13 -0.85
CA PHE B 711 -9.11 -50.80 -0.35
C PHE B 711 -9.80 -51.06 0.98
N THR B 712 -9.41 -50.32 2.01
CA THR B 712 -10.04 -50.47 3.32
C THR B 712 -11.08 -49.36 3.53
N TYR B 713 -12.34 -49.76 3.47
CA TYR B 713 -13.46 -48.88 3.70
C TYR B 713 -13.41 -48.45 5.17
N TYR B 714 -13.73 -47.18 5.45
CA TYR B 714 -13.59 -46.58 6.79
C TYR B 714 -14.77 -45.67 7.10
N GLU B 715 -15.31 -45.78 8.33
CA GLU B 715 -16.29 -44.84 8.87
C GLU B 715 -15.90 -44.50 10.31
N ASP B 716 -16.32 -43.31 10.73
CA ASP B 716 -16.29 -42.89 12.15
C ASP B 716 -17.32 -41.77 12.32
N ASP B 717 -17.37 -41.08 13.45
CA ASP B 717 -18.39 -40.04 13.63
C ASP B 717 -18.20 -38.78 12.75
N GLY B 718 -17.03 -38.61 12.15
CA GLY B 718 -16.78 -37.47 11.28
C GLY B 718 -16.59 -36.12 11.96
N SER B 719 -16.54 -36.11 13.30
CA SER B 719 -16.66 -34.87 14.05
C SER B 719 -15.89 -34.73 15.36
N SER B 720 -15.44 -35.82 15.96
CA SER B 720 -14.69 -35.80 17.23
C SER B 720 -13.37 -36.51 17.06
N TYR B 721 -12.55 -36.48 18.11
CA TYR B 721 -11.34 -37.28 18.16
C TYR B 721 -11.51 -38.69 18.79
N ASP B 722 -12.75 -39.18 18.89
CA ASP B 722 -13.04 -40.57 19.34
C ASP B 722 -12.27 -41.63 18.57
N TYR B 723 -11.99 -41.38 17.29
CA TYR B 723 -11.18 -42.32 16.49
C TYR B 723 -9.81 -42.59 17.09
N GLU B 724 -9.25 -41.62 17.81
CA GLU B 724 -7.93 -41.83 18.45
C GLU B 724 -7.90 -42.98 19.48
N SER B 725 -9.04 -43.26 20.11
CA SER B 725 -9.14 -44.37 21.06
C SER B 725 -9.94 -45.57 20.50
N GLY B 726 -9.88 -45.76 19.17
CA GLY B 726 -10.45 -46.94 18.50
C GLY B 726 -11.90 -46.86 18.06
N SER B 727 -12.55 -45.71 18.24
CA SER B 727 -13.94 -45.56 17.85
C SER B 727 -14.03 -45.20 16.36
N SER B 728 -13.81 -46.24 15.56
CA SER B 728 -13.96 -46.18 14.13
C SER B 728 -14.35 -47.56 13.62
N PHE B 729 -14.63 -47.65 12.33
CA PHE B 729 -15.05 -48.89 11.70
C PHE B 729 -14.24 -49.03 10.42
N GLU B 730 -13.68 -50.23 10.19
CA GLU B 730 -13.08 -50.52 8.90
C GLU B 730 -13.39 -51.92 8.38
N GLN B 731 -13.28 -52.05 7.07
CA GLN B 731 -13.57 -53.30 6.41
C GLN B 731 -12.76 -53.36 5.13
N ARG B 732 -11.84 -54.33 5.06
CA ARG B 732 -10.93 -54.48 3.92
C ARG B 732 -11.65 -55.18 2.76
N LEU B 733 -11.68 -54.51 1.61
CA LEU B 733 -12.25 -55.03 0.37
C LEU B 733 -11.08 -55.37 -0.53
N ALA B 734 -11.06 -56.57 -1.10
CA ALA B 734 -9.97 -57.01 -1.96
C ALA B 734 -10.53 -57.70 -3.18
N ALA B 735 -9.80 -57.60 -4.28
CA ALA B 735 -10.30 -58.13 -5.55
C ALA B 735 -9.16 -58.69 -6.38
N GLN B 736 -9.46 -59.69 -7.21
CA GLN B 736 -8.50 -60.26 -8.17
C GLN B 736 -9.20 -60.85 -9.38
N ASP B 737 -8.65 -60.59 -10.56
CA ASP B 737 -9.11 -61.20 -11.80
C ASP B 737 -8.34 -62.52 -11.97
N LEU B 738 -9.06 -63.64 -11.97
CA LEU B 738 -8.45 -64.97 -12.05
C LEU B 738 -8.63 -65.50 -13.47
N SER B 739 -8.22 -66.74 -13.72
CA SER B 739 -8.25 -67.30 -15.09
C SER B 739 -9.64 -67.30 -15.72
N SER B 740 -10.66 -67.72 -14.97
CA SER B 740 -12.02 -67.77 -15.50
C SER B 740 -13.08 -67.19 -14.54
N SER B 741 -12.64 -66.36 -13.59
CA SER B 741 -13.57 -65.76 -12.65
C SER B 741 -12.97 -64.49 -12.04
N VAL B 742 -13.80 -63.76 -11.32
CA VAL B 742 -13.33 -62.68 -10.45
C VAL B 742 -13.65 -63.09 -9.02
N ARG B 743 -12.71 -62.84 -8.13
CA ARG B 743 -12.87 -63.11 -6.71
C ARG B 743 -12.77 -61.78 -5.97
N VAL B 744 -13.78 -61.49 -5.14
CA VAL B 744 -13.81 -60.29 -4.31
C VAL B 744 -13.99 -60.73 -2.86
N GLU B 745 -13.12 -60.24 -1.98
CA GLU B 745 -13.24 -60.53 -0.55
C GLU B 745 -13.69 -59.29 0.22
N VAL B 746 -14.76 -59.42 0.99
CA VAL B 746 -15.16 -58.41 1.96
C VAL B 746 -14.75 -58.94 3.34
N GLY B 747 -13.72 -58.33 3.92
CA GLY B 747 -13.19 -58.76 5.22
C GLY B 747 -14.18 -58.56 6.33
N ALA B 748 -13.93 -59.18 7.48
CA ALA B 748 -14.74 -58.98 8.65
C ALA B 748 -14.61 -57.51 9.07
N GLY B 749 -15.68 -56.95 9.61
CA GLY B 749 -15.63 -55.58 10.15
C GLY B 749 -14.70 -55.53 11.35
N SER B 750 -14.09 -54.37 11.59
CA SER B 750 -13.32 -54.17 12.82
C SER B 750 -13.46 -52.75 13.37
N GLY B 751 -13.23 -52.63 14.67
CA GLY B 751 -13.37 -51.37 15.40
C GLY B 751 -14.72 -51.33 16.08
N SER B 752 -14.88 -50.40 17.02
CA SER B 752 -16.05 -50.33 17.90
C SER B 752 -17.17 -49.41 17.44
N TYR B 753 -16.93 -48.60 16.42
CA TYR B 753 -17.94 -47.68 15.94
C TYR B 753 -18.99 -48.46 15.12
N THR B 754 -20.26 -48.25 15.40
CA THR B 754 -21.34 -48.86 14.62
C THR B 754 -21.55 -48.02 13.36
N PRO B 755 -21.19 -48.56 12.18
CA PRO B 755 -21.30 -47.73 10.99
C PRO B 755 -22.73 -47.62 10.48
N ASP B 756 -22.98 -46.58 9.69
CA ASP B 756 -24.26 -46.40 9.02
C ASP B 756 -24.49 -47.39 7.87
N VAL B 757 -23.43 -47.79 7.18
CA VAL B 757 -23.58 -48.70 6.04
C VAL B 757 -24.19 -50.06 6.47
N GLN B 758 -25.28 -50.45 5.82
CA GLN B 758 -25.93 -51.76 6.00
C GLN B 758 -25.61 -52.75 4.86
N HIS B 759 -25.49 -52.25 3.63
CA HIS B 759 -25.12 -53.10 2.48
C HIS B 759 -24.08 -52.46 1.58
N TYR B 760 -23.17 -53.26 1.03
CA TYR B 760 -22.37 -52.84 -0.13
C TYR B 760 -23.06 -53.36 -1.40
N VAL B 761 -23.06 -52.55 -2.45
CA VAL B 761 -23.37 -53.03 -3.80
C VAL B 761 -22.05 -52.99 -4.56
N LEU B 762 -21.47 -54.17 -4.76
CA LEU B 762 -20.28 -54.32 -5.55
C LEU B 762 -20.69 -54.22 -7.01
N LYS B 763 -19.95 -53.42 -7.79
CA LYS B 763 -20.16 -53.30 -9.22
C LYS B 763 -18.85 -53.75 -9.83
N ILE B 764 -18.84 -54.97 -10.34
CA ILE B 764 -17.61 -55.65 -10.75
C ILE B 764 -17.56 -55.56 -12.26
N HIS B 765 -16.66 -54.72 -12.76
CA HIS B 765 -16.60 -54.39 -14.19
C HIS B 765 -15.74 -55.37 -14.95
N GLY B 766 -16.08 -55.57 -16.22
CA GLY B 766 -15.30 -56.45 -17.11
C GLY B 766 -15.80 -57.88 -17.23
N ARG B 767 -16.83 -58.25 -16.46
CA ARG B 767 -17.44 -59.59 -16.57
C ARG B 767 -18.91 -59.47 -16.18
N ALA B 768 -19.79 -60.02 -17.01
CA ALA B 768 -21.18 -60.25 -16.61
C ALA B 768 -21.30 -61.74 -16.30
N GLY B 769 -21.14 -62.09 -15.03
CA GLY B 769 -21.15 -63.49 -14.63
C GLY B 769 -22.44 -64.21 -14.96
N SER B 770 -22.34 -65.52 -15.16
CA SER B 770 -23.50 -66.38 -15.30
C SER B 770 -23.82 -67.08 -13.94
N ALA B 771 -22.88 -67.01 -13.00
CA ALA B 771 -23.05 -67.56 -11.67
C ALA B 771 -22.26 -66.74 -10.63
N VAL B 772 -22.87 -66.50 -9.47
CA VAL B 772 -22.21 -65.80 -8.37
C VAL B 772 -22.47 -66.54 -7.07
N THR B 773 -21.38 -66.82 -6.35
CA THR B 773 -21.44 -67.41 -5.01
C THR B 773 -20.76 -66.52 -3.97
N ALA B 774 -21.25 -66.62 -2.73
CA ALA B 774 -20.61 -66.05 -1.55
C ALA B 774 -20.32 -67.23 -0.62
N GLY B 775 -19.06 -67.42 -0.23
CA GLY B 775 -18.63 -68.60 0.51
C GLY B 775 -19.04 -69.94 -0.11
N GLY B 776 -19.09 -70.01 -1.43
CA GLY B 776 -19.52 -71.22 -2.14
C GLY B 776 -21.01 -71.44 -2.30
N SER B 777 -21.85 -70.63 -1.63
CA SER B 777 -23.29 -70.69 -1.77
C SER B 777 -23.75 -69.70 -2.81
N ALA B 778 -24.61 -70.15 -3.71
CA ALA B 778 -25.20 -69.30 -4.74
C ALA B 778 -25.95 -68.18 -4.10
N LEU B 779 -25.75 -66.96 -4.59
CA LEU B 779 -26.57 -65.82 -4.19
C LEU B 779 -27.79 -65.77 -5.08
N THR B 780 -28.89 -65.23 -4.55
CA THR B 780 -30.14 -65.14 -5.28
C THR B 780 -30.00 -64.18 -6.47
N GLY B 781 -30.33 -64.66 -7.67
CA GLY B 781 -30.24 -63.84 -8.88
C GLY B 781 -31.44 -62.91 -9.03
N TYR B 782 -31.20 -61.67 -9.46
CA TYR B 782 -32.25 -60.70 -9.72
C TYR B 782 -32.10 -60.23 -11.16
N GLY B 783 -33.20 -59.73 -11.73
CA GLY B 783 -33.27 -59.41 -13.17
C GLY B 783 -32.49 -58.19 -13.64
N ASP B 784 -32.30 -57.23 -12.73
CA ASP B 784 -31.55 -56.01 -13.01
C ASP B 784 -31.15 -55.34 -11.70
N LEU B 785 -30.40 -54.23 -11.81
CA LEU B 785 -29.88 -53.54 -10.62
C LEU B 785 -30.99 -53.05 -9.70
N GLN B 786 -32.06 -52.48 -10.27
CA GLN B 786 -33.18 -51.94 -9.48
C GLN B 786 -33.87 -53.02 -8.62
N ALA B 787 -34.05 -54.20 -9.22
CA ALA B 787 -34.62 -55.33 -8.51
C ALA B 787 -33.72 -55.75 -7.34
N LEU B 788 -32.41 -55.78 -7.59
CA LEU B 788 -31.42 -56.11 -6.55
C LEU B 788 -31.44 -55.09 -5.40
N GLN B 789 -31.51 -53.81 -5.75
CA GLN B 789 -31.57 -52.73 -4.75
C GLN B 789 -32.83 -52.81 -3.90
N ALA B 790 -33.95 -53.10 -4.55
CA ALA B 790 -35.26 -53.31 -3.88
C ALA B 790 -35.28 -54.48 -2.88
N ALA B 791 -34.42 -55.48 -3.09
CA ALA B 791 -34.40 -56.67 -2.25
C ALA B 791 -33.71 -56.42 -0.92
N SER B 792 -34.32 -56.90 0.15
CA SER B 792 -33.63 -57.04 1.43
C SER B 792 -32.73 -58.27 1.31
N GLY B 793 -31.61 -58.25 2.02
CA GLY B 793 -30.68 -59.37 2.00
C GLY B 793 -29.88 -59.41 0.72
N SER B 794 -29.07 -60.46 0.59
CA SER B 794 -28.07 -60.57 -0.46
C SER B 794 -28.60 -61.01 -1.83
N GLY B 795 -27.78 -60.82 -2.84
CA GLY B 795 -28.18 -61.10 -4.21
C GLY B 795 -27.20 -60.60 -5.24
N TRP B 796 -27.50 -60.92 -6.49
CA TRP B 796 -26.68 -60.46 -7.59
C TRP B 796 -27.52 -60.21 -8.81
N ALA B 797 -26.93 -59.47 -9.74
CA ALA B 797 -27.54 -59.21 -11.03
C ALA B 797 -26.41 -58.86 -11.99
N SER B 798 -26.71 -58.81 -13.27
CA SER B 798 -25.66 -58.44 -14.24
C SER B 798 -26.24 -57.47 -15.21
N GLY B 799 -25.38 -56.81 -15.95
CA GLY B 799 -25.83 -55.85 -16.91
C GLY B 799 -24.72 -55.34 -17.78
N ARG B 800 -25.00 -54.20 -18.39
CA ARG B 800 -24.06 -53.49 -19.21
C ARG B 800 -24.01 -52.04 -18.74
N ASP B 801 -22.82 -51.46 -18.76
CA ASP B 801 -22.68 -50.03 -18.48
C ASP B 801 -21.64 -49.44 -19.44
N ILE B 802 -21.25 -48.18 -19.24
CA ILE B 802 -20.27 -47.50 -20.12
C ILE B 802 -18.96 -48.30 -20.31
N TYR B 803 -18.55 -49.05 -19.28
CA TYR B 803 -17.29 -49.79 -19.31
C TYR B 803 -17.43 -51.17 -19.97
N GLY B 804 -18.67 -51.64 -20.15
CA GLY B 804 -18.96 -52.91 -20.78
C GLY B 804 -19.77 -53.80 -19.82
N ASP B 805 -19.42 -55.07 -19.78
CA ASP B 805 -20.12 -56.04 -18.93
C ASP B 805 -19.88 -55.72 -17.46
N VAL B 806 -20.91 -55.89 -16.64
CA VAL B 806 -20.82 -55.65 -15.23
C VAL B 806 -21.66 -56.68 -14.47
N THR B 807 -21.15 -57.09 -13.30
CA THR B 807 -21.88 -57.93 -12.34
C THR B 807 -22.08 -57.14 -11.04
N TYR B 808 -23.32 -57.07 -10.58
CA TYR B 808 -23.70 -56.42 -9.34
C TYR B 808 -23.88 -57.48 -8.26
N VAL B 809 -23.39 -57.19 -7.06
CA VAL B 809 -23.46 -58.14 -5.93
C VAL B 809 -23.75 -57.34 -4.65
N LYS B 810 -24.92 -57.55 -4.07
CA LYS B 810 -25.35 -56.84 -2.87
C LYS B 810 -25.10 -57.77 -1.69
N LEU B 811 -24.36 -57.29 -0.69
CA LEU B 811 -23.95 -58.08 0.48
C LEU B 811 -24.12 -57.24 1.73
N PRO B 812 -24.39 -57.88 2.89
CA PRO B 812 -24.41 -57.08 4.12
C PRO B 812 -23.02 -56.58 4.48
N ALA B 813 -22.95 -55.32 4.90
CA ALA B 813 -21.72 -54.74 5.45
C ALA B 813 -21.61 -55.07 6.94
N ALA B 814 -20.40 -54.90 7.47
CA ALA B 814 -20.15 -55.01 8.91
C ALA B 814 -20.45 -56.38 9.51
N SER B 815 -20.33 -57.43 8.71
CA SER B 815 -20.41 -58.77 9.26
C SER B 815 -19.17 -59.03 10.13
N GLY B 816 -19.36 -59.88 11.14
CA GLY B 816 -18.24 -60.38 11.93
C GLY B 816 -17.37 -61.39 11.20
N SER B 817 -17.78 -61.83 10.01
CA SER B 817 -16.97 -62.77 9.23
C SER B 817 -16.66 -62.24 7.83
N ALA B 818 -15.51 -62.69 7.32
CA ALA B 818 -15.15 -62.45 5.94
C ALA B 818 -16.15 -63.14 4.99
N THR B 819 -16.30 -62.59 3.79
CA THR B 819 -17.12 -63.16 2.74
C THR B 819 -16.28 -63.18 1.47
N VAL B 820 -16.14 -64.36 0.86
CA VAL B 820 -15.45 -64.48 -0.42
C VAL B 820 -16.49 -64.64 -1.53
N VAL B 821 -16.54 -63.67 -2.45
CA VAL B 821 -17.45 -63.68 -3.57
C VAL B 821 -16.70 -64.16 -4.80
N GLU B 822 -17.34 -65.04 -5.57
CA GLU B 822 -16.76 -65.52 -6.81
C GLU B 822 -17.77 -65.31 -7.93
N VAL B 823 -17.36 -64.57 -8.95
CA VAL B 823 -18.18 -64.31 -10.13
C VAL B 823 -17.58 -65.15 -11.25
N SER B 824 -18.34 -66.10 -11.78
CA SER B 824 -17.85 -66.98 -12.83
C SER B 824 -18.73 -66.95 -14.07
N GLY B 825 -18.16 -67.43 -15.16
CA GLY B 825 -18.85 -67.50 -16.43
C GLY B 825 -19.02 -66.14 -17.08
N SER B 826 -19.64 -66.15 -18.25
CA SER B 826 -19.93 -64.94 -18.97
C SER B 826 -21.24 -65.11 -19.73
N ALA B 827 -22.23 -64.28 -19.38
CA ALA B 827 -23.51 -64.17 -20.08
C ALA B 827 -23.81 -62.69 -20.30
N PRO B 828 -23.19 -62.07 -21.30
CA PRO B 828 -23.39 -60.62 -21.52
C PRO B 828 -24.86 -60.24 -21.68
N SER B 829 -25.22 -59.05 -21.22
CA SER B 829 -26.58 -58.55 -21.34
C SER B 829 -26.92 -58.27 -22.78
N ALA B 830 -28.19 -58.47 -23.11
CA ALA B 830 -28.71 -58.12 -24.42
C ALA B 830 -29.31 -56.69 -24.43
N ALA B 831 -29.34 -56.04 -23.27
CA ALA B 831 -29.88 -54.68 -23.13
C ALA B 831 -29.25 -53.72 -24.13
N THR B 832 -30.09 -52.90 -24.77
CA THR B 832 -29.63 -51.88 -25.71
C THR B 832 -29.56 -50.48 -25.10
N HIS B 833 -30.14 -50.30 -23.92
CA HIS B 833 -30.24 -49.01 -23.24
C HIS B 833 -29.87 -49.12 -21.76
N ALA B 834 -29.22 -48.07 -21.26
CA ALA B 834 -29.05 -47.86 -19.83
C ALA B 834 -30.32 -47.20 -19.35
N ILE B 835 -30.76 -47.54 -18.13
CA ILE B 835 -31.95 -46.91 -17.54
C ILE B 835 -31.52 -46.03 -16.35
N TYR B 836 -31.99 -44.79 -16.36
CA TYR B 836 -31.77 -43.87 -15.25
C TYR B 836 -33.11 -43.56 -14.61
N GLU B 837 -33.31 -44.07 -13.39
CA GLU B 837 -34.49 -43.75 -12.61
C GLU B 837 -34.39 -42.30 -12.12
N VAL B 838 -35.31 -41.43 -12.56
CA VAL B 838 -35.15 -40.00 -12.29
C VAL B 838 -35.39 -39.61 -10.82
N GLU B 839 -36.12 -40.43 -10.06
CA GLU B 839 -36.19 -40.26 -8.61
C GLU B 839 -34.83 -40.34 -7.88
N ASP B 840 -33.83 -40.94 -8.50
CA ASP B 840 -32.46 -40.97 -7.97
C ASP B 840 -31.61 -39.82 -8.48
N ALA B 841 -32.16 -39.00 -9.38
CA ALA B 841 -31.36 -38.00 -10.08
C ALA B 841 -31.45 -36.66 -9.34
N SER B 842 -30.93 -35.58 -9.94
CA SER B 842 -30.81 -34.29 -9.25
C SER B 842 -32.06 -33.44 -9.44
N ARG B 843 -32.73 -33.16 -8.34
CA ARG B 843 -33.95 -32.36 -8.36
C ARG B 843 -33.65 -30.94 -7.95
N SER B 844 -34.10 -29.97 -8.76
CA SER B 844 -33.89 -28.58 -8.48
C SER B 844 -35.16 -27.77 -8.75
N GLY B 845 -35.09 -26.50 -8.36
CA GLY B 845 -36.17 -25.55 -8.63
C GLY B 845 -35.74 -24.14 -8.32
N ALA B 846 -36.70 -23.21 -8.37
CA ALA B 846 -36.43 -21.80 -8.16
C ALA B 846 -36.05 -21.44 -6.71
N THR B 847 -36.58 -22.17 -5.73
CA THR B 847 -36.26 -21.93 -4.33
C THR B 847 -36.06 -23.28 -3.69
N PRO B 848 -35.46 -23.31 -2.47
CA PRO B 848 -35.25 -24.59 -1.78
C PRO B 848 -36.52 -25.40 -1.51
N THR B 849 -37.67 -24.74 -1.42
CA THR B 849 -38.93 -25.45 -1.14
C THR B 849 -39.80 -25.69 -2.38
N THR B 850 -39.34 -25.26 -3.55
CA THR B 850 -40.04 -25.49 -4.82
C THR B 850 -39.25 -26.36 -5.83
N ARG B 851 -38.42 -27.25 -5.32
CA ARG B 851 -37.72 -28.21 -6.17
C ARG B 851 -38.67 -29.33 -6.60
N ALA B 852 -38.36 -29.96 -7.73
CA ALA B 852 -39.02 -31.22 -8.11
C ALA B 852 -38.98 -32.21 -6.95
N GLY B 853 -40.04 -33.01 -6.85
CA GLY B 853 -40.26 -33.92 -5.73
C GLY B 853 -40.13 -35.37 -6.12
N ILE B 854 -40.08 -36.23 -5.11
CA ILE B 854 -40.15 -37.67 -5.28
C ILE B 854 -41.52 -38.12 -4.77
N ASN B 855 -42.11 -39.11 -5.43
CA ASN B 855 -43.38 -39.65 -4.96
C ASN B 855 -43.63 -41.08 -5.43
N THR B 856 -44.62 -41.70 -4.79
CA THR B 856 -45.02 -43.06 -5.07
C THR B 856 -46.56 -43.24 -5.03
N ASN B 857 -47.30 -42.14 -5.19
CA ASN B 857 -48.74 -42.11 -4.94
C ASN B 857 -49.61 -42.34 -6.20
N HIS B 858 -49.01 -42.91 -7.25
CA HIS B 858 -49.74 -43.47 -8.38
C HIS B 858 -48.98 -44.73 -8.72
N SER B 859 -49.67 -45.73 -9.25
CA SER B 859 -49.03 -47.01 -9.54
C SER B 859 -48.43 -47.01 -10.96
N GLY B 860 -47.66 -48.04 -11.24
CA GLY B 860 -47.17 -48.33 -12.59
C GLY B 860 -45.77 -47.83 -12.89
N TYR B 861 -45.08 -47.30 -11.87
CA TYR B 861 -43.73 -46.76 -12.04
C TYR B 861 -42.69 -47.85 -11.88
N SER B 862 -41.56 -47.64 -12.54
CA SER B 862 -40.35 -48.42 -12.37
C SER B 862 -39.51 -47.92 -11.20
N GLY B 863 -38.69 -48.82 -10.65
CA GLY B 863 -37.79 -48.47 -9.53
C GLY B 863 -38.53 -48.13 -8.25
N SER B 864 -37.95 -47.23 -7.46
CA SER B 864 -38.49 -46.86 -6.14
C SER B 864 -39.55 -45.75 -6.19
N GLY B 865 -39.73 -45.11 -7.35
CA GLY B 865 -40.72 -44.05 -7.47
C GLY B 865 -40.66 -43.30 -8.78
N PHE B 866 -41.08 -42.04 -8.72
CA PHE B 866 -41.05 -41.14 -9.86
C PHE B 866 -40.91 -39.68 -9.38
N VAL B 867 -40.72 -38.78 -10.32
CA VAL B 867 -40.55 -37.38 -10.02
C VAL B 867 -41.82 -36.63 -10.34
N ASP B 868 -42.27 -35.84 -9.37
CA ASP B 868 -43.42 -34.96 -9.51
C ASP B 868 -43.01 -33.54 -9.07
N LYS B 869 -44.01 -32.68 -8.77
CA LYS B 869 -43.82 -31.27 -8.51
C LYS B 869 -43.11 -30.59 -9.69
N LEU B 870 -43.40 -31.04 -10.91
CA LEU B 870 -42.93 -30.37 -12.12
C LEU B 870 -44.04 -29.44 -12.60
N ASP B 871 -44.78 -28.89 -11.64
CA ASP B 871 -45.91 -28.01 -11.87
C ASP B 871 -45.74 -26.65 -11.15
N VAL B 872 -44.51 -26.34 -10.70
CA VAL B 872 -44.15 -25.02 -10.19
C VAL B 872 -43.02 -24.54 -11.10
N PRO B 873 -43.14 -23.34 -11.71
CA PRO B 873 -42.13 -22.89 -12.66
C PRO B 873 -40.69 -23.02 -12.13
N GLY B 874 -39.79 -23.49 -13.00
CA GLY B 874 -38.39 -23.70 -12.65
C GLY B 874 -38.04 -25.07 -12.13
N ALA B 875 -39.05 -25.88 -11.75
CA ALA B 875 -38.79 -27.22 -11.26
C ALA B 875 -38.12 -28.06 -12.34
N ALA B 876 -37.14 -28.87 -11.94
CA ALA B 876 -36.35 -29.62 -12.93
C ALA B 876 -35.74 -30.87 -12.32
N VAL B 877 -35.44 -31.83 -13.18
CA VAL B 877 -34.63 -32.99 -12.79
C VAL B 877 -33.53 -33.17 -13.83
N THR B 878 -32.34 -33.49 -13.35
CA THR B 878 -31.13 -33.54 -14.15
C THR B 878 -30.46 -34.89 -13.97
N VAL B 879 -30.25 -35.58 -15.10
CA VAL B 879 -29.58 -36.89 -15.15
C VAL B 879 -28.20 -36.70 -15.72
N TYR B 880 -27.20 -37.32 -15.08
CA TYR B 880 -25.84 -37.36 -15.63
C TYR B 880 -25.65 -38.70 -16.33
N ALA B 881 -25.56 -38.65 -17.66
CA ALA B 881 -25.49 -39.85 -18.50
C ALA B 881 -24.23 -39.84 -19.34
N ASN B 882 -23.48 -40.92 -19.27
CA ASN B 882 -22.26 -41.09 -20.04
C ASN B 882 -22.53 -41.69 -21.42
N ALA B 883 -21.78 -41.20 -22.39
CA ALA B 883 -21.83 -41.65 -23.77
C ALA B 883 -20.40 -41.99 -24.19
N PRO B 884 -20.20 -43.10 -24.94
CA PRO B 884 -18.84 -43.50 -25.31
C PRO B 884 -18.23 -42.61 -26.40
N VAL B 885 -19.09 -42.07 -27.27
CA VAL B 885 -18.70 -41.20 -28.35
C VAL B 885 -19.78 -40.11 -28.51
N SER B 886 -19.44 -39.04 -29.21
CA SER B 886 -20.40 -37.99 -29.49
C SER B 886 -21.33 -38.50 -30.59
N GLY B 887 -22.59 -38.05 -30.57
CA GLY B 887 -23.50 -38.41 -31.64
C GLY B 887 -24.96 -38.30 -31.29
N ASP B 888 -25.79 -38.91 -32.12
CA ASP B 888 -27.27 -38.95 -31.94
C ASP B 888 -27.66 -40.13 -31.07
N TYR B 889 -28.31 -39.83 -29.95
CA TYR B 889 -28.84 -40.81 -29.04
C TYR B 889 -30.35 -40.58 -28.87
N PRO B 890 -31.19 -41.46 -29.44
CA PRO B 890 -32.64 -41.40 -29.18
C PRO B 890 -32.93 -41.81 -27.75
N VAL B 891 -33.24 -40.83 -26.91
CA VAL B 891 -33.43 -41.05 -25.49
C VAL B 891 -34.92 -41.14 -25.19
N GLU B 892 -35.34 -42.22 -24.53
CA GLU B 892 -36.72 -42.42 -24.13
C GLU B 892 -37.00 -41.78 -22.79
N LEU B 893 -38.11 -41.05 -22.69
CA LEU B 893 -38.59 -40.48 -21.45
C LEU B 893 -39.88 -41.20 -21.08
N ARG B 894 -39.90 -41.84 -19.92
CA ARG B 894 -41.11 -42.50 -19.39
C ARG B 894 -41.84 -41.53 -18.47
N TYR B 895 -43.11 -41.25 -18.78
CA TYR B 895 -43.85 -40.20 -18.10
C TYR B 895 -45.33 -40.55 -17.94
N ALA B 896 -46.01 -39.80 -17.09
CA ALA B 896 -47.46 -39.88 -16.89
C ALA B 896 -48.06 -38.50 -17.07
N ASN B 897 -49.21 -38.47 -17.74
CA ASN B 897 -49.97 -37.24 -17.96
C ASN B 897 -51.46 -37.58 -17.88
N GLY B 898 -51.96 -37.56 -16.64
CA GLY B 898 -53.36 -37.77 -16.35
C GLY B 898 -54.22 -36.53 -16.45
N SER B 899 -53.75 -35.47 -17.11
CA SER B 899 -54.49 -34.20 -17.21
C SER B 899 -55.59 -34.18 -18.27
N GLY B 900 -55.56 -35.13 -19.21
CA GLY B 900 -56.53 -35.16 -20.33
C GLY B 900 -56.13 -34.40 -21.58
N SER B 901 -54.99 -33.70 -21.55
CA SER B 901 -54.50 -33.01 -22.73
C SER B 901 -52.99 -32.88 -22.68
N ALA B 902 -52.41 -32.56 -23.83
CA ALA B 902 -50.95 -32.47 -23.98
C ALA B 902 -50.35 -31.46 -23.00
N LYS B 903 -49.18 -31.80 -22.47
CA LYS B 903 -48.44 -30.89 -21.57
C LYS B 903 -47.00 -30.81 -22.04
N THR B 904 -46.36 -29.68 -21.81
CA THR B 904 -45.03 -29.43 -22.36
C THR B 904 -43.94 -29.26 -21.28
N LEU B 905 -42.73 -29.66 -21.64
CA LEU B 905 -41.56 -29.63 -20.77
C LEU B 905 -40.35 -29.39 -21.67
N SER B 906 -39.35 -28.67 -21.18
CA SER B 906 -38.12 -28.44 -21.95
C SER B 906 -37.15 -29.57 -21.68
N VAL B 907 -36.45 -30.03 -22.73
CA VAL B 907 -35.24 -30.85 -22.54
C VAL B 907 -34.02 -30.02 -22.87
N TYR B 908 -33.10 -29.95 -21.91
CA TYR B 908 -31.81 -29.29 -22.08
C TYR B 908 -30.73 -30.34 -22.08
N VAL B 909 -29.73 -30.19 -22.95
CA VAL B 909 -28.60 -31.10 -22.97
C VAL B 909 -27.34 -30.22 -22.92
N ASN B 910 -26.50 -30.45 -21.90
CA ASN B 910 -25.27 -29.69 -21.74
C ASN B 910 -25.50 -28.17 -21.80
N ALA B 911 -26.53 -27.76 -21.06
CA ALA B 911 -26.94 -26.36 -20.90
C ALA B 911 -27.50 -25.66 -22.13
N ALA B 912 -27.85 -26.42 -23.18
CA ALA B 912 -28.54 -25.87 -24.36
C ALA B 912 -29.97 -26.44 -24.42
N ARG B 913 -30.95 -25.58 -24.69
CA ARG B 913 -32.35 -26.03 -24.85
C ARG B 913 -32.48 -26.77 -26.19
N VAL B 914 -32.68 -28.08 -26.15
CA VAL B 914 -32.73 -28.90 -27.35
C VAL B 914 -34.14 -28.91 -27.95
N GLN B 915 -35.15 -29.13 -27.13
CA GLN B 915 -36.51 -29.18 -27.63
C GLN B 915 -37.52 -28.94 -26.54
N GLN B 916 -38.69 -28.40 -26.92
CA GLN B 916 -39.87 -28.49 -26.07
C GLN B 916 -40.56 -29.81 -26.37
N LEU B 917 -40.73 -30.65 -25.36
CA LEU B 917 -41.40 -31.93 -25.55
C LEU B 917 -42.89 -31.70 -25.43
N SER B 918 -43.67 -32.24 -26.36
CA SER B 918 -45.12 -32.27 -26.18
C SER B 918 -45.52 -33.67 -25.74
N LEU B 919 -45.98 -33.78 -24.50
CA LEU B 919 -46.22 -35.05 -23.85
C LEU B 919 -47.73 -35.29 -23.82
N ALA B 920 -48.17 -36.28 -24.59
CA ALA B 920 -49.58 -36.52 -24.80
C ALA B 920 -50.24 -37.10 -23.57
N ASP B 921 -51.54 -36.86 -23.45
CA ASP B 921 -52.39 -37.51 -22.46
C ASP B 921 -52.08 -39.01 -22.35
N THR B 922 -51.96 -39.52 -21.14
CA THR B 922 -51.76 -40.95 -20.92
C THR B 922 -52.99 -41.64 -20.32
N GLY B 923 -54.09 -40.89 -20.12
CA GLY B 923 -55.37 -41.46 -19.71
C GLY B 923 -55.62 -41.33 -18.23
N ALA B 924 -54.58 -41.57 -17.43
CA ALA B 924 -54.65 -41.48 -15.98
C ALA B 924 -53.24 -41.29 -15.43
N TRP B 925 -53.13 -40.83 -14.19
CA TRP B 925 -51.81 -40.70 -13.53
C TRP B 925 -51.12 -42.04 -13.25
N SER B 926 -51.89 -43.13 -13.22
CA SER B 926 -51.35 -44.48 -13.08
C SER B 926 -50.97 -45.15 -14.41
N GLN B 927 -51.06 -44.42 -15.53
CA GLN B 927 -50.76 -44.97 -16.83
C GLN B 927 -49.62 -44.17 -17.43
N TRP B 928 -48.59 -44.87 -17.86
CA TRP B 928 -47.33 -44.26 -18.24
C TRP B 928 -47.06 -44.45 -19.71
N GLY B 929 -46.66 -43.37 -20.39
CA GLY B 929 -46.25 -43.41 -21.80
C GLY B 929 -44.76 -43.20 -21.99
N THR B 930 -44.31 -43.29 -23.23
CA THR B 930 -42.90 -43.11 -23.60
C THR B 930 -42.84 -42.10 -24.73
N GLN B 931 -41.92 -41.14 -24.61
CA GLN B 931 -41.64 -40.21 -25.70
C GLN B 931 -40.13 -40.26 -25.96
N THR B 932 -39.75 -40.59 -27.18
CA THR B 932 -38.35 -40.68 -27.61
C THR B 932 -37.96 -39.42 -28.36
N THR B 933 -36.79 -38.86 -28.03
CA THR B 933 -36.28 -37.64 -28.65
C THR B 933 -34.80 -37.85 -28.90
N THR B 934 -34.34 -37.54 -30.11
CA THR B 934 -32.92 -37.70 -30.46
C THR B 934 -32.12 -36.57 -29.84
N LEU B 935 -31.21 -36.91 -28.93
CA LEU B 935 -30.42 -35.91 -28.23
C LEU B 935 -28.99 -35.85 -28.77
N PRO B 936 -28.43 -34.65 -28.90
CA PRO B 936 -27.04 -34.52 -29.31
C PRO B 936 -26.14 -34.68 -28.09
N LEU B 937 -25.63 -35.89 -27.88
CA LEU B 937 -24.72 -36.13 -26.76
C LEU B 937 -23.27 -36.01 -27.23
N THR B 938 -22.40 -35.62 -26.29
CA THR B 938 -20.95 -35.50 -26.54
C THR B 938 -20.27 -36.68 -25.84
N ALA B 939 -19.09 -37.06 -26.30
CA ALA B 939 -18.35 -38.16 -25.66
C ALA B 939 -18.10 -37.84 -24.19
N GLY B 940 -18.42 -38.79 -23.32
CA GLY B 940 -18.25 -38.62 -21.87
C GLY B 940 -19.55 -38.24 -21.19
N GLN B 941 -19.43 -37.45 -20.13
CA GLN B 941 -20.57 -37.06 -19.34
C GLN B 941 -21.46 -36.11 -20.11
N ASN B 942 -22.76 -36.34 -20.01
CA ASN B 942 -23.75 -35.40 -20.54
C ASN B 942 -24.72 -35.00 -19.45
N ILE B 943 -25.25 -33.79 -19.54
CA ILE B 943 -26.12 -33.22 -18.53
C ILE B 943 -27.49 -33.07 -19.19
N ILE B 944 -28.41 -33.95 -18.83
CA ILE B 944 -29.73 -34.03 -19.48
C ILE B 944 -30.77 -33.57 -18.46
N THR B 945 -31.41 -32.44 -18.76
CA THR B 945 -32.34 -31.82 -17.81
C THR B 945 -33.73 -31.69 -18.42
N TYR B 946 -34.73 -32.13 -17.66
CA TYR B 946 -36.14 -31.99 -17.98
C TYR B 946 -36.71 -30.95 -17.02
N LYS B 947 -37.21 -29.85 -17.57
CA LYS B 947 -37.53 -28.67 -16.78
C LYS B 947 -38.87 -28.05 -17.19
N TYR B 948 -39.59 -27.58 -16.18
CA TYR B 948 -40.75 -26.72 -16.39
C TYR B 948 -40.21 -25.29 -16.54
N ASP B 949 -39.95 -24.92 -17.79
CA ASP B 949 -39.44 -23.59 -18.12
C ASP B 949 -40.61 -22.72 -18.56
N SER B 950 -41.25 -22.10 -17.56
CA SER B 950 -42.42 -21.26 -17.79
C SER B 950 -42.14 -20.11 -18.75
N ASP B 951 -40.98 -19.49 -18.62
CA ASP B 951 -40.61 -18.38 -19.51
C ASP B 951 -40.50 -18.80 -20.98
N ALA B 952 -40.16 -20.07 -21.22
CA ALA B 952 -40.16 -20.61 -22.58
C ALA B 952 -41.55 -21.07 -23.05
N GLY B 953 -42.58 -20.96 -22.21
CA GLY B 953 -43.94 -21.31 -22.61
C GLY B 953 -44.32 -22.74 -22.33
N ASP B 954 -43.50 -23.45 -21.54
CA ASP B 954 -43.82 -24.80 -21.11
C ASP B 954 -45.02 -24.72 -20.17
N THR B 955 -45.82 -25.77 -20.13
CA THR B 955 -46.92 -25.86 -19.15
C THR B 955 -46.52 -26.53 -17.83
N GLY B 956 -45.51 -27.39 -17.88
CA GLY B 956 -45.24 -28.30 -16.76
C GLY B 956 -46.38 -29.28 -16.59
N GLY B 957 -46.44 -29.95 -15.45
CA GLY B 957 -47.60 -30.74 -15.06
C GLY B 957 -47.62 -32.18 -15.55
N VAL B 958 -46.46 -32.84 -15.57
CA VAL B 958 -46.35 -34.29 -15.79
C VAL B 958 -45.49 -34.93 -14.69
N ASN B 959 -45.55 -36.26 -14.59
CA ASN B 959 -44.64 -36.99 -13.73
C ASN B 959 -43.67 -37.78 -14.59
N LEU B 960 -42.45 -37.95 -14.10
CA LEU B 960 -41.38 -38.60 -14.86
C LEU B 960 -40.87 -39.80 -14.11
N ASP B 961 -40.72 -40.91 -14.81
CA ASP B 961 -40.40 -42.18 -14.17
C ASP B 961 -38.92 -42.53 -14.37
N TYR B 962 -38.44 -42.44 -15.59
CA TYR B 962 -37.06 -42.75 -15.95
C TYR B 962 -36.73 -42.29 -17.35
N ILE B 963 -35.45 -42.35 -17.69
CA ILE B 963 -35.03 -42.25 -19.10
C ILE B 963 -34.24 -43.47 -19.47
N ARG B 964 -34.26 -43.79 -20.76
CA ARG B 964 -33.45 -44.86 -21.30
C ARG B 964 -32.56 -44.28 -22.37
N VAL B 965 -31.24 -44.47 -22.18
CA VAL B 965 -30.23 -43.95 -23.07
C VAL B 965 -29.53 -45.12 -23.73
N PRO B 966 -29.54 -45.16 -25.07
CA PRO B 966 -28.87 -46.25 -25.77
C PRO B 966 -27.35 -46.29 -25.53
N PHE B 967 -26.79 -47.51 -25.45
CA PHE B 967 -25.35 -47.68 -25.26
C PHE B 967 -24.54 -47.23 -26.47
N ALA B 968 -25.18 -47.25 -27.65
CA ALA B 968 -24.53 -46.83 -28.89
C ALA B 968 -25.41 -45.79 -29.55
N PRO B 969 -24.82 -44.81 -30.23
CA PRO B 969 -25.65 -43.87 -30.96
C PRO B 969 -26.12 -44.45 -32.30
N THR B 970 -27.15 -43.85 -32.89
CA THR B 970 -27.57 -44.24 -34.25
C THR B 970 -26.51 -43.80 -35.26
N GLN B 971 -25.88 -42.66 -34.99
CA GLN B 971 -24.71 -42.21 -35.75
C GLN B 971 -23.82 -41.34 -34.87
N ALA B 972 -22.53 -41.45 -35.12
CA ALA B 972 -21.50 -40.84 -34.29
C ALA B 972 -20.88 -39.68 -35.05
N GLU B 973 -20.31 -38.74 -34.31
CA GLU B 973 -19.59 -37.64 -34.89
C GLU B 973 -18.31 -37.39 -34.12
N TYR B 974 -17.28 -36.96 -34.86
CA TYR B 974 -15.99 -36.62 -34.32
C TYR B 974 -15.59 -35.26 -34.86
N ALA B 975 -15.30 -34.30 -33.99
CA ALA B 975 -14.91 -32.97 -34.42
C ALA B 975 -13.47 -32.93 -34.96
N ALA B 976 -13.30 -32.33 -36.14
CA ALA B 976 -11.97 -32.20 -36.73
C ALA B 976 -11.04 -31.41 -35.83
N GLU B 977 -11.56 -30.36 -35.19
CA GLU B 977 -10.74 -29.50 -34.31
C GLU B 977 -10.16 -30.25 -33.11
N SER B 978 -10.83 -31.33 -32.68
CA SER B 978 -10.38 -32.18 -31.59
C SER B 978 -9.56 -33.39 -32.02
N ALA B 979 -9.34 -33.55 -33.32
CA ALA B 979 -8.56 -34.67 -33.84
C ALA B 979 -7.08 -34.39 -33.63
N LYS B 980 -6.26 -35.39 -33.90
CA LYS B 980 -4.82 -35.23 -33.83
C LYS B 980 -4.34 -34.56 -35.10
N LEU B 981 -3.73 -33.38 -34.95
CA LEU B 981 -3.29 -32.56 -36.08
C LEU B 981 -1.77 -32.59 -36.21
N TRP B 982 -1.28 -32.75 -37.43
CA TRP B 982 0.14 -32.92 -37.72
C TRP B 982 0.45 -32.15 -38.99
N GLY B 983 1.73 -31.84 -39.20
CA GLY B 983 2.24 -31.30 -40.45
C GLY B 983 1.73 -29.92 -40.82
N GLY B 984 1.31 -29.15 -39.83
CA GLY B 984 0.85 -27.80 -40.02
C GLY B 984 -0.65 -27.62 -39.91
N ALA B 985 -1.40 -28.71 -39.94
CA ALA B 985 -2.85 -28.62 -39.74
C ALA B 985 -3.11 -27.92 -38.41
N GLY B 986 -4.06 -27.00 -38.40
CA GLY B 986 -4.37 -26.23 -37.19
C GLY B 986 -5.85 -25.94 -37.10
N THR B 987 -6.29 -25.35 -35.99
CA THR B 987 -7.71 -24.99 -35.84
C THR B 987 -7.90 -23.52 -36.17
N SER B 988 -9.13 -23.14 -36.46
CA SER B 988 -9.44 -21.78 -36.87
C SER B 988 -10.93 -21.48 -36.72
N GLN B 989 -11.25 -20.20 -36.63
CA GLN B 989 -12.64 -19.70 -36.66
C GLN B 989 -12.78 -18.60 -37.71
N ASP B 990 -11.87 -18.55 -38.68
CA ASP B 990 -11.82 -17.40 -39.62
C ASP B 990 -12.68 -17.54 -40.90
N HIS B 991 -13.55 -18.54 -40.94
CA HIS B 991 -14.63 -18.65 -41.93
C HIS B 991 -15.92 -18.98 -41.20
N TRP B 992 -17.04 -18.82 -41.88
CA TRP B 992 -18.35 -18.97 -41.27
C TRP B 992 -18.95 -20.36 -41.47
N PHE B 993 -19.96 -20.66 -40.68
CA PHE B 993 -20.82 -21.85 -40.80
C PHE B 993 -20.15 -23.19 -40.47
N TYR B 994 -19.04 -23.16 -39.74
CA TYR B 994 -18.50 -24.40 -39.17
C TYR B 994 -19.44 -24.84 -38.03
N LYS B 995 -19.39 -26.13 -37.72
CA LYS B 995 -20.04 -26.74 -36.55
C LYS B 995 -19.03 -26.89 -35.41
N GLY B 996 -19.53 -26.95 -34.19
CA GLY B 996 -18.68 -26.98 -33.01
C GLY B 996 -17.93 -25.69 -32.78
N ALA B 997 -16.83 -25.80 -32.04
CA ALA B 997 -16.12 -24.62 -31.60
C ALA B 997 -15.15 -24.09 -32.68
N ALA B 998 -14.83 -24.89 -33.69
CA ALA B 998 -13.86 -24.50 -34.71
C ALA B 998 -13.90 -25.42 -35.91
N PHE B 999 -12.96 -25.22 -36.83
CA PHE B 999 -12.69 -26.15 -37.91
C PHE B 999 -11.16 -26.26 -38.07
N VAL B 1000 -10.73 -27.14 -38.96
CA VAL B 1000 -9.32 -27.36 -39.24
C VAL B 1000 -8.95 -26.79 -40.61
N ASP B 1001 -7.88 -26.01 -40.65
CA ASP B 1001 -7.34 -25.46 -41.89
C ASP B 1001 -5.84 -25.79 -41.98
N ASN B 1002 -5.13 -25.12 -42.88
CA ASN B 1002 -3.70 -25.36 -43.10
C ASN B 1002 -3.40 -26.81 -43.48
N LEU B 1003 -4.22 -27.37 -44.36
CA LEU B 1003 -3.92 -28.68 -44.96
C LEU B 1003 -3.18 -28.43 -46.29
N THR B 1004 -2.10 -27.66 -46.16
CA THR B 1004 -1.38 -27.08 -47.28
C THR B 1004 0.01 -27.69 -47.38
N GLY B 1005 0.66 -27.94 -46.25
CA GLY B 1005 1.96 -28.62 -46.24
C GLY B 1005 1.89 -30.09 -46.56
N VAL B 1006 2.99 -30.61 -47.11
CA VAL B 1006 3.13 -32.03 -47.31
C VAL B 1006 3.25 -32.67 -45.92
N GLY B 1007 2.35 -33.63 -45.65
CA GLY B 1007 2.24 -34.27 -44.35
C GLY B 1007 1.15 -33.69 -43.46
N ALA B 1008 0.50 -32.61 -43.89
CA ALA B 1008 -0.59 -32.03 -43.11
C ALA B 1008 -1.68 -33.06 -42.95
N GLU B 1009 -2.18 -33.24 -41.72
CA GLU B 1009 -3.05 -34.38 -41.41
C GLU B 1009 -3.99 -34.09 -40.26
N ALA B 1010 -5.21 -34.62 -40.35
CA ALA B 1010 -6.13 -34.69 -39.21
C ALA B 1010 -6.48 -36.16 -39.05
N SER B 1011 -6.18 -36.72 -37.88
CA SER B 1011 -6.39 -38.14 -37.59
C SER B 1011 -7.42 -38.35 -36.48
N PHE B 1012 -8.51 -39.02 -36.84
CA PHE B 1012 -9.63 -39.24 -35.97
C PHE B 1012 -9.48 -40.62 -35.32
N ASP B 1013 -9.83 -40.72 -34.04
CA ASP B 1013 -9.94 -41.99 -33.34
C ASP B 1013 -11.40 -42.37 -33.27
N VAL B 1014 -11.77 -43.38 -34.05
CA VAL B 1014 -13.16 -43.75 -34.32
C VAL B 1014 -13.44 -45.12 -33.72
N TYR B 1015 -14.53 -45.22 -32.95
CA TYR B 1015 -14.91 -46.47 -32.28
C TYR B 1015 -16.02 -47.21 -33.05
N ALA B 1016 -15.83 -48.51 -33.24
CA ALA B 1016 -16.83 -49.37 -33.86
C ALA B 1016 -17.22 -50.51 -32.91
N PRO B 1017 -18.52 -50.89 -32.88
CA PRO B 1017 -18.96 -52.01 -32.04
C PRO B 1017 -18.46 -53.37 -32.56
N SER B 1018 -18.39 -53.52 -33.88
CA SER B 1018 -17.96 -54.76 -34.51
C SER B 1018 -17.22 -54.49 -35.82
N ALA B 1019 -16.44 -55.47 -36.24
CA ALA B 1019 -15.79 -55.41 -37.54
C ALA B 1019 -16.85 -55.32 -38.63
N GLY B 1020 -16.57 -54.54 -39.66
CA GLY B 1020 -17.51 -54.39 -40.76
C GLY B 1020 -17.25 -53.16 -41.57
N THR B 1021 -18.13 -52.92 -42.55
CA THR B 1021 -18.06 -51.74 -43.39
C THR B 1021 -18.97 -50.69 -42.80
N TYR B 1022 -18.44 -49.48 -42.65
CA TYR B 1022 -19.16 -48.37 -42.07
C TYR B 1022 -19.19 -47.22 -43.05
N ASN B 1023 -20.28 -46.46 -43.00
CA ASN B 1023 -20.41 -45.22 -43.76
C ASN B 1023 -19.74 -44.06 -43.04
N LEU B 1024 -19.04 -43.23 -43.81
CA LEU B 1024 -18.40 -42.01 -43.33
C LEU B 1024 -18.96 -40.85 -44.10
N SER B 1025 -19.08 -39.72 -43.43
CA SER B 1025 -19.37 -38.45 -44.06
C SER B 1025 -18.44 -37.38 -43.49
N LEU B 1026 -17.59 -36.82 -44.35
CA LEU B 1026 -16.62 -35.81 -43.95
C LEU B 1026 -17.11 -34.45 -44.39
N ARG B 1027 -17.33 -33.54 -43.43
CA ARG B 1027 -17.77 -32.18 -43.71
C ARG B 1027 -16.54 -31.34 -43.99
N TYR B 1028 -16.53 -30.69 -45.16
CA TYR B 1028 -15.37 -29.98 -45.65
C TYR B 1028 -15.77 -28.70 -46.42
N ALA B 1029 -14.83 -27.80 -46.56
CA ALA B 1029 -14.99 -26.60 -47.40
C ALA B 1029 -13.87 -26.61 -48.41
N ASN B 1030 -14.19 -26.17 -49.62
CA ASN B 1030 -13.22 -26.03 -50.70
C ASN B 1030 -13.64 -24.79 -51.51
N GLY B 1031 -13.10 -23.64 -51.12
CA GLY B 1031 -13.32 -22.37 -51.79
C GLY B 1031 -12.29 -21.98 -52.83
N THR B 1032 -11.47 -22.94 -53.27
CA THR B 1032 -10.43 -22.67 -54.28
C THR B 1032 -11.03 -22.50 -55.69
N GLY B 1033 -12.20 -23.06 -55.93
CA GLY B 1033 -12.84 -23.04 -57.24
C GLY B 1033 -12.58 -24.26 -58.09
N SER B 1034 -11.75 -25.18 -57.62
CA SER B 1034 -11.55 -26.42 -58.33
C SER B 1034 -11.35 -27.58 -57.38
N THR B 1035 -11.38 -28.77 -57.97
CA THR B 1035 -11.32 -30.01 -57.23
C THR B 1035 -9.97 -30.16 -56.54
N LYS B 1036 -10.00 -30.65 -55.31
CA LYS B 1036 -8.78 -30.90 -54.55
C LYS B 1036 -8.81 -32.30 -54.01
N THR B 1037 -7.65 -32.81 -53.60
CA THR B 1037 -7.55 -34.16 -53.09
C THR B 1037 -6.83 -34.24 -51.75
N LEU B 1038 -7.19 -35.25 -50.98
CA LEU B 1038 -6.44 -35.68 -49.80
C LEU B 1038 -6.35 -37.19 -49.89
N SER B 1039 -5.53 -37.77 -49.03
CA SER B 1039 -5.46 -39.22 -48.88
C SER B 1039 -6.19 -39.63 -47.58
N ALA B 1040 -6.99 -40.69 -47.64
CA ALA B 1040 -7.56 -41.33 -46.45
C ALA B 1040 -6.76 -42.57 -46.11
N ILE B 1041 -6.34 -42.69 -44.85
CA ILE B 1041 -5.60 -43.84 -44.34
C ILE B 1041 -6.39 -44.39 -43.15
N VAL B 1042 -6.81 -45.64 -43.26
CA VAL B 1042 -7.58 -46.33 -42.21
C VAL B 1042 -6.70 -47.37 -41.54
N ASN B 1043 -6.52 -47.25 -40.22
CA ASN B 1043 -5.68 -48.16 -39.44
C ASN B 1043 -4.30 -48.40 -40.08
N GLY B 1044 -3.68 -47.34 -40.59
CA GLY B 1044 -2.37 -47.45 -41.22
C GLY B 1044 -2.28 -48.23 -42.54
N GLY B 1045 -3.42 -48.58 -43.14
CA GLY B 1045 -3.45 -49.28 -44.43
C GLY B 1045 -3.03 -48.38 -45.57
N ALA B 1046 -3.20 -48.88 -46.79
CA ALA B 1046 -2.82 -48.13 -48.00
C ALA B 1046 -3.74 -46.92 -48.19
N ALA B 1047 -3.14 -45.79 -48.60
CA ALA B 1047 -3.90 -44.57 -48.86
C ALA B 1047 -4.90 -44.74 -50.00
N SER B 1048 -6.13 -44.26 -49.80
CA SER B 1048 -7.09 -44.08 -50.89
C SER B 1048 -7.25 -42.59 -51.12
N THR B 1049 -7.60 -42.21 -52.34
CA THR B 1049 -7.73 -40.79 -52.70
C THR B 1049 -9.12 -40.30 -52.39
N VAL B 1050 -9.19 -39.14 -51.77
CA VAL B 1050 -10.45 -38.50 -51.43
C VAL B 1050 -10.52 -37.28 -52.33
N THR B 1051 -11.46 -37.28 -53.26
CA THR B 1051 -11.62 -36.21 -54.24
C THR B 1051 -12.71 -35.24 -53.78
N LEU B 1052 -12.33 -33.98 -53.58
CA LEU B 1052 -13.19 -32.99 -52.94
C LEU B 1052 -13.47 -31.81 -53.89
N THR B 1053 -14.66 -31.82 -54.44
CA THR B 1053 -15.12 -30.78 -55.34
C THR B 1053 -15.36 -29.45 -54.61
N SER B 1054 -15.23 -28.36 -55.36
CA SER B 1054 -15.50 -27.02 -54.86
C SER B 1054 -16.86 -26.59 -55.38
N PRO B 1055 -17.73 -26.03 -54.51
CA PRO B 1055 -18.98 -25.43 -54.96
C PRO B 1055 -18.84 -23.94 -55.29
N GLY B 1056 -17.60 -23.45 -55.41
CA GLY B 1056 -17.34 -22.06 -55.76
C GLY B 1056 -16.21 -21.45 -54.96
N MET B 1057 -16.08 -20.14 -55.14
CA MET B 1057 -15.07 -19.32 -54.53
C MET B 1057 -15.69 -18.72 -53.28
N ASN B 1058 -15.99 -19.56 -52.30
CA ASN B 1058 -16.57 -19.09 -51.06
C ASN B 1058 -16.24 -20.12 -49.98
N TRP B 1059 -15.42 -19.69 -49.03
CA TRP B 1059 -15.00 -20.54 -47.91
C TRP B 1059 -16.05 -20.69 -46.78
N ASN B 1060 -17.21 -20.04 -46.92
CA ASN B 1060 -18.35 -20.20 -45.99
C ASN B 1060 -19.37 -21.26 -46.42
N LEU B 1061 -19.05 -22.03 -47.46
CA LEU B 1061 -19.89 -23.12 -47.93
C LEU B 1061 -19.25 -24.45 -47.55
N TRP B 1062 -20.02 -25.30 -46.88
CA TRP B 1062 -19.54 -26.63 -46.47
C TRP B 1062 -20.29 -27.71 -47.23
N ASN B 1063 -19.64 -28.85 -47.45
CA ASN B 1063 -20.20 -30.00 -48.14
C ASN B 1063 -19.82 -31.28 -47.42
N GLU B 1064 -20.54 -32.36 -47.74
CA GLU B 1064 -20.25 -33.67 -47.21
C GLU B 1064 -19.56 -34.50 -48.27
N HIS B 1065 -18.48 -35.16 -47.89
CA HIS B 1065 -17.89 -36.18 -48.74
C HIS B 1065 -18.22 -37.53 -48.12
N THR B 1066 -18.96 -38.36 -48.86
CA THR B 1066 -19.37 -39.69 -48.42
C THR B 1066 -18.42 -40.77 -48.94
N MET B 1067 -18.16 -41.76 -48.09
CA MET B 1067 -17.28 -42.86 -48.43
C MET B 1067 -17.56 -43.97 -47.42
N THR B 1068 -16.92 -45.11 -47.60
CA THR B 1068 -17.03 -46.22 -46.66
C THR B 1068 -15.64 -46.57 -46.19
N ALA B 1069 -15.59 -47.30 -45.09
CA ALA B 1069 -14.32 -47.80 -44.60
C ALA B 1069 -14.58 -49.11 -43.87
N THR B 1070 -13.59 -49.97 -43.91
CA THR B 1070 -13.63 -51.22 -43.18
C THR B 1070 -12.96 -50.98 -41.84
N LEU B 1071 -13.71 -51.20 -40.76
CA LEU B 1071 -13.23 -50.96 -39.40
C LEU B 1071 -13.17 -52.26 -38.63
N THR B 1072 -12.33 -52.29 -37.61
CA THR B 1072 -12.30 -53.37 -36.63
C THR B 1072 -13.08 -52.97 -35.38
N ALA B 1073 -13.42 -53.95 -34.55
CA ALA B 1073 -14.08 -53.68 -33.26
C ALA B 1073 -13.16 -52.84 -32.37
N GLY B 1074 -13.72 -51.85 -31.67
CA GLY B 1074 -12.95 -50.95 -30.83
C GLY B 1074 -12.36 -49.75 -31.56
N ARG B 1075 -11.16 -49.35 -31.16
CA ARG B 1075 -10.55 -48.11 -31.61
C ARG B 1075 -9.98 -48.29 -33.00
N ASN B 1076 -10.25 -47.32 -33.87
CA ASN B 1076 -9.73 -47.27 -35.23
C ASN B 1076 -9.10 -45.90 -35.46
N THR B 1077 -8.11 -45.80 -36.33
CA THR B 1077 -7.61 -44.49 -36.76
C THR B 1077 -8.07 -44.24 -38.19
N ILE B 1078 -8.65 -43.07 -38.44
CA ILE B 1078 -8.99 -42.66 -39.80
C ILE B 1078 -8.36 -41.30 -40.00
N SER B 1079 -7.35 -41.23 -40.88
CA SER B 1079 -6.58 -40.01 -41.12
C SER B 1079 -6.84 -39.45 -42.49
N PHE B 1080 -6.95 -38.14 -42.56
CA PHE B 1080 -6.99 -37.42 -43.82
C PHE B 1080 -5.74 -36.57 -43.96
N ARG B 1081 -4.95 -36.84 -44.99
CA ARG B 1081 -3.60 -36.31 -45.12
C ARG B 1081 -3.28 -35.76 -46.52
N ARG B 1082 -2.55 -34.65 -46.57
CA ARG B 1082 -1.99 -34.18 -47.83
C ARG B 1082 -0.64 -34.85 -48.07
N ASN B 1083 -0.65 -36.00 -48.74
CA ASN B 1083 0.59 -36.61 -49.26
C ASN B 1083 1.12 -35.76 -50.42
N SER B 1084 2.39 -35.96 -50.79
CA SER B 1084 3.03 -35.08 -51.78
C SER B 1084 2.25 -35.01 -53.10
N GLY B 1085 1.66 -36.13 -53.53
CA GLY B 1085 0.82 -36.18 -54.73
C GLY B 1085 -0.58 -35.56 -54.62
N ASN B 1086 -1.02 -35.25 -53.40
CA ASN B 1086 -2.32 -34.63 -53.18
C ASN B 1086 -2.18 -33.12 -53.28
N SER B 1087 -3.29 -32.46 -53.61
CA SER B 1087 -3.32 -31.01 -53.74
C SER B 1087 -3.65 -30.30 -52.40
N GLY B 1088 -4.42 -30.95 -51.54
CA GLY B 1088 -4.78 -30.37 -50.23
C GLY B 1088 -5.62 -29.11 -50.36
N ASN B 1089 -5.32 -28.11 -49.53
CA ASN B 1089 -5.96 -26.80 -49.60
C ASN B 1089 -7.49 -26.88 -49.46
N VAL B 1090 -7.94 -27.70 -48.53
CA VAL B 1090 -9.34 -27.74 -48.10
C VAL B 1090 -9.37 -27.56 -46.58
N ASN B 1091 -10.54 -27.27 -46.03
CA ASN B 1091 -10.77 -27.19 -44.59
C ASN B 1091 -11.70 -28.33 -44.17
N LEU B 1092 -11.45 -28.89 -42.99
CA LEU B 1092 -12.22 -30.03 -42.48
C LEU B 1092 -12.90 -29.64 -41.17
N ASP B 1093 -14.12 -30.14 -40.99
CA ASP B 1093 -14.95 -29.72 -39.86
C ASP B 1093 -15.35 -30.88 -38.93
N ARG B 1094 -15.77 -32.00 -39.51
CA ARG B 1094 -16.38 -33.08 -38.75
C ARG B 1094 -16.44 -34.36 -39.56
N LEU B 1095 -16.18 -35.48 -38.90
CA LEU B 1095 -16.37 -36.80 -39.47
C LEU B 1095 -17.58 -37.49 -38.82
N ALA B 1096 -18.55 -37.88 -39.63
CA ALA B 1096 -19.70 -38.65 -39.15
C ALA B 1096 -19.52 -40.12 -39.52
N VAL B 1097 -19.95 -41.00 -38.63
CA VAL B 1097 -19.77 -42.44 -38.81
C VAL B 1097 -21.08 -43.16 -38.47
N SER B 1098 -21.49 -44.08 -39.35
CA SER B 1098 -22.67 -44.88 -39.11
C SER B 1098 -22.65 -46.21 -39.84
N ALA B 1099 -23.38 -47.18 -39.29
CA ALA B 1099 -23.63 -48.45 -39.96
C ALA B 1099 -24.71 -48.30 -41.04
N SER B 1100 -25.57 -47.27 -40.90
CA SER B 1100 -26.64 -46.97 -41.87
C SER B 1100 -26.26 -45.73 -42.66
N ALA B 1101 -27.14 -45.30 -43.55
CA ALA B 1101 -26.94 -44.05 -44.27
C ALA B 1101 -26.94 -42.89 -43.25
N ILE B 1102 -26.01 -41.96 -43.45
CA ILE B 1102 -25.84 -40.82 -42.53
C ILE B 1102 -26.85 -39.71 -42.87
N THR B 1103 -27.53 -39.23 -41.84
CA THR B 1103 -28.52 -38.15 -41.98
C THR B 1103 -28.08 -36.96 -41.12
N THR B 1104 -28.81 -35.86 -41.16
CA THR B 1104 -28.45 -34.67 -40.39
C THR B 1104 -28.33 -34.96 -38.90
N LEU B 1105 -27.20 -34.57 -38.30
CA LEU B 1105 -26.95 -34.81 -36.87
C LEU B 1105 -27.77 -33.83 -36.04
N ALA B 1106 -28.24 -34.29 -34.88
CA ALA B 1106 -28.99 -33.45 -33.97
C ALA B 1106 -28.20 -32.24 -33.48
N SER B 1107 -26.86 -32.37 -33.40
CA SER B 1107 -25.97 -31.26 -33.03
C SER B 1107 -25.79 -30.18 -34.12
N GLU B 1108 -26.24 -30.46 -35.35
CA GLU B 1108 -25.97 -29.60 -36.51
C GLU B 1108 -27.23 -28.99 -37.14
N ARG B 1109 -28.30 -28.85 -36.35
CA ARG B 1109 -29.59 -28.38 -36.82
C ARG B 1109 -29.70 -26.86 -36.94
N ASN B 1110 -28.84 -26.12 -36.24
CA ASN B 1110 -28.89 -24.67 -36.27
C ASN B 1110 -28.39 -24.16 -37.63
N LEU B 1111 -29.23 -23.40 -38.32
CA LEU B 1111 -28.87 -22.84 -39.62
C LEU B 1111 -28.11 -21.50 -39.51
N LEU B 1112 -28.09 -20.88 -38.34
CA LEU B 1112 -27.39 -19.61 -38.13
C LEU B 1112 -25.90 -19.81 -37.92
N ASP B 1113 -25.12 -18.82 -38.35
CA ASP B 1113 -23.70 -18.75 -38.06
C ASP B 1113 -23.49 -17.97 -36.77
N ASN B 1114 -22.63 -18.48 -35.89
CA ASN B 1114 -22.30 -17.78 -34.62
C ASN B 1114 -23.54 -17.31 -33.85
N GLY B 1115 -24.55 -18.17 -33.80
CA GLY B 1115 -25.81 -17.82 -33.13
C GLY B 1115 -25.69 -17.71 -31.62
N ASP B 1116 -24.65 -18.34 -31.08
CA ASP B 1116 -24.33 -18.28 -29.66
C ASP B 1116 -23.31 -17.20 -29.30
N PHE B 1117 -22.85 -16.44 -30.31
CA PHE B 1117 -21.86 -15.39 -30.16
C PHE B 1117 -20.55 -15.86 -29.50
N GLU B 1118 -20.21 -17.13 -29.72
CA GLU B 1118 -19.04 -17.73 -29.06
C GLU B 1118 -17.75 -17.55 -29.81
N ARG B 1119 -17.82 -17.09 -31.06
CA ARG B 1119 -16.61 -16.90 -31.82
C ARG B 1119 -15.73 -15.82 -31.17
N ASP B 1120 -14.41 -16.06 -31.17
CA ASP B 1120 -13.45 -15.03 -30.82
C ASP B 1120 -13.80 -13.74 -31.58
N THR B 1121 -14.04 -12.66 -30.85
CA THR B 1121 -14.52 -11.41 -31.46
C THR B 1121 -13.52 -10.72 -32.41
N THR B 1122 -12.29 -11.21 -32.46
CA THR B 1122 -11.36 -10.88 -33.55
C THR B 1122 -11.91 -11.27 -34.92
N TYR B 1123 -12.76 -12.30 -34.99
CA TYR B 1123 -13.30 -12.78 -36.26
C TYR B 1123 -14.77 -12.40 -36.39
N ASN B 1124 -15.17 -12.03 -37.59
CA ASN B 1124 -16.56 -11.63 -37.84
C ASN B 1124 -17.43 -12.88 -38.10
N SER B 1125 -18.72 -12.65 -38.34
CA SER B 1125 -19.71 -13.68 -38.56
C SER B 1125 -20.76 -13.18 -39.54
N ASN B 1126 -21.75 -14.02 -39.83
CA ASN B 1126 -22.85 -13.65 -40.72
C ASN B 1126 -23.82 -12.65 -40.08
N TRP B 1127 -23.65 -12.35 -38.79
CA TRP B 1127 -24.38 -11.24 -38.15
C TRP B 1127 -23.93 -9.92 -38.77
N THR B 1128 -24.91 -9.05 -39.04
CA THR B 1128 -24.65 -7.68 -39.43
C THR B 1128 -25.33 -6.81 -38.42
N GLN B 1129 -24.92 -5.54 -38.35
CA GLN B 1129 -25.55 -4.64 -37.39
C GLN B 1129 -26.02 -3.39 -38.09
N TRP B 1130 -26.96 -2.69 -37.46
CA TRP B 1130 -27.43 -1.41 -37.94
C TRP B 1130 -27.68 -0.48 -36.76
N GLN B 1131 -27.38 0.81 -36.96
CA GLN B 1131 -27.84 1.86 -36.08
C GLN B 1131 -28.04 3.15 -36.90
N PRO B 1132 -28.76 4.14 -36.36
CA PRO B 1132 -28.95 5.37 -37.14
C PRO B 1132 -27.63 6.01 -37.56
N SER B 1133 -27.64 6.63 -38.74
CA SER B 1133 -26.55 7.47 -39.23
C SER B 1133 -26.07 8.47 -38.15
N GLY B 1134 -24.76 8.56 -37.97
CA GLY B 1134 -24.18 9.43 -36.95
C GLY B 1134 -24.21 8.91 -35.50
N GLN B 1135 -24.82 7.75 -35.27
CA GLN B 1135 -24.91 7.22 -33.91
C GLN B 1135 -23.81 6.17 -33.73
N PRO B 1136 -23.06 6.25 -32.61
CA PRO B 1136 -22.14 5.14 -32.33
C PRO B 1136 -22.90 3.82 -32.11
N SER B 1137 -22.29 2.71 -32.50
CA SER B 1137 -22.86 1.40 -32.26
C SER B 1137 -23.10 1.20 -30.78
N ALA B 1138 -24.28 0.69 -30.41
CA ALA B 1138 -24.54 0.27 -29.04
C ALA B 1138 -24.31 -1.24 -28.84
N PHE B 1139 -23.78 -1.92 -29.85
CA PHE B 1139 -23.70 -3.38 -29.91
C PHE B 1139 -22.25 -3.87 -29.74
N GLY B 1140 -22.09 -4.90 -28.94
CA GLY B 1140 -20.84 -5.65 -28.91
C GLY B 1140 -21.07 -7.06 -28.39
N ILE B 1141 -19.98 -7.80 -28.24
CA ILE B 1141 -20.04 -9.16 -27.71
C ILE B 1141 -18.89 -9.29 -26.73
N ASP B 1142 -19.20 -9.70 -25.49
CA ASP B 1142 -18.18 -10.11 -24.51
C ASP B 1142 -18.83 -11.01 -23.45
N SER B 1143 -18.13 -11.27 -22.33
CA SER B 1143 -18.57 -12.22 -21.31
C SER B 1143 -19.33 -11.62 -20.15
N GLY B 1144 -19.26 -10.29 -19.99
CA GLY B 1144 -19.83 -9.61 -18.83
C GLY B 1144 -19.06 -9.84 -17.51
N ASN B 1145 -17.84 -10.38 -17.60
CA ASN B 1145 -17.09 -10.76 -16.38
C ASN B 1145 -16.42 -9.54 -15.72
N ALA B 1146 -16.24 -8.45 -16.48
CA ALA B 1146 -15.77 -7.16 -15.93
C ALA B 1146 -16.74 -6.49 -14.96
N LEU B 1147 -18.01 -6.90 -14.95
CA LEU B 1147 -19.05 -6.26 -14.15
C LEU B 1147 -19.13 -6.89 -12.77
N HIS B 1148 -19.51 -6.10 -11.77
CA HIS B 1148 -19.66 -6.59 -10.40
C HIS B 1148 -21.07 -6.23 -9.91
N PRO B 1149 -21.95 -7.23 -9.72
CA PRO B 1149 -21.76 -8.66 -10.03
C PRO B 1149 -21.75 -8.92 -11.55
N PRO B 1150 -21.29 -10.11 -11.97
CA PRO B 1150 -21.29 -10.44 -13.40
C PRO B 1150 -22.69 -10.41 -14.04
N GLU B 1151 -22.77 -9.98 -15.30
CA GLU B 1151 -23.97 -10.12 -16.14
C GLU B 1151 -23.54 -11.10 -17.23
N GLY B 1152 -23.61 -12.38 -16.92
CA GLY B 1152 -22.93 -13.40 -17.71
C GLY B 1152 -23.70 -13.81 -18.96
N PRO B 1153 -23.18 -14.79 -19.70
CA PRO B 1153 -23.87 -15.35 -20.87
C PRO B 1153 -24.99 -16.29 -20.45
N ALA B 1154 -25.87 -16.63 -21.38
CA ALA B 1154 -26.85 -17.69 -21.14
C ALA B 1154 -26.16 -19.06 -21.15
N ARG B 1155 -25.23 -19.25 -22.09
CA ARG B 1155 -24.49 -20.51 -22.24
C ARG B 1155 -23.07 -20.18 -22.69
N ARG B 1156 -22.15 -21.02 -22.24
CA ARG B 1156 -20.75 -20.92 -22.58
C ARG B 1156 -20.13 -19.57 -22.13
N ASN B 1157 -19.44 -18.84 -23.00
CA ASN B 1157 -18.53 -17.77 -22.59
C ASN B 1157 -18.99 -16.35 -22.93
N GLN B 1158 -19.81 -16.20 -23.96
CA GLN B 1158 -20.07 -14.87 -24.53
C GLN B 1158 -21.56 -14.67 -24.83
N ARG B 1159 -21.93 -13.39 -24.91
CA ARG B 1159 -23.28 -13.03 -25.33
C ARG B 1159 -23.24 -11.64 -25.93
N ALA B 1160 -24.14 -11.39 -26.87
CA ALA B 1160 -24.28 -10.06 -27.46
C ALA B 1160 -24.91 -9.14 -26.44
N TYR B 1161 -24.56 -7.86 -26.50
CA TYR B 1161 -25.21 -6.84 -25.69
C TYR B 1161 -25.57 -5.64 -26.57
N PHE B 1162 -26.68 -4.98 -26.20
CA PHE B 1162 -26.99 -3.63 -26.65
C PHE B 1162 -26.94 -2.81 -25.39
N HIS B 1163 -26.14 -1.75 -25.40
CA HIS B 1163 -26.11 -0.80 -24.28
C HIS B 1163 -25.53 0.54 -24.69
N SER B 1164 -26.15 1.60 -24.17
CA SER B 1164 -25.59 2.94 -24.22
C SER B 1164 -26.14 3.75 -23.07
N ASP B 1165 -25.37 4.76 -22.67
CA ASP B 1165 -25.82 5.72 -21.66
C ASP B 1165 -26.60 6.88 -22.32
N ASN B 1166 -26.62 6.94 -23.65
CA ASN B 1166 -27.46 7.87 -24.40
C ASN B 1166 -28.62 7.13 -25.07
N ALA B 1167 -29.62 7.89 -25.48
CA ALA B 1167 -30.70 7.37 -26.33
C ALA B 1167 -30.09 6.68 -27.52
N TYR B 1168 -30.65 5.52 -27.87
CA TYR B 1168 -30.13 4.76 -29.00
C TYR B 1168 -31.18 3.89 -29.68
N GLN B 1169 -30.93 3.64 -30.94
CA GLN B 1169 -31.56 2.56 -31.66
C GLN B 1169 -30.43 1.64 -32.11
N GLN B 1170 -30.69 0.33 -32.11
CA GLN B 1170 -29.70 -0.66 -32.51
C GLN B 1170 -30.39 -1.94 -32.95
N SER B 1171 -29.83 -2.57 -33.98
CA SER B 1171 -30.26 -3.91 -34.35
C SER B 1171 -29.08 -4.76 -34.76
N ILE B 1172 -29.26 -6.07 -34.68
CA ILE B 1172 -28.43 -7.01 -35.40
C ILE B 1172 -29.33 -7.92 -36.23
N HIS B 1173 -28.82 -8.36 -37.37
CA HIS B 1173 -29.55 -9.24 -38.27
C HIS B 1173 -28.66 -10.29 -38.87
N GLN B 1174 -29.25 -11.41 -39.22
CA GLN B 1174 -28.57 -12.43 -39.96
C GLN B 1174 -29.54 -13.05 -40.98
N VAL B 1175 -29.09 -13.14 -42.23
CA VAL B 1175 -29.86 -13.73 -43.32
C VAL B 1175 -29.22 -15.04 -43.74
N VAL B 1176 -30.02 -16.11 -43.79
CA VAL B 1176 -29.56 -17.41 -44.27
C VAL B 1176 -30.55 -18.05 -45.27
N ASP B 1177 -30.00 -18.71 -46.28
CA ASP B 1177 -30.78 -19.56 -47.17
C ASP B 1177 -31.15 -20.82 -46.40
N VAL B 1178 -32.41 -21.21 -46.47
CA VAL B 1178 -32.84 -22.46 -45.83
C VAL B 1178 -32.54 -23.65 -46.73
N PRO B 1179 -32.27 -24.84 -46.12
CA PRO B 1179 -31.95 -26.02 -46.93
C PRO B 1179 -33.15 -26.58 -47.69
N VAL B 1180 -34.35 -26.41 -47.14
CA VAL B 1180 -35.59 -26.89 -47.73
C VAL B 1180 -36.61 -25.74 -47.74
N ASN B 1181 -36.89 -25.22 -48.94
CA ASN B 1181 -37.93 -24.20 -49.14
C ASN B 1181 -39.32 -24.82 -49.01
N ASN B 1182 -40.35 -23.99 -48.89
CA ASN B 1182 -41.75 -24.44 -48.74
C ASN B 1182 -41.87 -25.36 -47.53
N ALA B 1183 -41.35 -24.88 -46.41
CA ALA B 1183 -41.31 -25.63 -45.18
C ALA B 1183 -41.27 -24.68 -43.98
N THR B 1184 -41.50 -25.25 -42.81
CA THR B 1184 -41.67 -24.48 -41.60
C THR B 1184 -40.38 -24.48 -40.76
N TYR B 1185 -40.02 -23.28 -40.31
CA TYR B 1185 -38.84 -23.07 -39.46
C TYR B 1185 -39.25 -22.38 -38.14
N ARG B 1186 -38.27 -22.27 -37.24
CA ARG B 1186 -38.51 -21.83 -35.88
C ARG B 1186 -37.28 -21.11 -35.37
N LEU B 1187 -37.49 -19.93 -34.81
CA LEU B 1187 -36.44 -19.11 -34.21
C LEU B 1187 -36.58 -19.24 -32.71
N GLU B 1188 -35.47 -19.53 -32.05
CA GLU B 1188 -35.42 -19.53 -30.59
C GLU B 1188 -34.18 -18.76 -30.14
N ALA B 1189 -34.30 -18.05 -29.02
CA ALA B 1189 -33.16 -17.37 -28.43
C ALA B 1189 -33.36 -17.17 -26.94
N LYS B 1190 -32.25 -16.91 -26.25
CA LYS B 1190 -32.27 -16.40 -24.88
C LYS B 1190 -32.09 -14.89 -24.89
N VAL B 1191 -32.92 -14.18 -24.14
CA VAL B 1191 -32.82 -12.74 -24.04
C VAL B 1191 -32.95 -12.31 -22.60
N ARG B 1192 -32.16 -11.30 -22.21
CA ARG B 1192 -32.26 -10.68 -20.88
C ARG B 1192 -32.26 -9.18 -21.04
N MET B 1193 -33.22 -8.53 -20.38
CA MET B 1193 -33.30 -7.08 -20.38
C MET B 1193 -33.18 -6.53 -18.96
N LYS B 1194 -32.38 -5.48 -18.82
CA LYS B 1194 -32.17 -4.80 -17.53
C LYS B 1194 -32.16 -3.28 -17.72
N ASN B 1195 -32.26 -2.58 -16.60
CA ASN B 1195 -32.07 -1.12 -16.56
C ASN B 1195 -33.29 -0.42 -17.21
N THR B 1196 -33.13 0.67 -17.93
CA THR B 1196 -34.29 1.50 -18.33
C THR B 1196 -35.19 0.80 -19.38
N THR B 1197 -36.50 0.85 -19.17
CA THR B 1197 -37.46 0.27 -20.09
C THR B 1197 -37.37 0.98 -21.45
N PRO B 1198 -37.18 0.23 -22.54
CA PRO B 1198 -37.07 0.92 -23.83
C PRO B 1198 -38.44 1.25 -24.44
N THR B 1199 -38.43 2.03 -25.52
CA THR B 1199 -39.64 2.33 -26.32
C THR B 1199 -40.14 1.10 -27.06
N THR B 1200 -39.20 0.40 -27.69
CA THR B 1200 -39.46 -0.81 -28.46
C THR B 1200 -38.26 -1.75 -28.27
N ALA B 1201 -38.55 -3.03 -28.15
CA ALA B 1201 -37.53 -4.09 -28.05
C ALA B 1201 -38.15 -5.42 -28.46
N ARG B 1202 -37.56 -6.06 -29.47
CA ARG B 1202 -38.17 -7.26 -30.02
C ARG B 1202 -37.22 -8.14 -30.80
N ALA B 1203 -37.56 -9.43 -30.84
CA ALA B 1203 -37.01 -10.36 -31.83
C ALA B 1203 -37.83 -10.18 -33.13
N GLU B 1204 -37.19 -10.37 -34.29
CA GLU B 1204 -37.81 -10.17 -35.60
C GLU B 1204 -37.51 -11.31 -36.57
N VAL B 1205 -38.53 -11.79 -37.28
CA VAL B 1205 -38.36 -12.69 -38.41
C VAL B 1205 -38.97 -12.04 -39.66
N GLN B 1206 -38.22 -11.99 -40.75
CA GLN B 1206 -38.70 -11.38 -41.99
C GLN B 1206 -38.01 -11.93 -43.23
N GLY B 1207 -38.55 -11.59 -44.42
CA GLY B 1207 -37.96 -11.98 -45.69
C GLY B 1207 -38.17 -13.44 -46.07
N HIS B 1208 -39.01 -14.12 -45.31
CA HIS B 1208 -39.30 -15.53 -45.50
C HIS B 1208 -40.41 -15.77 -46.55
N GLY B 1209 -41.05 -14.69 -47.03
CA GLY B 1209 -42.15 -14.78 -47.97
C GLY B 1209 -43.44 -14.22 -47.40
N GLY B 1210 -43.53 -14.13 -46.07
CA GLY B 1210 -44.67 -13.51 -45.39
C GLY B 1210 -44.32 -12.16 -44.81
N SER B 1211 -45.29 -11.58 -44.11
CA SER B 1211 -45.10 -10.30 -43.43
C SER B 1211 -44.24 -10.52 -42.15
N PRO B 1212 -43.58 -9.46 -41.66
CA PRO B 1212 -42.67 -9.60 -40.50
C PRO B 1212 -43.34 -10.13 -39.23
N ILE B 1213 -42.64 -11.04 -38.54
CA ILE B 1213 -43.13 -11.59 -37.27
C ILE B 1213 -42.26 -11.04 -36.15
N TYR B 1214 -42.90 -10.49 -35.13
CA TYR B 1214 -42.21 -9.82 -34.03
C TYR B 1214 -42.60 -10.48 -32.73
N ALA B 1215 -41.62 -10.61 -31.83
CA ALA B 1215 -41.86 -11.03 -30.45
C ALA B 1215 -41.22 -10.01 -29.52
N ASN B 1216 -42.08 -9.30 -28.78
CA ASN B 1216 -41.63 -8.23 -27.90
C ASN B 1216 -40.87 -8.81 -26.71
N ILE B 1217 -39.83 -8.08 -26.28
CA ILE B 1217 -38.98 -8.45 -25.15
C ILE B 1217 -39.29 -7.49 -24.02
N SER B 1218 -39.74 -7.99 -22.88
CA SER B 1218 -40.16 -7.09 -21.80
C SER B 1218 -39.13 -7.04 -20.67
N ASN B 1219 -39.09 -5.92 -19.97
CA ASN B 1219 -37.99 -5.55 -19.07
C ASN B 1219 -38.09 -6.31 -17.74
N ASP B 1220 -37.42 -7.46 -17.67
CA ASP B 1220 -37.56 -8.35 -16.51
C ASP B 1220 -36.34 -8.52 -15.62
N GLY B 1221 -35.13 -8.37 -16.16
CA GLY B 1221 -33.90 -8.51 -15.36
C GLY B 1221 -33.22 -9.86 -15.49
N VAL B 1222 -33.92 -10.86 -16.04
CA VAL B 1222 -33.47 -12.25 -16.05
C VAL B 1222 -33.48 -12.83 -17.47
N TRP B 1223 -32.74 -13.92 -17.64
CA TRP B 1223 -32.69 -14.63 -18.93
C TRP B 1223 -34.05 -15.29 -19.18
N LYS B 1224 -34.60 -15.07 -20.38
CA LYS B 1224 -35.85 -15.68 -20.79
C LYS B 1224 -35.67 -16.27 -22.18
N THR B 1225 -36.35 -17.38 -22.43
CA THR B 1225 -36.40 -17.92 -23.78
C THR B 1225 -37.44 -17.15 -24.60
N ILE B 1226 -37.11 -16.84 -25.84
CA ILE B 1226 -38.04 -16.22 -26.79
C ILE B 1226 -38.14 -17.12 -28.02
N VAL B 1227 -39.39 -17.36 -28.47
CA VAL B 1227 -39.66 -18.25 -29.58
C VAL B 1227 -40.58 -17.58 -30.61
N ILE B 1228 -40.20 -17.69 -31.88
CA ILE B 1228 -41.08 -17.40 -33.01
C ILE B 1228 -41.14 -18.71 -33.81
N ASP B 1229 -42.27 -19.41 -33.66
CA ASP B 1229 -42.51 -20.70 -34.29
C ASP B 1229 -43.34 -20.48 -35.58
N ASN B 1230 -43.55 -21.55 -36.36
CA ASN B 1230 -44.40 -21.52 -37.56
C ASN B 1230 -43.98 -20.48 -38.58
N ILE B 1231 -42.68 -20.41 -38.85
CA ILE B 1231 -42.16 -19.54 -39.88
C ILE B 1231 -42.34 -20.33 -41.18
N ASN B 1232 -43.32 -19.96 -41.99
CA ASN B 1232 -43.61 -20.66 -43.23
C ASN B 1232 -42.77 -20.04 -44.32
N VAL B 1233 -41.68 -20.70 -44.70
CA VAL B 1233 -40.70 -20.14 -45.62
C VAL B 1233 -41.01 -20.54 -47.04
N THR B 1234 -41.25 -19.55 -47.90
CA THR B 1234 -41.50 -19.73 -49.33
C THR B 1234 -40.50 -19.00 -50.22
N SER B 1235 -39.78 -18.03 -49.66
CA SER B 1235 -38.79 -17.27 -50.38
C SER B 1235 -37.44 -17.99 -50.52
N GLY B 1236 -37.24 -19.09 -49.81
CA GLY B 1236 -35.91 -19.75 -49.79
C GLY B 1236 -34.91 -19.17 -48.79
N SER B 1237 -35.27 -18.12 -48.03
CA SER B 1237 -34.37 -17.61 -46.98
C SER B 1237 -35.10 -16.91 -45.85
N VAL B 1238 -34.37 -16.68 -44.76
CA VAL B 1238 -34.95 -16.07 -43.56
C VAL B 1238 -33.98 -15.02 -43.01
N ASP B 1239 -34.51 -13.87 -42.62
CA ASP B 1239 -33.76 -12.83 -41.90
C ASP B 1239 -34.24 -12.87 -40.47
N VAL B 1240 -33.32 -13.11 -39.53
CA VAL B 1240 -33.63 -13.11 -38.10
C VAL B 1240 -32.86 -11.96 -37.48
N GLY B 1241 -33.45 -11.36 -36.46
CA GLY B 1241 -32.80 -10.23 -35.82
C GLY B 1241 -33.43 -9.75 -34.54
N PHE B 1242 -32.79 -8.72 -33.97
CA PHE B 1242 -33.19 -8.12 -32.71
C PHE B 1242 -33.05 -6.61 -32.81
N TYR B 1243 -34.03 -5.89 -32.26
CA TYR B 1243 -34.09 -4.43 -32.39
C TYR B 1243 -34.47 -3.79 -31.09
N VAL B 1244 -33.78 -2.71 -30.73
CA VAL B 1244 -34.12 -1.91 -29.56
C VAL B 1244 -34.15 -0.43 -29.94
N ASP B 1245 -35.14 0.28 -29.40
CA ASP B 1245 -35.24 1.74 -29.45
C ASP B 1245 -35.35 2.15 -27.99
N SER B 1246 -34.30 2.78 -27.46
CA SER B 1246 -34.18 3.12 -26.03
C SER B 1246 -34.03 4.61 -25.80
N PRO B 1247 -34.65 5.14 -24.74
CA PRO B 1247 -34.37 6.53 -24.35
C PRO B 1247 -32.97 6.71 -23.71
N GLY B 1248 -32.31 5.59 -23.36
CA GLY B 1248 -30.97 5.59 -22.75
C GLY B 1248 -30.90 4.60 -21.62
N TYR B 1249 -29.73 4.00 -21.42
CA TYR B 1249 -29.47 3.03 -20.33
C TYR B 1249 -30.26 1.71 -20.39
N THR B 1250 -30.86 1.36 -21.53
CA THR B 1250 -31.47 0.03 -21.67
C THR B 1250 -30.31 -0.96 -21.94
N THR B 1251 -30.27 -2.05 -21.19
CA THR B 1251 -29.36 -3.17 -21.51
C THR B 1251 -30.18 -4.36 -22.05
N LEU B 1252 -29.84 -4.80 -23.26
CA LEU B 1252 -30.33 -6.07 -23.80
C LEU B 1252 -29.17 -7.03 -23.98
N HIS B 1253 -29.31 -8.24 -23.44
CA HIS B 1253 -28.39 -9.33 -23.75
C HIS B 1253 -29.12 -10.37 -24.60
N ILE B 1254 -28.40 -10.89 -25.59
CA ILE B 1254 -28.92 -11.86 -26.51
C ILE B 1254 -27.93 -13.01 -26.58
N ASP B 1255 -28.45 -14.22 -26.50
CA ASP B 1255 -27.60 -15.41 -26.60
C ASP B 1255 -28.34 -16.63 -27.18
N GLU B 1256 -27.57 -17.63 -27.58
CA GLU B 1256 -28.09 -18.95 -27.94
C GLU B 1256 -29.24 -18.86 -28.97
N VAL B 1257 -28.99 -18.10 -30.02
CA VAL B 1257 -29.97 -17.90 -31.09
C VAL B 1257 -29.89 -19.10 -32.03
N THR B 1258 -31.03 -19.72 -32.33
CA THR B 1258 -31.07 -20.83 -33.26
C THR B 1258 -32.24 -20.70 -34.22
N LEU B 1259 -32.00 -21.10 -35.47
CA LEU B 1259 -33.02 -21.21 -36.50
C LEU B 1259 -32.96 -22.65 -36.99
N THR B 1260 -34.03 -23.39 -36.80
CA THR B 1260 -34.10 -24.80 -37.14
C THR B 1260 -35.40 -25.14 -37.89
N ARG B 1261 -35.34 -26.22 -38.67
CA ARG B 1261 -36.51 -26.84 -39.28
C ARG B 1261 -37.46 -27.26 -38.15
N ALA B 1262 -38.73 -26.88 -38.26
CA ALA B 1262 -39.67 -27.07 -37.17
C ALA B 1262 -40.23 -28.49 -37.29
N PRO B 1263 -40.18 -29.27 -36.18
CA PRO B 1263 -40.80 -30.61 -36.23
C PRO B 1263 -42.32 -30.52 -36.37
C1 GLC C . 23.02 -15.97 2.93
C2 GLC C . 23.40 -16.67 4.24
C3 GLC C . 24.46 -17.72 4.06
C4 GLC C . 24.04 -18.70 2.98
C5 GLC C . 23.70 -17.99 1.68
C6 GLC C . 23.13 -19.02 0.71
O1 GLC C . 24.06 -15.08 2.53
O2 GLC C . 23.86 -15.75 5.22
O3 GLC C . 24.60 -18.45 5.28
O4 GLC C . 25.12 -19.62 2.77
O5 GLC C . 22.75 -16.93 1.88
O6 GLC C . 22.75 -18.40 -0.50
C1 GLC C . 24.92 -20.96 3.26
C2 GLC C . 26.20 -21.40 3.96
C3 GLC C . 27.33 -21.59 2.97
C4 GLC C . 26.88 -22.54 1.84
C5 GLC C . 25.58 -22.02 1.20
C6 GLC C . 25.04 -22.94 0.11
O2 GLC C . 26.55 -20.43 4.94
O3 GLC C . 28.47 -22.11 3.68
O4 GLC C . 27.91 -22.70 0.85
O5 GLC C . 24.58 -21.88 2.21
O6 GLC C . 24.02 -22.28 -0.65
C1 GLC C . 28.72 -23.90 1.00
C2 GLC C . 30.20 -23.56 0.85
C3 GLC C . 30.47 -23.10 -0.59
C4 GLC C . 30.03 -24.18 -1.57
C5 GLC C . 28.57 -24.57 -1.29
C6 GLC C . 28.09 -25.73 -2.15
O2 GLC C . 30.52 -22.54 1.80
O3 GLC C . 31.85 -22.81 -0.79
O4 GLC C . 30.13 -23.68 -2.92
O5 GLC C . 28.40 -24.94 0.08
O6 GLC C . 28.84 -26.92 -1.86
C1 GLC C . 31.24 -24.20 -3.68
C2 GLC C . 31.86 -23.04 -4.49
C3 GLC C . 30.91 -22.57 -5.58
C4 GLC C . 30.54 -23.73 -6.50
C5 GLC C . 29.97 -24.87 -5.64
C6 GLC C . 29.67 -26.08 -6.50
O2 GLC C . 32.15 -21.96 -3.60
O3 GLC C . 31.51 -21.51 -6.32
O4 GLC C . 29.59 -23.33 -7.51
O5 GLC C . 30.87 -25.25 -4.57
O6 GLC C . 29.38 -27.23 -5.71
C1 GLC C . 30.16 -23.15 -8.85
C2 GLC C . 29.13 -22.51 -9.78
C3 GLC C . 27.98 -23.47 -10.02
C4 GLC C . 28.50 -24.75 -10.71
C5 GLC C . 29.72 -25.33 -9.98
C6 GLC C . 30.49 -26.27 -10.92
O2 GLC C . 28.67 -21.26 -9.25
O3 GLC C . 26.96 -22.86 -10.82
O4 GLC C . 27.47 -25.75 -10.76
O5 GLC C . 30.66 -24.35 -9.47
O6 GLC C . 31.48 -26.99 -10.17
C1 GLC D . -13.14 44.15 39.73
C2 GLC D . -12.48 43.47 38.53
C3 GLC D . -11.75 42.18 38.91
C4 GLC D . -10.81 42.41 40.10
C5 GLC D . -11.47 43.19 41.25
C6 GLC D . -10.42 43.68 42.24
O1 GLC D . -14.23 43.38 40.25
O2 GLC D . -13.46 43.18 37.52
O3 GLC D . -10.99 41.70 37.78
O4 GLC D . -10.31 41.15 40.57
O5 GLC D . -12.17 44.35 40.78
O6 GLC D . -9.69 44.74 41.58
C1 GLC D . -8.54 45.20 42.32
C2 GLC D . -7.91 46.35 41.52
C3 GLC D . -7.30 45.82 40.22
C4 GLC D . -6.29 44.73 40.55
C5 GLC D . -6.96 43.62 41.40
C6 GLC D . -5.97 42.55 41.80
O2 GLC D . -8.86 47.37 41.21
O3 GLC D . -6.71 46.89 39.46
O4 GLC D . -5.80 44.15 39.33
O5 GLC D . -7.57 44.17 42.59
O6 GLC D . -6.69 41.36 42.13
C1 GLC E . 42.20 7.86 37.92
C2 GLC E . 41.91 8.26 39.36
C3 GLC E . 40.42 8.25 39.66
C4 GLC E . 39.64 9.08 38.65
C5 GLC E . 40.04 8.78 37.19
C6 GLC E . 39.46 9.83 36.24
O1 GLC E . 41.82 6.49 37.69
O2 GLC E . 42.57 7.36 40.27
O3 GLC E . 40.18 8.78 40.97
O4 GLC E . 38.23 8.87 38.86
O5 GLC E . 41.48 8.72 37.04
O6 GLC E . 40.45 10.40 35.37
C1 GLC E . 37.54 10.01 39.42
C2 GLC E . 36.32 9.52 40.20
C3 GLC E . 35.28 8.91 39.25
C4 GLC E . 34.92 9.91 38.14
C5 GLC E . 36.20 10.48 37.47
C6 GLC E . 35.88 11.63 36.52
O2 GLC E . 36.73 8.55 41.17
O3 GLC E . 34.10 8.57 39.98
O4 GLC E . 34.09 9.22 37.19
O5 GLC E . 37.12 10.97 38.45
O6 GLC E . 37.07 12.16 35.91
C1 GLC E . 32.69 9.63 37.16
C2 GLC E . 31.83 8.41 36.86
C3 GLC E . 32.05 7.89 35.44
C4 GLC E . 31.95 8.98 34.38
C5 GLC E . 32.71 10.24 34.82
C6 GLC E . 32.51 11.41 33.85
O2 GLC E . 32.15 7.38 37.78
O3 GLC E . 31.08 6.89 35.13
O4 GLC E . 32.63 8.45 33.24
O5 GLC E . 32.39 10.63 36.17
O6 GLC E . 33.46 12.43 34.18
C1 GLC E . 31.89 8.10 32.07
C2 GLC E . 32.01 6.61 31.73
C3 GLC E . 33.49 6.26 31.48
C4 GLC E . 34.06 7.13 30.37
C5 GLC E . 33.78 8.62 30.62
C6 GLC E . 34.13 9.48 29.40
O2 GLC E . 31.48 5.79 32.78
O3 GLC E . 33.62 4.88 31.13
O4 GLC E . 35.48 6.92 30.25
O5 GLC E . 32.38 8.84 30.95
O6 GLC E . 34.65 10.73 29.86
C2 BGC F . -2.07 7.23 25.51
C3 BGC F . -1.01 7.21 26.58
C4 BGC F . -0.02 6.10 26.28
C5 BGC F . 0.43 6.00 24.81
C6 BGC F . 1.13 4.66 24.56
C1 BGC F . -1.30 7.44 24.20
O1 BGC F . -2.19 7.80 23.16
O2 BGC F . -3.03 8.26 25.74
O3 BGC F . -1.59 7.04 27.87
O4 BGC F . 1.15 6.42 27.02
O5 BGC F . -0.66 6.20 23.92
O6 BGC F . 1.83 4.72 23.31
C1 GLC F . 1.27 5.81 28.31
C2 GLC F . 1.74 6.90 29.28
C3 GLC F . 3.17 7.35 28.91
C4 GLC F . 4.08 6.14 28.81
C5 GLC F . 3.54 5.08 27.86
C6 GLC F . 4.39 3.81 27.87
O2 GLC F . 0.87 8.05 29.21
O3 GLC F . 3.68 8.26 29.88
O4 GLC F . 5.33 6.59 28.31
O5 GLC F . 2.19 4.72 28.20
O6 GLC F . 4.07 3.05 26.71
C1 GLC F . 6.41 6.59 29.27
C2 GLC F . 7.21 7.90 29.15
C3 GLC F . 7.97 7.92 27.83
C4 GLC F . 8.83 6.68 27.71
C5 GLC F . 8.00 5.41 27.91
C6 GLC F . 8.88 4.17 27.98
O2 GLC F . 6.35 9.03 29.25
O3 GLC F . 8.82 9.07 27.84
O4 GLC F . 9.45 6.65 26.42
O5 GLC F . 7.26 5.46 29.13
O6 GLC F . 8.09 3.05 27.57
C1 GLC F . 8.86 1.83 27.51
C2 GLC F . 7.96 0.76 26.90
C3 GLC F . 6.81 0.42 27.86
C4 GLC F . 7.38 0.08 29.24
C5 GLC F . 8.34 1.17 29.77
C6 GLC F . 9.01 0.80 31.08
O2 GLC F . 7.42 1.22 25.65
O3 GLC F . 5.96 -0.64 27.38
O4 GLC F . 6.28 -0.06 30.14
O5 GLC F . 9.37 1.43 28.79
O6 GLC F . 9.64 1.95 31.64
C1 GLC G . 14.30 9.20 -22.91
C2 GLC G . 13.63 9.97 -24.05
C3 GLC G . 14.66 10.61 -24.98
C4 GLC G . 15.61 11.47 -24.18
C5 GLC G . 16.28 10.69 -23.06
C6 GLC G . 17.06 11.68 -22.19
O1 GLC G . 14.87 7.97 -23.37
O2 GLC G . 12.77 9.13 -24.83
O3 GLC G . 14.02 11.43 -25.97
O4 GLC G . 16.60 11.98 -25.10
O5 GLC G . 15.30 9.98 -22.26
O6 GLC G . 17.92 11.02 -21.27
C1 GLC G . 16.45 13.37 -25.38
C2 GLC G . 16.63 13.60 -26.87
C3 GLC G . 18.06 13.33 -27.28
C4 GLC G . 19.01 14.15 -26.40
C5 GLC G . 18.73 13.94 -24.90
C6 GLC G . 19.58 14.86 -24.02
O2 GLC G . 15.73 12.79 -27.62
O3 GLC G . 18.20 13.69 -28.66
O4 GLC G . 20.35 13.79 -26.73
O5 GLC G . 17.35 14.19 -24.63
O6 GLC G . 19.49 14.46 -22.66
C1 GLC G . 20.95 14.74 -27.64
C2 GLC G . 21.72 13.96 -28.70
C3 GLC G . 22.92 13.27 -28.06
C4 GLC G . 23.80 14.27 -27.31
C5 GLC G . 22.94 15.06 -26.32
C6 GLC G . 23.73 16.15 -25.61
O2 GLC G . 20.84 13.00 -29.32
O3 GLC G . 23.66 12.60 -29.10
O4 GLC G . 24.82 13.57 -26.58
O5 GLC G . 21.82 15.67 -26.98
O6 GLC G . 24.02 17.22 -26.49
C1 GLC G . 26.20 13.78 -27.01
C2 GLC G . 26.92 12.43 -27.03
C3 GLC G . 27.16 11.96 -25.60
C4 GLC G . 28.08 12.96 -24.92
C5 GLC G . 27.42 14.34 -24.90
C6 GLC G . 28.43 15.33 -24.34
O2 GLC G . 26.15 11.47 -27.75
O3 GLC G . 27.76 10.66 -25.57
O4 GLC G . 28.37 12.53 -23.58
O5 GLC G . 26.94 14.73 -26.22
O6 GLC G . 28.52 16.51 -25.14
C1 GLC H . -51.93 -32.07 -4.83
C2 GLC H . -50.41 -31.86 -4.84
C3 GLC H . -49.97 -30.81 -5.86
C4 GLC H . -50.51 -31.21 -7.24
C5 GLC H . -52.02 -31.51 -7.21
C6 GLC H . -52.44 -32.18 -8.52
O1 GLC H . -52.69 -30.93 -4.39
O2 GLC H . -49.90 -31.54 -3.54
O3 GLC H . -48.54 -30.71 -5.93
O4 GLC H . -50.22 -30.16 -8.18
O5 GLC H . -52.37 -32.42 -6.15
O6 GLC H . -51.84 -33.50 -8.56
C1 GLC H . -51.98 -34.15 -9.84
C2 GLC H . -51.34 -35.54 -9.76
C3 GLC H . -49.82 -35.42 -9.61
C4 GLC H . -49.25 -34.58 -10.75
C5 GLC H . -49.97 -33.23 -10.83
C6 GLC H . -49.45 -32.43 -12.02
O2 GLC H . -51.88 -36.30 -8.69
O3 GLC H . -49.21 -36.69 -9.62
O4 GLC H . -47.84 -34.38 -10.55
O5 GLC H . -51.38 -33.43 -10.93
O6 GLC H . -49.91 -31.07 -11.94
C1 GLC I . -12.55 -14.41 -54.75
C2 GLC I . -14.00 -14.15 -55.17
C3 GLC I . -14.88 -13.70 -54.01
C4 GLC I . -14.70 -14.59 -52.78
C5 GLC I . -13.23 -14.79 -52.42
C6 GLC I . -13.10 -15.76 -51.24
O1 GLC I . -11.85 -13.19 -54.48
O2 GLC I . -14.02 -13.12 -56.17
O3 GLC I . -16.26 -13.76 -54.37
O4 GLC I . -15.44 -14.03 -51.68
O5 GLC I . -12.53 -15.27 -53.59
O6 GLC I . -11.93 -16.58 -51.32
C1 GLC I . -16.64 -14.75 -51.32
C2 GLC I . -17.70 -13.74 -50.88
C3 GLC I . -17.32 -13.07 -49.56
C4 GLC I . -16.95 -14.10 -48.48
C5 GLC I . -15.90 -15.08 -49.04
C6 GLC I . -15.55 -16.18 -48.06
O2 GLC I . -17.83 -12.71 -51.87
O3 GLC I . -18.38 -12.24 -49.09
O4 GLC I . -16.42 -13.33 -47.38
O5 GLC I . -16.39 -15.68 -50.26
O6 GLC I . -14.50 -16.99 -48.62
C1 GLC I . -17.23 -13.27 -46.20
C2 GLC I . -17.11 -11.87 -45.60
C3 GLC I . -15.72 -11.62 -45.01
C4 GLC I . -15.32 -12.75 -44.05
C5 GLC I . -15.47 -14.09 -44.75
C6 GLC I . -15.16 -15.26 -43.82
O2 GLC I . -17.41 -10.89 -46.58
O3 GLC I . -15.73 -10.40 -44.28
O4 GLC I . -13.97 -12.53 -43.61
O5 GLC I . -16.82 -14.24 -45.21
O6 GLC I . -15.13 -16.44 -44.58
C2 BGC J . -24.22 -2.01 -11.75
C3 BGC J . -24.48 -2.20 -13.23
C4 BGC J . -23.34 -1.60 -14.04
C5 BGC J . -21.96 -2.05 -13.50
C6 BGC J . -20.76 -1.38 -14.18
C1 BGC J . -22.89 -2.69 -11.45
O1 BGC J . -22.68 -2.77 -10.05
O2 BGC J . -25.25 -2.51 -10.88
O3 BGC J . -25.71 -1.58 -13.60
O4 BGC J . -23.48 -2.06 -15.39
O5 BGC J . -21.91 -1.87 -12.09
O6 BGC J . -20.84 0.04 -14.12
C1 GLC J . -24.29 -1.28 -16.27
C2 GLC J . -25.24 -2.20 -17.06
C3 GLC J . -24.45 -3.14 -17.98
C4 GLC J . -23.49 -2.34 -18.83
C5 GLC J . -22.63 -1.36 -18.01
C6 GLC J . -21.88 -0.38 -18.89
O2 GLC J . -26.03 -2.99 -16.16
O3 GLC J . -25.30 -3.92 -18.84
O4 GLC J . -22.65 -3.27 -19.48
O5 GLC J . -23.44 -0.57 -17.15
O6 GLC J . -20.78 0.15 -18.17
C1 GLC J . -22.93 -3.45 -20.88
C2 GLC J . -22.78 -4.94 -21.22
C3 GLC J . -21.33 -5.38 -21.11
C4 GLC J . -20.46 -4.47 -21.96
C5 GLC J . -20.68 -3.01 -21.59
C6 GLC J . -19.90 -2.10 -22.51
O2 GLC J . -23.59 -5.73 -20.34
O3 GLC J . -21.21 -6.71 -21.58
O4 GLC J . -19.09 -4.85 -21.79
O5 GLC J . -22.07 -2.67 -21.69
O6 GLC J . -19.78 -0.83 -21.86
C1 GLC J . -19.07 0.12 -22.67
C2 GLC J . -18.87 1.42 -21.87
C3 GLC J . -20.23 2.02 -21.53
C4 GLC J . -20.93 2.34 -22.85
C5 GLC J . -21.03 1.09 -23.74
C6 GLC J . -21.51 1.44 -25.15
O2 GLC J . -18.10 1.17 -20.68
O3 GLC J . -20.11 3.19 -20.69
O4 GLC J . -22.22 2.87 -22.55
O5 GLC J . -19.76 0.44 -23.90
O6 GLC J . -22.02 0.26 -25.77
O4 GLC K . 19.89 2.07 50.78
C1 AC1 K . 19.30 1.59 49.57
O2 AC1 K . 20.38 3.43 48.36
C2 AC1 K . 19.16 2.72 48.53
C4A AC1 K . 12.52 5.97 49.18
C3 AC1 K . 18.05 3.70 48.92
O3 AC1 K . 17.90 4.71 47.93
C4 AC1 K . 16.75 2.92 49.10
N4A AC1 K . 15.65 3.79 49.42
C5 AC1 K . 16.95 1.86 50.20
O5 AC1 K . 18.03 0.98 49.84
C6 AC1 K . 15.69 1.02 50.40
C1B AC1 K . 14.39 3.73 48.70
C2B AC1 K . 14.26 4.94 47.76
O2B AC1 K . 15.47 5.17 47.04
C3B AC1 K . 13.90 6.17 48.56
O3B AC1 K . 13.86 7.31 47.71
O4 AC1 K . 12.18 7.09 49.98
C5B AC1 K . 12.43 4.69 49.96
C7B AC1 K . 13.25 3.66 49.70
C6B AC1 K . 11.35 4.62 51.04
O6B AC1 K . 11.18 3.31 51.59
O4 GLC L . -32.08 -1.09 -44.79
C1 AC1 L . -31.24 -0.70 -43.70
O2 AC1 L . -30.54 -3.04 -43.65
C2 AC1 L . -30.88 -1.92 -42.83
C4A AC1 L . -35.98 -2.52 -37.36
C3 AC1 L . -32.03 -2.35 -41.91
O3 AC1 L . -31.57 -3.36 -41.00
C4 AC1 L . -32.59 -1.14 -41.15
N4A AC1 L . -33.70 -1.57 -40.33
C5 AC1 L . -33.01 -0.05 -42.15
O5 AC1 L . -31.87 0.34 -42.93
C6 AC1 L . -33.59 1.18 -41.46
C1B AC1 L . -33.86 -1.17 -38.94
C2B AC1 L . -33.57 -2.35 -38.02
O2B AC1 L . -32.48 -3.12 -38.54
C3B AC1 L . -34.78 -3.28 -37.90
O3B AC1 L . -34.47 -4.37 -37.04
O4 AC1 L . -37.14 -3.38 -37.33
C5B AC1 L . -36.26 -1.28 -38.19
C7B AC1 L . -35.26 -0.61 -38.82
C6B AC1 L . -37.70 -0.85 -38.36
O6B AC1 L . -37.78 0.53 -38.73
CA CA M . 2.56 51.25 31.17
CA CA N . 29.56 25.24 28.76
CA CA O . 14.50 19.22 30.34
C2 BGC P . -0.78 14.29 1.32
C3 BGC P . -0.81 14.65 2.80
C4 BGC P . -2.18 14.29 3.35
C5 BGC P . -2.52 12.81 3.08
C6 BGC P . -3.92 12.43 3.53
C1 BGC P . -1.12 12.80 1.15
O1 BGC P . -1.16 12.45 -0.23
O2 BGC P . 0.48 14.60 0.69
O3 BGC P . -0.55 16.05 2.96
O4 BGC P . -2.22 14.53 4.75
O5 BGC P . -2.41 12.55 1.68
O6 BGC P . -4.89 13.12 2.75
C1 GLC Q . 40.73 12.77 28.98
C2 GLC Q . 39.43 13.52 29.31
C3 GLC Q . 39.13 14.70 28.37
C4 GLC Q . 40.36 15.60 28.18
C5 GLC Q . 41.60 14.76 27.86
C6 GLC Q . 42.86 15.62 27.82
O1 GLC Q . 40.60 11.96 27.78
O2 GLC Q . 38.33 12.60 29.26
O3 GLC Q . 38.04 15.45 28.88
O4 GLC Q . 40.13 16.56 27.13
O5 GLC Q . 41.79 13.72 28.83
O6 GLC Q . 43.98 14.79 27.50
NI NI R . 10.34 -19.73 -1.03
MG MG S . -20.34 -10.50 -1.60
MG MG T . 14.18 -47.25 19.25
MG MG U . 26.87 -23.37 15.60
MG MG V . 18.28 -35.51 -14.81
MG MG W . -34.12 -18.98 5.08
MG MG X . -20.51 -4.70 17.27
S SO4 Y . 36.26 -49.12 19.37
O1 SO4 Y . 36.69 -47.88 18.68
O2 SO4 Y . 35.48 -49.98 18.44
O3 SO4 Y . 35.44 -48.80 20.56
O4 SO4 Y . 37.45 -49.87 19.82
S SO4 Z . 15.23 -19.33 -6.44
O1 SO4 Z . 13.78 -19.06 -6.32
O2 SO4 Z . 15.84 -18.35 -7.36
O3 SO4 Z . 15.90 -19.20 -5.12
O4 SO4 Z . 15.43 -20.68 -6.98
S SO4 AA . 15.78 -26.20 -9.15
O1 SO4 AA . 16.44 -24.87 -9.18
O2 SO4 AA . 15.34 -26.56 -10.52
O3 SO4 AA . 14.61 -26.12 -8.24
O4 SO4 AA . 16.74 -27.24 -8.72
O1 MES BA . 11.31 -8.93 10.21
C2 MES BA . 12.54 -9.64 10.13
C3 MES BA . 12.59 -10.76 11.17
N4 MES BA . 12.38 -10.23 12.54
C5 MES BA . 11.15 -9.40 12.62
C6 MES BA . 11.08 -8.35 11.51
C7 MES BA . 12.33 -11.36 13.51
C8 MES BA . 12.88 -10.99 14.90
S MES BA . 13.36 -12.34 15.78
O1S MES BA . 14.85 -12.32 15.82
O2S MES BA . 12.94 -13.64 15.22
O3S MES BA . 12.83 -12.25 17.17
S SO4 CA . -11.89 21.80 -23.82
O1 SO4 CA . -12.39 22.97 -24.58
O2 SO4 CA . -10.87 21.10 -24.62
O3 SO4 CA . -12.98 20.86 -23.49
O4 SO4 CA . -11.27 22.32 -22.57
S SO4 DA . 27.76 64.85 12.34
O1 SO4 DA . 27.36 64.04 11.16
O2 SO4 DA . 28.82 65.78 11.91
O3 SO4 DA . 28.27 63.97 13.40
O4 SO4 DA . 26.59 65.63 12.86
O1 MES EA . 33.60 35.83 12.68
C2 MES EA . 33.33 36.66 13.81
C3 MES EA . 33.01 38.07 13.37
N4 MES EA . 34.09 38.65 12.53
C5 MES EA . 34.45 37.72 11.42
C6 MES EA . 34.73 36.30 11.92
C7 MES EA . 33.58 39.95 11.99
C8 MES EA . 34.68 40.81 11.36
S MES EA . 34.12 42.36 11.04
O1S MES EA . 34.90 42.91 9.90
O2S MES EA . 32.68 42.39 10.70
O3S MES EA . 34.36 43.19 12.23
S SO4 FA . -8.30 41.97 25.10
O1 SO4 FA . -8.66 43.36 24.74
O2 SO4 FA . -7.09 41.62 24.33
O3 SO4 FA . -8.06 41.79 26.56
O4 SO4 FA . -9.41 41.07 24.73
O1 MES GA . 31.50 43.69 31.12
C2 MES GA . 31.93 44.91 30.55
C3 MES GA . 30.71 45.60 29.94
N4 MES GA . 30.21 44.76 28.83
C5 MES GA . 29.79 43.48 29.42
C6 MES GA . 30.95 42.82 30.15
C7 MES GA . 29.08 45.43 28.12
C8 MES GA . 28.65 44.67 26.85
S MES GA . 28.52 45.60 25.46
O1S MES GA . 29.78 45.56 24.71
O2S MES GA . 27.45 45.05 24.58
O3S MES GA . 28.23 47.02 25.79
O1 MES HA . 29.80 17.17 44.73
C2 MES HA . 31.24 17.17 44.71
C3 MES HA . 31.77 18.51 44.23
N4 MES HA . 31.18 18.85 42.91
C5 MES HA . 29.70 18.80 43.00
C6 MES HA . 29.28 17.41 43.42
C7 MES HA . 31.61 20.20 42.50
C8 MES HA . 31.28 20.48 41.04
S MES HA . 31.99 21.89 40.52
O1S MES HA . 33.45 21.64 40.50
O2S MES HA . 31.46 22.22 39.17
O3S MES HA . 31.65 22.99 41.45
S SO4 IA . -13.98 4.00 -20.43
O1 SO4 IA . -14.18 5.44 -20.74
O2 SO4 IA . -14.85 3.16 -21.29
O3 SO4 IA . -14.34 3.76 -19.02
O4 SO4 IA . -12.57 3.63 -20.68
C1 EDO JA . 19.13 -24.26 13.92
O1 EDO JA . 18.05 -23.32 13.82
C2 EDO JA . 20.49 -23.59 13.76
O2 EDO JA . 20.75 -22.74 14.87
C1 EDO KA . 8.31 47.09 -1.72
O1 EDO KA . 9.19 48.06 -2.29
C2 EDO KA . 8.77 45.71 -2.14
O2 EDO KA . 8.86 45.63 -3.57
C1 EDO LA . 30.33 46.89 15.81
O1 EDO LA . 28.94 46.64 15.96
C2 EDO LA . 31.09 46.28 16.98
O2 EDO LA . 30.24 45.74 17.98
C1 EDO MA . 15.19 13.59 15.20
O1 EDO MA . 16.41 13.26 15.87
C2 EDO MA . 14.12 13.54 16.27
O2 EDO MA . 12.87 14.07 15.84
C1 EDO NA . 30.63 33.10 37.39
O1 EDO NA . 29.48 32.30 37.76
C2 EDO NA . 31.90 32.56 38.06
O2 EDO NA . 32.35 33.45 39.11
CA CA OA . -38.80 -44.53 -11.51
CA CA PA . -16.04 -28.20 -36.10
CA CA QA . -23.17 -17.67 -25.75
C2 BGC RA . -5.80 -12.89 2.14
C3 BGC RA . -7.13 -13.00 1.38
C4 BGC RA . -8.20 -12.17 2.11
C5 BGC RA . -7.71 -10.74 2.31
C6 BGC RA . -8.67 -9.86 3.10
C1 BGC RA . -5.41 -11.41 2.32
O1 BGC RA . -4.23 -11.28 3.12
O2 BGC RA . -4.76 -13.58 1.47
O3 BGC RA . -7.57 -14.36 1.32
O4 BGC RA . -9.46 -12.19 1.40
O5 BGC RA . -6.47 -10.77 3.02
O6 BGC RA . -8.77 -10.38 4.43
C1 GLC SA . -7.29 -19.61 -47.93
C2 GLC SA . -8.41 -19.88 -46.91
C3 GLC SA . -8.02 -20.99 -45.92
C4 GLC SA . -7.61 -22.24 -46.69
C5 GLC SA . -6.53 -21.92 -47.73
C6 GLC SA . -6.27 -23.15 -48.61
O1 GLC SA . -6.14 -19.04 -47.28
O2 GLC SA . -8.71 -18.67 -46.20
O3 GLC SA . -9.11 -21.34 -45.07
O4 GLC SA . -7.17 -23.27 -45.77
O5 GLC SA . -6.93 -20.84 -48.59
O6 GLC SA . -5.45 -22.78 -49.70
NI NI TA . 12.09 15.78 -10.98
MG MG UA . -5.86 15.52 15.51
MG MG VA . 5.30 43.84 -29.64
MG MG WA . 8.45 17.27 -34.14
MG MG XA . 32.02 26.15 -12.11
MG MG YA . -15.52 28.20 21.48
MG MG ZA . -22.87 13.16 5.91
S SO4 AB . 17.25 39.13 -48.05
O1 SO4 AB . 15.78 39.31 -47.96
O2 SO4 AB . 17.73 39.65 -49.36
O3 SO4 AB . 17.89 39.91 -46.98
O4 SO4 AB . 17.63 37.72 -47.95
S SO4 BB . 18.95 13.13 -11.77
O1 SO4 BB . 18.11 12.91 -12.97
O2 SO4 BB . 19.86 14.26 -11.98
O3 SO4 BB . 18.10 13.44 -10.59
O4 SO4 BB . 19.74 11.90 -11.51
O1 MES CB . -27.94 9.01 -13.39
C2 MES CB . -28.67 8.22 -12.44
C3 MES CB . -28.63 6.74 -12.83
N4 MES CB . -29.10 6.54 -14.21
C5 MES CB . -28.42 7.45 -15.15
C6 MES CB . -28.49 8.90 -14.70
C7 MES CB . -28.84 5.15 -14.66
C8 MES CB . -29.71 4.13 -13.93
S MES CB . -29.70 2.66 -14.71
O1S MES CB . -28.46 2.47 -15.51
O2S MES CB . -30.89 2.58 -15.60
O3S MES CB . -29.79 1.58 -13.70
S SO4 DB . 6.95 -20.59 26.50
O1 SO4 DB . 7.89 -19.62 25.89
O2 SO4 DB . 5.91 -20.96 25.52
O3 SO4 DB . 6.30 -19.97 27.68
O4 SO4 DB . 7.67 -21.80 26.93
O1 MES EB . -3.73 -41.38 -28.65
C2 MES EB . -4.95 -42.12 -28.78
C3 MES EB . -4.85 -43.51 -28.17
N4 MES EB . -3.67 -44.27 -28.64
C5 MES EB . -2.43 -43.43 -28.66
C6 MES EB . -2.65 -42.05 -29.32
C7 MES EB . -3.40 -45.45 -27.75
C8 MES EB . -4.42 -46.59 -27.83
S MES EB . -3.99 -47.88 -26.83
O1S MES EB . -5.04 -48.91 -26.72
O2S MES EB . -2.77 -48.54 -27.38
O3S MES EB . -3.74 -47.38 -25.47
S SO4 FB . -14.61 -67.24 -19.23
O1 SO4 FB . -14.80 -65.95 -19.94
O2 SO4 FB . -13.95 -68.22 -20.12
O3 SO4 FB . -13.73 -67.01 -18.07
O4 SO4 FB . -15.92 -67.77 -18.79
S SO4 GB . -36.89 -33.44 -0.67
O1 SO4 GB . -37.82 -33.26 -1.80
O2 SO4 GB . -35.52 -33.66 -1.18
O3 SO4 GB . -36.89 -32.21 0.13
O4 SO4 GB . -37.23 -34.60 0.16
O1 MES HB . -28.31 -48.02 -13.79
C2 MES HB . -27.88 -46.65 -13.80
C3 MES HB . -27.10 -46.39 -15.09
N4 MES HB . -25.93 -47.29 -15.11
C5 MES HB . -26.35 -48.69 -15.09
C6 MES HB . -27.26 -48.98 -13.88
C7 MES HB . -25.09 -47.03 -16.30
C8 MES HB . -24.11 -45.89 -16.01
S MES HB . -22.95 -45.75 -17.19
O1S MES HB . -23.60 -45.85 -18.55
O2S MES HB . -22.26 -44.45 -17.02
O3S MES HB . -21.92 -46.78 -17.03
O1 MES IB . -21.74 -46.07 -36.00
C2 MES IB . -21.58 -47.44 -35.65
C3 MES IB . -21.94 -47.61 -34.19
N4 MES IB . -20.97 -46.84 -33.38
C5 MES IB . -21.16 -45.42 -33.73
C6 MES IB . -20.88 -45.24 -35.22
C7 MES IB . -21.14 -47.14 -31.95
C8 MES IB . -20.10 -46.44 -31.08
S MES IB . -19.29 -47.45 -30.03
O1S MES IB . -18.84 -46.69 -28.85
O2S MES IB . -18.14 -48.07 -30.74
O3S MES IB . -20.19 -48.55 -29.58
S SO4 JB . -55.70 -41.36 -11.64
O1 SO4 JB . -55.64 -40.38 -12.77
O2 SO4 JB . -54.73 -42.49 -11.78
O3 SO4 JB . -55.41 -40.67 -10.35
O4 SO4 JB . -57.07 -41.92 -11.58
S SO4 KB . -42.03 -42.37 -29.33
O1 SO4 KB . -41.62 -40.95 -29.25
O2 SO4 KB . -41.45 -42.99 -30.56
O3 SO4 KB . -41.55 -43.16 -28.16
O4 SO4 KB . -43.51 -42.41 -29.38
O1 MES LB . -26.89 -18.66 -46.63
C2 MES LB . -26.04 -19.06 -47.73
C3 MES LB . -25.72 -20.55 -47.63
N4 MES LB . -25.12 -20.88 -46.31
C5 MES LB . -26.02 -20.43 -45.24
C6 MES LB . -26.24 -18.92 -45.38
C7 MES LB . -24.92 -22.35 -46.22
C8 MES LB . -23.91 -22.68 -45.12
S MES LB . -23.51 -24.30 -45.20
O1S MES LB . -24.72 -25.15 -45.19
O2S MES LB . -22.70 -24.56 -46.39
O3S MES LB . -22.76 -24.61 -43.94
S SO4 MB . -37.60 -24.15 -54.38
O1 SO4 MB . -36.51 -23.22 -54.00
O2 SO4 MB . -37.77 -24.07 -55.85
O3 SO4 MB . -38.86 -23.81 -53.68
O4 SO4 MB . -37.23 -25.52 -53.98
S SO4 NB . -42.59 -28.61 -42.66
O1 SO4 NB . -43.33 -27.49 -43.28
O2 SO4 NB . -42.15 -29.54 -43.73
O3 SO4 NB . -41.41 -28.11 -41.90
O4 SO4 NB . -43.50 -29.31 -41.73
S SO4 OB . 7.85 -2.22 23.48
O1 SO4 OB . 8.26 -3.55 23.02
O2 SO4 OB . 8.26 -1.21 22.47
O3 SO4 OB . 8.49 -1.93 24.79
O4 SO4 OB . 6.38 -2.18 23.67
C1 EDO PB . 5.77 19.81 -27.21
O1 EDO PB . 5.09 19.21 -26.11
C2 EDO PB . 6.36 18.75 -28.15
O2 EDO PB . 5.38 18.02 -28.90
C1 EDO QB . -7.77 -47.06 1.11
O1 EDO QB . -7.39 -48.28 1.74
C2 EDO QB . -7.04 -45.86 1.70
O2 EDO QB . -5.66 -46.15 1.89
C1 EDO RB . -11.20 -50.00 -25.86
O1 EDO RB . -11.96 -50.29 -24.70
C2 EDO RB . -12.01 -50.44 -27.07
O2 EDO RB . -12.38 -49.26 -27.77
C1 EDO SB . -8.85 -14.76 -18.63
O1 EDO SB . -8.59 -14.74 -20.05
C2 EDO SB . -10.34 -14.58 -18.45
O2 EDO SB . -10.75 -14.37 -17.10
C1 EDO TB . -24.46 -34.98 -40.56
O1 EDO TB . -25.16 -33.75 -40.25
C2 EDO TB . -24.19 -35.18 -42.06
O2 EDO TB . -25.37 -35.12 -42.86
#